data_8Y1E
#
_entry.id   8Y1E
#
_cell.length_a   1.00
_cell.length_b   1.00
_cell.length_c   1.00
_cell.angle_alpha   90.00
_cell.angle_beta   90.00
_cell.angle_gamma   90.00
#
_symmetry.space_group_name_H-M   'P 1'
#
loop_
_entity.id
_entity.type
_entity.pdbx_description
1 polymer 'Spike glycoprotein'
2 polymer 'Transmembrane protease serine 2'
3 branched alpha-D-mannopyranose-(1-3)-alpha-D-mannopyranose-(1-6)-[alpha-D-mannopyranose-(1-3)]alpha-D-mannopyranose-(1-4)-2-acetamido-2-deoxy-beta-D-glucopyranose-(1-4)-2-acetamido-2-deoxy-beta-D-glucopyranose
4 branched 2-acetamido-2-deoxy-beta-D-glucopyranose-(1-4)-2-acetamido-2-deoxy-beta-D-glucopyranose
5 non-polymer 2-acetamido-2-deoxy-beta-D-glucopyranose
#
loop_
_entity_poly.entity_id
_entity_poly.type
_entity_poly.pdbx_seq_one_letter_code
_entity_poly.pdbx_strand_id
1 'polypeptide(L)'
;MFLIIFILPTTLAVIGDFNCTNSFINDYNKTIPRISEDVVDVSLGLGTYYVLNRVYLNTTLLFTGYFPKSGANFRDLALK
GSKYLSTLWYKPPFLSDFNNGIFSKVKNTKLYVNNTLYSEFSTIVIGSVFVNTSYTIVVQPHNGILEITACQYTMCEYPH
TVCKSKGSIRNESWHIDSSEPLCLFKKNFTYNVSADWLYFHFYQERGVFYAYYADVGMPTTFLFSLYLGTILSHYYVMPL
TCKAISSNTDNETLEYWVTPLSRRQYLLNFDEHGVITNAVDCSSSFLSEIQCKTQSFAPNTGVYDLSGFTVKPVATVYRR
IPNLPDCDIDNWLNNVSVPSPLNWERRIFSNCNFNLSTLLRLVHVDSFSCNNLDKSKIFGSCFNSITVDKFAIPNRRRDD
LQLGSSGFLQSSNYKIDISSSSCQLYYSLPLVNVTINNFNPSSWNRRYGFGSFNVSSYDVVYSDHCFSVNSDFCPCADPS
VVNSCVKSKPLSAICPAGTKYRHCDLDTTLYVNNWCRCSCLPDPISTYSPNTCPQKKVVVGIGEHCPGLGINEEKCGTQL
NHSSCSCSPDAFLGWSFDSCISNNRCNIFSNFIFNGINSGTTCSNDLLYSNTEVSTGVCVNYDLYGITGQGIFKEVSAAY
YNNWQNLLYDSNGNIIGFKDFLTNKTYTILPCYSGRVSAAFYQNSSSPALLYRNLKCSYVLNNISFISQPFYFDSYLGCV
LNAVNLTSYSVSSCDLRMGSGFCIDYALPSSGSASRGISSPYRFVTFEPFNVSFVNDSVETVGGLFEIQIPTNFTIAGHE
EFIQTSSPKVTIDCSAFVCSNYAACHDLLSEYGTFCDNINSILNEVNDLLDITQLQVANALMQGVTLSSNLNTNLHSDVD
NIDFKSLLGCLGSQCGSSSRSLLEDLLFNKVKLSDVGFVEAYNNCTGGSEIRDLLCVQSFNGIKVLPPILSETQISGYTT
AATVAAMFPPWSAAAGVPFSLNVQYRINGLGVTMDVLNKNQKLIANAFNKALLSIQNGFTATNSALAKIQSVVNANAQAL
NSLLQQLFNKFGAISSSLQEILSRLDPPEAQVQIDRLINGRLTALNAYVSQQLSDITLIKAGASRAIEKVNECVKSQSPR
INFCGNGNHILSLVQNAPYGLLFIHFSYKPTSFKTVLVSPGLCLSGDRGIAPKQGYFIKQNDSWMFTGSSYYYPEPISDK
NVVFMNSCSVNFTKAPFIYLNNSIPNLSDFEAEFSLWFKNHTSIAPNLTFNSHINATFLDLYYEMNVIQESIKSLNSSFI
NLKEIGTYEM
;
A,B,C
2 'polypeptide(L)'
;MGSKCSNSGIECDSSGTCINPSNWCDGVSHCPGGEDENRCVRLYGPNFILQVYSSQRKSWHPVCQDDWNENYGRAACRDM
GYKNNFYSSQGIVDDSGSTSFMKLNTSAGNVDIYKKLYHSDACSSKAVVSLRCIACGVNLNSSRQSQIVGGESALPGAWP
WQVSLHVQNVHVCGGSIITPEWIVTAAHCVEKPLNNPWHWTAFAGILRQSFMFYGAGYQVEKVISHPNYDSKTKNNDIAL
MKLQKPLTFNDLVKPVCLPNPGMMLQPEQLCWISGWGATEEKGKTSEVLNAAKVLLIETQRCNSRYVYDNLITPAMICAG
FLQGNVDSCQGDSGGPLVTSKNNIWWLIGDTSWGSGCAKAYRPGVYGNVMVFTDWIYRQMRADG
;
D,E,F
#
loop_
_chem_comp.id
_chem_comp.type
_chem_comp.name
_chem_comp.formula
MAN D-saccharide, alpha linking alpha-D-mannopyranose 'C6 H12 O6'
NAG D-saccharide, beta linking 2-acetamido-2-deoxy-beta-D-glucopyranose 'C8 H15 N O6'
#
# COMPACT_ATOMS: atom_id res chain seq x y z
N VAL A 14 26.75 -26.48 -3.50
CA VAL A 14 27.39 -25.18 -3.63
C VAL A 14 26.81 -24.45 -4.83
N ILE A 15 26.86 -25.06 -6.02
CA ILE A 15 26.09 -24.53 -7.14
C ILE A 15 24.68 -25.10 -7.10
N GLY A 16 24.55 -26.39 -7.36
CA GLY A 16 23.29 -27.08 -7.27
C GLY A 16 23.33 -28.03 -6.09
N ASP A 17 22.55 -27.71 -5.07
CA ASP A 17 22.77 -28.27 -3.73
C ASP A 17 22.31 -29.71 -3.60
N PHE A 18 21.71 -30.28 -4.66
CA PHE A 18 21.48 -31.71 -4.75
C PHE A 18 22.81 -32.44 -4.80
N ASN A 19 23.10 -33.23 -3.78
CA ASN A 19 24.32 -34.03 -3.75
C ASN A 19 24.11 -35.27 -4.63
N CYS A 20 25.12 -35.62 -5.42
CA CYS A 20 25.03 -36.76 -6.32
C CYS A 20 26.00 -37.87 -5.98
N THR A 21 27.30 -37.58 -5.90
CA THR A 21 28.30 -38.59 -5.61
C THR A 21 28.99 -38.27 -4.30
N ASN A 22 29.99 -39.09 -3.95
CA ASN A 22 30.74 -38.93 -2.71
C ASN A 22 32.24 -39.16 -2.88
N SER A 23 32.78 -39.21 -4.09
CA SER A 23 34.16 -39.60 -4.31
C SER A 23 34.95 -38.47 -4.98
N PHE A 24 36.28 -38.60 -4.91
CA PHE A 24 37.27 -37.69 -5.51
C PHE A 24 37.13 -36.27 -4.95
N ILE A 25 37.41 -36.18 -3.64
CA ILE A 25 37.26 -34.93 -2.88
C ILE A 25 38.61 -34.29 -2.57
N ASN A 26 39.61 -34.46 -3.43
CA ASN A 26 41.00 -34.05 -3.17
C ASN A 26 41.14 -32.55 -2.96
N ASP A 27 41.87 -32.17 -1.91
CA ASP A 27 42.12 -30.78 -1.58
C ASP A 27 43.61 -30.50 -1.42
N TYR A 28 44.42 -31.06 -2.32
CA TYR A 28 45.87 -30.86 -2.28
C TYR A 28 46.35 -29.93 -3.39
N ASN A 29 45.58 -29.76 -4.45
CA ASN A 29 45.89 -28.80 -5.49
C ASN A 29 44.79 -27.76 -5.59
N LYS A 30 45.20 -26.51 -5.89
CA LYS A 30 44.32 -25.35 -5.83
C LYS A 30 44.53 -24.42 -7.02
N THR A 31 44.57 -24.99 -8.23
CA THR A 31 44.99 -24.27 -9.44
C THR A 31 44.08 -23.09 -9.79
N ILE A 32 44.65 -22.12 -10.49
CA ILE A 32 44.00 -20.81 -10.66
C ILE A 32 43.81 -20.46 -12.13
N PRO A 33 42.81 -19.64 -12.47
CA PRO A 33 42.75 -19.06 -13.81
C PRO A 33 43.89 -18.08 -14.06
N ARG A 34 44.55 -18.24 -15.20
CA ARG A 34 45.62 -17.32 -15.58
C ARG A 34 45.12 -16.25 -16.54
N ILE A 35 46.04 -15.46 -17.11
CA ILE A 35 45.71 -14.36 -18.00
C ILE A 35 46.23 -14.68 -19.40
N SER A 36 45.61 -14.11 -20.42
CA SER A 36 46.08 -14.27 -21.79
C SER A 36 47.05 -13.16 -22.16
N GLU A 37 47.47 -13.12 -23.42
CA GLU A 37 48.10 -11.91 -23.94
C GLU A 37 47.56 -11.61 -25.33
N ASP A 38 46.44 -10.88 -25.37
CA ASP A 38 45.86 -10.24 -26.55
C ASP A 38 44.78 -9.29 -26.06
N VAL A 39 44.95 -8.00 -26.30
CA VAL A 39 43.94 -7.02 -25.87
C VAL A 39 42.73 -7.14 -26.76
N VAL A 40 41.54 -7.13 -26.15
CA VAL A 40 40.29 -7.28 -26.88
C VAL A 40 40.07 -6.05 -27.74
N ASP A 41 40.09 -6.24 -29.06
CA ASP A 41 40.08 -5.15 -30.02
C ASP A 41 38.81 -5.19 -30.83
N VAL A 42 38.02 -4.11 -30.75
CA VAL A 42 36.75 -4.03 -31.44
C VAL A 42 36.85 -3.24 -32.73
N SER A 43 38.06 -3.07 -33.28
CA SER A 43 38.28 -2.17 -34.39
C SER A 43 37.71 -2.69 -35.70
N LEU A 44 37.40 -3.99 -35.77
CA LEU A 44 36.84 -4.55 -36.99
C LEU A 44 35.50 -5.22 -36.71
N GLY A 45 35.20 -5.48 -35.45
CA GLY A 45 33.90 -6.01 -35.11
C GLY A 45 33.89 -7.03 -34.00
N LEU A 46 35.04 -7.64 -33.71
CA LEU A 46 35.10 -8.68 -32.69
C LEU A 46 34.96 -8.09 -31.30
N GLY A 47 33.83 -8.36 -30.66
CA GLY A 47 33.52 -7.80 -29.38
C GLY A 47 32.16 -7.15 -29.46
N THR A 48 31.66 -7.03 -30.67
CA THR A 48 30.38 -6.39 -30.95
C THR A 48 29.39 -7.47 -31.37
N TYR A 49 28.12 -7.13 -31.36
CA TYR A 49 27.08 -8.01 -31.85
C TYR A 49 26.13 -7.24 -32.74
N TYR A 50 25.46 -7.96 -33.65
CA TYR A 50 24.33 -7.40 -34.39
C TYR A 50 23.21 -7.20 -33.40
N VAL A 51 22.25 -6.32 -33.68
CA VAL A 51 21.48 -5.75 -32.58
C VAL A 51 20.47 -6.73 -31.99
N LEU A 52 19.35 -6.99 -32.65
CA LEU A 52 18.56 -8.13 -32.19
C LEU A 52 18.17 -9.05 -33.33
N ASN A 53 17.28 -8.55 -34.18
CA ASN A 53 16.84 -9.16 -35.43
C ASN A 53 16.63 -8.06 -36.43
N ARG A 54 17.33 -6.96 -36.24
CA ARG A 54 17.18 -5.76 -37.01
C ARG A 54 18.27 -5.68 -38.05
N VAL A 55 17.91 -5.21 -39.24
CA VAL A 55 18.87 -4.93 -40.30
C VAL A 55 19.12 -3.42 -40.30
N TYR A 56 20.38 -3.05 -40.32
CA TYR A 56 20.79 -1.66 -40.49
C TYR A 56 21.59 -1.57 -41.77
N LEU A 57 21.17 -0.70 -42.67
CA LEU A 57 21.70 -0.65 -44.03
C LEU A 57 22.37 0.69 -44.26
N ASN A 58 23.68 0.65 -44.51
CA ASN A 58 24.45 1.76 -45.08
C ASN A 58 24.41 3.02 -44.21
N THR A 59 24.95 2.92 -43.00
CA THR A 59 24.92 4.02 -42.03
C THR A 59 25.95 3.86 -40.92
N THR A 60 26.01 4.84 -40.04
CA THR A 60 26.61 4.68 -38.73
C THR A 60 25.47 4.64 -37.72
N LEU A 61 25.70 3.92 -36.63
CA LEU A 61 24.71 3.83 -35.57
C LEU A 61 25.42 4.04 -34.24
N LEU A 62 24.97 5.02 -33.48
CA LEU A 62 25.44 5.17 -32.12
C LEU A 62 24.60 4.28 -31.22
N PHE A 63 25.26 3.33 -30.56
CA PHE A 63 24.58 2.29 -29.80
C PHE A 63 24.92 2.46 -28.32
N THR A 64 24.17 1.77 -27.45
CA THR A 64 24.44 1.79 -26.02
C THR A 64 24.32 0.37 -25.45
N GLY A 65 24.90 -0.60 -26.13
CA GLY A 65 24.73 -1.97 -25.72
C GLY A 65 25.63 -2.38 -24.58
N TYR A 66 25.80 -3.69 -24.39
CA TYR A 66 26.63 -4.26 -23.33
C TYR A 66 27.83 -4.88 -24.00
N PHE A 67 28.98 -4.27 -23.84
CA PHE A 67 30.15 -4.59 -24.62
C PHE A 67 31.33 -4.87 -23.69
N PRO A 68 32.38 -5.52 -24.17
CA PRO A 68 33.64 -5.48 -23.42
C PRO A 68 34.30 -4.12 -23.47
N LYS A 69 35.35 -3.93 -22.67
CA LYS A 69 36.07 -2.66 -22.66
C LYS A 69 37.37 -2.89 -23.42
N SER A 70 37.68 -1.98 -24.35
CA SER A 70 38.83 -2.10 -25.23
C SER A 70 40.13 -2.10 -24.45
N GLY A 71 41.09 -2.93 -24.87
CA GLY A 71 42.36 -2.99 -24.18
C GLY A 71 42.35 -3.76 -22.88
N ALA A 72 41.32 -4.54 -22.61
CA ALA A 72 41.28 -5.41 -21.45
C ALA A 72 42.04 -6.71 -21.74
N ASN A 73 41.93 -7.65 -20.83
CA ASN A 73 42.59 -8.94 -21.00
C ASN A 73 41.69 -10.09 -20.54
N PHE A 74 41.99 -11.27 -21.04
CA PHE A 74 41.18 -12.46 -20.90
C PHE A 74 41.59 -13.26 -19.67
N ARG A 75 40.79 -14.28 -19.35
CA ARG A 75 41.03 -15.14 -18.20
C ARG A 75 40.43 -16.51 -18.47
N ASP A 76 41.16 -17.57 -18.09
CA ASP A 76 40.80 -18.94 -18.42
C ASP A 76 39.99 -19.57 -17.28
N LEU A 77 38.66 -19.56 -17.41
CA LEU A 77 37.79 -20.11 -16.38
C LEU A 77 37.34 -21.54 -16.68
N ALA A 78 38.23 -22.37 -17.21
CA ALA A 78 37.91 -23.77 -17.46
C ALA A 78 38.41 -24.64 -16.31
N LEU A 79 38.02 -25.92 -16.33
CA LEU A 79 38.44 -26.89 -15.33
C LEU A 79 38.89 -28.16 -16.02
N LYS A 80 40.19 -28.45 -15.93
CA LYS A 80 40.80 -29.61 -16.58
C LYS A 80 40.91 -30.72 -15.53
N GLY A 81 39.82 -31.47 -15.38
CA GLY A 81 39.83 -32.59 -14.46
C GLY A 81 40.29 -33.87 -15.14
N SER A 82 41.03 -34.69 -14.39
CA SER A 82 41.54 -35.96 -14.89
C SER A 82 40.86 -37.14 -14.19
N LYS A 83 40.90 -37.21 -12.87
CA LYS A 83 40.04 -38.11 -12.13
C LYS A 83 39.46 -37.49 -10.87
N TYR A 84 39.95 -36.33 -10.44
CA TYR A 84 39.46 -35.63 -9.26
C TYR A 84 38.50 -34.52 -9.65
N LEU A 85 37.64 -34.15 -8.70
CA LEU A 85 36.82 -32.94 -8.81
C LEU A 85 36.84 -32.27 -7.43
N SER A 86 37.73 -31.30 -7.27
CA SER A 86 38.02 -30.71 -5.98
C SER A 86 36.87 -29.84 -5.49
N THR A 87 36.73 -29.74 -4.17
CA THR A 87 35.78 -28.80 -3.57
C THR A 87 36.35 -27.40 -3.42
N LEU A 88 37.67 -27.24 -3.59
CA LEU A 88 38.22 -25.90 -3.73
C LEU A 88 37.91 -25.30 -5.10
N TRP A 89 37.59 -26.14 -6.10
CA TRP A 89 37.11 -25.71 -7.39
C TRP A 89 35.70 -25.15 -7.35
N TYR A 90 34.99 -25.29 -6.24
CA TYR A 90 33.63 -24.80 -6.08
C TYR A 90 33.59 -23.63 -5.10
N LYS A 91 34.52 -22.70 -5.28
CA LYS A 91 34.61 -21.49 -4.50
C LYS A 91 34.31 -20.27 -5.37
N PRO A 92 33.99 -19.12 -4.76
CA PRO A 92 33.81 -17.87 -5.53
C PRO A 92 35.05 -17.41 -6.31
N PRO A 93 36.28 -17.90 -6.01
CA PRO A 93 37.35 -17.79 -7.03
C PRO A 93 37.05 -18.45 -8.38
N PHE A 94 36.10 -19.37 -8.48
CA PHE A 94 35.70 -19.89 -9.78
C PHE A 94 34.24 -19.66 -10.13
N LEU A 95 33.35 -19.59 -9.15
CA LEU A 95 31.98 -19.14 -9.39
C LEU A 95 31.95 -17.64 -9.17
N SER A 96 32.03 -16.88 -10.25
CA SER A 96 32.11 -15.44 -10.17
C SER A 96 30.71 -14.85 -10.01
N ASP A 97 30.60 -13.53 -10.10
CA ASP A 97 29.33 -12.83 -9.98
C ASP A 97 28.88 -12.36 -11.36
N PHE A 98 27.72 -12.83 -11.81
CA PHE A 98 27.12 -12.37 -13.07
C PHE A 98 26.57 -10.98 -12.81
N ASN A 99 27.41 -9.98 -13.10
CA ASN A 99 27.08 -8.60 -12.75
C ASN A 99 26.07 -8.02 -13.73
N ASN A 100 26.44 -7.95 -15.00
CA ASN A 100 25.51 -7.67 -16.09
C ASN A 100 25.75 -8.55 -17.30
N GLY A 101 26.86 -9.26 -17.37
CA GLY A 101 27.09 -10.17 -18.47
C GLY A 101 28.57 -10.48 -18.61
N ILE A 102 28.86 -11.35 -19.57
CA ILE A 102 30.22 -11.65 -19.99
C ILE A 102 30.26 -11.89 -21.50
N PHE A 103 31.47 -11.79 -22.04
CA PHE A 103 31.82 -12.18 -23.39
C PHE A 103 32.86 -13.29 -23.25
N SER A 104 32.86 -14.23 -24.18
CA SER A 104 33.70 -15.41 -24.06
C SER A 104 34.22 -15.86 -25.43
N LYS A 105 35.47 -16.28 -25.46
CA LYS A 105 36.12 -16.88 -26.62
C LYS A 105 36.72 -18.19 -26.15
N VAL A 106 36.22 -19.30 -26.68
CA VAL A 106 36.52 -20.63 -26.15
C VAL A 106 37.23 -21.45 -27.20
N LYS A 107 38.28 -22.17 -26.78
CA LYS A 107 38.99 -23.13 -27.60
C LYS A 107 38.06 -24.25 -28.07
N ASN A 108 37.88 -24.34 -29.38
CA ASN A 108 37.24 -25.50 -29.99
C ASN A 108 38.26 -26.62 -29.97
N THR A 109 38.23 -27.43 -28.91
CA THR A 109 39.25 -28.45 -28.73
C THR A 109 39.04 -29.60 -29.72
N LYS A 110 40.12 -29.97 -30.39
CA LYS A 110 40.09 -30.91 -31.50
C LYS A 110 40.59 -32.27 -31.03
N LEU A 111 39.79 -33.30 -31.25
CA LEU A 111 40.14 -34.67 -30.87
C LEU A 111 40.03 -35.58 -32.08
N TYR A 112 40.99 -36.49 -32.20
CA TYR A 112 41.08 -37.36 -33.36
C TYR A 112 41.08 -38.81 -32.91
N VAL A 113 40.02 -39.53 -33.25
CA VAL A 113 39.89 -40.96 -32.97
C VAL A 113 39.93 -41.66 -34.32
N ASN A 114 41.07 -42.31 -34.61
CA ASN A 114 41.38 -42.98 -35.88
C ASN A 114 41.25 -42.03 -37.06
N ASN A 115 41.86 -40.84 -36.90
CA ASN A 115 41.95 -39.79 -37.92
C ASN A 115 40.56 -39.32 -38.37
N THR A 116 39.76 -38.87 -37.41
CA THR A 116 38.46 -38.25 -37.68
C THR A 116 38.28 -37.09 -36.71
N LEU A 117 37.84 -35.95 -37.23
CA LEU A 117 37.80 -34.72 -36.46
C LEU A 117 36.61 -34.68 -35.51
N TYR A 118 36.88 -34.32 -34.25
CA TYR A 118 35.86 -34.12 -33.24
C TYR A 118 36.14 -32.80 -32.52
N SER A 119 35.10 -32.16 -32.02
CA SER A 119 35.25 -30.90 -31.30
C SER A 119 34.58 -30.95 -29.93
N GLU A 120 35.15 -30.19 -29.00
CA GLU A 120 34.61 -30.16 -27.63
C GLU A 120 34.99 -28.85 -26.95
N PHE A 121 34.06 -28.32 -26.16
CA PHE A 121 34.29 -27.16 -25.31
C PHE A 121 33.24 -27.18 -24.20
N SER A 122 33.64 -26.68 -23.03
CA SER A 122 32.90 -26.90 -21.79
C SER A 122 31.56 -26.16 -21.77
N THR A 123 30.74 -26.51 -20.79
CA THR A 123 29.33 -26.15 -20.74
C THR A 123 29.07 -25.20 -19.58
N ILE A 124 27.96 -24.45 -19.68
CA ILE A 124 27.76 -23.27 -18.85
C ILE A 124 26.34 -23.28 -18.29
N VAL A 125 26.19 -22.88 -17.03
CA VAL A 125 24.89 -22.66 -16.43
C VAL A 125 24.88 -21.28 -15.75
N ILE A 126 23.78 -20.55 -15.96
CA ILE A 126 23.62 -19.19 -15.43
C ILE A 126 22.37 -19.16 -14.58
N GLY A 127 22.41 -18.44 -13.46
CA GLY A 127 21.22 -18.34 -12.66
C GLY A 127 21.34 -17.35 -11.52
N SER A 128 20.47 -17.52 -10.53
CA SER A 128 20.43 -16.68 -9.35
C SER A 128 20.80 -17.42 -8.08
N VAL A 129 20.07 -18.49 -7.72
CA VAL A 129 20.41 -19.26 -6.53
C VAL A 129 20.52 -20.74 -6.90
N PHE A 130 20.29 -21.05 -8.18
CA PHE A 130 20.53 -22.35 -8.81
C PHE A 130 19.72 -23.48 -8.17
N VAL A 131 18.55 -23.15 -7.62
CA VAL A 131 17.64 -24.13 -7.04
C VAL A 131 16.49 -24.32 -8.02
N ASN A 132 15.57 -25.26 -7.72
CA ASN A 132 14.43 -25.52 -8.59
C ASN A 132 13.27 -24.55 -8.36
N THR A 133 13.50 -23.49 -7.59
CA THR A 133 12.56 -22.38 -7.48
C THR A 133 13.08 -21.12 -8.16
N SER A 134 14.18 -21.23 -8.90
CA SER A 134 14.73 -20.13 -9.67
C SER A 134 15.19 -20.67 -11.02
N TYR A 135 14.93 -19.90 -12.08
CA TYR A 135 15.16 -20.40 -13.43
C TYR A 135 16.65 -20.37 -13.78
N THR A 136 17.20 -21.54 -14.06
CA THR A 136 18.58 -21.70 -14.47
C THR A 136 18.63 -22.02 -15.95
N ILE A 137 19.62 -21.44 -16.62
CA ILE A 137 19.78 -21.54 -18.07
C ILE A 137 21.03 -22.35 -18.35
N VAL A 138 20.85 -23.44 -19.10
CA VAL A 138 21.90 -24.44 -19.34
C VAL A 138 22.25 -24.43 -20.82
N VAL A 139 23.54 -24.28 -21.12
CA VAL A 139 24.06 -24.39 -22.47
C VAL A 139 25.06 -25.54 -22.47
N GLN A 140 24.91 -26.47 -23.42
CA GLN A 140 25.75 -27.67 -23.44
C GLN A 140 25.90 -28.15 -24.88
N PRO A 141 27.11 -28.54 -25.31
CA PRO A 141 27.28 -28.99 -26.69
C PRO A 141 27.00 -30.49 -26.84
N HIS A 142 26.79 -30.90 -28.08
CA HIS A 142 26.54 -32.31 -28.40
C HIS A 142 27.28 -32.70 -29.68
N ASN A 143 28.54 -32.28 -29.79
CA ASN A 143 29.47 -32.59 -30.88
C ASN A 143 28.89 -32.13 -32.24
N GLY A 144 28.73 -30.81 -32.36
CA GLY A 144 28.17 -30.22 -33.55
C GLY A 144 26.78 -29.63 -33.37
N ILE A 145 26.15 -29.84 -32.22
CA ILE A 145 24.88 -29.22 -31.89
C ILE A 145 24.98 -28.69 -30.47
N LEU A 146 24.77 -27.40 -30.31
CA LEU A 146 24.69 -26.74 -29.01
C LEU A 146 23.22 -26.77 -28.60
N GLU A 147 22.93 -27.42 -27.48
CA GLU A 147 21.58 -27.48 -26.93
C GLU A 147 21.47 -26.44 -25.82
N ILE A 148 20.51 -25.53 -25.97
CA ILE A 148 20.19 -24.54 -24.96
C ILE A 148 18.86 -24.93 -24.33
N THR A 149 18.83 -24.99 -23.01
CA THR A 149 17.60 -25.12 -22.24
C THR A 149 17.57 -23.96 -21.25
N ALA A 150 16.37 -23.59 -20.83
CA ALA A 150 16.16 -22.60 -19.78
C ALA A 150 14.98 -23.10 -18.96
N CYS A 151 15.27 -23.68 -17.80
CA CYS A 151 14.33 -24.48 -17.04
C CYS A 151 14.51 -24.14 -15.56
N GLN A 152 13.92 -24.98 -14.69
CA GLN A 152 14.18 -24.92 -13.25
C GLN A 152 14.76 -26.28 -12.85
N TYR A 153 16.07 -26.42 -13.05
CA TYR A 153 16.75 -27.69 -12.84
C TYR A 153 17.00 -27.93 -11.35
N THR A 154 17.65 -29.06 -11.08
CA THR A 154 18.26 -29.34 -9.77
C THR A 154 19.55 -30.09 -10.07
N MET A 155 20.66 -29.36 -10.08
CA MET A 155 21.92 -29.88 -10.57
C MET A 155 22.70 -30.56 -9.47
N CYS A 156 23.72 -31.31 -9.85
CA CYS A 156 24.57 -32.01 -8.91
C CYS A 156 25.45 -31.03 -8.14
N GLU A 157 25.97 -31.48 -6.98
CA GLU A 157 26.98 -30.69 -6.28
C GLU A 157 28.37 -30.96 -6.82
N TYR A 158 28.49 -31.94 -7.72
CA TYR A 158 29.63 -32.05 -8.64
C TYR A 158 29.04 -32.14 -10.04
N PRO A 159 28.52 -31.03 -10.57
CA PRO A 159 27.93 -31.10 -11.91
C PRO A 159 29.03 -31.05 -12.97
N HIS A 160 29.22 -32.15 -13.68
CA HIS A 160 30.41 -32.29 -14.49
C HIS A 160 30.06 -32.98 -15.80
N THR A 161 31.08 -33.17 -16.62
CA THR A 161 30.97 -33.78 -17.93
C THR A 161 32.09 -34.80 -18.12
N VAL A 162 31.92 -35.66 -19.13
CA VAL A 162 32.93 -36.66 -19.51
C VAL A 162 33.06 -36.61 -21.02
N CYS A 163 34.30 -36.47 -21.51
CA CYS A 163 34.57 -36.33 -22.93
C CYS A 163 34.24 -37.60 -23.70
N LYS A 164 33.68 -37.42 -24.90
CA LYS A 164 33.15 -38.52 -25.70
C LYS A 164 34.17 -39.16 -26.63
N SER A 165 35.39 -38.61 -26.73
CA SER A 165 36.40 -39.20 -27.60
C SER A 165 37.08 -40.38 -26.93
N LYS A 166 37.75 -40.13 -25.80
CA LYS A 166 38.34 -41.18 -24.98
C LYS A 166 37.53 -41.23 -23.69
N GLY A 167 36.69 -42.27 -23.56
CA GLY A 167 35.91 -42.45 -22.35
C GLY A 167 36.78 -42.71 -21.14
N SER A 168 36.63 -41.84 -20.15
CA SER A 168 37.45 -41.88 -18.95
C SER A 168 36.78 -42.78 -17.91
N ILE A 169 37.34 -42.78 -16.69
CA ILE A 169 36.88 -43.70 -15.65
C ILE A 169 35.58 -43.22 -15.01
N ARG A 170 35.46 -41.92 -14.76
CA ARG A 170 34.28 -41.39 -14.11
C ARG A 170 33.09 -41.39 -15.06
N ASN A 171 31.92 -41.08 -14.52
CA ASN A 171 30.67 -41.04 -15.28
C ASN A 171 30.07 -39.65 -15.21
N GLU A 172 29.67 -39.12 -16.37
CA GLU A 172 29.13 -37.76 -16.47
C GLU A 172 27.74 -37.70 -15.85
N SER A 173 27.58 -36.84 -14.86
CA SER A 173 26.29 -36.65 -14.20
C SER A 173 26.25 -35.23 -13.65
N TRP A 174 25.65 -34.32 -14.41
CA TRP A 174 25.49 -32.94 -13.93
C TRP A 174 24.14 -32.71 -13.27
N HIS A 175 23.29 -33.72 -13.21
CA HIS A 175 21.95 -33.61 -12.65
C HIS A 175 21.38 -35.01 -12.50
N ILE A 176 20.30 -35.11 -11.74
CA ILE A 176 19.36 -36.22 -11.83
C ILE A 176 17.98 -35.56 -11.79
N ASP A 177 17.44 -35.29 -12.98
CA ASP A 177 16.34 -34.35 -13.15
C ASP A 177 15.32 -34.93 -14.12
N SER A 178 15.01 -36.21 -13.95
CA SER A 178 14.08 -36.92 -14.83
C SER A 178 12.64 -36.76 -14.34
N SER A 179 12.15 -35.52 -14.43
CA SER A 179 10.76 -35.22 -14.13
C SER A 179 10.17 -34.17 -15.07
N GLU A 180 10.99 -33.69 -16.04
CA GLU A 180 10.69 -32.66 -17.05
C GLU A 180 10.08 -31.40 -16.42
N PRO A 181 10.90 -30.54 -15.79
CA PRO A 181 10.33 -29.38 -15.08
C PRO A 181 9.82 -28.28 -15.99
N LEU A 182 9.43 -27.14 -15.41
CA LEU A 182 8.98 -26.00 -16.20
C LEU A 182 10.15 -25.40 -16.97
N CYS A 183 10.20 -25.67 -18.27
CA CYS A 183 11.27 -25.19 -19.14
C CYS A 183 10.76 -24.00 -19.93
N LEU A 184 11.28 -22.81 -19.63
CA LEU A 184 10.87 -21.62 -20.35
C LEU A 184 11.43 -21.58 -21.77
N PHE A 185 12.50 -22.34 -22.03
CA PHE A 185 13.07 -22.37 -23.37
C PHE A 185 13.75 -23.70 -23.62
N LYS A 186 13.73 -24.15 -24.87
CA LYS A 186 14.66 -25.17 -25.33
C LYS A 186 14.83 -25.02 -26.83
N LYS A 187 16.07 -25.07 -27.32
CA LYS A 187 16.35 -25.15 -28.74
C LYS A 187 17.72 -25.78 -28.95
N ASN A 188 18.03 -26.02 -30.23
CA ASN A 188 19.31 -26.59 -30.64
C ASN A 188 19.85 -25.82 -31.84
N PHE A 189 21.17 -25.67 -31.88
CA PHE A 189 21.82 -24.80 -32.87
C PHE A 189 23.06 -25.49 -33.42
N THR A 190 23.26 -25.39 -34.73
CA THR A 190 24.30 -26.13 -35.42
C THR A 190 25.54 -25.27 -35.62
N TYR A 191 26.70 -25.92 -35.65
CA TYR A 191 27.97 -25.20 -35.83
C TYR A 191 29.00 -26.13 -36.43
N ASN A 192 30.05 -25.52 -36.99
CA ASN A 192 31.21 -26.24 -37.47
C ASN A 192 31.93 -26.95 -36.34
N VAL A 193 32.29 -28.21 -36.54
CA VAL A 193 33.18 -28.88 -35.59
C VAL A 193 34.63 -28.72 -36.02
N SER A 194 34.90 -27.92 -37.03
CA SER A 194 36.24 -27.72 -37.56
C SER A 194 36.89 -26.41 -37.12
N ALA A 195 36.42 -25.81 -36.02
CA ALA A 195 36.83 -24.45 -35.70
C ALA A 195 37.98 -24.42 -34.70
N ASP A 196 38.41 -23.21 -34.37
CA ASP A 196 39.42 -22.98 -33.34
C ASP A 196 38.85 -22.37 -32.07
N TRP A 197 38.05 -21.31 -32.20
CA TRP A 197 37.43 -20.65 -31.06
C TRP A 197 36.00 -20.30 -31.43
N LEU A 198 35.18 -20.15 -30.39
CA LEU A 198 33.80 -19.76 -30.55
C LEU A 198 33.49 -18.64 -29.56
N TYR A 199 32.66 -17.70 -30.00
CA TYR A 199 32.46 -16.43 -29.32
C TYR A 199 31.02 -16.32 -28.84
N PHE A 200 30.86 -15.85 -27.61
CA PHE A 200 29.58 -15.95 -26.92
C PHE A 200 29.34 -14.68 -26.10
N HIS A 201 28.15 -14.10 -26.27
CA HIS A 201 27.68 -12.94 -25.50
C HIS A 201 26.58 -13.45 -24.58
N PHE A 202 26.68 -13.15 -23.29
CA PHE A 202 25.60 -13.46 -22.36
C PHE A 202 25.39 -12.25 -21.46
N TYR A 203 24.24 -11.59 -21.58
CA TYR A 203 24.03 -10.42 -20.75
C TYR A 203 22.57 -10.34 -20.30
N GLN A 204 22.30 -9.39 -19.41
CA GLN A 204 20.99 -9.24 -18.78
C GLN A 204 20.69 -7.76 -18.66
N GLU A 205 19.41 -7.43 -18.85
CA GLU A 205 18.96 -6.04 -18.77
C GLU A 205 17.49 -6.05 -18.37
N ARG A 206 17.16 -5.26 -17.35
CA ARG A 206 15.80 -5.08 -16.82
C ARG A 206 15.16 -6.41 -16.42
N GLY A 207 15.98 -7.33 -15.92
CA GLY A 207 15.50 -8.68 -15.63
C GLY A 207 15.47 -9.62 -16.81
N VAL A 208 15.25 -9.09 -18.01
CA VAL A 208 15.25 -9.85 -19.26
C VAL A 208 16.67 -10.34 -19.51
N PHE A 209 16.79 -11.50 -20.13
CA PHE A 209 18.08 -12.10 -20.42
C PHE A 209 18.27 -12.20 -21.93
N TYR A 210 19.52 -12.09 -22.38
CA TYR A 210 19.86 -12.16 -23.79
C TYR A 210 21.13 -12.97 -23.99
N ALA A 211 21.21 -13.67 -25.11
CA ALA A 211 22.37 -14.47 -25.44
C ALA A 211 22.60 -14.45 -26.95
N TYR A 212 23.88 -14.41 -27.33
CA TYR A 212 24.33 -14.29 -28.71
C TYR A 212 25.52 -15.22 -28.95
N TYR A 213 25.68 -15.68 -30.18
CA TYR A 213 26.72 -16.66 -30.48
C TYR A 213 27.30 -16.40 -31.87
N ALA A 214 28.59 -16.74 -32.02
CA ALA A 214 29.21 -16.89 -33.32
C ALA A 214 30.30 -17.94 -33.20
N ASP A 215 30.76 -18.44 -34.35
CA ASP A 215 31.88 -19.38 -34.38
C ASP A 215 33.04 -18.89 -35.22
N VAL A 216 32.75 -18.25 -36.37
CA VAL A 216 33.82 -17.69 -37.18
C VAL A 216 34.12 -16.28 -36.69
N GLY A 217 35.30 -15.77 -37.06
CA GLY A 217 35.67 -14.41 -36.70
C GLY A 217 34.81 -13.37 -37.38
N MET A 218 33.89 -12.77 -36.60
CA MET A 218 32.88 -11.79 -37.00
C MET A 218 32.18 -11.34 -35.72
N PRO A 219 31.37 -10.28 -35.76
CA PRO A 219 30.49 -10.02 -34.61
C PRO A 219 29.44 -11.11 -34.47
N THR A 220 28.99 -11.33 -33.24
CA THR A 220 28.08 -12.43 -32.96
C THR A 220 26.66 -12.09 -33.39
N THR A 221 25.88 -13.14 -33.64
CA THR A 221 24.49 -13.02 -34.06
C THR A 221 23.59 -13.49 -32.93
N PHE A 222 22.28 -13.26 -33.09
CA PHE A 222 21.31 -13.54 -32.03
C PHE A 222 21.17 -15.04 -31.79
N LEU A 223 21.28 -15.44 -30.52
CA LEU A 223 20.85 -16.78 -30.13
C LEU A 223 19.42 -16.74 -29.62
N PHE A 224 19.18 -16.04 -28.50
CA PHE A 224 17.80 -15.86 -28.04
C PHE A 224 17.70 -14.70 -27.08
N SER A 225 16.45 -14.29 -26.84
CA SER A 225 16.03 -13.44 -25.74
C SER A 225 15.06 -14.21 -24.87
N LEU A 226 14.93 -13.78 -23.61
CA LEU A 226 14.03 -14.46 -22.68
C LEU A 226 13.65 -13.52 -21.55
N TYR A 227 12.37 -13.20 -21.44
CA TYR A 227 11.85 -12.51 -20.27
C TYR A 227 11.88 -13.49 -19.10
N LEU A 228 12.28 -13.00 -17.92
CA LEU A 228 12.23 -13.80 -16.71
C LEU A 228 11.51 -13.09 -15.58
N GLY A 229 11.67 -11.76 -15.48
CA GLY A 229 11.28 -11.02 -14.32
C GLY A 229 12.23 -11.15 -13.14
N THR A 230 13.30 -11.94 -13.30
CA THR A 230 14.23 -12.27 -12.23
C THR A 230 15.58 -11.61 -12.48
N ILE A 231 16.29 -11.34 -11.39
CA ILE A 231 17.66 -10.81 -11.44
C ILE A 231 18.60 -11.96 -11.12
N LEU A 232 19.49 -12.28 -12.06
CA LEU A 232 20.42 -13.37 -11.86
C LEU A 232 21.54 -12.94 -10.93
N SER A 233 22.33 -13.91 -10.46
CA SER A 233 23.49 -13.57 -9.66
C SER A 233 24.79 -14.27 -10.06
N HIS A 234 24.76 -15.50 -10.56
CA HIS A 234 26.01 -16.20 -10.76
C HIS A 234 26.00 -16.99 -12.06
N TYR A 235 27.18 -17.46 -12.42
CA TYR A 235 27.41 -18.21 -13.65
C TYR A 235 28.57 -19.16 -13.42
N TYR A 236 28.49 -20.35 -14.02
CA TYR A 236 29.49 -21.37 -13.75
C TYR A 236 29.73 -22.19 -14.99
N VAL A 237 30.98 -22.57 -15.21
CA VAL A 237 31.37 -23.38 -16.37
C VAL A 237 31.74 -24.78 -15.91
N MET A 238 31.21 -25.79 -16.63
CA MET A 238 31.20 -27.18 -16.17
C MET A 238 32.60 -27.80 -16.20
N PRO A 239 32.97 -28.53 -15.16
CA PRO A 239 34.21 -29.33 -15.22
C PRO A 239 34.02 -30.55 -16.10
N LEU A 240 35.13 -31.02 -16.65
CA LEU A 240 35.15 -32.17 -17.54
C LEU A 240 36.18 -33.18 -17.05
N THR A 241 35.82 -34.46 -17.06
CA THR A 241 36.73 -35.54 -16.73
C THR A 241 37.15 -36.25 -18.02
N CYS A 242 38.39 -36.01 -18.44
CA CYS A 242 38.91 -36.58 -19.67
C CYS A 242 40.23 -37.31 -19.37
N LYS A 243 40.53 -38.31 -20.19
CA LYS A 243 41.61 -39.25 -19.88
C LYS A 243 43.00 -38.68 -20.15
N ALA A 244 43.25 -38.19 -21.37
CA ALA A 244 44.59 -37.76 -21.74
C ALA A 244 44.50 -36.67 -22.81
N ILE A 245 44.85 -35.46 -22.45
CA ILE A 245 44.95 -34.34 -23.37
C ILE A 245 46.35 -33.74 -23.21
N SER A 246 47.09 -34.27 -22.24
CA SER A 246 48.30 -33.65 -21.73
C SER A 246 49.49 -33.87 -22.68
N SER A 247 50.69 -33.63 -22.16
CA SER A 247 51.93 -33.70 -22.93
C SER A 247 52.23 -35.10 -23.48
N ASN A 248 51.58 -36.14 -22.97
CA ASN A 248 51.66 -37.46 -23.58
C ASN A 248 51.08 -37.50 -24.99
N THR A 249 49.93 -36.86 -25.19
CA THR A 249 49.26 -36.76 -26.47
C THR A 249 49.74 -35.50 -27.19
N ASP A 250 48.96 -35.02 -28.16
CA ASP A 250 49.31 -33.99 -29.14
C ASP A 250 49.46 -32.57 -28.54
N ASN A 251 49.51 -32.43 -27.21
CA ASN A 251 49.78 -31.17 -26.49
C ASN A 251 48.68 -30.14 -26.73
N GLU A 252 47.45 -30.54 -26.43
CA GLU A 252 46.32 -29.64 -26.34
C GLU A 252 46.03 -29.34 -24.88
N THR A 253 45.22 -28.32 -24.64
CA THR A 253 44.90 -27.91 -23.28
C THR A 253 43.45 -27.45 -23.22
N LEU A 254 43.07 -26.94 -22.06
CA LEU A 254 41.81 -26.21 -21.93
C LEU A 254 42.06 -24.71 -22.04
N GLU A 255 41.18 -24.02 -22.76
CA GLU A 255 41.28 -22.57 -22.89
C GLU A 255 39.88 -21.99 -23.01
N TYR A 256 39.48 -21.23 -21.99
CA TYR A 256 38.13 -20.66 -21.92
C TYR A 256 38.28 -19.19 -21.53
N TRP A 257 38.52 -18.31 -22.51
CA TRP A 257 38.79 -16.91 -22.23
C TRP A 257 37.48 -16.15 -22.05
N VAL A 258 37.46 -15.24 -21.08
CA VAL A 258 36.26 -14.45 -20.75
C VAL A 258 36.66 -12.99 -20.51
N THR A 259 35.63 -12.12 -20.50
CA THR A 259 35.74 -10.72 -20.07
C THR A 259 34.36 -10.18 -19.68
N PRO A 260 34.26 -9.31 -18.67
CA PRO A 260 32.94 -8.80 -18.28
C PRO A 260 32.36 -7.80 -19.26
N LEU A 261 31.10 -7.40 -19.07
CA LEU A 261 30.38 -6.57 -20.04
C LEU A 261 29.85 -5.32 -19.35
N SER A 262 30.28 -4.16 -19.84
CA SER A 262 29.80 -2.88 -19.36
C SER A 262 28.81 -2.28 -20.33
N ARG A 263 27.83 -1.55 -19.79
CA ARG A 263 26.91 -0.76 -20.60
C ARG A 263 27.64 0.51 -20.98
N ARG A 264 28.16 0.56 -22.20
CA ARG A 264 28.95 1.68 -22.68
C ARG A 264 28.65 1.91 -24.15
N GLN A 265 28.89 3.14 -24.60
CA GLN A 265 28.48 3.55 -25.94
C GLN A 265 29.48 3.08 -26.99
N TYR A 266 28.94 2.67 -28.13
CA TYR A 266 29.73 2.25 -29.27
C TYR A 266 29.24 2.97 -30.51
N LEU A 267 30.05 2.98 -31.55
CA LEU A 267 29.65 3.54 -32.83
C LEU A 267 29.95 2.50 -33.89
N LEU A 268 28.91 1.99 -34.53
CA LEU A 268 29.02 0.85 -35.43
C LEU A 268 28.75 1.29 -36.86
N ASN A 269 29.40 0.62 -37.80
CA ASN A 269 29.37 0.99 -39.20
C ASN A 269 28.75 -0.14 -40.00
N PHE A 270 27.60 0.12 -40.61
CA PHE A 270 26.86 -0.87 -41.38
C PHE A 270 26.92 -0.50 -42.86
N ASP A 271 27.77 -1.18 -43.61
CA ASP A 271 27.78 -1.00 -45.05
C ASP A 271 26.54 -1.64 -45.66
N GLU A 272 26.37 -1.42 -46.97
CA GLU A 272 25.32 -2.10 -47.72
C GLU A 272 25.53 -3.60 -47.67
N HIS A 273 24.41 -4.33 -47.66
CA HIS A 273 24.25 -5.73 -47.27
C HIS A 273 24.57 -5.94 -45.79
N GLY A 274 24.42 -4.88 -44.99
CA GLY A 274 24.33 -4.94 -43.54
C GLY A 274 25.38 -5.67 -42.72
N VAL A 275 26.65 -5.51 -43.06
CA VAL A 275 27.74 -6.12 -42.30
C VAL A 275 28.34 -5.04 -41.39
N ILE A 276 28.97 -5.46 -40.31
CA ILE A 276 29.67 -4.55 -39.40
C ILE A 276 31.12 -4.52 -39.85
N THR A 277 31.50 -3.45 -40.55
CA THR A 277 32.88 -3.34 -40.98
C THR A 277 33.76 -2.64 -39.94
N ASN A 278 33.17 -1.77 -39.12
CA ASN A 278 33.96 -1.00 -38.17
C ASN A 278 33.16 -0.70 -36.92
N ALA A 279 33.87 -0.58 -35.80
CA ALA A 279 33.26 -0.22 -34.53
C ALA A 279 34.25 0.58 -33.73
N VAL A 280 33.73 1.54 -32.96
CA VAL A 280 34.52 2.44 -32.14
C VAL A 280 33.97 2.43 -30.73
N ASP A 281 34.83 2.15 -29.75
CA ASP A 281 34.48 2.21 -28.33
C ASP A 281 34.74 3.64 -27.85
N CYS A 282 33.67 4.33 -27.42
CA CYS A 282 33.78 5.76 -27.19
C CYS A 282 34.34 6.15 -25.83
N SER A 283 35.41 5.51 -25.39
CA SER A 283 36.16 6.03 -24.25
C SER A 283 37.65 5.69 -24.34
N SER A 284 38.06 5.03 -25.41
CA SER A 284 39.42 4.51 -25.51
C SER A 284 40.45 5.62 -25.72
N SER A 285 40.02 6.78 -26.22
CA SER A 285 40.93 7.87 -26.54
C SER A 285 40.15 9.18 -26.57
N PHE A 286 40.76 10.22 -27.14
CA PHE A 286 40.04 11.46 -27.41
C PHE A 286 39.48 11.51 -28.81
N LEU A 287 40.16 10.91 -29.77
CA LEU A 287 39.65 10.77 -31.13
C LEU A 287 38.37 9.94 -31.17
N SER A 288 38.24 8.93 -30.32
CA SER A 288 37.00 8.19 -30.19
C SER A 288 35.87 9.02 -29.64
N GLU A 289 36.16 9.92 -28.70
CA GLU A 289 35.15 10.85 -28.20
C GLU A 289 34.69 11.82 -29.26
N ILE A 290 35.60 12.32 -30.09
CA ILE A 290 35.20 13.21 -31.18
C ILE A 290 34.34 12.46 -32.20
N GLN A 291 34.73 11.23 -32.54
CA GLN A 291 33.98 10.40 -33.48
C GLN A 291 32.59 10.06 -32.98
N CYS A 292 32.44 9.84 -31.68
CA CYS A 292 31.12 9.52 -31.16
C CYS A 292 30.30 10.77 -30.86
N LYS A 293 30.96 11.90 -30.63
CA LYS A 293 30.23 13.15 -30.47
C LYS A 293 29.67 13.66 -31.79
N THR A 294 30.38 13.46 -32.90
CA THR A 294 29.86 13.87 -34.19
C THR A 294 29.12 12.78 -34.92
N GLN A 295 29.11 11.54 -34.40
CA GLN A 295 28.54 10.34 -35.05
C GLN A 295 29.12 10.12 -36.44
N SER A 296 30.45 10.18 -36.55
CA SER A 296 31.13 10.03 -37.82
C SER A 296 32.47 9.37 -37.61
N PHE A 297 32.88 8.56 -38.57
CA PHE A 297 34.17 7.90 -38.51
C PHE A 297 35.30 8.76 -39.03
N ALA A 298 34.99 9.87 -39.70
CA ALA A 298 35.99 10.84 -40.12
C ALA A 298 35.44 12.22 -39.84
N PRO A 299 35.69 12.77 -38.66
CA PRO A 299 35.02 14.00 -38.24
C PRO A 299 35.71 15.25 -38.74
N ASN A 300 34.94 16.34 -38.78
CA ASN A 300 35.40 17.62 -39.32
C ASN A 300 36.39 18.34 -38.41
N THR A 301 36.99 19.40 -38.92
CA THR A 301 37.90 20.25 -38.17
C THR A 301 37.12 21.10 -37.18
N GLY A 302 37.65 21.25 -35.99
CA GLY A 302 36.97 22.05 -35.00
C GLY A 302 37.55 21.86 -33.62
N VAL A 303 37.03 22.66 -32.69
CA VAL A 303 37.39 22.59 -31.28
C VAL A 303 36.23 21.98 -30.53
N TYR A 304 36.49 20.87 -29.85
CA TYR A 304 35.49 20.09 -29.17
C TYR A 304 35.78 20.12 -27.69
N ASP A 305 34.74 19.95 -26.89
CA ASP A 305 34.88 19.98 -25.43
C ASP A 305 34.57 18.59 -24.91
N LEU A 306 35.61 17.90 -24.49
CA LEU A 306 35.49 16.50 -24.13
C LEU A 306 35.51 16.33 -22.63
N SER A 307 34.82 15.30 -22.18
CA SER A 307 34.73 14.98 -20.77
C SER A 307 36.09 14.49 -20.26
N GLY A 308 36.49 15.04 -19.12
CA GLY A 308 37.71 14.60 -18.47
C GLY A 308 37.37 13.92 -17.17
N PHE A 309 37.74 12.66 -17.08
CA PHE A 309 37.68 11.91 -15.82
C PHE A 309 38.94 12.30 -15.05
N THR A 310 38.76 13.08 -14.00
CA THR A 310 39.92 13.66 -13.34
C THR A 310 40.13 13.09 -11.94
N VAL A 311 39.14 13.21 -11.06
CA VAL A 311 39.30 12.80 -9.67
C VAL A 311 38.34 11.65 -9.37
N LYS A 312 38.71 10.86 -8.36
CA LYS A 312 37.88 9.80 -7.84
C LYS A 312 37.98 9.81 -6.32
N PRO A 313 36.87 9.61 -5.63
CA PRO A 313 36.89 9.71 -4.17
C PRO A 313 37.56 8.50 -3.54
N VAL A 314 38.59 8.77 -2.74
CA VAL A 314 39.48 7.76 -2.17
C VAL A 314 38.76 6.92 -1.13
N ALA A 315 38.35 7.56 -0.04
CA ALA A 315 37.80 6.87 1.12
C ALA A 315 36.64 7.65 1.70
N THR A 316 36.24 7.32 2.93
CA THR A 316 35.19 8.03 3.63
C THR A 316 35.72 8.57 4.94
N VAL A 317 35.10 9.66 5.41
CA VAL A 317 35.31 10.19 6.75
C VAL A 317 33.97 10.15 7.46
N TYR A 318 34.00 9.91 8.77
CA TYR A 318 32.77 9.70 9.53
C TYR A 318 32.93 10.25 10.94
N ARG A 319 31.90 10.96 11.41
CA ARG A 319 31.78 11.34 12.81
C ARG A 319 30.32 11.67 13.10
N ARG A 320 29.76 11.09 14.17
CA ARG A 320 28.33 11.24 14.41
C ARG A 320 27.88 11.31 15.87
N ILE A 321 28.60 11.97 16.79
CA ILE A 321 28.13 12.58 18.06
C ILE A 321 27.06 11.80 18.83
N PRO A 322 27.41 10.72 19.54
CA PRO A 322 26.44 9.67 19.86
C PRO A 322 25.36 10.04 20.87
N ASN A 323 24.21 9.39 20.74
CA ASN A 323 23.00 9.77 21.48
C ASN A 323 23.01 9.25 22.91
N LEU A 324 23.40 7.99 23.08
CA LEU A 324 23.40 7.33 24.38
C LEU A 324 24.77 7.16 25.00
N PRO A 325 24.79 6.75 26.32
CA PRO A 325 26.14 6.57 26.89
C PRO A 325 26.78 5.20 26.70
N ASP A 326 28.00 5.00 27.22
CA ASP A 326 28.71 3.72 27.13
C ASP A 326 28.30 2.86 28.30
N CYS A 327 28.21 1.53 28.13
CA CYS A 327 27.74 0.74 29.25
C CYS A 327 28.81 0.54 30.29
N ASP A 328 30.06 0.39 29.84
CA ASP A 328 31.21 0.05 30.68
C ASP A 328 30.97 -1.27 31.41
N ILE A 329 30.90 -2.32 30.61
CA ILE A 329 30.80 -3.67 31.17
C ILE A 329 32.07 -4.00 31.92
N ASP A 330 33.23 -3.68 31.35
CA ASP A 330 34.50 -4.04 31.94
C ASP A 330 34.80 -3.27 33.22
N ASN A 331 34.09 -2.19 33.48
CA ASN A 331 34.21 -1.56 34.78
C ASN A 331 33.42 -2.28 35.84
N TRP A 332 32.60 -3.24 35.43
CA TRP A 332 31.91 -4.12 36.34
C TRP A 332 32.55 -5.49 36.40
N LEU A 333 33.08 -5.98 35.28
CA LEU A 333 33.70 -7.28 35.29
C LEU A 333 35.06 -7.25 35.97
N ASN A 334 35.66 -6.08 36.14
CA ASN A 334 36.87 -5.97 36.91
C ASN A 334 36.61 -5.48 38.32
N ASN A 335 35.44 -5.77 38.85
CA ASN A 335 35.13 -5.36 40.19
C ASN A 335 35.91 -6.19 41.19
N VAL A 336 36.06 -5.65 42.38
CA VAL A 336 36.89 -6.31 43.37
C VAL A 336 36.14 -7.43 44.06
N SER A 337 34.97 -7.12 44.62
CA SER A 337 34.23 -8.08 45.43
C SER A 337 33.52 -9.08 44.54
N VAL A 338 34.16 -10.22 44.27
CA VAL A 338 33.60 -11.24 43.41
C VAL A 338 32.67 -12.16 44.20
N PRO A 339 31.43 -12.34 43.79
CA PRO A 339 30.56 -13.26 44.50
C PRO A 339 30.83 -14.70 44.13
N SER A 340 30.53 -15.59 45.05
CA SER A 340 30.69 -17.03 45.06
C SER A 340 29.46 -17.69 44.46
N PRO A 341 29.54 -18.96 44.02
CA PRO A 341 28.45 -19.53 43.21
C PRO A 341 27.13 -19.73 43.92
N LEU A 342 26.99 -19.35 45.18
CA LEU A 342 25.69 -19.39 45.83
C LEU A 342 24.90 -18.14 45.53
N ASN A 343 25.56 -16.97 45.59
CA ASN A 343 24.91 -15.67 45.52
C ASN A 343 25.54 -14.82 44.43
N TRP A 344 25.62 -15.38 43.23
CA TRP A 344 26.08 -14.68 42.04
C TRP A 344 25.27 -13.42 41.79
N GLU A 345 25.92 -12.43 41.19
CA GLU A 345 25.22 -11.21 40.89
C GLU A 345 24.75 -11.21 39.45
N ARG A 346 24.12 -10.11 39.06
CA ARG A 346 23.60 -9.93 37.72
C ARG A 346 23.35 -8.43 37.57
N ARG A 347 23.75 -7.86 36.46
CA ARG A 347 23.37 -6.50 36.15
C ARG A 347 22.83 -6.47 34.75
N ILE A 348 21.94 -5.54 34.49
CA ILE A 348 21.23 -5.49 33.22
C ILE A 348 21.67 -4.24 32.49
N PHE A 349 22.69 -4.38 31.66
CA PHE A 349 23.20 -3.28 30.86
C PHE A 349 22.25 -3.05 29.73
N SER A 350 21.53 -1.96 29.72
CA SER A 350 20.59 -1.63 28.64
C SER A 350 20.88 -0.24 28.26
N ASN A 351 20.28 0.19 27.18
CA ASN A 351 20.28 1.56 26.64
C ASN A 351 21.66 2.20 26.74
N CYS A 352 22.62 1.62 26.05
CA CYS A 352 23.95 2.19 25.99
C CYS A 352 24.64 1.67 24.74
N ASN A 353 25.92 1.95 24.61
CA ASN A 353 26.71 1.51 23.48
C ASN A 353 27.89 0.69 23.97
N PHE A 354 28.31 -0.27 23.16
CA PHE A 354 29.37 -1.17 23.60
C PHE A 354 30.07 -1.68 22.37
N ASN A 355 31.21 -2.32 22.57
CA ASN A 355 31.76 -3.20 21.53
C ASN A 355 32.38 -4.39 22.20
N LEU A 356 33.23 -5.08 21.47
CA LEU A 356 33.81 -6.27 22.01
C LEU A 356 35.32 -6.21 22.14
N SER A 357 35.99 -5.47 21.28
CA SER A 357 37.44 -5.58 21.25
C SER A 357 38.07 -4.94 22.48
N THR A 358 37.57 -3.77 22.87
CA THR A 358 38.05 -3.12 24.09
C THR A 358 37.66 -3.91 25.32
N LEU A 359 36.53 -4.60 25.26
CA LEU A 359 36.12 -5.48 26.34
C LEU A 359 37.07 -6.65 26.50
N LEU A 360 37.16 -7.48 25.48
CA LEU A 360 37.94 -8.71 25.55
C LEU A 360 39.43 -8.48 25.48
N ARG A 361 39.91 -7.26 25.35
CA ARG A 361 41.30 -7.02 25.67
C ARG A 361 41.49 -6.29 26.98
N LEU A 362 40.45 -5.71 27.55
CA LEU A 362 40.60 -5.06 28.83
C LEU A 362 40.30 -5.98 30.01
N VAL A 363 39.67 -7.12 29.79
CA VAL A 363 39.61 -8.18 30.79
C VAL A 363 40.36 -9.38 30.24
N HIS A 364 41.12 -10.04 31.10
CA HIS A 364 42.07 -11.04 30.63
C HIS A 364 41.30 -12.31 30.30
N VAL A 365 40.81 -12.37 29.07
CA VAL A 365 40.02 -13.52 28.62
C VAL A 365 40.88 -14.75 28.53
N ASP A 366 40.31 -15.91 28.86
CA ASP A 366 40.88 -17.19 28.48
C ASP A 366 40.04 -17.98 27.49
N SER A 367 38.75 -17.69 27.36
CA SER A 367 37.93 -18.31 26.34
C SER A 367 36.69 -17.48 26.12
N PHE A 368 36.13 -17.58 24.93
CA PHE A 368 34.85 -16.96 24.66
C PHE A 368 34.14 -17.83 23.63
N SER A 369 33.30 -18.74 24.10
CA SER A 369 32.48 -19.52 23.20
C SER A 369 31.22 -18.73 22.90
N CYS A 370 30.30 -19.30 22.14
CA CYS A 370 28.96 -18.77 22.03
C CYS A 370 28.02 -19.94 21.83
N ASN A 371 26.73 -19.63 21.77
CA ASN A 371 25.71 -20.64 21.53
C ASN A 371 24.48 -19.90 21.04
N ASN A 372 23.77 -20.52 20.10
CA ASN A 372 22.67 -19.91 19.35
C ASN A 372 23.07 -18.60 18.69
N LEU A 373 24.34 -18.45 18.35
CA LEU A 373 24.86 -17.19 17.87
C LEU A 373 26.09 -17.46 17.03
N ASP A 374 26.46 -16.47 16.25
CA ASP A 374 27.75 -16.48 15.59
C ASP A 374 28.52 -15.28 16.09
N LYS A 375 29.80 -15.50 16.38
CA LYS A 375 30.64 -14.55 17.10
C LYS A 375 30.77 -13.21 16.37
N SER A 376 30.62 -13.19 15.05
CA SER A 376 30.59 -11.92 14.35
C SER A 376 29.19 -11.35 14.23
N LYS A 377 28.15 -12.03 14.70
CA LYS A 377 26.84 -11.39 14.67
C LYS A 377 26.62 -10.44 15.82
N ILE A 378 27.51 -10.45 16.81
CA ILE A 378 27.49 -9.42 17.84
C ILE A 378 27.84 -8.07 17.22
N PHE A 379 28.91 -8.02 16.43
CA PHE A 379 29.55 -6.78 16.01
C PHE A 379 28.64 -5.89 15.19
N GLY A 380 27.65 -6.44 14.53
CA GLY A 380 26.76 -5.56 13.82
C GLY A 380 25.59 -5.10 14.65
N SER A 381 24.85 -6.05 15.21
CA SER A 381 23.44 -5.87 15.48
C SER A 381 23.18 -4.96 16.67
N CYS A 382 21.90 -4.75 16.94
CA CYS A 382 21.43 -3.91 18.04
C CYS A 382 20.43 -4.72 18.84
N PHE A 383 20.83 -5.12 20.04
CA PHE A 383 20.01 -5.96 20.90
C PHE A 383 19.06 -5.14 21.73
N ASN A 384 18.49 -5.73 22.76
CA ASN A 384 17.53 -4.98 23.54
C ASN A 384 17.97 -4.82 24.99
N SER A 385 18.74 -5.77 25.50
CA SER A 385 19.44 -5.67 26.77
C SER A 385 20.46 -6.78 26.83
N ILE A 386 21.36 -6.69 27.79
CA ILE A 386 22.41 -7.67 28.03
C ILE A 386 22.41 -7.89 29.53
N THR A 387 22.59 -9.12 29.97
CA THR A 387 22.42 -9.44 31.38
C THR A 387 23.59 -10.27 31.86
N VAL A 388 24.64 -9.62 32.32
CA VAL A 388 25.88 -10.32 32.66
C VAL A 388 25.78 -10.86 34.07
N ASP A 389 25.99 -12.17 34.24
CA ASP A 389 25.97 -12.81 35.57
C ASP A 389 27.32 -13.45 35.85
N LYS A 390 28.00 -12.96 36.86
CA LYS A 390 29.34 -13.44 37.12
C LYS A 390 29.42 -14.08 38.50
N PHE A 391 30.37 -14.99 38.65
CA PHE A 391 30.75 -15.56 39.94
C PHE A 391 32.11 -16.22 39.81
N ALA A 392 32.72 -16.52 40.94
CA ALA A 392 34.01 -17.18 40.91
C ALA A 392 33.84 -18.67 40.70
N ILE A 393 34.94 -19.40 40.52
CA ILE A 393 34.91 -20.80 40.16
C ILE A 393 35.67 -21.59 41.22
N PRO A 394 35.08 -22.62 41.82
CA PRO A 394 35.84 -23.56 42.62
C PRO A 394 36.52 -24.56 41.72
N ASN A 395 37.78 -24.86 42.06
CA ASN A 395 38.72 -25.36 41.08
C ASN A 395 38.38 -26.76 40.60
N ARG A 396 38.09 -27.66 41.54
CA ARG A 396 37.89 -29.05 41.16
C ARG A 396 36.51 -29.33 40.60
N ARG A 397 35.60 -28.37 40.66
CA ARG A 397 34.29 -28.50 40.05
C ARG A 397 34.14 -27.59 38.85
N ARG A 398 35.25 -27.22 38.21
CA ARG A 398 35.21 -26.36 37.04
C ARG A 398 34.53 -27.03 35.87
N ASP A 399 34.63 -28.35 35.77
CA ASP A 399 34.03 -29.08 34.65
C ASP A 399 32.53 -29.30 34.81
N ASP A 400 31.92 -28.74 35.85
CA ASP A 400 30.47 -28.76 35.93
C ASP A 400 29.85 -27.90 34.85
N LEU A 401 30.57 -26.90 34.36
CA LEU A 401 30.03 -25.80 33.59
C LEU A 401 29.99 -26.07 32.09
N GLN A 402 30.03 -27.32 31.66
CA GLN A 402 29.88 -27.61 30.24
C GLN A 402 28.44 -27.36 29.84
N LEU A 403 28.25 -26.85 28.63
CA LEU A 403 26.99 -26.22 28.25
C LEU A 403 25.92 -27.28 28.08
N GLY A 404 25.08 -27.44 29.11
CA GLY A 404 24.01 -28.41 29.09
C GLY A 404 24.35 -29.71 29.78
N SER A 405 24.82 -29.63 31.01
CA SER A 405 25.38 -30.78 31.70
C SER A 405 24.66 -31.05 33.02
N SER A 406 25.06 -32.14 33.64
CA SER A 406 24.65 -32.49 35.00
C SER A 406 25.69 -31.93 35.96
N GLY A 407 25.67 -32.38 37.20
CA GLY A 407 26.68 -32.00 38.14
C GLY A 407 26.12 -31.22 39.30
N PHE A 408 27.01 -30.51 39.98
CA PHE A 408 26.59 -29.73 41.13
C PHE A 408 26.21 -28.32 40.72
N LEU A 409 27.12 -27.62 40.04
CA LEU A 409 26.97 -26.19 39.84
C LEU A 409 25.86 -25.87 38.87
N GLN A 410 25.66 -26.70 37.87
CA GLN A 410 24.58 -26.39 36.95
C GLN A 410 23.24 -26.84 37.44
N SER A 411 23.18 -27.56 38.56
CA SER A 411 21.93 -28.13 39.02
C SER A 411 21.43 -27.50 40.30
N SER A 412 22.33 -27.06 41.16
CA SER A 412 21.93 -26.51 42.44
C SER A 412 22.62 -25.19 42.73
N ASN A 413 23.26 -24.58 41.74
CA ASN A 413 23.75 -23.22 41.90
C ASN A 413 23.25 -22.27 40.82
N TYR A 414 23.52 -22.57 39.56
CA TYR A 414 23.23 -21.65 38.47
C TYR A 414 23.05 -22.46 37.21
N LYS A 415 21.82 -22.58 36.74
CA LYS A 415 21.54 -23.44 35.58
C LYS A 415 21.69 -22.64 34.31
N ILE A 416 22.74 -22.94 33.55
CA ILE A 416 23.04 -22.22 32.32
C ILE A 416 22.00 -22.58 31.28
N ASP A 417 21.18 -21.61 30.88
CA ASP A 417 20.10 -21.88 29.95
C ASP A 417 20.65 -22.17 28.56
N ILE A 418 20.09 -23.18 27.91
CA ILE A 418 20.63 -23.67 26.65
C ILE A 418 19.65 -23.37 25.52
N SER A 419 18.91 -22.27 25.65
CA SER A 419 17.96 -21.88 24.62
C SER A 419 18.21 -20.50 24.04
N SER A 420 18.59 -19.50 24.85
CA SER A 420 18.74 -18.15 24.35
C SER A 420 20.08 -18.00 23.62
N SER A 421 20.39 -16.77 23.22
CA SER A 421 21.60 -16.51 22.45
C SER A 421 22.72 -16.06 23.40
N SER A 422 22.97 -16.89 24.39
CA SER A 422 23.96 -16.59 25.40
C SER A 422 25.36 -16.78 24.84
N CYS A 423 26.33 -16.19 25.52
CA CYS A 423 27.74 -16.37 25.16
C CYS A 423 28.56 -16.35 26.43
N GLN A 424 29.33 -17.40 26.67
CA GLN A 424 29.96 -17.67 27.96
C GLN A 424 31.40 -17.19 27.96
N LEU A 425 31.82 -16.59 29.05
CA LEU A 425 33.16 -16.05 29.13
C LEU A 425 33.86 -16.64 30.34
N TYR A 426 35.13 -16.97 30.19
CA TYR A 426 35.96 -17.54 31.26
C TYR A 426 37.18 -16.66 31.41
N TYR A 427 37.23 -15.82 32.41
CA TYR A 427 38.33 -14.88 32.44
C TYR A 427 39.13 -14.99 33.72
N SER A 428 40.00 -14.04 34.00
CA SER A 428 40.87 -14.16 35.14
C SER A 428 40.90 -12.82 35.86
N LEU A 429 41.59 -12.78 36.99
CA LEU A 429 41.67 -11.58 37.81
C LEU A 429 42.89 -11.62 38.71
N PRO A 430 43.70 -10.56 38.77
CA PRO A 430 44.85 -10.58 39.65
C PRO A 430 44.43 -10.46 41.09
N LEU A 431 45.07 -11.27 41.93
CA LEU A 431 44.68 -11.44 43.32
C LEU A 431 45.37 -10.50 44.26
N VAL A 432 45.71 -9.30 43.79
CA VAL A 432 46.19 -8.28 44.69
C VAL A 432 45.07 -7.84 45.63
N ASN A 433 44.00 -7.29 45.08
CA ASN A 433 42.83 -6.87 45.85
C ASN A 433 41.64 -7.66 45.30
N VAL A 434 41.39 -8.83 45.87
CA VAL A 434 40.22 -9.63 45.52
C VAL A 434 39.65 -10.15 46.82
N THR A 435 38.42 -9.77 47.13
CA THR A 435 37.78 -10.23 48.35
C THR A 435 36.50 -10.93 47.94
N ILE A 436 36.54 -12.26 47.95
CA ILE A 436 35.37 -13.05 47.62
C ILE A 436 34.32 -12.84 48.69
N ASN A 437 33.19 -12.30 48.31
CA ASN A 437 32.07 -12.22 49.22
C ASN A 437 31.47 -13.61 49.29
N ASN A 438 31.15 -14.05 50.50
CA ASN A 438 30.57 -15.38 50.71
C ASN A 438 29.41 -15.23 51.67
N PHE A 439 28.24 -15.03 51.10
CA PHE A 439 27.04 -14.65 51.82
C PHE A 439 25.96 -15.68 51.50
N ASN A 440 25.07 -15.91 52.44
CA ASN A 440 24.11 -16.94 52.10
C ASN A 440 22.83 -16.30 51.58
N PRO A 441 22.26 -16.79 50.47
CA PRO A 441 21.15 -16.07 49.83
C PRO A 441 19.77 -16.44 50.35
N SER A 442 19.64 -17.40 51.23
CA SER A 442 18.33 -17.88 51.65
C SER A 442 17.81 -17.07 52.82
N SER A 443 16.49 -16.93 52.87
CA SER A 443 15.87 -16.23 53.98
C SER A 443 15.79 -17.11 55.21
N TRP A 444 15.31 -18.34 55.06
CA TRP A 444 15.02 -19.18 56.20
C TRP A 444 16.24 -19.88 56.77
N ASN A 445 17.44 -19.56 56.34
CA ASN A 445 18.60 -19.96 57.12
C ASN A 445 19.16 -18.82 57.94
N ARG A 446 19.11 -17.61 57.42
CA ARG A 446 19.45 -16.47 58.24
C ARG A 446 18.36 -16.14 59.24
N ARG A 447 17.15 -16.66 59.03
CA ARG A 447 16.13 -16.51 60.05
C ARG A 447 16.40 -17.40 61.24
N TYR A 448 17.01 -18.56 61.02
CA TYR A 448 17.35 -19.48 62.09
C TYR A 448 18.83 -19.46 62.41
N GLY A 449 19.45 -18.29 62.34
CA GLY A 449 20.79 -18.14 62.82
C GLY A 449 21.86 -18.75 61.93
N PHE A 450 21.91 -18.34 60.68
CA PHE A 450 23.10 -18.57 59.88
C PHE A 450 23.93 -17.30 59.88
N GLY A 451 25.13 -17.39 60.43
CA GLY A 451 25.95 -16.20 60.51
C GLY A 451 26.87 -16.10 59.32
N SER A 452 27.69 -17.11 59.10
CA SER A 452 28.67 -17.12 58.02
C SER A 452 29.23 -18.53 57.88
N PHE A 453 30.10 -18.69 56.90
CA PHE A 453 30.96 -19.84 56.76
C PHE A 453 32.32 -19.48 57.33
N ASN A 454 33.06 -20.48 57.80
CA ASN A 454 34.50 -20.33 57.97
C ASN A 454 35.14 -21.05 56.80
N VAL A 455 35.60 -20.27 55.82
CA VAL A 455 36.53 -20.74 54.82
C VAL A 455 37.74 -19.83 54.89
N SER A 456 38.71 -20.04 54.01
CA SER A 456 39.92 -19.23 54.01
C SER A 456 39.69 -17.88 53.36
N SER A 457 40.76 -17.21 52.98
CA SER A 457 40.60 -15.92 52.30
C SER A 457 40.11 -16.08 50.87
N TYR A 458 40.43 -17.18 50.21
CA TYR A 458 40.14 -17.33 48.78
C TYR A 458 39.50 -18.68 48.47
N ASP A 459 38.47 -19.05 49.21
CA ASP A 459 37.73 -20.27 48.94
C ASP A 459 36.27 -19.94 48.68
N VAL A 460 35.70 -20.57 47.65
CA VAL A 460 34.35 -20.25 47.19
C VAL A 460 33.42 -21.38 47.56
N VAL A 461 32.34 -21.05 48.24
CA VAL A 461 31.46 -22.05 48.81
C VAL A 461 30.35 -22.40 47.84
N TYR A 462 30.46 -23.54 47.20
CA TYR A 462 29.42 -23.97 46.28
C TYR A 462 28.44 -24.85 47.01
N SER A 463 27.52 -25.47 46.27
CA SER A 463 26.47 -26.23 46.90
C SER A 463 26.37 -27.64 46.34
N ASP A 464 25.75 -28.54 47.10
CA ASP A 464 25.54 -29.92 46.71
C ASP A 464 24.07 -30.26 46.54
N HIS A 465 23.26 -29.98 47.55
CA HIS A 465 21.82 -30.19 47.50
C HIS A 465 21.17 -28.91 47.96
N CYS A 466 19.96 -28.64 47.48
CA CYS A 466 19.28 -27.39 47.79
C CYS A 466 17.83 -27.69 48.12
N PHE A 467 17.51 -27.66 49.41
CA PHE A 467 16.22 -28.10 49.90
C PHE A 467 15.32 -26.90 50.10
N SER A 468 14.03 -27.08 49.82
CA SER A 468 13.05 -26.00 49.90
C SER A 468 12.01 -26.30 50.97
N VAL A 469 11.72 -25.32 51.82
CA VAL A 469 10.72 -25.45 52.85
C VAL A 469 9.59 -24.47 52.58
N ASN A 470 8.53 -24.58 53.37
CA ASN A 470 7.38 -23.71 53.28
C ASN A 470 7.63 -22.47 54.14
N SER A 471 6.58 -21.68 54.39
CA SER A 471 6.75 -20.46 55.16
C SER A 471 6.58 -20.69 56.65
N ASP A 472 5.93 -21.77 57.04
CA ASP A 472 5.60 -22.05 58.43
C ASP A 472 6.58 -23.05 59.05
N PHE A 473 7.76 -23.17 58.46
CA PHE A 473 8.71 -24.18 58.88
C PHE A 473 9.31 -23.83 60.22
N CYS A 474 9.56 -24.86 61.03
CA CYS A 474 10.24 -24.66 62.30
C CYS A 474 11.04 -25.88 62.68
N PRO A 475 12.37 -25.83 62.60
CA PRO A 475 13.19 -27.03 62.76
C PRO A 475 13.46 -27.45 64.19
N CYS A 476 12.75 -26.90 65.16
CA CYS A 476 12.87 -27.36 66.54
C CYS A 476 11.68 -28.23 66.91
N ALA A 477 11.91 -29.12 67.87
CA ALA A 477 10.85 -30.01 68.33
C ALA A 477 9.87 -29.25 69.22
N ASP A 478 8.84 -29.95 69.69
CA ASP A 478 7.79 -29.36 70.50
C ASP A 478 8.10 -29.56 71.97
N PRO A 479 8.38 -28.52 72.73
CA PRO A 479 8.85 -28.71 74.11
C PRO A 479 7.77 -29.06 75.11
N SER A 480 6.53 -28.67 74.84
CA SER A 480 5.44 -29.02 75.75
C SER A 480 4.95 -30.45 75.55
N VAL A 481 5.53 -31.19 74.61
CA VAL A 481 5.19 -32.58 74.34
C VAL A 481 6.36 -33.44 74.79
N VAL A 482 7.57 -32.92 74.61
CA VAL A 482 8.79 -33.73 74.67
C VAL A 482 9.21 -34.14 76.07
N ASN A 483 8.60 -33.56 77.12
CA ASN A 483 9.07 -33.82 78.47
C ASN A 483 8.77 -35.23 78.92
N SER A 484 7.63 -35.77 78.50
CA SER A 484 7.24 -37.12 78.86
C SER A 484 7.96 -38.19 78.03
N CYS A 485 8.66 -37.81 76.97
CA CYS A 485 9.54 -38.75 76.28
C CYS A 485 10.69 -39.16 77.18
N VAL A 486 11.20 -40.36 76.96
CA VAL A 486 12.41 -40.81 77.66
C VAL A 486 13.45 -41.23 76.63
N LYS A 487 13.07 -42.16 75.76
CA LYS A 487 13.97 -42.65 74.73
C LYS A 487 13.96 -41.82 73.45
N SER A 488 15.15 -41.52 72.95
CA SER A 488 15.35 -40.74 71.73
C SER A 488 14.81 -39.32 71.86
N LYS A 489 14.84 -38.76 73.05
CA LYS A 489 14.26 -37.44 73.31
C LYS A 489 15.12 -36.35 72.69
N PRO A 490 14.57 -35.50 71.83
CA PRO A 490 15.37 -34.49 71.17
C PRO A 490 15.39 -33.16 71.92
N LEU A 491 16.29 -32.29 71.47
CA LEU A 491 16.28 -30.90 71.91
C LEU A 491 15.09 -30.18 71.30
N SER A 492 14.73 -29.04 71.89
CA SER A 492 13.62 -28.26 71.38
C SER A 492 13.75 -26.82 71.85
N ALA A 493 12.86 -25.98 71.34
CA ALA A 493 12.67 -24.61 71.80
C ALA A 493 11.28 -24.18 71.35
N ILE A 494 10.94 -22.91 71.57
CA ILE A 494 9.65 -22.37 71.15
C ILE A 494 9.80 -21.74 69.79
N CYS A 495 8.89 -22.08 68.87
CA CYS A 495 8.95 -21.52 67.53
C CYS A 495 8.48 -20.07 67.55
N PRO A 496 8.92 -19.28 66.57
CA PRO A 496 8.29 -17.98 66.34
C PRO A 496 6.86 -18.12 65.88
N ALA A 497 6.17 -16.98 65.84
CA ALA A 497 4.72 -16.97 65.70
C ALA A 497 4.27 -17.47 64.33
N GLY A 498 3.35 -18.43 64.34
CA GLY A 498 2.81 -19.00 63.13
C GLY A 498 3.57 -20.18 62.57
N THR A 499 4.86 -20.31 62.90
CA THR A 499 5.67 -21.42 62.42
C THR A 499 5.25 -22.67 63.17
N LYS A 500 4.60 -23.59 62.46
CA LYS A 500 4.07 -24.80 63.08
C LYS A 500 5.20 -25.71 63.51
N TYR A 501 4.93 -26.50 64.55
CA TYR A 501 5.98 -27.25 65.20
C TYR A 501 6.43 -28.43 64.35
N ARG A 502 7.52 -29.03 64.78
CA ARG A 502 7.96 -30.29 64.20
C ARG A 502 7.13 -31.41 64.77
N HIS A 503 6.78 -32.37 63.93
CA HIS A 503 5.88 -33.46 64.30
C HIS A 503 6.68 -34.55 65.02
N CYS A 504 6.45 -34.69 66.32
CA CYS A 504 7.18 -35.64 67.15
C CYS A 504 6.19 -36.53 67.90
N ASP A 505 6.37 -37.84 67.80
CA ASP A 505 5.50 -38.78 68.47
C ASP A 505 6.19 -39.41 69.67
N LEU A 506 5.37 -39.83 70.64
CA LEU A 506 5.81 -40.63 71.78
C LEU A 506 5.29 -42.05 71.69
N ASP A 507 5.36 -42.66 70.50
CA ASP A 507 4.67 -43.92 70.24
C ASP A 507 5.30 -45.08 71.01
N THR A 508 4.66 -46.24 70.92
CA THR A 508 4.88 -47.28 71.92
C THR A 508 5.77 -48.39 71.39
N THR A 509 6.79 -48.74 72.16
CA THR A 509 7.60 -49.90 71.86
C THR A 509 6.90 -51.17 72.32
N LEU A 510 7.70 -52.24 72.38
CA LEU A 510 7.21 -53.51 72.91
C LEU A 510 6.95 -53.40 74.40
N TYR A 511 7.77 -52.62 75.11
CA TYR A 511 7.55 -52.40 76.52
C TYR A 511 7.48 -50.92 76.86
N VAL A 512 8.42 -50.12 76.34
CA VAL A 512 8.44 -48.71 76.67
C VAL A 512 7.33 -47.99 75.93
N ASN A 513 6.65 -47.07 76.62
CA ASN A 513 5.46 -46.45 76.11
C ASN A 513 5.67 -45.03 75.60
N ASN A 514 6.58 -44.28 76.18
CA ASN A 514 6.82 -42.91 75.75
C ASN A 514 8.28 -42.81 75.31
N TRP A 515 8.50 -43.19 74.05
CA TRP A 515 9.81 -43.09 73.42
C TRP A 515 9.65 -42.23 72.18
N CYS A 516 10.57 -41.30 71.99
CA CYS A 516 10.33 -40.24 71.02
C CYS A 516 10.62 -40.73 69.61
N ARG A 517 9.73 -40.39 68.68
CA ARG A 517 10.05 -40.54 67.27
C ARG A 517 9.37 -39.44 66.48
N CYS A 518 10.20 -38.58 65.88
CA CYS A 518 9.84 -37.44 65.05
C CYS A 518 10.07 -37.80 63.58
N SER A 519 10.03 -36.80 62.72
CA SER A 519 10.38 -36.94 61.32
C SER A 519 11.79 -36.42 61.05
N CYS A 520 12.21 -36.58 59.79
CA CYS A 520 13.52 -36.17 59.26
C CYS A 520 14.67 -36.87 59.98
N LEU A 521 14.73 -38.17 59.80
CA LEU A 521 15.85 -38.90 60.35
C LEU A 521 16.56 -39.68 59.25
N PRO A 522 17.90 -39.78 59.30
CA PRO A 522 18.82 -39.16 60.25
C PRO A 522 19.19 -37.73 59.87
N ASP A 523 19.32 -37.49 58.57
CA ASP A 523 19.53 -36.18 57.99
C ASP A 523 18.78 -36.15 56.68
N PRO A 524 18.25 -34.98 56.27
CA PRO A 524 17.38 -34.95 55.10
C PRO A 524 18.07 -35.21 53.79
N ILE A 525 19.41 -35.23 53.78
CA ILE A 525 20.16 -35.72 52.63
C ILE A 525 19.82 -37.19 52.37
N SER A 526 19.78 -37.98 53.43
CA SER A 526 19.57 -39.43 53.36
C SER A 526 18.47 -39.86 54.31
N THR A 527 17.32 -39.23 54.20
CA THR A 527 16.20 -39.64 55.03
C THR A 527 15.65 -40.98 54.58
N TYR A 528 15.06 -41.68 55.52
CA TYR A 528 14.47 -42.98 55.22
C TYR A 528 13.09 -42.84 54.63
N SER A 529 12.33 -41.85 55.11
CA SER A 529 11.00 -41.56 54.60
C SER A 529 11.04 -40.19 53.92
N PRO A 530 11.27 -40.13 52.62
CA PRO A 530 11.38 -38.83 51.96
C PRO A 530 10.06 -38.14 51.76
N ASN A 531 8.95 -38.85 51.89
CA ASN A 531 7.64 -38.26 51.67
C ASN A 531 7.07 -37.59 52.90
N THR A 532 7.88 -37.34 53.92
CA THR A 532 7.34 -36.77 55.15
C THR A 532 8.18 -35.65 55.75
N CYS A 533 9.46 -35.55 55.47
CA CYS A 533 10.23 -34.43 55.98
C CYS A 533 9.83 -33.16 55.22
N PRO A 534 9.68 -32.03 55.90
CA PRO A 534 9.28 -30.81 55.18
C PRO A 534 10.34 -30.28 54.24
N GLN A 535 11.62 -30.52 54.51
CA GLN A 535 12.67 -30.05 53.63
C GLN A 535 12.65 -30.89 52.36
N LYS A 536 12.00 -30.40 51.33
CA LYS A 536 11.91 -31.12 50.07
C LYS A 536 13.10 -30.77 49.19
N LYS A 537 13.73 -31.78 48.61
CA LYS A 537 14.88 -31.56 47.74
C LYS A 537 14.42 -31.12 46.36
N VAL A 538 14.86 -29.95 45.92
CA VAL A 538 14.51 -29.44 44.61
C VAL A 538 15.77 -29.06 43.85
N VAL A 539 15.66 -29.13 42.53
CA VAL A 539 16.71 -28.77 41.60
C VAL A 539 16.49 -27.32 41.21
N VAL A 540 17.57 -26.55 41.13
CA VAL A 540 17.44 -25.12 40.90
C VAL A 540 17.16 -24.86 39.43
N GLY A 541 16.50 -23.73 39.17
CA GLY A 541 15.99 -23.44 37.84
C GLY A 541 16.83 -22.39 37.12
N ILE A 542 16.30 -21.95 35.99
CA ILE A 542 17.00 -20.94 35.19
C ILE A 542 16.84 -19.60 35.89
N GLY A 543 17.93 -19.06 36.40
CA GLY A 543 17.87 -17.75 37.03
C GLY A 543 17.23 -17.77 38.40
N GLU A 544 17.61 -18.72 39.23
CA GLU A 544 17.17 -18.76 40.61
C GLU A 544 18.39 -18.97 41.49
N HIS A 545 18.23 -18.73 42.78
CA HIS A 545 19.27 -19.04 43.73
C HIS A 545 18.98 -20.37 44.40
N CYS A 546 19.99 -20.95 45.02
CA CYS A 546 19.81 -22.15 45.83
C CYS A 546 18.97 -21.81 47.05
N PRO A 547 17.77 -22.35 47.20
CA PRO A 547 16.80 -21.79 48.15
C PRO A 547 17.08 -22.10 49.61
N GLY A 548 18.19 -22.73 49.95
CA GLY A 548 18.52 -22.95 51.34
C GLY A 548 19.37 -24.18 51.55
N LEU A 549 20.37 -24.07 52.40
CA LEU A 549 21.11 -25.25 52.80
C LEU A 549 20.22 -26.14 53.66
N GLY A 550 20.51 -27.44 53.68
CA GLY A 550 19.76 -28.33 54.51
C GLY A 550 20.13 -28.19 55.98
N ILE A 551 19.12 -28.30 56.83
CA ILE A 551 19.32 -28.30 58.28
C ILE A 551 19.19 -29.73 58.79
N ASN A 552 20.21 -30.20 59.49
CA ASN A 552 20.06 -31.40 60.29
C ASN A 552 19.10 -31.10 61.43
N GLU A 553 18.02 -31.84 61.52
CA GLU A 553 16.96 -31.45 62.44
C GLU A 553 17.27 -31.76 63.89
N GLU A 554 18.44 -32.26 64.23
CA GLU A 554 18.69 -32.69 65.60
C GLU A 554 19.91 -32.01 66.20
N LYS A 555 20.19 -30.79 65.77
CA LYS A 555 21.13 -29.93 66.48
C LYS A 555 20.53 -28.55 66.66
N CYS A 556 19.22 -28.43 66.57
CA CYS A 556 18.52 -27.15 66.65
C CYS A 556 17.76 -27.06 67.97
N GLY A 557 18.45 -26.64 69.02
CA GLY A 557 17.76 -26.46 70.28
C GLY A 557 18.57 -26.74 71.52
N THR A 558 17.95 -26.59 72.68
CA THR A 558 18.59 -26.82 73.98
C THR A 558 17.57 -27.52 74.86
N GLN A 559 17.82 -27.54 76.17
CA GLN A 559 16.98 -28.23 77.13
C GLN A 559 16.27 -27.29 78.10
N LEU A 560 17.01 -26.40 78.74
CA LEU A 560 16.43 -25.63 79.84
C LEU A 560 15.67 -24.40 79.36
N ASN A 561 16.36 -23.47 78.71
CA ASN A 561 15.73 -22.23 78.27
C ASN A 561 15.22 -22.44 76.85
N HIS A 562 13.97 -22.85 76.72
CA HIS A 562 13.31 -22.98 75.43
C HIS A 562 12.99 -21.56 74.95
N SER A 563 13.96 -20.93 74.30
CA SER A 563 13.78 -19.58 73.78
C SER A 563 13.10 -19.64 72.44
N SER A 564 13.15 -18.54 71.69
CA SER A 564 12.83 -18.59 70.27
C SER A 564 13.74 -19.60 69.57
N CYS A 565 13.13 -20.39 68.69
CA CYS A 565 13.78 -21.56 68.09
C CYS A 565 14.93 -21.12 67.19
N SER A 566 16.15 -21.40 67.61
CA SER A 566 17.33 -21.12 66.81
C SER A 566 18.01 -22.44 66.46
N CYS A 567 19.19 -22.36 65.87
CA CYS A 567 19.95 -23.54 65.51
C CYS A 567 21.43 -23.32 65.81
N SER A 568 22.26 -24.18 65.27
CA SER A 568 23.65 -24.28 65.69
C SER A 568 24.54 -24.51 64.48
N PRO A 569 25.76 -23.95 64.48
CA PRO A 569 26.49 -23.74 63.21
C PRO A 569 26.95 -25.01 62.54
N ASP A 570 27.02 -26.11 63.27
CA ASP A 570 27.39 -27.39 62.70
C ASP A 570 26.25 -28.03 61.94
N ALA A 571 25.03 -27.54 62.09
CA ALA A 571 23.86 -28.27 61.62
C ALA A 571 23.51 -27.98 60.17
N PHE A 572 24.07 -26.94 59.56
CA PHE A 572 23.78 -26.63 58.16
C PHE A 572 24.73 -27.44 57.29
N LEU A 573 24.18 -28.34 56.51
CA LEU A 573 24.98 -29.29 55.77
C LEU A 573 24.56 -29.31 54.30
N GLY A 574 25.54 -29.53 53.44
CA GLY A 574 25.28 -29.63 52.03
C GLY A 574 26.15 -28.71 51.20
N TRP A 575 27.19 -28.16 51.79
CA TRP A 575 28.07 -27.25 51.07
C TRP A 575 29.51 -27.69 51.24
N SER A 576 30.30 -27.42 50.22
CA SER A 576 31.74 -27.61 50.28
C SER A 576 32.37 -26.44 49.55
N PHE A 577 33.66 -26.53 49.25
CA PHE A 577 34.31 -25.42 48.59
C PHE A 577 35.52 -25.94 47.85
N ASP A 578 36.26 -25.01 47.24
CA ASP A 578 37.67 -25.17 46.94
C ASP A 578 38.27 -23.80 46.69
N SER A 579 39.54 -23.76 46.34
CA SER A 579 40.21 -22.49 46.12
C SER A 579 40.14 -22.11 44.67
N CYS A 580 39.90 -20.83 44.42
CA CYS A 580 39.78 -20.39 43.03
C CYS A 580 41.14 -20.19 42.38
N ILE A 581 42.18 -19.99 43.19
CA ILE A 581 43.47 -19.56 42.68
C ILE A 581 44.13 -20.66 41.88
N SER A 582 44.33 -20.40 40.58
CA SER A 582 45.13 -21.23 39.71
C SER A 582 45.93 -20.31 38.81
N ASN A 583 47.22 -20.63 38.63
CA ASN A 583 48.19 -19.80 37.89
C ASN A 583 48.29 -18.40 38.47
N ASN A 584 48.23 -18.31 39.80
CA ASN A 584 48.35 -17.04 40.54
C ASN A 584 47.27 -16.03 40.17
N ARG A 585 46.08 -16.53 39.81
CA ARG A 585 45.02 -15.68 39.28
C ARG A 585 43.67 -16.33 39.54
N CYS A 586 42.80 -15.67 40.29
CA CYS A 586 41.53 -16.27 40.68
C CYS A 586 40.61 -16.29 39.47
N ASN A 587 40.41 -17.47 38.89
CA ASN A 587 39.55 -17.64 37.73
C ASN A 587 38.10 -17.30 38.07
N ILE A 588 37.33 -16.97 37.05
CA ILE A 588 35.96 -16.46 37.21
C ILE A 588 35.16 -16.84 35.98
N PHE A 589 33.95 -17.36 36.17
CA PHE A 589 33.01 -17.59 35.09
C PHE A 589 32.12 -16.37 34.98
N SER A 590 31.62 -16.11 33.78
CA SER A 590 30.67 -15.02 33.61
C SER A 590 29.82 -15.25 32.38
N ASN A 591 28.51 -15.21 32.55
CA ASN A 591 27.59 -15.45 31.45
C ASN A 591 27.18 -14.13 30.84
N PHE A 592 26.63 -14.20 29.63
CA PHE A 592 26.03 -13.08 28.93
C PHE A 592 24.72 -13.57 28.36
N ILE A 593 23.72 -12.71 28.25
CA ILE A 593 22.47 -13.10 27.61
C ILE A 593 22.05 -11.98 26.69
N PHE A 594 21.99 -12.24 25.39
CA PHE A 594 21.71 -11.21 24.41
C PHE A 594 20.25 -11.25 23.99
N ASN A 595 19.35 -10.79 24.86
CA ASN A 595 17.93 -10.94 24.57
C ASN A 595 17.39 -9.82 23.70
N GLY A 596 16.41 -10.16 22.87
CA GLY A 596 15.75 -9.18 22.02
C GLY A 596 16.63 -8.67 20.90
N ILE A 597 16.91 -9.49 19.93
CA ILE A 597 17.90 -9.17 18.92
C ILE A 597 17.25 -8.36 17.81
N ASN A 598 18.05 -7.48 17.19
CA ASN A 598 17.74 -6.75 15.96
C ASN A 598 16.59 -5.78 16.11
N SER A 599 16.30 -5.32 17.33
CA SER A 599 15.29 -4.29 17.52
C SER A 599 15.59 -3.59 18.84
N GLY A 600 16.22 -2.44 18.78
CA GLY A 600 16.46 -1.70 20.00
C GLY A 600 17.71 -0.85 19.90
N THR A 601 18.21 -0.49 21.07
CA THR A 601 19.20 0.57 21.21
C THR A 601 20.58 0.08 21.61
N THR A 602 20.70 -1.02 22.35
CA THR A 602 21.99 -1.46 22.87
C THR A 602 22.82 -2.00 21.72
N CYS A 603 23.47 -1.09 21.01
CA CYS A 603 24.09 -1.41 19.74
C CYS A 603 25.58 -1.63 19.90
N SER A 604 26.12 -2.50 19.06
CA SER A 604 27.56 -2.60 18.96
C SER A 604 28.12 -1.42 18.18
N ASN A 605 29.43 -1.26 18.11
CA ASN A 605 29.89 -0.13 17.34
C ASN A 605 31.34 -0.03 16.88
N ASP A 606 32.22 -0.86 17.42
CA ASP A 606 33.62 -0.85 17.03
C ASP A 606 33.70 -1.12 15.53
N LEU A 607 32.63 -1.67 14.98
CA LEU A 607 32.56 -1.98 13.56
C LEU A 607 32.51 -0.63 12.82
N LEU A 608 32.09 0.40 13.52
CA LEU A 608 32.03 1.73 12.97
C LEU A 608 33.42 2.29 13.18
N TYR A 609 34.27 2.23 12.16
CA TYR A 609 35.60 2.74 12.44
C TYR A 609 35.55 4.24 12.74
N SER A 610 35.94 4.57 13.96
CA SER A 610 35.98 5.94 14.48
C SER A 610 37.38 6.48 14.35
N ASN A 611 38.00 6.19 13.21
CA ASN A 611 39.43 6.36 13.02
C ASN A 611 39.80 7.83 12.95
N THR A 612 41.09 8.10 13.05
CA THR A 612 41.68 9.42 12.95
C THR A 612 42.17 9.68 11.53
N GLU A 613 41.39 9.20 10.57
CA GLU A 613 41.77 9.14 9.16
C GLU A 613 41.36 10.38 8.41
N VAL A 614 41.39 11.55 9.06
CA VAL A 614 41.26 12.79 8.33
C VAL A 614 42.56 12.96 7.56
N SER A 615 42.53 12.60 6.28
CA SER A 615 43.69 12.57 5.41
C SER A 615 43.69 13.85 4.58
N THR A 616 44.53 14.81 4.97
CA THR A 616 44.49 16.11 4.30
C THR A 616 45.28 16.06 2.98
N GLY A 617 44.67 16.62 1.95
CA GLY A 617 45.28 16.72 0.64
C GLY A 617 44.64 15.92 -0.47
N VAL A 618 43.81 14.92 -0.15
CA VAL A 618 43.22 14.07 -1.17
C VAL A 618 41.71 14.26 -1.19
N CYS A 619 41.08 13.77 -2.24
CA CYS A 619 39.65 13.90 -2.45
C CYS A 619 38.93 12.73 -1.77
N VAL A 620 38.06 13.02 -0.81
CA VAL A 620 37.34 11.98 -0.07
C VAL A 620 35.85 12.30 -0.05
N ASN A 621 35.06 11.28 0.26
CA ASN A 621 33.69 11.47 0.69
C ASN A 621 33.66 11.70 2.19
N TYR A 622 32.66 12.45 2.65
CA TYR A 622 32.53 12.67 4.07
C TYR A 622 31.06 12.59 4.46
N ASP A 623 30.84 12.04 5.65
CA ASP A 623 29.55 11.98 6.32
C ASP A 623 29.81 12.57 7.71
N LEU A 624 29.71 13.88 7.81
CA LEU A 624 30.06 14.61 9.01
C LEU A 624 28.80 15.17 9.62
N TYR A 625 28.37 14.59 10.75
CA TYR A 625 27.23 15.02 11.55
C TYR A 625 25.95 15.11 10.74
N GLY A 626 25.71 14.12 9.89
CA GLY A 626 24.54 14.08 9.06
C GLY A 626 24.65 14.86 7.77
N ILE A 627 25.77 15.51 7.50
CA ILE A 627 25.98 16.24 6.26
C ILE A 627 26.93 15.45 5.38
N THR A 628 26.60 15.30 4.10
CA THR A 628 27.34 14.44 3.20
C THR A 628 27.93 15.24 2.04
N GLY A 629 29.13 14.88 1.62
CA GLY A 629 29.71 15.53 0.46
C GLY A 629 31.02 14.91 0.04
N GLN A 630 31.73 15.61 -0.85
CA GLN A 630 33.07 15.24 -1.27
C GLN A 630 33.95 16.48 -1.22
N GLY A 631 35.25 16.27 -1.00
CA GLY A 631 36.14 17.42 -0.90
C GLY A 631 37.52 17.03 -0.43
N ILE A 632 38.32 18.06 -0.21
CA ILE A 632 39.75 17.96 0.10
C ILE A 632 40.00 18.73 1.38
N PHE A 633 40.56 18.07 2.39
CA PHE A 633 40.74 18.70 3.69
C PHE A 633 42.12 19.30 3.84
N LYS A 634 42.21 20.29 4.72
CA LYS A 634 43.47 20.93 5.04
C LYS A 634 43.42 21.44 6.47
N GLU A 635 44.34 21.02 7.31
CA GLU A 635 44.33 21.42 8.71
C GLU A 635 44.64 22.91 8.86
N VAL A 636 44.05 23.53 9.88
CA VAL A 636 44.20 24.96 10.11
C VAL A 636 44.07 25.21 11.60
N SER A 637 44.40 26.42 12.04
CA SER A 637 44.21 26.85 13.41
C SER A 637 43.00 27.76 13.48
N ALA A 638 41.92 27.27 14.09
CA ALA A 638 40.69 28.02 14.21
C ALA A 638 40.34 28.25 15.67
N ALA A 639 39.65 29.35 15.92
CA ALA A 639 39.23 29.69 17.27
C ALA A 639 37.80 30.20 17.34
N TYR A 640 36.99 29.97 16.31
CA TYR A 640 35.64 30.50 16.27
C TYR A 640 34.58 29.48 16.64
N TYR A 641 34.95 28.23 16.87
CA TYR A 641 33.99 27.24 17.33
C TYR A 641 33.70 27.42 18.81
N ASN A 642 32.44 27.35 19.16
CA ASN A 642 32.03 27.22 20.54
C ASN A 642 31.87 25.73 20.83
N ASN A 643 31.30 25.38 21.98
CA ASN A 643 31.31 24.00 22.39
C ASN A 643 30.12 23.21 21.89
N TRP A 644 29.38 23.77 20.94
CA TRP A 644 28.19 23.15 20.39
C TRP A 644 28.25 23.15 18.88
N GLN A 645 29.27 23.78 18.29
CA GLN A 645 29.40 23.99 16.87
C GLN A 645 30.50 23.11 16.31
N ASN A 646 30.22 22.51 15.16
CA ASN A 646 31.19 21.67 14.52
C ASN A 646 31.38 21.94 13.04
N LEU A 647 30.66 22.89 12.45
CA LEU A 647 30.71 23.13 11.03
C LEU A 647 30.84 24.62 10.76
N LEU A 648 31.47 24.97 9.65
CA LEU A 648 31.61 26.34 9.22
C LEU A 648 30.94 26.52 7.87
N TYR A 649 30.18 27.60 7.73
CA TYR A 649 29.35 27.85 6.56
C TYR A 649 29.57 29.26 6.06
N ASP A 650 29.15 29.50 4.82
CA ASP A 650 28.98 30.85 4.30
C ASP A 650 27.51 31.14 4.13
N SER A 651 27.18 32.36 3.71
CA SER A 651 25.78 32.76 3.62
C SER A 651 25.07 32.09 2.45
N ASN A 652 25.81 31.57 1.49
CA ASN A 652 25.19 30.91 0.35
C ASN A 652 24.74 29.50 0.69
N GLY A 653 25.49 28.78 1.49
CA GLY A 653 25.08 27.45 1.90
C GLY A 653 26.13 26.40 1.69
N ASN A 654 27.35 26.83 1.40
CA ASN A 654 28.48 25.92 1.25
C ASN A 654 29.09 25.64 2.62
N ILE A 655 29.49 24.40 2.84
CA ILE A 655 30.18 24.01 4.05
C ILE A 655 31.68 24.02 3.77
N ILE A 656 32.41 24.84 4.51
CA ILE A 656 33.79 25.16 4.17
C ILE A 656 34.78 24.78 5.24
N GLY A 657 34.34 24.27 6.38
CA GLY A 657 35.26 23.82 7.40
C GLY A 657 34.53 23.00 8.43
N PHE A 658 35.30 22.32 9.28
CA PHE A 658 34.70 21.52 10.35
C PHE A 658 35.71 21.26 11.45
N LYS A 659 35.19 21.00 12.64
CA LYS A 659 35.98 20.66 13.82
C LYS A 659 35.70 19.22 14.19
N ASP A 660 36.75 18.48 14.48
CA ASP A 660 36.59 17.09 14.87
C ASP A 660 36.54 17.00 16.39
N PHE A 661 35.41 16.57 16.94
CA PHE A 661 35.28 16.46 18.38
C PHE A 661 35.97 15.21 18.94
N LEU A 662 36.57 14.39 18.08
CA LEU A 662 37.43 13.28 18.50
C LEU A 662 38.85 13.71 18.80
N THR A 663 39.33 14.79 18.18
CA THR A 663 40.72 15.22 18.34
C THR A 663 40.88 16.73 18.54
N ASN A 664 39.79 17.50 18.47
CA ASN A 664 39.77 18.97 18.63
C ASN A 664 40.60 19.67 17.55
N LYS A 665 40.63 19.09 16.36
CA LYS A 665 41.40 19.64 15.25
C LYS A 665 40.48 20.21 14.18
N THR A 666 40.80 21.40 13.72
CA THR A 666 39.96 22.13 12.76
C THR A 666 40.55 22.04 11.36
N TYR A 667 39.68 21.77 10.39
CA TYR A 667 40.08 21.61 9.01
C TYR A 667 39.21 22.48 8.13
N THR A 668 39.75 22.85 6.97
CA THR A 668 38.99 23.52 5.93
C THR A 668 38.80 22.56 4.77
N ILE A 669 37.73 22.79 3.99
CA ILE A 669 37.28 21.87 2.97
C ILE A 669 37.25 22.63 1.64
N LEU A 670 37.91 22.08 0.63
CA LEU A 670 37.93 22.62 -0.71
C LEU A 670 37.26 21.66 -1.68
N PRO A 671 36.67 22.16 -2.78
CA PRO A 671 36.05 21.24 -3.74
C PRO A 671 37.10 20.47 -4.52
N CYS A 672 36.75 19.27 -4.96
CA CYS A 672 37.64 18.51 -5.82
C CYS A 672 37.54 19.03 -7.24
N TYR A 673 38.59 18.77 -8.02
CA TYR A 673 38.64 19.30 -9.38
C TYR A 673 37.68 18.57 -10.29
N SER A 674 37.08 19.33 -11.20
CA SER A 674 36.26 18.78 -12.26
C SER A 674 36.38 19.71 -13.46
N GLY A 675 36.56 19.15 -14.65
CA GLY A 675 36.74 19.99 -15.82
C GLY A 675 36.63 19.24 -17.12
N ARG A 676 36.88 19.96 -18.21
CA ARG A 676 36.81 19.39 -19.55
C ARG A 676 38.15 19.63 -20.22
N VAL A 677 38.32 19.02 -21.38
CA VAL A 677 39.50 19.30 -22.19
C VAL A 677 39.01 19.92 -23.50
N SER A 678 39.79 20.85 -24.03
CA SER A 678 39.49 21.45 -25.33
C SER A 678 40.37 20.81 -26.38
N ALA A 679 39.76 20.07 -27.28
CA ALA A 679 40.47 19.31 -28.29
C ALA A 679 40.35 20.04 -29.62
N ALA A 680 41.47 20.58 -30.09
CA ALA A 680 41.56 21.12 -31.43
C ALA A 680 41.89 19.97 -32.37
N PHE A 681 40.97 19.65 -33.26
CA PHE A 681 41.12 18.51 -34.13
C PHE A 681 41.04 18.97 -35.58
N TYR A 682 42.13 18.75 -36.31
CA TYR A 682 42.20 19.00 -37.74
C TYR A 682 41.97 17.68 -38.46
N GLN A 683 41.20 17.75 -39.55
CA GLN A 683 40.71 16.58 -40.26
C GLN A 683 41.82 15.66 -40.76
N ASN A 684 41.49 14.37 -40.87
CA ASN A 684 42.34 13.28 -41.35
C ASN A 684 43.61 13.09 -40.54
N SER A 685 43.63 13.49 -39.28
CA SER A 685 44.79 13.20 -38.43
C SER A 685 44.42 12.12 -37.42
N SER A 686 45.46 11.59 -36.77
CA SER A 686 45.29 10.44 -35.90
C SER A 686 44.96 10.79 -34.47
N SER A 687 45.12 12.05 -34.07
CA SER A 687 44.88 12.48 -32.70
C SER A 687 44.72 13.99 -32.71
N PRO A 688 43.98 14.56 -31.77
CA PRO A 688 43.89 16.02 -31.69
C PRO A 688 45.04 16.61 -30.89
N ALA A 689 44.95 17.92 -30.66
CA ALA A 689 45.81 18.62 -29.72
C ALA A 689 44.96 19.13 -28.57
N LEU A 690 45.50 19.09 -27.36
CA LEU A 690 44.66 19.22 -26.18
C LEU A 690 45.04 20.43 -25.35
N LEU A 691 44.02 21.07 -24.79
CA LEU A 691 44.18 22.23 -23.93
C LEU A 691 43.45 21.96 -22.63
N TYR A 692 44.18 21.96 -21.53
CA TYR A 692 43.61 21.95 -20.19
C TYR A 692 43.66 23.38 -19.72
N ARG A 693 42.50 24.03 -19.70
CA ARG A 693 42.47 25.46 -19.45
C ARG A 693 42.77 25.74 -17.99
N ASN A 694 43.62 26.74 -17.77
CA ASN A 694 43.95 27.32 -16.46
C ASN A 694 44.68 26.35 -15.55
N LEU A 695 45.39 25.38 -16.12
CA LEU A 695 46.07 24.38 -15.31
C LEU A 695 47.55 24.38 -15.67
N LYS A 696 48.38 24.16 -14.66
CA LYS A 696 49.80 23.96 -14.91
C LYS A 696 50.03 22.55 -15.42
N CYS A 697 51.07 22.37 -16.22
CA CYS A 697 51.33 21.06 -16.79
C CYS A 697 51.84 20.07 -15.76
N SER A 698 52.43 20.56 -14.67
CA SER A 698 52.81 19.69 -13.56
C SER A 698 51.59 19.08 -12.90
N TYR A 699 50.52 19.86 -12.77
CA TYR A 699 49.26 19.35 -12.23
C TYR A 699 48.64 18.33 -13.18
N VAL A 700 48.76 18.57 -14.48
CA VAL A 700 48.12 17.70 -15.47
C VAL A 700 48.87 16.38 -15.56
N LEU A 701 50.18 16.42 -15.40
CA LEU A 701 50.95 15.18 -15.47
C LEU A 701 50.94 14.40 -14.17
N ASN A 702 50.96 15.08 -13.02
CA ASN A 702 50.87 14.36 -11.76
C ASN A 702 49.46 13.89 -11.44
N ASN A 703 48.49 14.81 -11.37
CA ASN A 703 47.22 14.51 -10.73
C ASN A 703 46.12 14.05 -11.67
N ILE A 704 46.10 14.51 -12.92
CA ILE A 704 44.93 14.26 -13.76
C ILE A 704 45.17 13.06 -14.67
N SER A 705 46.15 13.16 -15.55
CA SER A 705 46.38 12.16 -16.58
C SER A 705 47.77 11.58 -16.42
N PHE A 706 48.00 10.41 -17.01
CA PHE A 706 49.29 9.75 -16.93
C PHE A 706 49.70 9.15 -18.27
N ILE A 707 49.04 9.52 -19.36
CA ILE A 707 49.35 8.95 -20.66
C ILE A 707 50.66 9.54 -21.17
N SER A 708 51.34 8.81 -22.05
CA SER A 708 52.60 9.25 -22.59
C SER A 708 52.37 10.38 -23.59
N GLN A 709 52.77 11.59 -23.21
CA GLN A 709 52.76 12.73 -24.11
C GLN A 709 54.16 13.30 -24.13
N PRO A 710 54.87 13.19 -25.26
CA PRO A 710 56.20 13.80 -25.33
C PRO A 710 56.20 15.32 -25.42
N PHE A 711 55.06 15.93 -25.76
CA PHE A 711 54.99 17.36 -26.04
C PHE A 711 54.03 18.02 -25.06
N TYR A 712 54.52 18.99 -24.31
CA TYR A 712 53.66 19.77 -23.42
C TYR A 712 54.35 21.10 -23.11
N PHE A 713 53.55 22.16 -23.07
CA PHE A 713 54.07 23.43 -22.56
C PHE A 713 52.97 24.22 -21.88
N ASP A 714 53.39 25.05 -20.92
CA ASP A 714 52.50 25.97 -20.24
C ASP A 714 52.36 27.25 -21.05
N SER A 715 51.15 27.54 -21.50
CA SER A 715 50.85 28.78 -22.19
C SER A 715 49.92 29.60 -21.31
N TYR A 716 49.62 30.80 -21.80
CA TYR A 716 48.73 31.74 -21.12
C TYR A 716 47.34 31.16 -20.93
N LEU A 717 46.93 30.25 -21.80
CA LEU A 717 45.64 29.60 -21.72
C LEU A 717 45.63 28.36 -20.84
N GLY A 718 46.78 27.86 -20.42
CA GLY A 718 46.81 26.65 -19.63
C GLY A 718 47.79 25.67 -20.20
N CYS A 719 47.58 24.39 -19.95
CA CYS A 719 48.54 23.37 -20.38
C CYS A 719 48.18 22.85 -21.76
N VAL A 720 49.13 22.92 -22.69
CA VAL A 720 48.92 22.45 -24.05
C VAL A 720 49.71 21.17 -24.23
N LEU A 721 49.03 20.12 -24.70
CA LEU A 721 49.67 18.86 -25.06
C LEU A 721 49.48 18.60 -26.54
N ASN A 722 50.48 17.91 -27.13
CA ASN A 722 50.52 17.53 -28.55
C ASN A 722 50.52 18.75 -29.46
N ALA A 723 51.31 19.76 -29.10
CA ALA A 723 51.49 20.93 -29.94
C ALA A 723 52.83 21.59 -29.65
N VAL A 724 53.28 22.39 -30.61
CA VAL A 724 54.58 23.06 -30.59
C VAL A 724 54.38 24.52 -30.23
N ASN A 725 55.24 25.05 -29.37
CA ASN A 725 55.19 26.46 -29.02
C ASN A 725 55.82 27.27 -30.14
N LEU A 726 54.98 27.94 -30.92
CA LEU A 726 55.42 28.75 -32.05
C LEU A 726 54.68 30.08 -32.04
N THR A 727 54.67 30.73 -30.88
CA THR A 727 53.92 31.97 -30.74
C THR A 727 54.58 33.15 -31.44
N SER A 728 55.84 33.03 -31.85
CA SER A 728 56.48 34.12 -32.58
C SER A 728 55.98 34.22 -34.01
N TYR A 729 55.55 33.12 -34.60
CA TYR A 729 54.93 33.12 -35.92
C TYR A 729 53.52 33.66 -35.78
N SER A 730 52.93 34.12 -36.88
CA SER A 730 51.64 34.78 -36.85
C SER A 730 50.84 34.47 -38.10
N VAL A 731 49.53 34.37 -37.94
CA VAL A 731 48.64 34.02 -39.04
C VAL A 731 47.40 34.90 -38.98
N SER A 732 46.73 35.06 -40.11
CA SER A 732 45.61 35.96 -40.24
C SER A 732 44.28 35.25 -40.35
N SER A 733 44.29 33.99 -40.73
CA SER A 733 43.09 33.18 -40.85
C SER A 733 43.33 31.88 -40.09
N CYS A 734 42.40 31.54 -39.21
CA CYS A 734 42.56 30.33 -38.43
C CYS A 734 41.20 29.79 -38.08
N ASP A 735 41.01 28.49 -38.31
CA ASP A 735 39.76 27.83 -38.00
C ASP A 735 39.78 27.12 -36.66
N LEU A 736 40.90 27.14 -35.95
CA LEU A 736 40.99 26.59 -34.61
C LEU A 736 41.41 27.71 -33.67
N ARG A 737 40.44 28.48 -33.22
CA ARG A 737 40.66 29.66 -32.40
C ARG A 737 40.46 29.33 -30.93
N MET A 738 41.51 29.50 -30.14
CA MET A 738 41.52 29.09 -28.75
C MET A 738 41.17 30.21 -27.78
N GLY A 739 41.37 31.47 -28.15
CA GLY A 739 41.05 32.58 -27.28
C GLY A 739 42.23 33.50 -27.06
N SER A 740 41.91 34.78 -26.83
CA SER A 740 42.86 35.85 -26.50
C SER A 740 43.96 36.03 -27.55
N GLY A 741 43.64 35.88 -28.81
CA GLY A 741 44.62 36.11 -29.85
C GLY A 741 45.53 34.95 -30.11
N PHE A 742 45.05 33.73 -29.95
CA PHE A 742 45.85 32.53 -30.18
C PHE A 742 45.09 31.59 -31.09
N CYS A 743 45.81 30.67 -31.71
CA CYS A 743 45.24 29.84 -32.74
C CYS A 743 46.01 28.52 -32.78
N ILE A 744 45.42 27.51 -33.41
CA ILE A 744 46.10 26.24 -33.64
C ILE A 744 46.16 26.01 -35.14
N ASP A 745 47.35 25.77 -35.65
CA ASP A 745 47.53 25.48 -37.07
C ASP A 745 48.06 24.07 -37.26
N TYR A 746 47.76 23.50 -38.42
CA TYR A 746 48.21 22.17 -38.80
C TYR A 746 49.04 22.26 -40.06
N ALA A 747 50.28 21.79 -39.99
CA ALA A 747 51.12 21.67 -41.18
C ALA A 747 52.03 20.47 -40.96
N LEU A 748 51.77 19.39 -41.69
CA LEU A 748 52.58 18.19 -41.54
C LEU A 748 53.91 18.36 -42.24
N PRO A 749 54.96 17.63 -41.82
CA PRO A 749 56.19 17.61 -42.61
C PRO A 749 55.99 16.82 -43.89
N SER A 750 56.10 17.50 -45.02
CA SER A 750 55.80 16.92 -46.33
C SER A 750 56.94 16.01 -46.79
N SER A 751 56.85 15.54 -48.04
CA SER A 751 57.83 14.57 -48.51
C SER A 751 59.16 15.23 -48.86
N GLY A 752 59.11 16.46 -49.36
CA GLY A 752 60.34 17.22 -49.54
C GLY A 752 60.91 17.68 -48.20
N SER A 753 60.05 18.17 -47.33
CA SER A 753 60.44 18.59 -45.97
C SER A 753 60.29 17.42 -45.00
N ALA A 754 60.91 16.31 -45.35
CA ALA A 754 60.82 15.06 -44.58
C ALA A 754 61.67 15.21 -43.33
N SER A 755 61.01 15.26 -42.17
CA SER A 755 61.71 15.49 -40.92
C SER A 755 62.27 14.18 -40.37
N ARG A 756 63.35 14.30 -39.58
CA ARG A 756 63.97 13.15 -38.94
C ARG A 756 63.97 13.22 -37.42
N GLY A 757 63.10 14.01 -36.82
CA GLY A 757 63.04 14.12 -35.37
C GLY A 757 61.67 13.76 -34.82
N ILE A 758 61.42 14.27 -33.62
CA ILE A 758 60.21 13.95 -32.87
C ILE A 758 59.47 15.26 -32.66
N SER A 759 58.57 15.58 -33.58
CA SER A 759 57.75 16.78 -33.46
C SER A 759 56.34 16.46 -33.95
N SER A 760 55.40 17.25 -33.45
CA SER A 760 53.96 17.25 -33.63
C SER A 760 53.56 18.08 -34.84
N PRO A 761 52.54 17.67 -35.58
CA PRO A 761 52.07 18.49 -36.71
C PRO A 761 51.10 19.60 -36.31
N TYR A 762 50.91 19.85 -35.02
CA TYR A 762 50.11 20.95 -34.54
C TYR A 762 51.00 22.06 -34.01
N ARG A 763 50.71 23.30 -34.41
CA ARG A 763 51.49 24.46 -34.02
C ARG A 763 50.61 25.50 -33.37
N PHE A 764 51.05 26.02 -32.25
CA PHE A 764 50.31 26.97 -31.42
C PHE A 764 50.81 28.35 -31.77
N VAL A 765 50.03 29.12 -32.54
CA VAL A 765 50.49 30.39 -33.07
C VAL A 765 49.63 31.56 -32.60
N THR A 766 50.00 32.76 -33.04
CA THR A 766 49.30 34.00 -32.73
C THR A 766 48.27 34.27 -33.83
N PHE A 767 47.05 34.62 -33.43
CA PHE A 767 45.98 34.96 -34.35
C PHE A 767 45.94 36.47 -34.48
N GLU A 768 46.28 36.97 -35.67
CA GLU A 768 46.37 38.41 -35.92
C GLU A 768 45.62 38.69 -37.21
N PRO A 769 44.32 39.00 -37.13
CA PRO A 769 43.50 39.04 -38.35
C PRO A 769 43.64 40.31 -39.18
N PHE A 770 44.10 41.42 -38.61
CA PHE A 770 44.10 42.69 -39.33
C PHE A 770 45.41 43.43 -39.15
N ASN A 771 45.72 44.28 -40.11
CA ASN A 771 46.94 45.03 -40.23
C ASN A 771 46.67 46.49 -40.61
N VAL A 772 47.75 47.23 -40.77
CA VAL A 772 47.73 48.47 -41.53
C VAL A 772 48.77 48.36 -42.63
N SER A 773 48.46 48.93 -43.79
CA SER A 773 49.47 49.09 -44.81
C SER A 773 50.42 50.21 -44.40
N PHE A 774 51.69 50.04 -44.72
CA PHE A 774 52.71 50.98 -44.29
C PHE A 774 53.27 51.74 -45.47
N VAL A 775 53.64 53.01 -45.23
CA VAL A 775 54.38 53.82 -46.18
C VAL A 775 55.70 54.24 -45.53
N ASN A 776 56.68 54.50 -46.39
CA ASN A 776 58.07 54.73 -46.02
C ASN A 776 58.39 56.22 -45.85
N ASP A 777 57.41 57.02 -45.47
CA ASP A 777 57.52 58.47 -45.53
C ASP A 777 57.82 59.07 -44.16
N SER A 778 57.77 60.40 -44.09
CA SER A 778 58.05 61.15 -42.88
C SER A 778 56.75 61.58 -42.21
N VAL A 779 56.85 61.95 -40.93
CA VAL A 779 55.69 62.43 -40.19
C VAL A 779 55.70 63.94 -39.97
N GLU A 780 56.83 64.60 -40.20
CA GLU A 780 56.93 66.06 -40.07
C GLU A 780 57.17 66.66 -41.45
N THR A 781 56.95 67.97 -41.54
CA THR A 781 57.02 68.66 -42.81
C THR A 781 58.48 68.92 -43.20
N VAL A 782 58.81 68.60 -44.45
CA VAL A 782 60.18 68.75 -44.96
C VAL A 782 60.18 69.95 -45.90
N GLY A 783 60.74 71.05 -45.43
CA GLY A 783 60.76 72.27 -46.22
C GLY A 783 59.39 72.87 -46.43
N GLY A 784 58.53 72.81 -45.42
CA GLY A 784 57.16 73.29 -45.53
C GLY A 784 56.20 72.35 -46.20
N LEU A 785 56.68 71.28 -46.81
CA LEU A 785 55.87 70.41 -47.64
C LEU A 785 55.89 68.98 -47.10
N PHE A 786 54.71 68.36 -47.08
CA PHE A 786 54.59 67.00 -46.60
C PHE A 786 54.73 66.02 -47.75
N GLU A 787 55.22 64.83 -47.44
CA GLU A 787 55.27 63.75 -48.41
C GLU A 787 53.94 63.01 -48.45
N ILE A 788 53.56 62.54 -49.63
CA ILE A 788 52.30 61.83 -49.79
C ILE A 788 52.42 60.92 -51.01
N GLN A 789 51.55 59.91 -51.05
CA GLN A 789 51.56 58.89 -52.10
C GLN A 789 50.26 58.99 -52.87
N ILE A 790 50.34 59.34 -54.15
CA ILE A 790 49.18 59.64 -54.97
C ILE A 790 49.11 58.62 -56.09
N PRO A 791 47.95 58.01 -56.33
CA PRO A 791 47.82 57.02 -57.40
C PRO A 791 48.07 57.61 -58.77
N THR A 792 48.63 56.80 -59.66
CA THR A 792 48.91 57.20 -61.03
C THR A 792 48.39 56.19 -62.03
N ASN A 793 47.47 55.32 -61.61
CA ASN A 793 46.73 54.35 -62.42
C ASN A 793 45.71 53.70 -61.51
N PHE A 794 44.63 53.20 -62.08
CA PHE A 794 43.59 52.61 -61.24
C PHE A 794 42.82 51.53 -62.00
N THR A 795 41.88 50.93 -61.30
CA THR A 795 40.83 50.10 -61.88
C THR A 795 39.64 50.08 -60.92
N ILE A 796 38.66 49.23 -61.24
CA ILE A 796 37.41 49.15 -60.51
C ILE A 796 37.21 47.70 -60.12
N ALA A 797 37.01 47.47 -58.82
CA ALA A 797 36.92 46.14 -58.24
C ALA A 797 35.49 45.85 -57.81
N GLY A 798 35.03 44.63 -58.05
CA GLY A 798 33.69 44.21 -57.68
C GLY A 798 33.72 43.14 -56.62
N HIS A 799 32.79 43.21 -55.68
CA HIS A 799 32.65 42.14 -54.70
C HIS A 799 31.22 42.11 -54.17
N GLU A 800 30.72 40.90 -53.90
CA GLU A 800 29.32 40.72 -53.56
C GLU A 800 29.14 40.33 -52.09
N GLU A 801 27.97 40.67 -51.56
CA GLU A 801 27.60 40.26 -50.22
C GLU A 801 26.19 39.69 -50.24
N PHE A 802 25.85 38.97 -49.19
CA PHE A 802 24.52 38.40 -49.00
C PHE A 802 23.91 38.98 -47.73
N ILE A 803 22.64 39.37 -47.78
CA ILE A 803 21.89 39.72 -46.57
C ILE A 803 20.58 38.95 -46.59
N GLN A 804 20.29 38.26 -45.49
CA GLN A 804 19.11 37.42 -45.35
C GLN A 804 17.95 38.23 -44.77
N THR A 805 16.80 38.15 -45.42
CA THR A 805 15.63 38.95 -45.04
C THR A 805 14.43 38.14 -44.61
N SER A 806 14.50 36.82 -44.62
CA SER A 806 13.34 36.02 -44.26
C SER A 806 13.84 34.70 -43.71
N SER A 807 12.91 33.78 -43.49
CA SER A 807 13.19 32.48 -42.93
C SER A 807 12.15 31.51 -43.47
N PRO A 808 12.41 30.20 -43.45
CA PRO A 808 11.34 29.22 -43.69
C PRO A 808 10.21 29.37 -42.68
N LYS A 809 8.97 29.22 -43.14
CA LYS A 809 7.79 29.44 -42.31
C LYS A 809 7.29 28.10 -41.80
N VAL A 810 7.59 27.80 -40.55
CA VAL A 810 7.32 26.49 -39.96
C VAL A 810 5.99 26.55 -39.22
N THR A 811 5.10 25.62 -39.53
CA THR A 811 3.80 25.49 -38.90
C THR A 811 3.78 24.15 -38.16
N ILE A 812 3.16 24.14 -37.00
CA ILE A 812 3.12 22.97 -36.14
C ILE A 812 1.67 22.70 -35.73
N ASP A 813 1.20 21.48 -36.01
CA ASP A 813 -0.06 20.98 -35.45
C ASP A 813 0.26 20.42 -34.06
N CYS A 814 -0.15 21.15 -33.03
CA CYS A 814 0.35 20.89 -31.69
C CYS A 814 -0.24 19.62 -31.11
N SER A 815 -1.55 19.40 -31.30
CA SER A 815 -2.18 18.24 -30.72
C SER A 815 -1.87 16.96 -31.47
N ALA A 816 -1.62 17.04 -32.78
CA ALA A 816 -1.16 15.88 -33.53
C ALA A 816 0.33 15.60 -33.32
N PHE A 817 1.07 16.54 -32.78
CA PHE A 817 2.44 16.28 -32.37
C PHE A 817 2.48 15.63 -31.00
N VAL A 818 1.63 16.08 -30.07
CA VAL A 818 1.63 15.50 -28.73
C VAL A 818 0.85 14.19 -28.70
N CYS A 819 -0.40 14.21 -29.14
CA CYS A 819 -1.34 13.14 -28.84
C CYS A 819 -1.99 12.54 -30.07
N SER A 820 -1.17 12.10 -31.04
CA SER A 820 -1.48 12.02 -32.47
C SER A 820 -2.89 11.58 -32.86
N ASN A 821 -3.24 10.34 -32.54
CA ASN A 821 -4.54 9.82 -32.91
C ASN A 821 -5.32 9.21 -31.76
N TYR A 822 -4.76 9.16 -30.56
CA TYR A 822 -5.35 8.41 -29.46
C TYR A 822 -6.23 9.33 -28.64
N ALA A 823 -7.47 8.91 -28.41
CA ALA A 823 -8.47 9.77 -27.80
C ALA A 823 -8.31 9.88 -26.29
N ALA A 824 -7.71 8.88 -25.65
CA ALA A 824 -7.36 8.97 -24.24
C ALA A 824 -6.36 10.09 -24.01
N CYS A 825 -5.39 10.20 -24.91
CA CYS A 825 -4.41 11.29 -24.84
C CYS A 825 -5.08 12.63 -25.06
N HIS A 826 -6.06 12.71 -25.95
CA HIS A 826 -6.71 13.99 -26.22
C HIS A 826 -7.54 14.45 -25.04
N ASP A 827 -8.22 13.52 -24.37
CA ASP A 827 -8.94 13.87 -23.15
C ASP A 827 -7.97 14.27 -22.04
N LEU A 828 -6.77 13.70 -22.03
CA LEU A 828 -5.79 14.11 -21.02
C LEU A 828 -5.17 15.46 -21.35
N LEU A 829 -5.07 15.81 -22.62
CA LEU A 829 -4.46 17.08 -23.00
C LEU A 829 -5.44 18.24 -22.87
N SER A 830 -6.74 17.95 -22.93
CA SER A 830 -7.76 18.99 -22.75
C SER A 830 -7.75 19.66 -21.38
N GLU A 831 -7.17 19.04 -20.36
CA GLU A 831 -7.09 19.68 -19.05
C GLU A 831 -5.83 20.53 -18.90
N TYR A 832 -5.00 20.61 -19.93
CA TYR A 832 -3.92 21.58 -19.91
C TYR A 832 -4.37 22.90 -20.50
N GLY A 833 -5.61 22.97 -20.92
CA GLY A 833 -6.22 24.24 -21.27
C GLY A 833 -5.75 24.69 -22.62
N THR A 834 -5.72 26.01 -22.80
CA THR A 834 -5.20 26.60 -24.02
C THR A 834 -3.68 26.60 -23.91
N PHE A 835 -3.10 25.45 -24.23
CA PHE A 835 -1.66 25.31 -24.38
C PHE A 835 -1.25 25.11 -25.81
N CYS A 836 -2.07 24.43 -26.60
CA CYS A 836 -1.75 24.26 -28.01
C CYS A 836 -2.22 25.45 -28.82
N ASP A 837 -3.23 26.16 -28.32
CA ASP A 837 -3.67 27.39 -28.96
C ASP A 837 -2.66 28.50 -28.77
N ASN A 838 -2.00 28.54 -27.61
CA ASN A 838 -0.91 29.47 -27.38
C ASN A 838 0.25 29.26 -28.35
N ILE A 839 0.63 28.02 -28.61
CA ILE A 839 1.74 27.72 -29.50
C ILE A 839 1.38 28.02 -30.94
N ASN A 840 0.14 27.70 -31.34
CA ASN A 840 -0.35 28.08 -32.67
C ASN A 840 -0.40 29.59 -32.85
N SER A 841 -0.75 30.31 -31.79
CA SER A 841 -0.85 31.76 -31.84
C SER A 841 0.52 32.40 -32.02
N ILE A 842 1.53 31.93 -31.28
CA ILE A 842 2.87 32.50 -31.39
C ILE A 842 3.48 32.21 -32.75
N LEU A 843 3.29 31.00 -33.28
CA LEU A 843 3.84 30.70 -34.60
C LEU A 843 3.12 31.45 -35.71
N ASN A 844 1.81 31.69 -35.58
CA ASN A 844 1.11 32.48 -36.57
C ASN A 844 1.56 33.93 -36.54
N GLU A 845 1.90 34.45 -35.36
CA GLU A 845 2.41 35.81 -35.28
C GLU A 845 3.80 35.94 -35.89
N VAL A 846 4.65 34.92 -35.73
CA VAL A 846 5.97 34.93 -36.37
C VAL A 846 5.83 34.89 -37.90
N ASN A 847 4.94 34.04 -38.41
CA ASN A 847 4.76 33.93 -39.85
C ASN A 847 4.13 35.19 -40.46
N ASP A 848 3.31 35.89 -39.68
CA ASP A 848 2.81 37.19 -40.12
C ASP A 848 3.92 38.22 -40.22
N LEU A 849 4.85 38.24 -39.26
CA LEU A 849 5.98 39.15 -39.34
C LEU A 849 6.85 38.88 -40.57
N LEU A 850 7.06 37.61 -40.89
CA LEU A 850 7.81 37.26 -42.10
C LEU A 850 7.13 37.79 -43.37
N ASP A 851 5.80 37.70 -43.42
CA ASP A 851 5.05 38.22 -44.57
C ASP A 851 5.13 39.74 -44.68
N ILE A 852 5.13 40.44 -43.54
CA ILE A 852 5.24 41.90 -43.56
C ILE A 852 6.62 42.33 -44.06
N THR A 853 7.68 41.62 -43.66
CA THR A 853 9.00 42.02 -44.14
C THR A 853 9.19 41.71 -45.62
N GLN A 854 8.58 40.63 -46.12
CA GLN A 854 8.70 40.37 -47.55
C GLN A 854 7.97 41.41 -48.39
N LEU A 855 6.82 41.91 -47.90
CA LEU A 855 6.15 43.00 -48.61
C LEU A 855 6.93 44.30 -48.51
N GLN A 856 7.70 44.52 -47.45
CA GLN A 856 8.49 45.76 -47.39
C GLN A 856 9.69 45.71 -48.33
N VAL A 857 10.36 44.57 -48.40
CA VAL A 857 11.51 44.46 -49.30
C VAL A 857 11.04 44.51 -50.75
N ALA A 858 9.88 43.95 -51.06
CA ALA A 858 9.31 44.09 -52.39
C ALA A 858 8.82 45.51 -52.69
N ASN A 859 8.43 46.27 -51.67
CA ASN A 859 7.97 47.64 -51.89
C ASN A 859 9.13 48.59 -52.14
N ALA A 860 10.27 48.38 -51.47
CA ALA A 860 11.38 49.33 -51.61
C ALA A 860 12.04 49.24 -52.97
N LEU A 861 11.91 48.12 -53.67
CA LEU A 861 12.51 47.95 -54.98
C LEU A 861 11.65 48.48 -56.10
N MET A 862 10.51 49.09 -55.79
CA MET A 862 9.48 49.42 -56.76
C MET A 862 8.96 50.83 -56.60
N GLN A 863 9.26 51.48 -55.49
CA GLN A 863 8.83 52.86 -55.24
C GLN A 863 9.53 53.76 -56.24
N GLY A 864 8.76 54.29 -57.19
CA GLY A 864 9.27 55.24 -58.15
C GLY A 864 10.23 54.69 -59.18
N VAL A 865 9.78 53.70 -59.95
CA VAL A 865 10.50 53.24 -61.12
C VAL A 865 9.56 53.42 -62.30
N THR A 866 9.99 54.22 -63.27
CA THR A 866 9.24 54.46 -64.48
C THR A 866 10.00 53.78 -65.61
N LEU A 867 9.27 53.09 -66.47
CA LEU A 867 9.87 52.31 -67.52
C LEU A 867 9.17 52.59 -68.85
N SER A 868 9.92 52.44 -69.93
CA SER A 868 9.41 52.55 -71.28
C SER A 868 8.67 51.28 -71.65
N SER A 869 7.45 51.43 -72.14
CA SER A 869 6.67 50.25 -72.51
C SER A 869 7.10 49.63 -73.83
N ASN A 870 8.12 50.17 -74.49
CA ASN A 870 8.70 49.55 -75.67
C ASN A 870 9.98 48.82 -75.35
N LEU A 871 10.30 48.70 -74.07
CA LEU A 871 11.49 47.98 -73.63
C LEU A 871 11.35 46.49 -73.85
N ASN A 872 12.46 45.85 -74.18
CA ASN A 872 12.48 44.41 -74.43
C ASN A 872 13.83 43.91 -73.96
N THR A 873 13.85 43.01 -72.98
CA THR A 873 15.12 42.50 -72.48
C THR A 873 15.78 41.55 -73.46
N ASN A 874 15.01 40.92 -74.34
CA ASN A 874 15.60 40.11 -75.39
C ASN A 874 16.15 40.96 -76.53
N LEU A 875 15.85 42.27 -76.53
CA LEU A 875 16.37 43.21 -77.50
C LEU A 875 17.43 44.15 -76.95
N HIS A 876 17.23 44.67 -75.73
CA HIS A 876 18.09 45.69 -75.14
C HIS A 876 18.65 45.17 -73.82
N SER A 877 19.92 44.77 -73.83
CA SER A 877 20.57 44.30 -72.61
C SER A 877 22.00 44.82 -72.51
N ASP A 878 22.22 46.05 -72.95
CA ASP A 878 23.57 46.58 -73.10
C ASP A 878 23.53 48.10 -73.22
N VAL A 879 24.37 48.80 -72.46
CA VAL A 879 24.49 50.25 -72.55
C VAL A 879 25.94 50.62 -72.28
N ASP A 880 26.50 51.46 -73.16
CA ASP A 880 27.86 52.01 -73.05
C ASP A 880 28.92 50.93 -73.00
N ASN A 881 28.71 49.86 -73.76
CA ASN A 881 29.58 48.66 -73.81
C ASN A 881 29.76 48.00 -72.44
N ILE A 882 28.76 48.13 -71.57
CA ILE A 882 28.71 47.42 -70.30
C ILE A 882 27.56 46.43 -70.38
N ASP A 883 27.83 45.15 -70.12
CA ASP A 883 26.87 44.09 -70.38
C ASP A 883 26.08 43.72 -69.13
N PHE A 884 24.75 43.77 -69.25
CA PHE A 884 23.82 43.49 -68.15
C PHE A 884 22.96 42.26 -68.39
N LYS A 885 23.42 41.30 -69.20
CA LYS A 885 22.57 40.19 -69.54
C LYS A 885 22.44 39.20 -68.39
N SER A 886 23.52 38.98 -67.65
CA SER A 886 23.52 38.06 -66.51
C SER A 886 22.74 38.57 -65.31
N LEU A 887 22.32 39.84 -65.31
CA LEU A 887 21.61 40.42 -64.19
C LEU A 887 20.13 40.61 -64.45
N LEU A 888 19.65 40.26 -65.63
CA LEU A 888 18.29 40.56 -66.02
C LEU A 888 17.57 39.29 -66.46
N GLY A 889 16.32 39.17 -66.05
CA GLY A 889 15.49 38.05 -66.44
C GLY A 889 14.75 38.33 -67.73
N CYS A 890 13.43 38.41 -67.67
CA CYS A 890 12.64 38.79 -68.82
C CYS A 890 11.75 39.96 -68.47
N LEU A 891 11.52 40.82 -69.45
CA LEU A 891 10.70 42.00 -69.26
C LEU A 891 10.20 42.46 -70.62
N GLY A 892 9.04 43.09 -70.61
CA GLY A 892 8.45 43.60 -71.83
C GLY A 892 7.02 43.15 -72.03
N SER A 893 6.76 42.48 -73.16
CA SER A 893 5.41 42.01 -73.45
C SER A 893 5.35 40.67 -74.16
N GLN A 894 6.48 40.01 -74.42
CA GLN A 894 6.42 38.79 -75.21
C GLN A 894 7.21 37.62 -74.62
N CYS A 895 7.35 37.56 -73.30
CA CYS A 895 8.16 36.49 -72.70
C CYS A 895 7.33 35.55 -71.83
N GLY A 896 6.61 36.08 -70.86
CA GLY A 896 5.93 35.26 -69.87
C GLY A 896 6.68 35.27 -68.56
N SER A 897 6.21 36.09 -67.63
CA SER A 897 6.98 36.48 -66.44
C SER A 897 7.02 35.34 -65.43
N SER A 898 7.92 34.39 -65.68
CA SER A 898 8.25 33.33 -64.74
C SER A 898 9.74 33.00 -64.82
N SER A 899 10.58 34.03 -64.89
CA SER A 899 11.97 33.82 -65.24
C SER A 899 12.89 34.58 -64.30
N ARG A 900 14.09 34.04 -64.11
CA ARG A 900 15.13 34.67 -63.31
C ARG A 900 16.32 35.04 -64.17
N SER A 901 17.28 35.71 -63.53
CA SER A 901 18.52 36.12 -64.15
C SER A 901 19.45 34.91 -64.32
N LEU A 902 20.61 35.14 -64.93
CA LEU A 902 21.60 34.06 -65.01
C LEU A 902 22.28 33.81 -63.68
N LEU A 903 22.78 34.88 -63.04
CA LEU A 903 23.35 34.79 -61.70
C LEU A 903 22.37 34.20 -60.69
N GLU A 904 21.09 34.55 -60.81
CA GLU A 904 20.07 34.02 -59.91
C GLU A 904 19.90 32.52 -60.09
N ASP A 905 19.96 32.04 -61.34
CA ASP A 905 19.88 30.60 -61.56
C ASP A 905 21.16 29.91 -61.12
N LEU A 906 22.28 30.62 -61.12
CA LEU A 906 23.52 30.02 -60.63
C LEU A 906 23.52 29.90 -59.12
N LEU A 907 22.78 30.77 -58.44
CA LEU A 907 22.64 30.63 -56.99
C LEU A 907 21.59 29.61 -56.61
N PHE A 908 20.47 29.57 -57.33
CA PHE A 908 19.36 28.72 -56.94
C PHE A 908 19.55 27.26 -57.30
N ASN A 909 20.55 26.93 -58.10
CA ASN A 909 20.86 25.54 -58.39
C ASN A 909 21.73 24.89 -57.34
N LYS A 910 22.28 25.66 -56.41
CA LYS A 910 23.09 25.06 -55.36
C LYS A 910 22.41 25.07 -54.00
N VAL A 911 21.11 25.36 -53.95
CA VAL A 911 20.32 25.32 -52.73
C VAL A 911 19.05 24.53 -53.07
N LYS A 912 18.94 23.32 -52.53
CA LYS A 912 17.85 22.46 -52.93
C LYS A 912 16.54 22.85 -52.27
N LEU A 913 16.57 23.22 -51.00
CA LEU A 913 15.35 23.56 -50.27
C LEU A 913 15.18 25.07 -50.27
N SER A 914 14.77 25.57 -51.43
CA SER A 914 14.25 26.92 -51.55
C SER A 914 12.74 26.83 -51.39
N ASP A 915 12.02 27.90 -51.73
CA ASP A 915 10.56 27.90 -51.60
C ASP A 915 9.89 26.92 -52.54
N VAL A 916 10.54 26.55 -53.65
CA VAL A 916 9.96 25.62 -54.60
C VAL A 916 10.42 24.19 -54.34
N GLY A 917 11.61 24.02 -53.79
CA GLY A 917 12.06 22.70 -53.40
C GLY A 917 11.26 22.09 -52.27
N PHE A 918 10.75 22.91 -51.37
CA PHE A 918 9.87 22.41 -50.32
C PHE A 918 8.55 21.94 -50.88
N VAL A 919 7.99 22.69 -51.83
CA VAL A 919 6.71 22.33 -52.43
C VAL A 919 6.85 21.05 -53.24
N GLU A 920 7.92 20.92 -54.00
CA GLU A 920 8.09 19.70 -54.77
C GLU A 920 8.58 18.52 -53.93
N ALA A 921 9.12 18.77 -52.74
CA ALA A 921 9.42 17.67 -51.82
C ALA A 921 8.15 17.16 -51.17
N TYR A 922 7.27 18.05 -50.72
CA TYR A 922 6.01 17.62 -50.13
C TYR A 922 5.06 17.04 -51.16
N ASN A 923 5.23 17.37 -52.44
CA ASN A 923 4.42 16.73 -53.47
C ASN A 923 4.70 15.24 -53.60
N ASN A 924 5.92 14.81 -53.27
CA ASN A 924 6.31 13.42 -53.35
C ASN A 924 6.12 12.64 -52.07
N CYS A 925 5.33 13.15 -51.13
CA CYS A 925 5.15 12.43 -49.88
C CYS A 925 4.18 11.29 -50.02
N THR A 926 3.17 11.41 -50.89
CA THR A 926 2.27 10.31 -51.17
C THR A 926 2.92 9.46 -52.25
N GLY A 927 3.82 8.58 -51.81
CA GLY A 927 4.66 7.78 -52.68
C GLY A 927 6.07 7.63 -52.16
N GLY A 928 6.56 8.66 -51.46
CA GLY A 928 7.90 8.65 -50.86
C GLY A 928 9.03 9.01 -51.80
N SER A 929 8.99 8.51 -53.04
CA SER A 929 9.82 8.83 -54.20
C SER A 929 11.25 8.31 -54.14
N GLU A 930 11.73 7.84 -52.99
CA GLU A 930 12.89 6.97 -53.01
C GLU A 930 12.66 5.64 -52.31
N ILE A 931 12.53 5.66 -50.99
CA ILE A 931 11.89 4.61 -50.21
C ILE A 931 10.99 5.34 -49.23
N ARG A 932 11.45 6.53 -48.84
CA ARG A 932 11.02 7.28 -47.67
C ARG A 932 11.88 8.55 -47.67
N ASP A 933 11.42 9.63 -47.03
CA ASP A 933 12.28 10.79 -46.86
C ASP A 933 11.86 11.53 -45.61
N LEU A 934 12.81 12.33 -45.08
CA LEU A 934 12.69 12.86 -43.73
C LEU A 934 11.65 13.97 -43.63
N LEU A 935 11.45 14.75 -44.70
CA LEU A 935 10.44 15.79 -44.66
C LEU A 935 9.03 15.22 -44.67
N CYS A 936 8.84 14.02 -45.23
CA CYS A 936 7.53 13.39 -45.18
C CYS A 936 7.26 12.76 -43.82
N VAL A 937 8.31 12.26 -43.15
CA VAL A 937 8.16 11.80 -41.78
C VAL A 937 7.83 12.96 -40.86
N GLN A 938 8.46 14.12 -41.09
CA GLN A 938 8.12 15.30 -40.31
C GLN A 938 6.72 15.79 -40.59
N SER A 939 6.32 15.80 -41.86
CA SER A 939 5.02 16.34 -42.22
C SER A 939 3.90 15.45 -41.76
N PHE A 940 4.13 14.14 -41.62
CA PHE A 940 3.07 13.28 -41.11
C PHE A 940 2.94 13.34 -39.60
N ASN A 941 3.81 14.07 -38.89
CA ASN A 941 3.69 14.32 -37.47
C ASN A 941 3.34 15.75 -37.15
N GLY A 942 2.87 16.52 -38.12
CA GLY A 942 2.37 17.84 -37.89
C GLY A 942 3.31 19.00 -38.11
N ILE A 943 4.46 18.79 -38.75
CA ILE A 943 5.51 19.79 -38.87
C ILE A 943 5.70 20.11 -40.34
N LYS A 944 5.14 21.23 -40.80
CA LYS A 944 5.19 21.54 -42.23
C LYS A 944 5.72 22.94 -42.46
N VAL A 945 6.51 23.10 -43.52
CA VAL A 945 7.04 24.38 -43.95
C VAL A 945 6.15 24.92 -45.08
N LEU A 946 5.51 26.06 -44.85
CA LEU A 946 4.57 26.72 -45.73
C LEU A 946 5.28 27.68 -46.68
N PRO A 947 4.80 27.84 -47.91
CA PRO A 947 5.46 28.74 -48.85
C PRO A 947 5.14 30.19 -48.54
N PRO A 948 6.03 31.12 -48.86
CA PRO A 948 5.77 32.53 -48.58
C PRO A 948 4.74 33.12 -49.53
N ILE A 949 4.23 34.30 -49.15
CA ILE A 949 3.09 34.87 -49.86
C ILE A 949 3.42 35.46 -51.21
N LEU A 950 4.68 35.70 -51.50
CA LEU A 950 5.14 36.15 -52.80
C LEU A 950 6.14 35.14 -53.31
N SER A 951 5.95 34.66 -54.54
CA SER A 951 6.89 33.67 -55.03
C SER A 951 8.20 34.33 -55.42
N GLU A 952 9.19 33.49 -55.72
CA GLU A 952 10.53 34.00 -55.93
C GLU A 952 10.73 34.58 -57.32
N THR A 953 9.88 34.22 -58.28
CA THR A 953 9.98 34.86 -59.59
C THR A 953 9.38 36.26 -59.57
N GLN A 954 8.53 36.55 -58.59
CA GLN A 954 8.07 37.92 -58.41
C GLN A 954 9.22 38.81 -57.95
N ILE A 955 10.04 38.33 -57.02
CA ILE A 955 11.17 39.12 -56.54
C ILE A 955 12.28 39.13 -57.59
N SER A 956 12.30 38.14 -58.48
CA SER A 956 13.17 38.21 -59.63
C SER A 956 12.75 39.34 -60.57
N GLY A 957 11.45 39.49 -60.80
CA GLY A 957 10.99 40.61 -61.61
C GLY A 957 11.21 41.96 -60.96
N TYR A 958 11.18 42.00 -59.64
CA TYR A 958 11.37 43.28 -58.96
C TYR A 958 12.83 43.70 -58.97
N THR A 959 13.76 42.75 -58.91
CA THR A 959 15.17 43.10 -59.09
C THR A 959 15.53 43.30 -60.55
N THR A 960 14.75 42.74 -61.48
CA THR A 960 14.92 43.08 -62.89
C THR A 960 14.53 44.53 -63.14
N ALA A 961 13.42 44.97 -62.56
CA ALA A 961 13.00 46.35 -62.75
C ALA A 961 13.96 47.33 -62.07
N ALA A 962 14.42 47.01 -60.86
CA ALA A 962 15.40 47.88 -60.22
C ALA A 962 16.76 47.88 -60.92
N THR A 963 17.12 46.82 -61.64
CA THR A 963 18.33 46.89 -62.45
C THR A 963 18.12 47.74 -63.70
N VAL A 964 17.08 47.43 -64.47
CA VAL A 964 16.83 48.10 -65.74
C VAL A 964 16.36 49.55 -65.58
N ALA A 965 16.01 50.00 -64.37
CA ALA A 965 15.60 51.38 -64.15
C ALA A 965 16.76 52.36 -64.12
N ALA A 966 17.97 51.90 -64.38
CA ALA A 966 19.18 52.69 -64.28
C ALA A 966 20.04 52.50 -65.52
N MET A 967 19.40 52.12 -66.62
CA MET A 967 20.11 51.81 -67.85
C MET A 967 19.52 52.52 -69.06
N PHE A 968 18.24 52.86 -69.03
CA PHE A 968 17.52 53.37 -70.18
C PHE A 968 16.73 54.59 -69.71
N PRO A 969 16.21 55.41 -70.63
CA PRO A 969 15.37 56.55 -70.24
C PRO A 969 14.14 56.12 -69.45
N PRO A 970 13.73 56.89 -68.43
CA PRO A 970 14.29 58.13 -67.93
C PRO A 970 15.34 58.01 -66.86
N TRP A 971 16.01 56.87 -66.70
CA TRP A 971 17.12 56.66 -65.76
C TRP A 971 16.72 57.01 -64.32
N SER A 972 15.72 56.30 -63.79
CA SER A 972 15.17 56.71 -62.51
C SER A 972 16.05 56.29 -61.33
N ALA A 973 16.77 55.19 -61.44
CA ALA A 973 17.66 54.77 -60.36
C ALA A 973 19.07 55.31 -60.50
N ALA A 974 19.42 55.83 -61.67
CA ALA A 974 20.69 56.52 -61.88
C ALA A 974 20.58 58.00 -61.54
N ALA A 975 19.42 58.45 -61.05
CA ALA A 975 19.11 59.84 -60.69
C ALA A 975 19.30 60.79 -61.86
N GLY A 976 18.51 60.55 -62.90
CA GLY A 976 18.40 61.43 -64.05
C GLY A 976 19.47 61.34 -65.11
N VAL A 977 20.71 61.08 -64.72
CA VAL A 977 21.82 61.08 -65.67
C VAL A 977 21.93 59.69 -66.27
N PRO A 978 22.57 59.53 -67.42
CA PRO A 978 22.87 58.19 -67.91
C PRO A 978 23.92 57.48 -67.06
N PHE A 979 24.08 56.19 -67.36
CA PHE A 979 24.76 55.27 -66.46
C PHE A 979 26.26 55.55 -66.36
N SER A 980 26.94 55.69 -67.50
CA SER A 980 28.37 56.01 -67.46
C SER A 980 28.63 57.46 -67.10
N LEU A 981 27.67 58.35 -67.39
CA LEU A 981 27.69 59.69 -66.83
C LEU A 981 27.70 59.64 -65.31
N ASN A 982 26.85 58.77 -64.74
CA ASN A 982 26.78 58.60 -63.30
C ASN A 982 28.07 58.02 -62.73
N VAL A 983 28.67 57.06 -63.44
CA VAL A 983 29.93 56.47 -63.00
C VAL A 983 31.04 57.50 -63.02
N GLN A 984 31.06 58.35 -64.06
CA GLN A 984 32.07 59.40 -64.14
C GLN A 984 31.89 60.47 -63.07
N TYR A 985 30.65 60.87 -62.78
CA TYR A 985 30.44 61.83 -61.71
C TYR A 985 30.79 61.24 -60.34
N ARG A 986 30.60 59.93 -60.18
CA ARG A 986 30.90 59.30 -58.90
C ARG A 986 32.40 59.15 -58.69
N ILE A 987 33.14 58.81 -59.75
CA ILE A 987 34.59 58.71 -59.63
C ILE A 987 35.21 60.10 -59.53
N ASN A 988 34.61 61.09 -60.19
CA ASN A 988 35.04 62.48 -60.08
C ASN A 988 34.91 62.99 -58.66
N GLY A 989 33.83 62.63 -57.97
CA GLY A 989 33.63 63.09 -56.61
C GLY A 989 34.58 62.56 -55.55
N LEU A 990 35.44 61.60 -55.87
CA LEU A 990 36.45 61.12 -54.94
C LEU A 990 37.77 61.89 -55.04
N GLY A 991 37.97 62.68 -56.09
CA GLY A 991 39.26 63.31 -56.31
C GLY A 991 39.95 62.94 -57.60
N VAL A 992 39.18 62.62 -58.63
CA VAL A 992 39.72 62.27 -59.94
C VAL A 992 39.34 63.37 -60.91
N THR A 993 40.29 63.78 -61.74
CA THR A 993 40.06 64.77 -62.78
C THR A 993 39.13 64.23 -63.85
N MET A 994 38.21 65.09 -64.28
CA MET A 994 37.33 64.75 -65.39
C MET A 994 38.07 64.61 -66.72
N ASP A 995 39.28 65.13 -66.80
CA ASP A 995 40.10 64.98 -68.01
C ASP A 995 40.46 63.52 -68.25
N VAL A 996 40.95 62.84 -67.20
CA VAL A 996 41.33 61.44 -67.34
C VAL A 996 40.10 60.56 -67.54
N LEU A 997 39.00 60.88 -66.86
CA LEU A 997 37.78 60.08 -66.96
C LEU A 997 37.17 60.18 -68.34
N ASN A 998 37.22 61.35 -68.98
CA ASN A 998 36.86 61.43 -70.39
C ASN A 998 37.88 60.74 -71.26
N LYS A 999 39.14 60.68 -70.83
CA LYS A 999 40.13 60.00 -71.66
C LYS A 999 40.09 58.48 -71.54
N ASN A 1000 39.57 57.94 -70.44
CA ASN A 1000 39.68 56.51 -70.17
C ASN A 1000 38.34 55.81 -70.00
N GLN A 1001 37.38 56.03 -70.89
CA GLN A 1001 36.05 55.47 -70.67
C GLN A 1001 36.00 53.98 -70.97
N LYS A 1002 36.80 53.52 -71.94
CA LYS A 1002 36.80 52.09 -72.24
C LYS A 1002 37.50 51.29 -71.15
N LEU A 1003 38.47 51.89 -70.46
CA LEU A 1003 39.09 51.24 -69.32
C LEU A 1003 38.08 51.06 -68.19
N ILE A 1004 37.25 52.07 -67.95
CA ILE A 1004 36.21 51.96 -66.93
C ILE A 1004 35.17 50.92 -67.30
N ALA A 1005 34.76 50.89 -68.59
CA ALA A 1005 33.71 49.95 -68.99
C ALA A 1005 34.21 48.51 -68.99
N ASN A 1006 35.47 48.29 -69.35
CA ASN A 1006 35.99 46.93 -69.27
C ASN A 1006 36.28 46.52 -67.84
N ALA A 1007 36.64 47.46 -66.97
CA ALA A 1007 36.72 47.18 -65.54
C ALA A 1007 35.38 46.71 -64.98
N PHE A 1008 34.29 47.36 -65.40
CA PHE A 1008 32.96 46.94 -64.97
C PHE A 1008 32.58 45.57 -65.49
N ASN A 1009 32.90 45.28 -66.76
CA ASN A 1009 32.62 43.96 -67.32
C ASN A 1009 33.42 42.87 -66.61
N LYS A 1010 34.70 43.12 -66.36
CA LYS A 1010 35.55 42.10 -65.76
C LYS A 1010 35.18 41.85 -64.31
N ALA A 1011 34.80 42.91 -63.58
CA ALA A 1011 34.33 42.75 -62.22
C ALA A 1011 33.05 41.93 -62.15
N LEU A 1012 32.07 42.26 -63.02
CA LEU A 1012 30.84 41.48 -63.12
C LEU A 1012 31.10 40.01 -63.44
N LEU A 1013 32.03 39.75 -64.36
CA LEU A 1013 32.27 38.37 -64.77
C LEU A 1013 33.02 37.58 -63.70
N SER A 1014 34.00 38.21 -63.04
CA SER A 1014 34.73 37.48 -62.02
C SER A 1014 33.88 37.25 -60.78
N ILE A 1015 32.92 38.13 -60.51
CA ILE A 1015 31.85 37.83 -59.56
C ILE A 1015 31.06 36.62 -60.02
N GLN A 1016 30.70 36.59 -61.31
CA GLN A 1016 29.83 35.54 -61.84
C GLN A 1016 30.50 34.17 -61.81
N ASN A 1017 31.82 34.14 -61.87
CA ASN A 1017 32.59 32.89 -61.87
C ASN A 1017 33.22 32.60 -60.51
N GLY A 1018 32.51 32.84 -59.41
CA GLY A 1018 33.14 32.64 -58.13
C GLY A 1018 32.32 31.95 -57.06
N PHE A 1019 31.22 31.31 -57.43
CA PHE A 1019 30.36 30.65 -56.43
C PHE A 1019 30.78 29.20 -56.24
N THR A 1020 32.08 28.99 -56.04
CA THR A 1020 32.68 27.65 -56.12
C THR A 1020 33.25 27.29 -54.75
N ALA A 1021 32.39 26.75 -53.88
CA ALA A 1021 32.76 25.91 -52.75
C ALA A 1021 33.57 26.57 -51.63
N THR A 1022 33.94 27.83 -51.81
CA THR A 1022 34.65 28.58 -50.77
C THR A 1022 34.13 30.01 -50.68
N ASN A 1023 33.05 30.32 -51.39
CA ASN A 1023 32.44 31.65 -51.31
C ASN A 1023 31.76 31.84 -49.96
N SER A 1024 31.99 32.99 -49.35
CA SER A 1024 31.39 33.28 -48.06
C SER A 1024 29.89 33.52 -48.19
N ALA A 1025 29.44 33.98 -49.35
CA ALA A 1025 28.02 34.22 -49.54
C ALA A 1025 27.25 32.91 -49.64
N LEU A 1026 27.79 31.93 -50.37
CA LEU A 1026 27.14 30.63 -50.47
C LEU A 1026 27.19 29.87 -49.15
N ALA A 1027 28.28 30.01 -48.39
CA ALA A 1027 28.33 29.49 -47.03
C ALA A 1027 27.26 30.11 -46.16
N LYS A 1028 27.06 31.42 -46.28
CA LYS A 1028 26.06 32.11 -45.50
C LYS A 1028 24.64 31.75 -45.92
N ILE A 1029 24.43 31.36 -47.17
CA ILE A 1029 23.10 30.92 -47.59
C ILE A 1029 22.84 29.50 -47.13
N GLN A 1030 23.85 28.64 -47.18
CA GLN A 1030 23.66 27.25 -46.77
C GLN A 1030 23.56 27.11 -45.25
N SER A 1031 24.10 28.06 -44.50
CA SER A 1031 23.92 28.05 -43.05
C SER A 1031 22.47 28.15 -42.63
N VAL A 1032 21.68 28.97 -43.35
CA VAL A 1032 20.26 29.15 -43.07
C VAL A 1032 19.48 27.85 -43.23
N VAL A 1033 19.76 27.14 -44.33
CA VAL A 1033 19.06 25.90 -44.64
C VAL A 1033 19.47 24.79 -43.68
N ASN A 1034 20.77 24.68 -43.41
CA ASN A 1034 21.25 23.65 -42.51
C ASN A 1034 20.77 23.88 -41.08
N ALA A 1035 20.66 25.15 -40.67
CA ALA A 1035 20.13 25.49 -39.35
C ALA A 1035 18.68 25.08 -39.22
N ASN A 1036 17.85 25.41 -40.21
CA ASN A 1036 16.44 25.06 -40.16
C ASN A 1036 16.24 23.55 -40.15
N ALA A 1037 17.05 22.82 -40.93
CA ALA A 1037 16.91 21.37 -41.00
C ALA A 1037 17.35 20.70 -39.71
N GLN A 1038 18.42 21.19 -39.09
CA GLN A 1038 18.85 20.69 -37.79
C GLN A 1038 17.81 20.91 -36.71
N ALA A 1039 17.15 22.07 -36.72
CA ALA A 1039 16.14 22.35 -35.70
C ALA A 1039 14.91 21.47 -35.88
N LEU A 1040 14.50 21.23 -37.12
CA LEU A 1040 13.31 20.41 -37.33
C LEU A 1040 13.57 18.94 -37.06
N ASN A 1041 14.78 18.44 -37.35
CA ASN A 1041 15.09 17.06 -37.02
C ASN A 1041 15.24 16.86 -35.52
N SER A 1042 15.80 17.86 -34.82
CA SER A 1042 15.89 17.77 -33.38
C SER A 1042 14.52 17.88 -32.72
N LEU A 1043 13.56 18.56 -33.34
CA LEU A 1043 12.21 18.56 -32.81
C LEU A 1043 11.50 17.25 -33.08
N LEU A 1044 11.77 16.61 -34.21
CA LEU A 1044 11.15 15.32 -34.47
C LEU A 1044 11.74 14.22 -33.58
N GLN A 1045 13.00 14.35 -33.17
CA GLN A 1045 13.62 13.31 -32.33
C GLN A 1045 13.10 13.28 -30.90
N GLN A 1046 12.26 14.23 -30.51
CA GLN A 1046 11.66 14.24 -29.18
C GLN A 1046 10.45 13.32 -29.06
N LEU A 1047 10.02 12.71 -30.14
CA LEU A 1047 8.88 11.80 -30.10
C LEU A 1047 9.31 10.38 -29.84
N PHE A 1048 10.59 10.16 -29.51
CA PHE A 1048 11.12 8.86 -29.17
C PHE A 1048 11.83 8.87 -27.83
N ASN A 1049 11.72 9.95 -27.07
CA ASN A 1049 12.22 10.01 -25.70
C ASN A 1049 11.15 9.49 -24.76
N LYS A 1050 11.59 8.91 -23.64
CA LYS A 1050 10.66 8.33 -22.69
C LYS A 1050 10.23 9.30 -21.62
N PHE A 1051 11.08 10.25 -21.25
CA PHE A 1051 10.82 11.32 -20.27
C PHE A 1051 10.45 10.77 -18.90
N GLY A 1052 10.92 9.59 -18.54
CA GLY A 1052 10.58 8.98 -17.27
C GLY A 1052 9.48 7.95 -17.32
N ALA A 1053 8.79 7.79 -18.43
CA ALA A 1053 7.77 6.77 -18.58
C ALA A 1053 8.41 5.46 -19.02
N ILE A 1054 7.58 4.45 -19.25
CA ILE A 1054 8.11 3.14 -19.59
C ILE A 1054 8.28 2.93 -21.09
N SER A 1055 7.65 3.76 -21.91
CA SER A 1055 7.78 3.66 -23.35
C SER A 1055 7.48 5.02 -23.94
N SER A 1056 7.99 5.25 -25.14
CA SER A 1056 7.66 6.46 -25.88
C SER A 1056 6.50 6.25 -26.83
N SER A 1057 6.07 5.01 -27.01
CA SER A 1057 4.92 4.71 -27.85
C SER A 1057 3.64 4.79 -27.02
N LEU A 1058 2.67 5.55 -27.53
CA LEU A 1058 1.40 5.66 -26.83
C LEU A 1058 0.55 4.40 -26.98
N GLN A 1059 0.78 3.64 -28.05
CA GLN A 1059 0.02 2.42 -28.24
C GLN A 1059 0.43 1.34 -27.26
N GLU A 1060 1.73 1.23 -26.96
CA GLU A 1060 2.19 0.24 -25.99
C GLU A 1060 1.78 0.60 -24.57
N ILE A 1061 1.64 1.89 -24.27
CA ILE A 1061 1.14 2.26 -22.96
C ILE A 1061 -0.35 2.01 -22.88
N LEU A 1062 -1.08 2.24 -23.97
CA LEU A 1062 -2.52 2.01 -23.96
C LEU A 1062 -2.91 0.57 -24.19
N SER A 1063 -1.95 -0.36 -24.35
CA SER A 1063 -2.27 -1.77 -24.55
C SER A 1063 -1.51 -2.67 -23.60
N ARG A 1064 -0.95 -2.12 -22.52
CA ARG A 1064 -0.25 -2.93 -21.53
C ARG A 1064 -0.50 -2.51 -20.10
N LEU A 1065 -1.38 -1.55 -19.84
CA LEU A 1065 -1.63 -1.08 -18.49
C LEU A 1065 -3.10 -0.79 -18.31
N ASP A 1066 -3.52 -0.76 -17.07
CA ASP A 1066 -4.87 -0.38 -16.68
C ASP A 1066 -5.07 1.10 -16.92
N PRO A 1067 -6.30 1.52 -17.25
CA PRO A 1067 -6.56 2.93 -17.56
C PRO A 1067 -6.28 3.89 -16.41
N PRO A 1068 -6.50 3.54 -15.09
CA PRO A 1068 -5.97 4.45 -14.06
C PRO A 1068 -4.46 4.39 -13.92
N GLU A 1069 -3.84 3.31 -14.36
CA GLU A 1069 -2.39 3.17 -14.31
C GLU A 1069 -1.71 3.68 -15.57
N ALA A 1070 -2.48 3.96 -16.61
CA ALA A 1070 -1.92 4.48 -17.85
C ALA A 1070 -1.78 5.99 -17.87
N GLN A 1071 -2.71 6.71 -17.24
CA GLN A 1071 -2.69 8.17 -17.24
C GLN A 1071 -1.43 8.75 -16.62
N VAL A 1072 -0.88 8.04 -15.63
CA VAL A 1072 0.35 8.47 -14.97
C VAL A 1072 1.52 8.37 -15.94
N GLN A 1073 1.51 7.40 -16.83
CA GLN A 1073 2.60 7.30 -17.80
C GLN A 1073 2.38 8.20 -18.99
N ILE A 1074 1.12 8.46 -19.35
CA ILE A 1074 0.83 9.36 -20.46
C ILE A 1074 1.12 10.80 -20.09
N ASP A 1075 0.94 11.18 -18.82
CA ASP A 1075 1.15 12.55 -18.40
C ASP A 1075 2.62 12.95 -18.45
N ARG A 1076 3.52 11.98 -18.27
CA ARG A 1076 4.94 12.27 -18.42
C ARG A 1076 5.32 12.56 -19.86
N LEU A 1077 4.78 11.79 -20.80
CA LEU A 1077 5.00 12.05 -22.21
C LEU A 1077 4.43 13.38 -22.63
N ILE A 1078 3.24 13.73 -22.13
CA ILE A 1078 2.62 15.00 -22.43
C ILE A 1078 3.46 16.16 -21.91
N ASN A 1079 3.95 16.07 -20.68
CA ASN A 1079 4.76 17.15 -20.13
C ASN A 1079 6.08 17.31 -20.87
N GLY A 1080 6.71 16.20 -21.26
CA GLY A 1080 7.96 16.30 -21.98
C GLY A 1080 7.79 16.88 -23.37
N ARG A 1081 6.73 16.49 -24.07
CA ARG A 1081 6.51 17.02 -25.41
C ARG A 1081 6.10 18.48 -25.40
N LEU A 1082 5.33 18.90 -24.39
CA LEU A 1082 4.97 20.30 -24.29
C LEU A 1082 6.16 21.18 -23.91
N THR A 1083 7.06 20.67 -23.05
CA THR A 1083 8.30 21.39 -22.74
C THR A 1083 9.18 21.56 -23.98
N ALA A 1084 9.25 20.52 -24.81
CA ALA A 1084 9.99 20.62 -26.07
C ALA A 1084 9.40 21.66 -27.01
N LEU A 1085 8.07 21.70 -27.12
CA LEU A 1085 7.44 22.67 -28.01
C LEU A 1085 7.61 24.10 -27.50
N ASN A 1086 7.55 24.32 -26.19
CA ASN A 1086 7.78 25.65 -25.64
C ASN A 1086 9.19 26.14 -25.89
N ALA A 1087 10.18 25.24 -25.76
CA ALA A 1087 11.57 25.61 -26.04
C ALA A 1087 11.77 25.97 -27.51
N TYR A 1088 11.12 25.22 -28.41
CA TYR A 1088 11.20 25.54 -29.83
C TYR A 1088 10.59 26.90 -30.14
N VAL A 1089 9.45 27.19 -29.54
CA VAL A 1089 8.73 28.42 -29.82
C VAL A 1089 9.50 29.63 -29.31
N SER A 1090 10.17 29.49 -28.16
CA SER A 1090 11.05 30.54 -27.66
C SER A 1090 12.21 30.82 -28.62
N GLN A 1091 12.82 29.76 -29.16
CA GLN A 1091 13.93 29.95 -30.10
C GLN A 1091 13.48 30.66 -31.37
N GLN A 1092 12.27 30.36 -31.85
CA GLN A 1092 11.77 31.01 -33.06
C GLN A 1092 11.48 32.49 -32.84
N LEU A 1093 10.87 32.79 -31.69
CA LEU A 1093 10.63 34.17 -31.29
C LEU A 1093 11.91 34.99 -31.18
N SER A 1094 12.98 34.41 -30.67
CA SER A 1094 14.22 35.17 -30.61
C SER A 1094 14.93 35.28 -31.96
N ASP A 1095 14.79 34.28 -32.85
CA ASP A 1095 15.45 34.38 -34.15
C ASP A 1095 14.79 35.40 -35.07
N ILE A 1096 13.49 35.65 -34.89
CA ILE A 1096 12.82 36.61 -35.77
C ILE A 1096 13.28 38.05 -35.54
N THR A 1097 13.91 38.35 -34.41
CA THR A 1097 14.42 39.69 -34.20
C THR A 1097 15.69 39.94 -35.00
N LEU A 1098 16.55 38.92 -35.12
CA LEU A 1098 17.72 39.05 -35.97
C LEU A 1098 17.35 39.08 -37.43
N ILE A 1099 16.32 38.33 -37.82
CA ILE A 1099 15.85 38.37 -39.20
C ILE A 1099 15.29 39.74 -39.55
N LYS A 1100 14.60 40.39 -38.60
CA LYS A 1100 14.04 41.71 -38.87
C LYS A 1100 15.11 42.80 -38.90
N ALA A 1101 16.17 42.64 -38.12
CA ALA A 1101 17.28 43.60 -38.22
C ALA A 1101 17.99 43.48 -39.58
N GLY A 1102 18.16 42.26 -40.08
CA GLY A 1102 18.69 42.10 -41.42
C GLY A 1102 17.79 42.65 -42.51
N ALA A 1103 16.47 42.50 -42.32
CA ALA A 1103 15.49 43.06 -43.25
C ALA A 1103 15.56 44.58 -43.30
N SER A 1104 15.79 45.23 -42.16
CA SER A 1104 15.80 46.68 -42.19
C SER A 1104 17.09 47.21 -42.79
N ARG A 1105 18.21 46.53 -42.56
CA ARG A 1105 19.44 47.00 -43.20
C ARG A 1105 19.41 46.76 -44.71
N ALA A 1106 18.77 45.68 -45.17
CA ALA A 1106 18.63 45.46 -46.60
C ALA A 1106 17.74 46.50 -47.26
N ILE A 1107 16.65 46.90 -46.60
CA ILE A 1107 15.81 47.99 -47.10
C ILE A 1107 16.60 49.28 -47.23
N GLU A 1108 17.47 49.55 -46.27
CA GLU A 1108 18.20 50.82 -46.29
C GLU A 1108 19.31 50.81 -47.34
N LYS A 1109 19.94 49.66 -47.57
CA LYS A 1109 20.91 49.60 -48.66
C LYS A 1109 20.24 49.68 -50.02
N VAL A 1110 19.02 49.15 -50.14
CA VAL A 1110 18.27 49.28 -51.39
C VAL A 1110 17.90 50.72 -51.64
N ASN A 1111 17.59 51.46 -50.59
CA ASN A 1111 17.14 52.82 -50.79
C ASN A 1111 18.31 53.79 -50.97
N GLU A 1112 19.51 53.45 -50.50
CA GLU A 1112 20.58 54.45 -50.47
C GLU A 1112 21.91 53.97 -51.03
N CYS A 1113 21.94 52.83 -51.72
CA CYS A 1113 23.11 52.43 -52.49
C CYS A 1113 22.75 51.92 -53.88
N VAL A 1114 21.53 51.44 -54.09
CA VAL A 1114 21.09 50.90 -55.36
C VAL A 1114 20.14 51.85 -56.07
N LYS A 1115 19.10 52.29 -55.38
CA LYS A 1115 18.14 53.21 -55.97
C LYS A 1115 18.71 54.61 -56.12
N SER A 1116 19.77 54.91 -55.38
CA SER A 1116 20.37 56.23 -55.38
C SER A 1116 21.76 56.09 -54.81
N GLN A 1117 22.40 57.22 -54.55
CA GLN A 1117 23.71 57.24 -53.92
C GLN A 1117 23.71 58.34 -52.87
N SER A 1118 24.57 58.20 -51.87
CA SER A 1118 24.40 58.95 -50.66
C SER A 1118 25.68 59.69 -50.27
N PRO A 1119 25.58 60.75 -49.49
CA PRO A 1119 26.79 61.38 -48.94
C PRO A 1119 27.31 60.71 -47.67
N ARG A 1120 26.88 59.48 -47.39
CA ARG A 1120 27.54 58.71 -46.35
C ARG A 1120 28.90 58.25 -46.85
N ILE A 1121 29.80 58.05 -45.91
CA ILE A 1121 31.08 57.42 -46.19
C ILE A 1121 31.13 56.16 -45.35
N ASN A 1122 31.64 55.07 -45.94
CA ASN A 1122 31.73 53.75 -45.32
C ASN A 1122 30.38 53.22 -44.85
N PHE A 1123 29.32 53.38 -45.64
CA PHE A 1123 28.06 52.69 -45.37
C PHE A 1123 27.93 51.42 -46.23
N CYS A 1124 27.83 51.59 -47.53
CA CYS A 1124 27.97 50.48 -48.45
C CYS A 1124 29.43 50.42 -48.86
N GLY A 1125 29.84 49.30 -49.45
CA GLY A 1125 31.18 49.15 -50.01
C GLY A 1125 32.33 49.39 -49.05
N ASN A 1126 33.22 50.31 -49.39
CA ASN A 1126 34.31 50.62 -48.48
C ASN A 1126 34.74 52.09 -48.45
N GLY A 1127 34.00 53.01 -49.08
CA GLY A 1127 34.53 54.36 -49.02
C GLY A 1127 35.73 54.64 -49.92
N ASN A 1128 35.52 55.07 -51.18
CA ASN A 1128 36.07 54.64 -52.47
C ASN A 1128 35.06 53.76 -53.20
N HIS A 1129 33.87 53.65 -52.64
CA HIS A 1129 32.76 52.94 -53.24
C HIS A 1129 32.06 53.79 -54.30
N ILE A 1130 31.72 53.17 -55.43
CA ILE A 1130 31.10 53.88 -56.53
C ILE A 1130 29.61 53.56 -56.62
N LEU A 1131 29.27 52.29 -56.83
CA LEU A 1131 27.89 51.90 -57.01
C LEU A 1131 27.68 50.46 -56.58
N SER A 1132 26.45 49.99 -56.78
CA SER A 1132 25.95 48.75 -56.22
C SER A 1132 24.73 48.31 -56.99
N LEU A 1133 24.72 47.04 -57.36
CA LEU A 1133 23.55 46.40 -57.96
C LEU A 1133 22.94 45.41 -56.97
N VAL A 1134 21.77 44.91 -57.33
CA VAL A 1134 20.95 44.11 -56.43
C VAL A 1134 20.49 42.85 -57.17
N GLN A 1135 20.25 41.79 -56.41
CA GLN A 1135 19.91 40.51 -56.99
C GLN A 1135 19.16 39.67 -55.98
N ASN A 1136 18.29 38.81 -56.48
CA ASN A 1136 17.43 37.96 -55.66
C ASN A 1136 18.16 36.68 -55.26
N ALA A 1137 18.00 36.28 -54.00
CA ALA A 1137 18.72 35.13 -53.45
C ALA A 1137 17.75 34.33 -52.60
N PRO A 1138 18.03 33.04 -52.39
CA PRO A 1138 17.20 32.25 -51.47
C PRO A 1138 17.22 32.83 -50.07
N TYR A 1139 16.04 33.18 -49.57
CA TYR A 1139 15.82 33.83 -48.28
C TYR A 1139 16.58 35.14 -48.14
N GLY A 1140 16.81 35.85 -49.24
CA GLY A 1140 17.45 37.15 -49.08
C GLY A 1140 17.89 37.77 -50.39
N LEU A 1141 18.93 38.59 -50.29
CA LEU A 1141 19.32 39.47 -51.38
C LEU A 1141 20.83 39.52 -51.50
N LEU A 1142 21.30 39.44 -52.73
CA LEU A 1142 22.70 39.60 -53.04
C LEU A 1142 22.93 41.03 -53.52
N PHE A 1143 24.03 41.64 -53.08
CA PHE A 1143 24.39 42.97 -53.51
C PHE A 1143 25.78 42.92 -54.12
N ILE A 1144 25.97 43.63 -55.23
CA ILE A 1144 27.29 43.78 -55.84
C ILE A 1144 27.77 45.19 -55.59
N HIS A 1145 29.00 45.34 -55.10
CA HIS A 1145 29.59 46.62 -54.75
C HIS A 1145 30.80 46.84 -55.64
N PHE A 1146 30.84 47.99 -56.31
CA PHE A 1146 31.95 48.38 -57.17
C PHE A 1146 32.72 49.53 -56.53
N SER A 1147 34.04 49.46 -56.62
CA SER A 1147 34.84 50.44 -55.90
C SER A 1147 36.04 50.86 -56.74
N TYR A 1148 36.48 52.10 -56.49
CA TYR A 1148 37.73 52.63 -57.00
C TYR A 1148 38.89 51.87 -56.37
N LYS A 1149 39.93 51.65 -57.15
CA LYS A 1149 41.05 50.87 -56.63
C LYS A 1149 42.33 51.31 -57.32
N PRO A 1150 43.26 51.97 -56.62
CA PRO A 1150 44.54 52.30 -57.24
C PRO A 1150 45.35 51.07 -57.63
N THR A 1151 46.24 51.26 -58.61
CA THR A 1151 47.15 50.19 -59.02
C THR A 1151 48.60 50.62 -59.12
N SER A 1152 48.92 51.91 -58.98
CA SER A 1152 50.30 52.38 -58.97
C SER A 1152 50.33 53.70 -58.22
N PHE A 1153 51.47 53.98 -57.59
CA PHE A 1153 51.60 55.16 -56.76
C PHE A 1153 52.83 55.96 -57.16
N LYS A 1154 52.87 57.20 -56.68
CA LYS A 1154 54.05 58.04 -56.82
C LYS A 1154 54.14 58.96 -55.61
N THR A 1155 55.36 59.17 -55.15
CA THR A 1155 55.62 60.02 -54.00
C THR A 1155 55.76 61.46 -54.44
N VAL A 1156 54.96 62.35 -53.88
CA VAL A 1156 55.04 63.77 -54.22
C VAL A 1156 55.11 64.56 -52.93
N LEU A 1157 55.49 65.82 -53.07
CA LEU A 1157 55.50 66.78 -51.97
C LEU A 1157 54.34 67.74 -52.18
N VAL A 1158 53.54 67.93 -51.13
CA VAL A 1158 52.32 68.71 -51.22
C VAL A 1158 52.34 69.77 -50.14
N SER A 1159 51.52 70.79 -50.37
CA SER A 1159 51.21 71.84 -49.46
C SER A 1159 49.69 71.81 -49.34
N PRO A 1160 49.14 72.13 -48.18
CA PRO A 1160 47.69 72.19 -48.03
C PRO A 1160 47.08 73.58 -48.15
N GLY A 1161 47.84 74.60 -48.53
CA GLY A 1161 47.30 75.95 -48.59
C GLY A 1161 48.31 77.05 -48.81
N LEU A 1162 47.88 78.13 -49.46
CA LEU A 1162 48.76 79.22 -49.88
C LEU A 1162 48.26 80.53 -49.29
N CYS A 1163 49.21 81.36 -48.82
CA CYS A 1163 48.93 82.71 -48.33
C CYS A 1163 49.34 83.69 -49.41
N LEU A 1164 48.36 84.36 -50.01
CA LEU A 1164 48.58 85.18 -51.20
C LEU A 1164 48.66 86.66 -50.87
N SER A 1165 49.12 87.43 -51.85
CA SER A 1165 49.52 88.82 -51.66
C SER A 1165 48.33 89.70 -51.38
N GLY A 1166 48.45 90.49 -50.32
CA GLY A 1166 47.35 91.24 -49.79
C GLY A 1166 46.69 90.59 -48.60
N ASP A 1167 47.40 89.67 -47.94
CA ASP A 1167 46.91 88.86 -46.82
C ASP A 1167 45.65 88.10 -47.20
N ARG A 1168 45.70 87.40 -48.32
CA ARG A 1168 44.62 86.51 -48.70
C ARG A 1168 45.07 85.07 -48.48
N GLY A 1169 44.16 84.14 -48.66
CA GLY A 1169 44.52 82.73 -48.60
C GLY A 1169 43.68 81.92 -49.55
N ILE A 1170 44.26 80.84 -50.05
CA ILE A 1170 43.52 79.84 -50.80
C ILE A 1170 43.81 78.46 -50.24
N ALA A 1171 42.77 77.62 -50.18
CA ALA A 1171 42.90 76.21 -49.85
C ALA A 1171 42.37 75.38 -51.01
N PRO A 1172 42.90 74.18 -51.24
CA PRO A 1172 42.37 73.37 -52.33
C PRO A 1172 41.09 72.64 -51.97
N LYS A 1173 40.38 72.19 -53.00
CA LYS A 1173 39.15 71.41 -52.86
C LYS A 1173 39.42 70.02 -53.41
N GLN A 1174 39.40 69.02 -52.52
CA GLN A 1174 39.56 67.60 -52.85
C GLN A 1174 40.89 67.33 -53.55
N GLY A 1175 41.93 68.01 -53.09
CA GLY A 1175 43.19 67.93 -53.76
C GLY A 1175 44.26 68.63 -52.98
N TYR A 1176 45.42 68.76 -53.60
CA TYR A 1176 46.58 69.33 -52.93
C TYR A 1176 47.30 70.29 -53.86
N PHE A 1177 47.97 71.28 -53.26
CA PHE A 1177 48.85 72.22 -53.96
C PHE A 1177 50.24 71.62 -54.07
N ILE A 1178 50.69 71.41 -55.30
CA ILE A 1178 52.00 70.83 -55.57
C ILE A 1178 52.85 71.87 -56.30
N LYS A 1179 54.10 71.51 -56.55
CA LYS A 1179 55.04 72.39 -57.25
C LYS A 1179 55.56 71.69 -58.49
N GLN A 1180 55.11 72.13 -59.66
CA GLN A 1180 55.52 71.56 -60.93
C GLN A 1180 56.23 72.63 -61.73
N ASN A 1181 57.51 72.39 -62.03
CA ASN A 1181 58.38 73.26 -62.84
C ASN A 1181 58.44 74.68 -62.26
N ASP A 1182 58.57 74.76 -60.93
CA ASP A 1182 58.59 76.01 -60.17
C ASP A 1182 57.33 76.85 -60.38
N SER A 1183 56.21 76.18 -60.66
CA SER A 1183 54.90 76.80 -60.68
C SER A 1183 54.03 76.09 -59.66
N TRP A 1184 53.27 76.85 -58.88
CA TRP A 1184 52.28 76.27 -58.00
C TRP A 1184 51.14 75.69 -58.83
N MET A 1185 50.90 74.39 -58.71
CA MET A 1185 49.80 73.72 -59.39
C MET A 1185 48.90 73.03 -58.39
N PHE A 1186 47.79 72.50 -58.89
CA PHE A 1186 46.80 71.74 -58.13
C PHE A 1186 46.73 70.33 -58.68
N THR A 1187 46.74 69.33 -57.80
CA THR A 1187 46.42 67.97 -58.22
C THR A 1187 45.24 67.44 -57.41
N GLY A 1188 44.47 66.52 -58.04
CA GLY A 1188 43.44 65.80 -57.32
C GLY A 1188 44.03 64.78 -56.35
N SER A 1189 43.25 64.41 -55.34
CA SER A 1189 43.82 63.59 -54.28
C SER A 1189 43.72 62.09 -54.53
N SER A 1190 43.03 61.68 -55.59
CA SER A 1190 42.92 60.27 -55.95
C SER A 1190 43.67 59.92 -57.22
N TYR A 1191 44.28 60.89 -57.88
CA TYR A 1191 44.98 60.67 -59.12
C TYR A 1191 45.98 61.81 -59.27
N TYR A 1192 47.12 61.52 -59.86
CA TYR A 1192 48.15 62.52 -60.10
C TYR A 1192 47.93 63.15 -61.48
N TYR A 1193 47.53 64.41 -61.49
CA TYR A 1193 47.30 65.20 -62.69
C TYR A 1193 47.37 66.69 -62.34
N PRO A 1194 48.51 67.35 -62.51
CA PRO A 1194 48.59 68.77 -62.19
C PRO A 1194 47.83 69.61 -63.20
N GLU A 1195 47.40 70.78 -62.76
CA GLU A 1195 46.46 71.58 -63.53
C GLU A 1195 46.56 73.02 -63.06
N PRO A 1196 46.09 73.98 -63.85
CA PRO A 1196 46.09 75.39 -63.41
C PRO A 1196 45.24 75.63 -62.17
N ILE A 1197 45.74 76.52 -61.32
CA ILE A 1197 45.03 76.89 -60.10
C ILE A 1197 43.99 77.94 -60.45
N SER A 1198 42.75 77.50 -60.63
CA SER A 1198 41.63 78.37 -60.94
C SER A 1198 40.86 78.63 -59.66
N ASP A 1199 39.69 79.27 -59.79
CA ASP A 1199 38.81 79.44 -58.64
C ASP A 1199 37.77 78.35 -58.56
N LYS A 1200 37.93 77.27 -59.32
CA LYS A 1200 37.15 76.06 -59.16
C LYS A 1200 37.90 74.95 -58.44
N ASN A 1201 39.21 75.11 -58.24
CA ASN A 1201 39.99 74.20 -57.43
C ASN A 1201 40.30 74.73 -56.05
N VAL A 1202 39.87 75.95 -55.71
CA VAL A 1202 40.25 76.55 -54.44
C VAL A 1202 39.01 77.05 -53.73
N VAL A 1203 39.20 77.30 -52.44
CA VAL A 1203 38.26 78.05 -51.62
C VAL A 1203 39.03 79.24 -51.06
N PHE A 1204 38.46 80.44 -51.22
CA PHE A 1204 39.11 81.69 -50.87
C PHE A 1204 38.85 82.06 -49.42
N MET A 1205 39.83 82.69 -48.80
CA MET A 1205 39.70 83.24 -47.46
C MET A 1205 40.33 84.61 -47.43
N ASN A 1206 39.67 85.55 -46.75
CA ASN A 1206 40.20 86.90 -46.63
C ASN A 1206 41.21 87.04 -45.50
N SER A 1207 41.72 85.93 -44.99
CA SER A 1207 42.85 85.89 -44.08
C SER A 1207 43.71 84.71 -44.53
N CYS A 1208 44.68 84.33 -43.72
CA CYS A 1208 45.37 83.08 -43.97
C CYS A 1208 45.87 82.50 -42.65
N SER A 1209 46.00 81.18 -42.63
CA SER A 1209 46.51 80.44 -41.48
C SER A 1209 48.03 80.51 -41.45
N VAL A 1210 48.58 80.25 -40.27
CA VAL A 1210 49.95 80.63 -39.98
C VAL A 1210 50.99 79.70 -40.62
N ASN A 1211 50.57 78.56 -41.14
CA ASN A 1211 51.50 77.61 -41.73
C ASN A 1211 51.21 77.35 -43.20
N PHE A 1212 50.58 78.29 -43.88
CA PHE A 1212 50.43 78.23 -45.31
C PHE A 1212 51.77 78.52 -45.99
N THR A 1213 51.87 78.16 -47.26
CA THR A 1213 53.11 78.38 -48.00
C THR A 1213 53.01 79.69 -48.76
N LYS A 1214 54.15 80.38 -48.88
CA LYS A 1214 54.18 81.74 -49.38
C LYS A 1214 54.22 81.76 -50.90
N ALA A 1215 53.29 82.50 -51.51
CA ALA A 1215 53.21 82.60 -52.96
C ALA A 1215 52.89 84.04 -53.33
N PRO A 1216 53.91 84.86 -53.59
CA PRO A 1216 53.65 86.21 -54.08
C PRO A 1216 53.44 86.28 -55.59
N PHE A 1217 53.97 85.32 -56.33
CA PHE A 1217 53.85 85.27 -57.78
C PHE A 1217 52.49 84.77 -58.24
N ILE A 1218 51.59 84.40 -57.34
CA ILE A 1218 50.36 83.73 -57.73
C ILE A 1218 49.20 84.72 -57.59
N TYR A 1219 48.80 85.27 -58.73
CA TYR A 1219 47.51 85.92 -58.94
C TYR A 1219 46.83 85.24 -60.12
N LEU A 1220 47.18 83.98 -60.34
CA LEU A 1220 46.93 83.26 -61.59
C LEU A 1220 45.44 82.90 -61.73
N ASN A 1221 45.13 82.23 -62.84
CA ASN A 1221 43.77 82.04 -63.37
C ASN A 1221 42.77 81.41 -62.41
N VAL B 14 -5.12 11.21 33.72
CA VAL B 14 -5.63 12.21 32.81
C VAL B 14 -4.50 12.66 31.87
N ILE B 15 -3.28 12.75 32.38
CA ILE B 15 -2.12 12.88 31.51
C ILE B 15 -1.79 11.53 30.88
N GLY B 16 -1.43 10.55 31.70
CA GLY B 16 -1.28 9.17 31.27
C GLY B 16 -2.09 8.30 32.19
N ASP B 17 -2.71 7.26 31.61
CA ASP B 17 -3.80 6.55 32.28
C ASP B 17 -3.36 5.72 33.48
N PHE B 18 -2.08 5.37 33.58
CA PHE B 18 -1.60 4.54 34.66
C PHE B 18 -1.61 5.32 35.97
N ASN B 19 -2.63 5.11 36.79
CA ASN B 19 -2.77 5.84 38.04
C ASN B 19 -1.69 5.43 39.03
N CYS B 20 -1.32 6.36 39.90
CA CYS B 20 -0.25 6.17 40.85
C CYS B 20 -0.69 6.43 42.29
N THR B 21 -1.74 7.21 42.50
CA THR B 21 -2.18 7.56 43.84
C THR B 21 -3.70 7.74 43.88
N ASN B 22 -4.22 7.87 45.09
CA ASN B 22 -5.63 8.20 45.30
C ASN B 22 -5.85 9.25 46.37
N SER B 23 -4.83 9.67 47.10
CA SER B 23 -4.97 10.66 48.14
C SER B 23 -4.79 12.07 47.58
N PHE B 24 -5.40 13.05 48.27
CA PHE B 24 -5.27 14.48 48.01
C PHE B 24 -5.72 14.83 46.58
N ILE B 25 -7.04 14.71 46.38
CA ILE B 25 -7.68 15.03 45.11
C ILE B 25 -8.47 16.33 45.22
N ASN B 26 -8.01 17.27 46.05
CA ASN B 26 -8.68 18.53 46.34
C ASN B 26 -8.87 19.37 45.09
N ASP B 27 -10.12 19.47 44.63
CA ASP B 27 -10.47 19.76 43.25
C ASP B 27 -10.86 21.23 43.05
N TYR B 28 -11.01 21.99 44.13
CA TYR B 28 -11.89 23.15 44.10
C TYR B 28 -11.21 24.47 43.76
N ASN B 29 -9.93 24.50 43.43
CA ASN B 29 -9.35 25.72 42.90
C ASN B 29 -9.35 25.67 41.38
N LYS B 30 -9.54 26.85 40.75
CA LYS B 30 -9.81 26.94 39.32
C LYS B 30 -9.08 28.11 38.66
N THR B 31 -7.79 28.29 38.94
CA THR B 31 -7.09 29.48 38.46
C THR B 31 -6.80 29.41 36.97
N ILE B 32 -6.33 30.53 36.42
CA ILE B 32 -6.07 30.66 34.99
C ILE B 32 -4.67 31.22 34.78
N PRO B 33 -3.98 30.87 33.69
CA PRO B 33 -2.64 31.43 33.44
C PRO B 33 -2.67 32.91 33.15
N ARG B 34 -1.70 33.63 33.71
CA ARG B 34 -1.60 35.07 33.54
C ARG B 34 -1.12 35.44 32.15
N ILE B 35 -1.02 36.74 31.91
CA ILE B 35 -0.47 37.31 30.69
C ILE B 35 0.48 38.43 31.10
N SER B 36 1.64 38.45 30.48
CA SER B 36 2.73 39.33 30.90
C SER B 36 2.53 40.73 30.35
N GLU B 37 3.48 41.61 30.69
CA GLU B 37 3.55 42.98 30.19
C GLU B 37 4.95 43.13 29.61
N ASP B 38 5.44 42.08 28.97
CA ASP B 38 6.83 42.02 28.55
C ASP B 38 7.01 41.43 27.17
N VAL B 39 6.34 41.99 26.15
CA VAL B 39 6.26 41.42 24.80
C VAL B 39 7.63 41.12 24.17
N VAL B 40 7.64 40.22 23.19
CA VAL B 40 8.89 39.73 22.62
C VAL B 40 9.51 40.80 21.72
N ASP B 41 10.78 41.10 21.97
CA ASP B 41 11.57 42.02 21.15
C ASP B 41 12.83 41.28 20.70
N VAL B 42 13.03 41.20 19.39
CA VAL B 42 14.11 40.41 18.82
C VAL B 42 15.23 41.29 18.28
N SER B 43 15.24 42.58 18.62
CA SER B 43 16.12 43.53 17.95
C SER B 43 17.57 43.39 18.41
N LEU B 44 17.82 42.65 19.48
CA LEU B 44 19.17 42.38 19.95
C LEU B 44 19.54 40.90 19.87
N GLY B 45 18.56 40.03 19.70
CA GLY B 45 18.80 38.60 19.57
C GLY B 45 17.88 37.73 20.39
N LEU B 46 17.31 38.26 21.46
CA LEU B 46 16.51 37.48 22.40
C LEU B 46 15.22 37.02 21.74
N GLY B 47 15.12 35.73 21.48
CA GLY B 47 14.03 35.16 20.71
C GLY B 47 14.50 34.34 19.54
N THR B 48 15.74 34.49 19.13
CA THR B 48 16.34 33.76 18.03
C THR B 48 17.32 32.74 18.58
N TYR B 49 17.96 32.01 17.65
CA TYR B 49 18.88 30.95 18.02
C TYR B 49 19.97 30.89 16.96
N TYR B 50 21.11 30.33 17.34
CA TYR B 50 22.16 30.01 16.37
C TYR B 50 21.74 28.78 15.57
N VAL B 51 21.95 28.83 14.27
CA VAL B 51 21.63 27.73 13.36
C VAL B 51 22.52 26.55 13.72
N LEU B 52 21.99 25.33 13.63
CA LEU B 52 22.12 24.22 14.59
C LEU B 52 23.54 24.05 15.15
N ASN B 53 24.48 23.53 14.39
CA ASN B 53 25.86 23.42 14.85
C ASN B 53 26.80 24.12 13.88
N ARG B 54 26.36 25.27 13.37
CA ARG B 54 27.02 25.96 12.28
C ARG B 54 27.61 27.27 12.78
N VAL B 55 28.68 27.71 12.13
CA VAL B 55 29.30 29.00 12.39
C VAL B 55 29.12 29.85 11.15
N TYR B 56 28.74 31.11 11.35
CA TYR B 56 28.69 32.10 10.29
C TYR B 56 29.48 33.32 10.73
N LEU B 57 30.21 33.93 9.78
CA LEU B 57 31.26 34.90 10.10
C LEU B 57 31.15 36.11 9.18
N ASN B 58 30.94 37.29 9.77
CA ASN B 58 30.79 38.61 9.11
C ASN B 58 29.84 38.56 7.91
N THR B 59 28.58 38.27 8.20
CA THR B 59 27.59 38.20 7.15
C THR B 59 26.22 38.56 7.70
N THR B 60 25.25 38.63 6.81
CA THR B 60 23.84 38.61 7.17
C THR B 60 23.26 37.34 6.60
N LEU B 61 22.37 36.71 7.34
CA LEU B 61 21.74 35.47 6.92
C LEU B 61 20.25 35.68 6.92
N LEU B 62 19.61 35.41 5.80
CA LEU B 62 18.15 35.44 5.70
C LEU B 62 17.68 34.01 5.91
N PHE B 63 17.13 33.75 7.09
CA PHE B 63 16.94 32.40 7.58
C PHE B 63 15.46 32.14 7.78
N THR B 64 14.98 31.01 7.27
CA THR B 64 13.61 30.59 7.46
C THR B 64 13.57 29.58 8.60
N GLY B 65 12.91 29.95 9.68
CA GLY B 65 12.90 29.09 10.84
C GLY B 65 11.64 29.16 11.65
N TYR B 66 11.71 28.68 12.87
CA TYR B 66 10.58 28.66 13.79
C TYR B 66 10.87 29.67 14.88
N PHE B 67 10.22 30.81 14.78
CA PHE B 67 10.52 31.96 15.61
C PHE B 67 9.24 32.43 16.29
N PRO B 68 9.34 33.14 17.40
CA PRO B 68 8.16 33.84 17.91
C PRO B 68 7.80 35.03 17.02
N LYS B 69 6.55 35.43 17.10
CA LYS B 69 6.09 36.58 16.33
C LYS B 69 6.29 37.85 17.12
N SER B 70 7.03 38.80 16.55
CA SER B 70 7.51 39.97 17.28
C SER B 70 6.35 40.90 17.64
N GLY B 71 6.10 41.04 18.93
CA GLY B 71 4.95 41.75 19.44
C GLY B 71 3.85 40.90 20.01
N ALA B 72 4.18 39.85 20.76
CA ALA B 72 3.19 38.94 21.32
C ALA B 72 3.42 38.77 22.82
N ASN B 73 2.42 38.22 23.50
CA ASN B 73 2.45 38.05 24.94
C ASN B 73 2.76 36.60 25.30
N PHE B 74 3.04 36.39 26.59
CA PHE B 74 3.35 35.09 27.15
C PHE B 74 2.18 34.56 27.97
N ARG B 75 2.39 33.41 28.60
CA ARG B 75 1.43 32.81 29.52
C ARG B 75 2.23 32.17 30.64
N ASP B 76 1.95 32.49 31.89
CA ASP B 76 2.62 31.82 33.00
C ASP B 76 1.96 30.48 33.24
N LEU B 77 2.73 29.40 33.12
CA LEU B 77 2.18 28.05 33.20
C LEU B 77 2.68 27.29 34.43
N ALA B 78 3.49 27.92 35.27
CA ALA B 78 3.97 27.28 36.48
C ALA B 78 2.82 27.08 37.47
N LEU B 79 2.88 25.98 38.22
CA LEU B 79 1.88 25.62 39.21
C LEU B 79 2.60 25.17 40.48
N LYS B 80 2.40 25.89 41.57
CA LYS B 80 3.04 25.56 42.84
C LYS B 80 1.98 25.04 43.80
N GLY B 81 1.78 23.73 43.81
CA GLY B 81 1.02 23.11 44.88
C GLY B 81 1.79 23.16 46.19
N SER B 82 1.05 23.13 47.29
CA SER B 82 1.64 23.22 48.62
C SER B 82 1.49 21.92 49.39
N LYS B 83 0.27 21.40 49.49
CA LYS B 83 0.07 20.05 49.99
C LYS B 83 -0.99 19.27 49.22
N TYR B 84 -1.84 19.92 48.44
CA TYR B 84 -2.91 19.24 47.73
C TYR B 84 -2.67 19.30 46.24
N LEU B 85 -3.53 18.60 45.50
CA LEU B 85 -3.25 18.22 44.12
C LEU B 85 -4.55 18.16 43.35
N SER B 86 -4.88 19.24 42.64
CA SER B 86 -6.15 19.32 41.93
C SER B 86 -6.16 18.41 40.70
N THR B 87 -7.33 18.31 40.09
CA THR B 87 -7.49 17.66 38.80
C THR B 87 -7.76 18.66 37.69
N LEU B 88 -8.06 19.91 38.03
CA LEU B 88 -8.18 20.98 37.05
C LEU B 88 -6.83 21.48 36.57
N TRP B 89 -5.76 21.09 37.26
CA TRP B 89 -4.39 21.37 36.88
C TRP B 89 -3.91 20.51 35.74
N TYR B 90 -4.70 19.53 35.32
CA TYR B 90 -4.30 18.55 34.32
C TYR B 90 -5.27 18.60 33.15
N LYS B 91 -5.91 19.74 32.98
CA LYS B 91 -6.96 19.95 32.01
C LYS B 91 -6.46 20.73 30.81
N PRO B 92 -7.17 20.70 29.69
CA PRO B 92 -6.74 21.43 28.48
C PRO B 92 -6.71 22.95 28.58
N PRO B 93 -7.05 23.59 29.71
CA PRO B 93 -6.42 24.90 29.94
C PRO B 93 -4.91 24.82 30.10
N PHE B 94 -4.41 23.99 31.00
CA PHE B 94 -2.98 23.84 31.23
C PHE B 94 -2.32 22.76 30.39
N LEU B 95 -3.02 21.67 30.09
CA LEU B 95 -2.53 20.72 29.11
C LEU B 95 -2.67 21.36 27.73
N SER B 96 -1.57 21.86 27.20
CA SER B 96 -1.58 22.72 26.04
C SER B 96 -1.38 21.91 24.77
N ASP B 97 -1.13 22.61 23.67
CA ASP B 97 -0.89 21.98 22.39
C ASP B 97 0.46 22.42 21.86
N PHE B 98 1.20 21.48 21.28
CA PHE B 98 2.55 21.68 20.75
C PHE B 98 2.42 21.64 19.23
N ASN B 99 2.10 22.78 18.64
CA ASN B 99 1.74 22.78 17.24
C ASN B 99 2.97 22.76 16.34
N ASN B 100 3.76 23.82 16.39
CA ASN B 100 5.07 23.82 15.76
C ASN B 100 6.20 23.95 16.76
N GLY B 101 5.91 24.40 17.96
CA GLY B 101 6.94 24.55 18.96
C GLY B 101 6.60 25.69 19.88
N ILE B 102 7.48 25.90 20.86
CA ILE B 102 7.33 26.98 21.83
C ILE B 102 8.67 27.64 22.10
N PHE B 103 8.58 28.86 22.60
CA PHE B 103 9.71 29.60 23.15
C PHE B 103 9.39 29.88 24.61
N SER B 104 10.33 29.54 25.49
CA SER B 104 10.10 29.53 26.92
C SER B 104 11.10 30.45 27.61
N LYS B 105 10.60 31.15 28.61
CA LYS B 105 11.39 32.03 29.47
C LYS B 105 11.10 31.58 30.90
N VAL B 106 12.10 31.04 31.56
CA VAL B 106 11.94 30.33 32.83
C VAL B 106 12.68 31.10 33.91
N LYS B 107 11.97 31.39 35.00
CA LYS B 107 12.59 32.06 36.13
C LYS B 107 13.29 31.03 36.99
N ASN B 108 14.59 31.20 37.15
CA ASN B 108 15.39 30.32 37.98
C ASN B 108 15.13 30.73 39.43
N THR B 109 14.28 29.99 40.12
CA THR B 109 14.00 30.29 41.52
C THR B 109 15.17 29.83 42.38
N LYS B 110 15.51 30.64 43.37
CA LYS B 110 16.71 30.43 44.16
C LYS B 110 16.36 30.32 45.63
N LEU B 111 16.93 29.32 46.30
CA LEU B 111 16.67 29.05 47.70
C LEU B 111 18.00 29.04 48.46
N TYR B 112 17.90 29.16 49.78
CA TYR B 112 19.06 29.27 50.64
C TYR B 112 18.87 28.41 51.87
N VAL B 113 19.82 27.49 52.11
CA VAL B 113 19.80 26.60 53.27
C VAL B 113 21.11 26.80 54.01
N ASN B 114 21.05 27.55 55.12
CA ASN B 114 22.22 27.99 55.90
C ASN B 114 23.27 28.66 55.01
N ASN B 115 22.80 29.63 54.22
CA ASN B 115 23.59 30.34 53.21
C ASN B 115 24.23 29.38 52.22
N THR B 116 23.40 28.65 51.49
CA THR B 116 23.86 27.78 50.41
C THR B 116 22.82 27.78 49.31
N LEU B 117 23.25 28.17 48.11
CA LEU B 117 22.34 28.39 47.00
C LEU B 117 21.80 27.06 46.47
N TYR B 118 20.51 27.06 46.12
CA TYR B 118 19.88 25.93 45.47
C TYR B 118 18.99 26.45 44.34
N SER B 119 19.16 25.87 43.16
CA SER B 119 18.40 26.27 41.99
C SER B 119 17.18 25.39 41.80
N GLU B 120 16.12 25.98 41.25
CA GLU B 120 14.91 25.22 41.00
C GLU B 120 14.16 25.88 39.85
N PHE B 121 13.44 25.07 39.09
CA PHE B 121 12.29 25.49 38.31
C PHE B 121 11.49 24.25 37.97
N SER B 122 10.38 24.45 37.30
CA SER B 122 9.51 23.35 37.00
C SER B 122 10.05 22.56 35.81
N THR B 123 9.57 21.34 35.66
CA THR B 123 10.03 20.47 34.61
C THR B 123 8.97 20.38 33.53
N ILE B 124 9.40 20.05 32.32
CA ILE B 124 8.47 20.05 31.19
C ILE B 124 8.48 18.66 30.54
N VAL B 125 7.34 18.24 30.03
CA VAL B 125 7.18 16.96 29.36
C VAL B 125 6.43 17.19 28.05
N ILE B 126 6.89 16.55 26.99
CA ILE B 126 6.39 16.77 25.64
C ILE B 126 6.09 15.39 25.04
N GLY B 127 4.96 15.24 24.40
CA GLY B 127 4.71 13.98 23.75
C GLY B 127 3.40 13.94 23.00
N SER B 128 2.93 12.72 22.77
CA SER B 128 1.69 12.49 22.05
C SER B 128 0.56 12.01 22.96
N VAL B 129 0.75 10.88 23.65
CA VAL B 129 -0.33 10.25 24.40
C VAL B 129 0.08 9.89 25.82
N PHE B 130 1.39 9.95 26.10
CA PHE B 130 1.99 9.74 27.43
C PHE B 130 1.79 8.31 27.95
N VAL B 131 1.63 7.35 27.06
CA VAL B 131 1.57 5.94 27.47
C VAL B 131 2.85 5.25 27.02
N ASN B 132 3.10 4.04 27.50
CA ASN B 132 4.36 3.37 27.25
C ASN B 132 4.39 2.61 25.92
N THR B 133 3.57 3.01 24.94
CA THR B 133 3.77 2.59 23.57
C THR B 133 4.24 3.74 22.68
N SER B 134 4.71 4.82 23.29
CA SER B 134 5.00 6.06 22.59
C SER B 134 6.05 6.83 23.38
N TYR B 135 7.00 7.43 22.66
CA TYR B 135 8.09 8.13 23.31
C TYR B 135 7.64 9.49 23.79
N THR B 136 8.07 9.86 24.99
CA THR B 136 7.87 11.18 25.56
C THR B 136 9.22 11.75 25.97
N ILE B 137 9.33 13.08 25.88
CA ILE B 137 10.56 13.81 26.15
C ILE B 137 10.38 14.55 27.46
N VAL B 138 11.34 14.38 28.38
CA VAL B 138 11.27 15.03 29.69
C VAL B 138 12.54 15.84 29.89
N VAL B 139 12.37 17.11 30.24
CA VAL B 139 13.45 18.03 30.57
C VAL B 139 13.32 18.41 32.04
N GLN B 140 14.37 18.12 32.82
CA GLN B 140 14.30 18.29 34.28
C GLN B 140 15.59 18.78 34.90
N PRO B 141 15.54 19.79 35.77
CA PRO B 141 16.76 20.25 36.44
C PRO B 141 17.11 19.42 37.66
N HIS B 142 18.40 19.38 37.96
CA HIS B 142 18.91 18.66 39.12
C HIS B 142 19.96 19.48 39.84
N ASN B 143 19.62 20.73 40.13
CA ASN B 143 20.43 21.69 40.90
C ASN B 143 21.78 21.96 40.22
N GLY B 144 21.67 22.57 39.04
CA GLY B 144 22.83 22.90 38.25
C GLY B 144 23.14 21.90 37.16
N ILE B 145 22.33 20.87 37.02
CA ILE B 145 22.44 19.88 35.95
C ILE B 145 21.08 19.79 35.30
N LEU B 146 21.05 19.70 33.99
CA LEU B 146 19.81 19.60 33.24
C LEU B 146 19.81 18.26 32.53
N GLU B 147 18.94 17.37 32.96
CA GLU B 147 18.87 16.03 32.39
C GLU B 147 17.73 15.98 31.38
N ILE B 148 18.03 15.45 30.19
CA ILE B 148 17.03 15.32 29.14
C ILE B 148 16.96 13.87 28.72
N THR B 149 15.76 13.30 28.74
CA THR B 149 15.60 11.93 28.24
C THR B 149 14.40 11.85 27.34
N ALA B 150 14.55 11.12 26.24
CA ALA B 150 13.45 10.77 25.35
C ALA B 150 13.29 9.26 25.40
N CYS B 151 12.23 8.80 26.06
CA CYS B 151 12.00 7.39 26.38
C CYS B 151 10.50 7.13 26.37
N GLN B 152 10.09 5.86 26.28
CA GLN B 152 8.68 5.51 26.46
C GLN B 152 8.46 5.23 27.93
N TYR B 153 8.29 6.29 28.70
CA TYR B 153 7.94 6.17 30.10
C TYR B 153 6.51 5.71 30.25
N THR B 154 6.17 5.34 31.48
CA THR B 154 4.80 5.08 31.89
C THR B 154 4.41 6.24 32.79
N MET B 155 3.64 7.18 32.27
CA MET B 155 3.36 8.39 33.03
C MET B 155 2.23 8.17 34.01
N CYS B 156 2.29 8.87 35.15
CA CYS B 156 1.23 8.80 36.14
C CYS B 156 0.00 9.57 35.67
N GLU B 157 -1.06 9.52 36.48
CA GLU B 157 -2.25 10.29 36.16
C GLU B 157 -2.11 11.73 36.63
N TYR B 158 -1.52 11.96 37.79
CA TYR B 158 -1.27 13.31 38.31
C TYR B 158 0.22 13.46 38.53
N PRO B 159 1.01 13.64 37.47
CA PRO B 159 2.47 13.70 37.64
C PRO B 159 2.91 15.03 38.23
N HIS B 160 3.87 14.98 39.14
CA HIS B 160 4.38 16.17 39.79
C HIS B 160 5.78 15.88 40.33
N THR B 161 6.50 16.94 40.68
CA THR B 161 7.83 16.77 41.24
C THR B 161 7.87 17.35 42.63
N VAL B 162 9.08 17.40 43.19
CA VAL B 162 9.30 17.73 44.58
C VAL B 162 10.62 18.49 44.68
N CYS B 163 10.62 19.57 45.46
CA CYS B 163 11.85 20.32 45.67
C CYS B 163 12.85 19.52 46.49
N LYS B 164 14.12 19.61 46.10
CA LYS B 164 15.18 18.85 46.73
C LYS B 164 15.98 19.63 47.74
N SER B 165 15.71 20.92 47.90
CA SER B 165 16.47 21.73 48.86
C SER B 165 15.94 21.55 50.27
N LYS B 166 14.62 21.72 50.45
CA LYS B 166 13.92 21.38 51.68
C LYS B 166 12.60 20.75 51.26
N GLY B 167 12.53 19.42 51.32
CA GLY B 167 11.51 18.68 50.61
C GLY B 167 10.11 18.87 51.17
N SER B 168 9.15 18.34 50.43
CA SER B 168 7.75 18.64 50.64
C SER B 168 7.09 17.61 51.55
N ILE B 169 5.76 17.65 51.60
CA ILE B 169 4.99 16.62 52.27
C ILE B 169 4.87 15.39 51.40
N ARG B 170 4.73 15.57 50.09
CA ARG B 170 4.52 14.48 49.17
C ARG B 170 5.85 13.85 48.75
N ASN B 171 5.77 12.94 47.79
CA ASN B 171 6.93 12.31 47.19
C ASN B 171 6.86 12.48 45.68
N GLU B 172 8.01 12.68 45.06
CA GLU B 172 8.08 12.92 43.62
C GLU B 172 7.66 11.66 42.87
N SER B 173 6.61 11.79 42.05
CA SER B 173 6.09 10.63 41.34
C SER B 173 5.44 11.09 40.05
N TRP B 174 6.20 11.04 38.95
CA TRP B 174 5.62 11.22 37.64
C TRP B 174 5.61 9.95 36.81
N HIS B 175 6.41 8.95 37.17
CA HIS B 175 6.39 7.68 36.48
C HIS B 175 6.67 6.56 37.48
N ILE B 176 6.08 5.40 37.20
CA ILE B 176 6.44 4.18 37.91
C ILE B 176 6.92 3.22 36.81
N ASP B 177 8.23 3.21 36.61
CA ASP B 177 8.82 2.53 35.47
C ASP B 177 10.11 1.85 35.87
N SER B 178 10.10 1.12 36.98
CA SER B 178 11.32 0.55 37.55
C SER B 178 11.76 -0.72 36.82
N SER B 179 11.88 -0.59 35.49
CA SER B 179 12.35 -1.66 34.62
C SER B 179 13.20 -1.11 33.47
N GLU B 180 13.72 0.13 33.58
CA GLU B 180 14.50 0.93 32.64
C GLU B 180 13.94 0.85 31.22
N PRO B 181 12.85 1.59 30.92
CA PRO B 181 12.18 1.44 29.62
C PRO B 181 13.01 1.94 28.45
N LEU B 182 12.56 1.64 27.23
CA LEU B 182 13.32 1.93 26.03
C LEU B 182 13.51 3.43 25.86
N CYS B 183 14.74 3.85 25.58
CA CYS B 183 15.11 5.25 25.47
C CYS B 183 15.74 5.50 24.12
N LEU B 184 15.23 6.51 23.41
CA LEU B 184 15.86 6.93 22.17
C LEU B 184 16.96 7.95 22.41
N PHE B 185 16.93 8.64 23.54
CA PHE B 185 17.93 9.67 23.79
C PHE B 185 18.10 9.82 25.29
N LYS B 186 19.32 10.05 25.73
CA LYS B 186 19.59 10.19 27.16
C LYS B 186 20.86 11.01 27.33
N LYS B 187 20.75 12.23 27.85
CA LYS B 187 21.93 13.07 27.96
C LYS B 187 21.81 14.02 29.14
N ASN B 188 22.94 14.65 29.43
CA ASN B 188 23.05 15.58 30.54
C ASN B 188 23.72 16.84 30.06
N PHE B 189 23.41 17.94 30.73
CA PHE B 189 23.96 19.25 30.40
C PHE B 189 24.07 20.06 31.67
N THR B 190 24.66 21.25 31.59
CA THR B 190 24.92 22.07 32.76
C THR B 190 24.44 23.49 32.54
N TYR B 191 24.11 24.19 33.63
CA TYR B 191 23.74 25.59 33.55
C TYR B 191 24.27 26.33 34.77
N ASN B 192 24.16 27.64 34.73
CA ASN B 192 24.61 28.49 35.83
C ASN B 192 23.59 28.46 36.96
N VAL B 193 24.06 28.24 38.19
CA VAL B 193 23.13 28.16 39.31
C VAL B 193 22.67 29.54 39.74
N SER B 194 23.53 30.55 39.62
CA SER B 194 23.18 31.91 40.00
C SER B 194 22.52 32.68 38.87
N ALA B 195 22.23 32.03 37.74
CA ALA B 195 21.52 32.63 36.63
C ALA B 195 20.12 33.03 37.06
N ASP B 196 19.63 34.12 36.48
CA ASP B 196 18.31 34.64 36.83
C ASP B 196 17.21 34.16 35.91
N TRP B 197 17.51 33.94 34.64
CA TRP B 197 16.53 33.43 33.69
C TRP B 197 17.17 32.35 32.85
N LEU B 198 16.33 31.51 32.27
CA LEU B 198 16.76 30.53 31.27
C LEU B 198 15.79 30.59 30.11
N TYR B 199 16.31 30.35 28.90
CA TYR B 199 15.49 30.46 27.70
C TYR B 199 15.59 29.18 26.89
N PHE B 200 14.47 28.74 26.33
CA PHE B 200 14.40 27.46 25.65
C PHE B 200 13.64 27.56 24.34
N HIS B 201 14.10 26.84 23.33
CA HIS B 201 13.40 26.69 22.06
C HIS B 201 13.13 25.21 21.84
N PHE B 202 11.86 24.85 21.71
CA PHE B 202 11.50 23.45 21.49
C PHE B 202 10.63 23.38 20.26
N TYR B 203 11.12 22.75 19.20
CA TYR B 203 10.26 22.68 18.02
C TYR B 203 10.50 21.38 17.29
N GLN B 204 9.73 21.16 16.23
CA GLN B 204 9.79 19.93 15.47
C GLN B 204 9.47 20.21 14.01
N GLU B 205 10.07 19.43 13.13
CA GLU B 205 9.92 19.60 11.69
C GLU B 205 10.34 18.31 11.02
N ARG B 206 9.48 17.82 10.11
CA ARG B 206 9.72 16.61 9.31
C ARG B 206 9.94 15.38 10.17
N GLY B 207 9.26 15.33 11.31
CA GLY B 207 9.45 14.23 12.22
C GLY B 207 10.75 14.23 12.97
N VAL B 208 11.42 15.38 13.09
CA VAL B 208 12.62 15.53 13.90
C VAL B 208 12.33 16.58 14.97
N PHE B 209 12.80 16.33 16.19
CA PHE B 209 12.62 17.23 17.31
C PHE B 209 13.94 17.93 17.62
N TYR B 210 13.91 19.26 17.71
CA TYR B 210 15.07 20.08 17.96
C TYR B 210 14.88 20.82 19.27
N ALA B 211 15.96 20.88 20.07
CA ALA B 211 15.94 21.63 21.31
C ALA B 211 17.17 22.52 21.45
N TYR B 212 16.95 23.73 22.00
CA TYR B 212 17.94 24.81 22.18
C TYR B 212 17.76 25.45 23.55
N TYR B 213 18.86 25.96 24.12
CA TYR B 213 18.74 26.63 25.42
C TYR B 213 19.83 27.68 25.60
N ALA B 214 19.60 28.56 26.57
CA ALA B 214 20.56 29.55 27.01
C ALA B 214 20.21 29.97 28.44
N ASP B 215 21.16 30.59 29.13
CA ASP B 215 20.85 31.19 30.43
C ASP B 215 21.14 32.68 30.49
N VAL B 216 22.26 33.13 29.95
CA VAL B 216 22.47 34.56 29.76
C VAL B 216 21.51 35.05 28.69
N GLY B 217 20.92 36.23 28.87
CA GLY B 217 19.96 36.74 27.90
C GLY B 217 20.61 37.08 26.57
N MET B 218 20.40 36.22 25.58
CA MET B 218 21.14 36.18 24.34
C MET B 218 20.43 35.18 23.43
N PRO B 219 20.85 34.97 22.18
CA PRO B 219 20.29 33.85 21.40
C PRO B 219 20.58 32.50 22.05
N THR B 220 19.71 31.53 21.79
CA THR B 220 19.86 30.23 22.43
C THR B 220 20.71 29.30 21.58
N THR B 221 21.40 28.40 22.27
CA THR B 221 22.39 27.53 21.67
C THR B 221 21.90 26.09 21.66
N PHE B 222 22.45 25.32 20.73
CA PHE B 222 21.88 24.04 20.34
C PHE B 222 22.10 22.97 21.39
N LEU B 223 21.01 22.32 21.79
CA LEU B 223 21.13 21.18 22.68
C LEU B 223 21.19 19.88 21.89
N PHE B 224 20.11 19.55 21.18
CA PHE B 224 20.15 18.28 20.46
C PHE B 224 19.07 18.23 19.40
N SER B 225 19.14 17.15 18.63
CA SER B 225 18.19 16.82 17.60
C SER B 225 17.94 15.32 17.63
N LEU B 226 16.69 14.93 17.41
CA LEU B 226 16.32 13.52 17.56
C LEU B 226 15.28 13.17 16.50
N TYR B 227 15.56 12.13 15.73
CA TYR B 227 14.63 11.69 14.69
C TYR B 227 13.65 10.68 15.27
N LEU B 228 12.39 11.08 15.39
CA LEU B 228 11.31 10.22 15.86
C LEU B 228 10.52 9.58 14.74
N GLY B 229 10.24 10.32 13.68
CA GLY B 229 9.39 9.87 12.61
C GLY B 229 7.92 10.20 12.79
N THR B 230 7.49 10.43 14.03
CA THR B 230 6.10 10.72 14.34
C THR B 230 5.94 12.20 14.66
N ILE B 231 4.74 12.58 15.07
CA ILE B 231 4.37 13.97 15.31
C ILE B 231 3.89 14.11 16.75
N LEU B 232 4.63 14.89 17.53
CA LEU B 232 4.17 15.22 18.88
C LEU B 232 2.98 16.16 18.80
N SER B 233 2.17 16.16 19.85
CA SER B 233 0.97 16.98 19.83
C SER B 233 0.67 17.72 21.12
N HIS B 234 1.28 17.37 22.24
CA HIS B 234 0.96 18.04 23.48
C HIS B 234 2.22 18.29 24.27
N TYR B 235 2.11 19.19 25.22
CA TYR B 235 3.15 19.40 26.20
C TYR B 235 2.50 19.83 27.49
N TYR B 236 3.29 19.79 28.56
CA TYR B 236 2.77 20.08 29.88
C TYR B 236 3.93 20.47 30.78
N VAL B 237 3.82 21.61 31.41
CA VAL B 237 4.72 21.96 32.51
C VAL B 237 4.15 21.35 33.77
N MET B 238 4.92 20.48 34.42
CA MET B 238 4.24 19.76 35.50
C MET B 238 4.38 20.52 36.82
N PRO B 239 3.38 20.43 37.70
CA PRO B 239 3.43 21.18 38.96
C PRO B 239 4.53 20.71 39.89
N LEU B 240 5.09 21.65 40.65
CA LEU B 240 6.13 21.38 41.61
C LEU B 240 5.57 21.56 43.00
N THR B 241 5.24 20.46 43.65
CA THR B 241 4.73 20.48 45.02
C THR B 241 5.91 20.57 45.97
N CYS B 242 6.06 21.73 46.60
CA CYS B 242 7.14 21.96 47.54
C CYS B 242 6.53 22.37 48.87
N LYS B 243 7.36 22.33 49.92
CA LYS B 243 6.90 22.66 51.26
C LYS B 243 6.77 24.17 51.43
N ALA B 244 7.89 24.88 51.32
CA ALA B 244 7.88 26.32 51.53
C ALA B 244 8.57 26.98 50.34
N ILE B 245 7.81 27.71 49.54
CA ILE B 245 8.37 28.57 48.50
C ILE B 245 7.69 29.94 48.58
N SER B 246 6.51 29.99 49.20
CA SER B 246 5.57 31.09 49.03
C SER B 246 6.01 32.33 49.81
N SER B 247 5.17 33.37 49.77
CA SER B 247 5.54 34.70 50.26
C SER B 247 5.53 34.80 51.78
N ASN B 248 5.03 33.77 52.49
CA ASN B 248 5.22 33.73 53.94
C ASN B 248 6.68 33.47 54.28
N THR B 249 7.43 32.84 53.39
CA THR B 249 8.89 32.80 53.37
C THR B 249 9.40 34.05 52.63
N ASP B 250 10.62 33.98 52.09
CA ASP B 250 11.36 35.13 51.57
C ASP B 250 10.91 35.58 50.17
N ASN B 251 9.64 35.33 49.81
CA ASN B 251 8.96 35.92 48.64
C ASN B 251 9.60 35.47 47.32
N GLU B 252 9.54 34.18 47.07
CA GLU B 252 9.90 33.62 45.77
C GLU B 252 8.65 33.13 45.06
N THR B 253 8.78 32.91 43.75
CA THR B 253 7.65 32.47 42.95
C THR B 253 8.12 31.62 41.77
N LEU B 254 7.28 30.67 41.39
CA LEU B 254 7.55 29.83 40.22
C LEU B 254 7.03 30.51 38.96
N GLU B 255 7.81 30.43 37.88
CA GLU B 255 7.42 31.08 36.63
C GLU B 255 7.91 30.29 35.44
N TYR B 256 7.07 30.24 34.41
CA TYR B 256 7.37 29.56 33.16
C TYR B 256 6.52 30.23 32.09
N TRP B 257 7.11 31.13 31.30
CA TRP B 257 6.37 31.84 30.29
C TRP B 257 6.61 31.22 28.92
N VAL B 258 5.54 30.86 28.23
CA VAL B 258 5.68 30.29 26.89
C VAL B 258 5.02 31.19 25.86
N THR B 259 5.47 31.07 24.62
CA THR B 259 4.86 31.78 23.50
C THR B 259 5.04 30.91 22.26
N PRO B 260 4.05 30.85 21.37
CA PRO B 260 4.14 29.88 20.27
C PRO B 260 5.11 30.29 19.18
N LEU B 261 5.59 29.30 18.45
CA LEU B 261 6.51 29.49 17.35
C LEU B 261 5.77 29.31 16.03
N SER B 262 6.23 30.05 15.03
CA SER B 262 5.68 29.87 13.70
C SER B 262 6.80 29.90 12.71
N ARG B 263 6.56 29.31 11.55
CA ARG B 263 7.53 29.33 10.47
C ARG B 263 7.53 30.68 9.80
N ARG B 264 8.67 31.36 9.81
CA ARG B 264 8.77 32.68 9.23
C ARG B 264 10.22 32.94 8.84
N GLN B 265 10.51 34.17 8.44
CA GLN B 265 11.82 34.56 7.98
C GLN B 265 12.38 35.64 8.87
N TYR B 266 13.62 35.49 9.25
CA TYR B 266 14.34 36.48 10.03
C TYR B 266 15.59 36.87 9.29
N LEU B 267 16.09 38.05 9.58
CA LEU B 267 17.35 38.51 9.03
C LEU B 267 18.30 38.69 10.20
N LEU B 268 19.31 37.83 10.28
CA LEU B 268 20.27 37.84 11.36
C LEU B 268 21.58 38.45 10.88
N ASN B 269 22.29 39.08 11.80
CA ASN B 269 23.58 39.69 11.51
C ASN B 269 24.63 39.04 12.39
N PHE B 270 25.71 38.57 11.79
CA PHE B 270 26.84 38.00 12.52
C PHE B 270 28.05 38.91 12.36
N ASP B 271 28.84 39.05 13.42
CA ASP B 271 30.06 39.82 13.29
C ASP B 271 31.24 38.93 12.94
N GLU B 272 32.44 39.46 13.11
CA GLU B 272 33.68 38.78 12.76
C GLU B 272 33.98 37.58 13.65
N HIS B 273 33.43 37.55 14.86
CA HIS B 273 33.64 36.43 15.76
C HIS B 273 32.56 35.39 15.65
N GLY B 274 31.40 35.75 15.11
CA GLY B 274 30.30 34.84 15.01
C GLY B 274 29.16 35.12 15.96
N VAL B 275 29.12 36.29 16.56
CA VAL B 275 28.12 36.63 17.58
C VAL B 275 26.97 37.36 16.91
N ILE B 276 25.75 36.89 17.15
CA ILE B 276 24.57 37.56 16.62
C ILE B 276 24.40 38.89 17.34
N THR B 277 24.50 39.98 16.59
CA THR B 277 24.33 41.30 17.14
C THR B 277 22.97 41.91 16.85
N ASN B 278 22.29 41.46 15.78
CA ASN B 278 21.05 42.05 15.35
C ASN B 278 20.19 41.00 14.68
N ALA B 279 18.87 41.18 14.78
CA ALA B 279 17.93 40.35 14.06
C ALA B 279 16.68 41.16 13.76
N VAL B 280 16.01 40.81 12.67
CA VAL B 280 14.83 41.52 12.20
C VAL B 280 13.78 40.49 11.81
N ASP B 281 12.58 40.66 12.34
CA ASP B 281 11.41 39.92 11.87
C ASP B 281 10.86 40.63 10.63
N CYS B 282 10.78 39.90 9.55
CA CYS B 282 10.46 40.48 8.25
C CYS B 282 9.03 40.78 8.04
N SER B 283 8.16 40.78 9.04
CA SER B 283 6.75 41.12 8.87
C SER B 283 6.29 42.13 9.90
N SER B 284 7.20 42.73 10.65
CA SER B 284 6.80 43.63 11.72
C SER B 284 6.39 44.99 11.19
N SER B 285 7.03 45.48 10.13
CA SER B 285 6.78 46.81 9.61
C SER B 285 7.03 46.81 8.11
N PHE B 286 7.11 48.01 7.52
CA PHE B 286 7.44 48.14 6.11
C PHE B 286 8.94 48.21 5.90
N LEU B 287 9.64 48.93 6.78
CA LEU B 287 11.10 48.96 6.76
C LEU B 287 11.69 47.58 6.98
N SER B 288 11.01 46.73 7.75
CA SER B 288 11.48 45.37 7.96
C SER B 288 11.38 44.54 6.70
N GLU B 289 10.33 44.75 5.90
CA GLU B 289 10.23 44.07 4.61
C GLU B 289 11.30 44.57 3.64
N ILE B 290 11.59 45.87 3.65
CA ILE B 290 12.65 46.41 2.80
C ILE B 290 14.01 45.84 3.19
N GLN B 291 14.28 45.76 4.49
CA GLN B 291 15.54 45.20 4.98
C GLN B 291 15.66 43.72 4.67
N CYS B 292 14.57 42.98 4.75
CA CYS B 292 14.66 41.55 4.50
C CYS B 292 14.67 41.20 3.02
N LYS B 293 14.17 42.08 2.16
CA LYS B 293 14.23 41.78 0.75
C LYS B 293 15.45 42.37 0.07
N THR B 294 16.11 43.35 0.69
CA THR B 294 17.43 43.75 0.23
C THR B 294 18.55 43.04 0.96
N GLN B 295 18.24 42.31 2.04
CA GLN B 295 19.18 41.56 2.86
C GLN B 295 20.27 42.45 3.44
N SER B 296 19.85 43.58 4.00
CA SER B 296 20.78 44.58 4.52
C SER B 296 20.08 45.39 5.58
N PHE B 297 20.81 45.76 6.62
CA PHE B 297 20.23 46.57 7.68
C PHE B 297 20.30 48.05 7.38
N ALA B 298 21.02 48.44 6.33
CA ALA B 298 20.97 49.79 5.78
C ALA B 298 20.77 49.67 4.29
N PRO B 299 19.52 49.60 3.83
CA PRO B 299 19.24 49.43 2.41
C PRO B 299 19.46 50.73 1.65
N ASN B 300 19.45 50.61 0.32
CA ASN B 300 19.66 51.76 -0.54
C ASN B 300 18.37 52.56 -0.72
N THR B 301 18.47 53.59 -1.55
CA THR B 301 17.30 54.37 -1.94
C THR B 301 16.58 53.63 -3.06
N GLY B 302 15.25 53.62 -3.02
CA GLY B 302 14.53 52.95 -4.08
C GLY B 302 13.04 53.01 -3.85
N VAL B 303 12.31 52.40 -4.77
CA VAL B 303 10.88 52.18 -4.62
C VAL B 303 10.65 50.67 -4.69
N TYR B 304 9.99 50.14 -3.68
CA TYR B 304 9.85 48.71 -3.47
C TYR B 304 8.38 48.38 -3.46
N ASP B 305 8.01 47.19 -3.88
CA ASP B 305 6.62 46.76 -3.88
C ASP B 305 6.41 45.75 -2.77
N LEU B 306 5.88 46.22 -1.66
CA LEU B 306 5.76 45.41 -0.46
C LEU B 306 4.36 44.83 -0.36
N SER B 307 4.27 43.57 0.02
CA SER B 307 2.99 42.94 0.19
C SER B 307 2.33 43.43 1.47
N GLY B 308 1.05 43.75 1.37
CA GLY B 308 0.25 44.00 2.54
C GLY B 308 -0.82 42.93 2.68
N PHE B 309 -1.13 42.62 3.94
CA PHE B 309 -2.33 41.83 4.20
C PHE B 309 -3.55 42.69 3.88
N THR B 310 -4.49 42.11 3.16
CA THR B 310 -5.50 42.99 2.56
C THR B 310 -6.90 42.79 3.11
N VAL B 311 -7.47 41.58 3.01
CA VAL B 311 -8.79 41.30 3.55
C VAL B 311 -8.76 39.94 4.21
N LYS B 312 -9.64 39.76 5.19
CA LYS B 312 -9.88 38.48 5.78
C LYS B 312 -11.39 38.23 5.74
N PRO B 313 -11.81 37.02 5.37
CA PRO B 313 -13.25 36.75 5.29
C PRO B 313 -13.88 36.70 6.67
N VAL B 314 -15.08 37.27 6.79
CA VAL B 314 -15.77 37.40 8.06
C VAL B 314 -16.35 36.06 8.49
N ALA B 315 -17.19 35.46 7.64
CA ALA B 315 -17.96 34.30 8.03
C ALA B 315 -17.99 33.23 6.95
N THR B 316 -18.90 32.27 7.07
CA THR B 316 -19.18 31.28 6.05
C THR B 316 -20.64 31.38 5.65
N VAL B 317 -20.91 31.07 4.38
CA VAL B 317 -22.26 30.84 3.89
C VAL B 317 -22.31 29.41 3.40
N TYR B 318 -23.51 28.83 3.38
CA TYR B 318 -23.66 27.42 3.04
C TYR B 318 -25.05 27.18 2.47
N ARG B 319 -25.12 26.34 1.44
CA ARG B 319 -26.40 25.86 0.91
C ARG B 319 -26.13 24.60 0.11
N ARG B 320 -27.01 23.60 0.23
CA ARG B 320 -26.78 22.32 -0.43
C ARG B 320 -28.00 21.64 -1.04
N ILE B 321 -29.22 22.17 -0.90
CA ILE B 321 -30.51 21.68 -1.44
C ILE B 321 -30.68 20.16 -1.33
N PRO B 322 -31.06 19.66 -0.14
CA PRO B 322 -30.82 18.25 0.20
C PRO B 322 -31.56 17.22 -0.66
N ASN B 323 -31.00 16.01 -0.68
CA ASN B 323 -31.54 14.94 -1.50
C ASN B 323 -32.79 14.32 -0.89
N LEU B 324 -32.60 13.67 0.25
CA LEU B 324 -33.68 12.96 0.94
C LEU B 324 -34.76 13.80 1.60
N PRO B 325 -35.90 13.10 1.95
CA PRO B 325 -36.92 13.93 2.60
C PRO B 325 -36.85 13.76 4.11
N ASP B 326 -37.27 14.79 4.83
CA ASP B 326 -37.24 14.78 6.29
C ASP B 326 -37.98 13.57 6.80
N CYS B 327 -38.00 13.36 8.11
CA CYS B 327 -38.70 12.21 8.65
C CYS B 327 -40.02 12.58 9.28
N ASP B 328 -40.06 13.75 9.93
CA ASP B 328 -41.19 14.21 10.72
C ASP B 328 -41.54 13.22 11.83
N ILE B 329 -40.59 13.09 12.75
CA ILE B 329 -40.83 12.28 13.93
C ILE B 329 -41.93 12.88 14.77
N ASP B 330 -41.91 14.19 14.95
CA ASP B 330 -42.87 14.86 15.81
C ASP B 330 -44.27 14.87 15.25
N ASN B 331 -44.44 14.58 13.97
CA ASN B 331 -45.78 14.38 13.44
C ASN B 331 -46.30 13.00 13.77
N TRP B 332 -45.46 12.14 14.29
CA TRP B 332 -45.87 10.86 14.82
C TRP B 332 -45.92 10.84 16.33
N LEU B 333 -45.03 11.56 16.99
CA LEU B 333 -45.05 11.58 18.44
C LEU B 333 -46.17 12.43 18.97
N ASN B 334 -46.76 13.29 18.16
CA ASN B 334 -47.94 14.03 18.57
C ASN B 334 -49.20 13.40 18.01
N ASN B 335 -49.19 12.09 17.79
CA ASN B 335 -50.37 11.43 17.29
C ASN B 335 -51.42 11.36 18.38
N VAL B 336 -52.66 11.18 17.95
CA VAL B 336 -53.76 11.20 18.90
C VAL B 336 -53.89 9.87 19.61
N SER B 337 -54.02 8.79 18.84
CA SER B 337 -54.30 7.48 19.41
C SER B 337 -53.05 6.88 20.01
N VAL B 338 -52.85 7.09 21.32
CA VAL B 338 -51.67 6.60 22.02
C VAL B 338 -51.87 5.16 22.46
N PRO B 339 -51.01 4.24 22.11
CA PRO B 339 -51.15 2.88 22.59
C PRO B 339 -50.65 2.72 24.01
N SER B 340 -51.23 1.75 24.70
CA SER B 340 -51.05 1.33 26.07
C SER B 340 -49.91 0.33 26.16
N PRO B 341 -49.32 0.10 27.34
CA PRO B 341 -48.08 -0.68 27.41
C PRO B 341 -48.17 -2.15 27.05
N LEU B 342 -49.33 -2.65 26.65
CA LEU B 342 -49.42 -4.01 26.15
C LEU B 342 -49.07 -4.07 24.68
N ASN B 343 -49.59 -3.11 23.89
CA ASN B 343 -49.50 -3.13 22.43
C ASN B 343 -48.90 -1.83 21.93
N TRP B 344 -47.74 -1.48 22.47
CA TRP B 344 -46.97 -0.33 22.01
C TRP B 344 -46.66 -0.41 20.53
N GLU B 345 -46.52 0.74 19.91
CA GLU B 345 -46.20 0.75 18.49
C GLU B 345 -44.72 0.97 18.30
N ARG B 346 -44.33 1.02 17.03
CA ARG B 346 -42.94 1.22 16.64
C ARG B 346 -42.98 1.64 15.19
N ARG B 347 -42.21 2.65 14.83
CA ARG B 347 -42.04 2.99 13.43
C ARG B 347 -40.56 3.12 13.17
N ILE B 348 -40.14 2.86 11.95
CA ILE B 348 -38.73 2.81 11.61
C ILE B 348 -38.46 3.96 10.66
N PHE B 349 -38.07 5.09 11.21
CA PHE B 349 -37.73 6.26 10.43
C PHE B 349 -36.37 6.04 9.81
N SER B 350 -36.33 5.80 8.50
CA SER B 350 -35.06 5.63 7.83
C SER B 350 -35.09 6.37 6.51
N ASN B 351 -33.88 6.70 6.04
CA ASN B 351 -33.64 7.44 4.80
C ASN B 351 -34.36 8.78 4.79
N CYS B 352 -34.00 9.65 5.71
CA CYS B 352 -34.55 10.98 5.74
C CYS B 352 -33.59 11.88 6.50
N ASN B 353 -34.01 13.10 6.77
CA ASN B 353 -33.20 14.06 7.51
C ASN B 353 -33.95 14.51 8.74
N PHE B 354 -33.21 14.85 9.79
CA PHE B 354 -33.85 15.21 11.04
C PHE B 354 -32.90 16.11 11.79
N ASN B 355 -33.40 16.71 12.86
CA ASN B 355 -32.52 17.27 13.88
C ASN B 355 -33.17 17.07 15.22
N LEU B 356 -32.68 17.81 16.20
CA LEU B 356 -33.20 17.62 17.53
C LEU B 356 -33.90 18.83 18.10
N SER B 357 -33.51 20.02 17.70
CA SER B 357 -34.01 21.19 18.40
C SER B 357 -35.47 21.43 18.08
N THR B 358 -35.84 21.31 16.82
CA THR B 358 -37.24 21.44 16.43
C THR B 358 -38.08 20.30 17.00
N LEU B 359 -37.46 19.13 17.14
CA LEU B 359 -38.14 18.00 17.77
C LEU B 359 -38.44 18.29 19.23
N LEU B 360 -37.41 18.47 20.03
CA LEU B 360 -37.54 18.62 21.47
C LEU B 360 -38.09 19.98 21.88
N ARG B 361 -38.37 20.89 20.95
CA ARG B 361 -39.23 21.99 21.33
C ARG B 361 -40.63 21.87 20.74
N LEU B 362 -40.84 20.99 19.79
CA LEU B 362 -42.18 20.82 19.26
C LEU B 362 -42.98 19.74 19.98
N VAL B 363 -42.34 18.88 20.76
CA VAL B 363 -43.03 18.02 21.70
C VAL B 363 -42.61 18.41 23.10
N HIS B 364 -43.56 18.43 24.02
CA HIS B 364 -43.32 19.03 25.32
C HIS B 364 -42.50 18.06 26.16
N VAL B 365 -41.18 18.14 26.01
CA VAL B 365 -40.28 17.25 26.71
C VAL B 365 -40.31 17.54 28.20
N ASP B 366 -40.18 16.48 29.01
CA ASP B 366 -39.83 16.63 30.41
C ASP B 366 -38.48 16.06 30.78
N SER B 367 -37.92 15.16 29.97
CA SER B 367 -36.57 14.67 30.20
C SER B 367 -36.05 14.05 28.93
N PHE B 368 -34.73 14.05 28.78
CA PHE B 368 -34.10 13.33 27.69
C PHE B 368 -32.76 12.85 28.18
N SER B 369 -32.70 11.63 28.66
CA SER B 369 -31.44 11.02 29.02
C SER B 369 -30.83 10.40 27.77
N CYS B 370 -29.68 9.75 27.92
CA CYS B 370 -29.17 8.89 26.88
C CYS B 370 -28.42 7.76 27.55
N ASN B 371 -27.92 6.83 26.73
CA ASN B 371 -27.15 5.71 27.23
C ASN B 371 -26.37 5.18 26.04
N ASN B 372 -25.14 4.75 26.30
CA ASN B 372 -24.14 4.38 25.29
C ASN B 372 -23.93 5.49 24.27
N LEU B 373 -24.12 6.74 24.66
CA LEU B 373 -24.10 7.84 23.73
C LEU B 373 -23.76 9.10 24.48
N ASP B 374 -23.37 10.11 23.73
CA ASP B 374 -23.27 11.44 24.27
C ASP B 374 -24.23 12.33 23.50
N LYS B 375 -24.93 13.18 24.25
CA LYS B 375 -26.07 13.94 23.73
C LYS B 375 -25.70 14.84 22.56
N SER B 376 -24.45 15.28 22.47
CA SER B 376 -24.02 16.03 21.30
C SER B 376 -23.47 15.14 20.21
N LYS B 377 -23.40 13.83 20.39
CA LYS B 377 -22.98 13.01 19.27
C LYS B 377 -24.11 12.70 18.31
N ILE B 378 -25.34 13.00 18.70
CA ILE B 378 -26.45 12.96 17.75
C ILE B 378 -26.26 14.00 16.66
N PHE B 379 -25.96 15.25 17.07
CA PHE B 379 -26.04 16.41 16.19
C PHE B 379 -25.10 16.34 15.01
N GLY B 380 -24.03 15.59 15.10
CA GLY B 380 -23.19 15.48 13.93
C GLY B 380 -23.59 14.34 13.02
N SER B 381 -23.66 13.14 13.58
CA SER B 381 -23.39 11.92 12.83
C SER B 381 -24.54 11.56 11.90
N CYS B 382 -24.33 10.47 11.17
CA CYS B 382 -25.29 9.93 10.22
C CYS B 382 -25.51 8.47 10.56
N PHE B 383 -26.68 8.15 11.09
CA PHE B 383 -26.99 6.79 11.51
C PHE B 383 -27.54 5.97 10.37
N ASN B 384 -28.16 4.84 10.67
CA ASN B 384 -28.63 4.00 9.58
C ASN B 384 -30.14 3.82 9.63
N SER B 385 -30.73 3.88 10.82
CA SER B 385 -32.17 3.98 11.02
C SER B 385 -32.41 4.37 12.46
N ILE B 386 -33.65 4.74 12.74
CA ILE B 386 -34.09 5.14 14.07
C ILE B 386 -35.41 4.43 14.28
N THR B 387 -35.66 3.93 15.48
CA THR B 387 -36.82 3.07 15.70
C THR B 387 -37.56 3.54 16.94
N VAL B 388 -38.48 4.46 16.79
CA VAL B 388 -39.14 5.08 17.93
C VAL B 388 -40.28 4.21 18.40
N ASP B 389 -40.29 3.80 19.68
CA ASP B 389 -41.37 3.00 20.26
C ASP B 389 -42.03 3.75 21.39
N LYS B 390 -43.29 4.08 21.24
CA LYS B 390 -43.96 4.90 22.24
C LYS B 390 -45.12 4.14 22.85
N PHE B 391 -45.45 4.51 24.08
CA PHE B 391 -46.68 4.09 24.75
C PHE B 391 -46.95 5.01 25.91
N ALA B 392 -48.16 4.93 26.45
CA ALA B 392 -48.51 5.76 27.58
C ALA B 392 -47.99 5.14 28.86
N ILE B 393 -48.11 5.85 29.98
CA ILE B 393 -47.53 5.44 31.25
C ILE B 393 -48.64 5.34 32.29
N PRO B 394 -48.78 4.21 32.97
CA PRO B 394 -49.64 4.15 34.15
C PRO B 394 -48.90 4.72 35.34
N ASN B 395 -49.64 5.49 36.14
CA ASN B 395 -49.01 6.50 36.98
C ASN B 395 -48.20 5.88 38.11
N ARG B 396 -48.78 4.92 38.82
CA ARG B 396 -48.12 4.38 40.00
C ARG B 396 -47.04 3.38 39.67
N ARG B 397 -46.91 2.96 38.41
CA ARG B 397 -45.83 2.09 38.00
C ARG B 397 -44.85 2.81 37.09
N ARG B 398 -44.76 4.13 37.22
CA ARG B 398 -43.84 4.91 36.42
C ARG B 398 -42.39 4.59 36.74
N ASP B 399 -42.10 4.22 37.98
CA ASP B 399 -40.73 3.91 38.39
C ASP B 399 -40.27 2.53 37.98
N ASP B 400 -41.08 1.80 37.21
CA ASP B 400 -40.61 0.56 36.62
C ASP B 400 -39.53 0.82 35.58
N LEU B 401 -39.54 2.00 34.98
CA LEU B 401 -38.83 2.30 33.75
C LEU B 401 -37.41 2.78 33.97
N GLN B 402 -36.81 2.52 35.13
CA GLN B 402 -35.41 2.88 35.32
C GLN B 402 -34.54 1.96 34.50
N LEU B 403 -33.47 2.50 33.95
CA LEU B 403 -32.75 1.85 32.85
C LEU B 403 -32.00 0.64 33.37
N GLY B 404 -32.60 -0.54 33.16
CA GLY B 404 -32.00 -1.79 33.60
C GLY B 404 -32.52 -2.28 34.93
N SER B 405 -33.84 -2.37 35.06
CA SER B 405 -34.47 -2.64 36.34
C SER B 405 -35.35 -3.89 36.28
N SER B 406 -35.88 -4.23 37.44
CA SER B 406 -36.88 -5.27 37.60
C SER B 406 -38.26 -4.60 37.53
N GLY B 407 -39.29 -5.30 37.93
CA GLY B 407 -40.60 -4.72 38.01
C GLY B 407 -41.57 -5.37 37.06
N PHE B 408 -42.65 -4.66 36.79
CA PHE B 408 -43.67 -5.18 35.92
C PHE B 408 -43.42 -4.81 34.47
N LEU B 409 -43.26 -3.51 34.21
CA LEU B 409 -43.28 -3.01 32.85
C LEU B 409 -42.02 -3.40 32.09
N GLN B 410 -40.90 -3.46 32.75
CA GLN B 410 -39.71 -3.84 32.02
C GLN B 410 -39.56 -5.34 31.88
N SER B 411 -40.44 -6.11 32.51
CA SER B 411 -40.28 -7.56 32.52
C SER B 411 -41.36 -8.27 31.74
N SER B 412 -42.56 -7.72 31.72
CA SER B 412 -43.66 -8.38 31.05
C SER B 412 -44.43 -7.43 30.13
N ASN B 413 -43.87 -6.26 29.85
CA ASN B 413 -44.45 -5.42 28.81
C ASN B 413 -43.45 -5.01 27.74
N TYR B 414 -42.35 -4.37 28.13
CA TYR B 414 -41.42 -3.81 27.16
C TYR B 414 -40.05 -3.75 27.82
N LYS B 415 -39.13 -4.61 27.42
CA LYS B 415 -37.84 -4.68 28.07
C LYS B 415 -36.88 -3.71 27.40
N ILE B 416 -36.52 -2.64 28.12
CA ILE B 416 -35.66 -1.60 27.58
C ILE B 416 -34.25 -2.16 27.48
N ASP B 417 -33.75 -2.31 26.25
CA ASP B 417 -32.45 -2.92 26.05
C ASP B 417 -31.34 -1.99 26.53
N ILE B 418 -30.37 -2.56 27.23
CA ILE B 418 -29.33 -1.77 27.88
C ILE B 418 -28.00 -2.00 27.20
N SER B 419 -28.02 -2.24 25.90
CA SER B 419 -26.79 -2.45 25.14
C SER B 419 -26.61 -1.48 23.99
N SER B 420 -27.65 -1.14 23.24
CA SER B 420 -27.50 -0.29 22.07
C SER B 420 -27.38 1.17 22.49
N SER B 421 -27.34 2.06 21.50
CA SER B 421 -27.16 3.48 21.76
C SER B 421 -28.51 4.18 21.83
N SER B 422 -29.37 3.66 22.68
CA SER B 422 -30.71 4.17 22.83
C SER B 422 -30.70 5.49 23.58
N CYS B 423 -31.80 6.23 23.45
CA CYS B 423 -31.97 7.47 24.19
C CYS B 423 -33.44 7.63 24.52
N GLN B 424 -33.77 7.78 25.80
CA GLN B 424 -35.12 7.65 26.31
C GLN B 424 -35.75 9.02 26.47
N LEU B 425 -37.01 9.14 26.10
CA LEU B 425 -37.69 10.41 26.17
C LEU B 425 -38.95 10.26 26.99
N TYR B 426 -39.24 11.26 27.82
CA TYR B 426 -40.42 11.27 28.69
C TYR B 426 -41.17 12.55 28.40
N TYR B 427 -42.26 12.48 27.65
CA TYR B 427 -42.86 13.74 27.27
C TYR B 427 -44.31 13.82 27.71
N SER B 428 -45.06 14.78 27.20
CA SER B 428 -46.41 14.98 27.67
C SER B 428 -47.32 15.20 26.48
N LEU B 429 -48.61 15.32 26.73
CA LEU B 429 -49.59 15.49 25.66
C LEU B 429 -50.86 16.11 26.22
N PRO B 430 -51.40 17.15 25.59
CA PRO B 430 -52.65 17.73 26.08
C PRO B 430 -53.81 16.82 25.80
N LEU B 431 -54.68 16.70 26.79
CA LEU B 431 -55.76 15.72 26.81
C LEU B 431 -57.04 16.26 26.24
N VAL B 432 -56.95 17.19 25.29
CA VAL B 432 -58.14 17.59 24.56
C VAL B 432 -58.65 16.44 23.70
N ASN B 433 -57.84 15.99 22.75
CA ASN B 433 -58.16 14.86 21.88
C ASN B 433 -57.08 13.80 22.10
N VAL B 434 -57.28 12.93 23.08
CA VAL B 434 -56.39 11.81 23.31
C VAL B 434 -57.26 10.58 23.55
N THR B 435 -57.14 9.58 22.70
CA THR B 435 -57.92 8.37 22.85
C THR B 435 -56.95 7.23 22.95
N ILE B 436 -56.73 6.76 24.18
CA ILE B 436 -55.84 5.62 24.40
C ILE B 436 -56.46 4.40 23.78
N ASN B 437 -55.78 3.82 22.82
CA ASN B 437 -56.20 2.54 22.29
C ASN B 437 -55.79 1.50 23.30
N ASN B 438 -56.68 0.55 23.57
CA ASN B 438 -56.42 -0.50 24.55
C ASN B 438 -56.87 -1.82 23.93
N PHE B 439 -55.95 -2.47 23.25
CA PHE B 439 -56.21 -3.62 22.41
C PHE B 439 -55.34 -4.76 22.90
N ASN B 440 -55.81 -5.97 22.75
CA ASN B 440 -54.95 -7.02 23.27
C ASN B 440 -54.10 -7.62 22.17
N PRO B 441 -52.79 -7.80 22.36
CA PRO B 441 -51.93 -8.19 21.26
C PRO B 441 -51.80 -9.69 21.01
N SER B 442 -52.39 -10.52 21.85
CA SER B 442 -52.19 -11.96 21.73
C SER B 442 -53.18 -12.57 20.78
N SER B 443 -52.76 -13.63 20.10
CA SER B 443 -53.66 -14.34 19.21
C SER B 443 -54.59 -15.26 19.99
N TRP B 444 -54.05 -16.06 20.90
CA TRP B 444 -54.83 -17.09 21.55
C TRP B 444 -55.68 -16.59 22.69
N ASN B 445 -55.81 -15.29 22.90
CA ASN B 445 -56.88 -14.81 23.75
C ASN B 445 -58.05 -14.27 22.94
N ARG B 446 -57.77 -13.62 21.83
CA ARG B 446 -58.85 -13.26 20.92
C ARG B 446 -59.40 -14.46 20.18
N ARG B 447 -58.66 -15.56 20.15
CA ARG B 447 -59.21 -16.79 19.58
C ARG B 447 -60.25 -17.40 20.52
N TYR B 448 -60.06 -17.23 21.82
CA TYR B 448 -61.00 -17.74 22.81
C TYR B 448 -61.86 -16.65 23.40
N GLY B 449 -62.24 -15.67 22.59
CA GLY B 449 -63.22 -14.70 23.02
C GLY B 449 -62.70 -13.68 24.02
N PHE B 450 -61.65 -12.96 23.66
CA PHE B 450 -61.34 -11.73 24.37
C PHE B 450 -61.89 -10.57 23.56
N GLY B 451 -62.84 -9.84 24.13
CA GLY B 451 -63.42 -8.74 23.40
C GLY B 451 -62.71 -7.45 23.68
N SER B 452 -62.64 -7.06 24.94
CA SER B 452 -62.03 -5.80 25.35
C SER B 452 -61.87 -5.81 26.87
N PHE B 453 -61.28 -4.74 27.37
CA PHE B 453 -61.28 -4.40 28.78
C PHE B 453 -62.37 -3.38 29.02
N ASN B 454 -62.91 -3.34 30.23
CA ASN B 454 -63.63 -2.16 30.69
C ASN B 454 -62.69 -1.41 31.61
N VAL B 455 -62.12 -0.35 31.09
CA VAL B 455 -61.47 0.67 31.91
C VAL B 455 -62.16 1.99 31.57
N SER B 456 -61.69 3.07 32.17
CA SER B 456 -62.29 4.39 31.94
C SER B 456 -61.85 4.97 30.61
N SER B 457 -62.03 6.27 30.44
CA SER B 457 -61.58 6.90 29.21
C SER B 457 -60.07 7.04 29.14
N TYR B 458 -59.40 7.17 30.28
CA TYR B 458 -57.96 7.47 30.29
C TYR B 458 -57.20 6.57 31.25
N ASP B 459 -57.41 5.26 31.15
CA ASP B 459 -56.68 4.31 31.95
C ASP B 459 -55.94 3.34 31.06
N VAL B 460 -54.68 3.06 31.38
CA VAL B 460 -53.80 2.25 30.53
C VAL B 460 -53.58 0.91 31.17
N VAL B 461 -53.85 -0.16 30.42
CA VAL B 461 -53.86 -1.49 30.98
C VAL B 461 -52.50 -2.13 30.83
N TYR B 462 -51.75 -2.20 31.90
CA TYR B 462 -50.45 -2.84 31.87
C TYR B 462 -50.58 -4.29 32.26
N SER B 463 -49.45 -4.97 32.44
CA SER B 463 -49.49 -6.40 32.69
C SER B 463 -48.69 -6.77 33.93
N ASP B 464 -48.99 -7.94 34.49
CA ASP B 464 -48.32 -8.47 35.66
C ASP B 464 -47.54 -9.74 35.36
N HIS B 465 -48.20 -10.73 34.77
CA HIS B 465 -47.56 -11.97 34.37
C HIS B 465 -47.97 -12.22 32.93
N CYS B 466 -47.12 -12.92 32.19
CA CYS B 466 -47.36 -13.13 30.76
C CYS B 466 -47.07 -14.59 30.43
N PHE B 467 -48.12 -15.38 30.28
CA PHE B 467 -48.00 -16.82 30.14
C PHE B 467 -48.05 -17.20 28.68
N SER B 468 -47.26 -18.21 28.31
CA SER B 468 -47.16 -18.65 26.92
C SER B 468 -47.68 -20.07 26.77
N VAL B 469 -48.51 -20.30 25.74
CA VAL B 469 -49.05 -21.61 25.45
C VAL B 469 -48.55 -22.05 24.09
N ASN B 470 -48.84 -23.30 23.75
CA ASN B 470 -48.48 -23.88 22.48
C ASN B 470 -49.57 -23.58 21.46
N SER B 471 -49.54 -24.25 20.32
CA SER B 471 -50.51 -23.97 19.27
C SER B 471 -51.77 -24.82 19.41
N ASP B 472 -51.68 -25.93 20.13
CA ASP B 472 -52.77 -26.88 20.26
C ASP B 472 -53.52 -26.72 21.56
N PHE B 473 -53.42 -25.54 22.16
CA PHE B 473 -53.98 -25.31 23.48
C PHE B 473 -55.50 -25.25 23.41
N CYS B 474 -56.14 -25.77 24.45
CA CYS B 474 -57.59 -25.66 24.55
C CYS B 474 -58.02 -25.61 26.01
N PRO B 475 -58.47 -24.47 26.51
CA PRO B 475 -58.71 -24.30 27.94
C PRO B 475 -60.03 -24.84 28.43
N CYS B 476 -60.75 -25.63 27.65
CA CYS B 476 -61.96 -26.27 28.12
C CYS B 476 -61.69 -27.74 28.42
N ALA B 477 -62.49 -28.30 29.32
CA ALA B 477 -62.35 -29.69 29.68
C ALA B 477 -62.93 -30.59 28.59
N ASP B 478 -62.83 -31.91 28.82
CA ASP B 478 -63.27 -32.89 27.84
C ASP B 478 -64.70 -33.32 28.16
N PRO B 479 -65.67 -33.02 27.32
CA PRO B 479 -67.06 -33.27 27.70
C PRO B 479 -67.50 -34.72 27.57
N SER B 480 -66.86 -35.49 26.69
CA SER B 480 -67.20 -36.90 26.56
C SER B 480 -66.58 -37.76 27.66
N VAL B 481 -65.82 -37.17 28.57
CA VAL B 481 -65.21 -37.86 29.70
C VAL B 481 -65.91 -37.40 30.97
N VAL B 482 -66.30 -36.13 31.00
CA VAL B 482 -66.67 -35.45 32.24
C VAL B 482 -68.04 -35.86 32.78
N ASN B 483 -68.85 -36.56 32.01
CA ASN B 483 -70.21 -36.84 32.45
C ASN B 483 -70.26 -37.83 33.60
N SER B 484 -69.34 -38.79 33.63
CA SER B 484 -69.28 -39.76 34.70
C SER B 484 -68.63 -39.22 35.96
N CYS B 485 -68.00 -38.05 35.90
CA CYS B 485 -67.54 -37.40 37.12
C CYS B 485 -68.71 -36.97 37.97
N VAL B 486 -68.49 -36.91 39.28
CA VAL B 486 -69.51 -36.37 40.19
C VAL B 486 -68.90 -35.25 41.00
N LYS B 487 -67.80 -35.54 41.69
CA LYS B 487 -67.12 -34.56 42.51
C LYS B 487 -66.10 -33.71 41.73
N SER B 488 -66.15 -32.40 41.97
CA SER B 488 -65.26 -31.44 41.33
C SER B 488 -65.42 -31.40 39.81
N LYS B 489 -66.62 -31.67 39.33
CA LYS B 489 -66.85 -31.77 37.89
C LYS B 489 -66.81 -30.39 37.25
N PRO B 490 -65.98 -30.15 36.25
CA PRO B 490 -65.85 -28.83 35.65
C PRO B 490 -66.78 -28.63 34.46
N LEU B 491 -66.87 -27.38 34.03
CA LEU B 491 -67.51 -27.05 32.78
C LEU B 491 -66.63 -27.50 31.62
N SER B 492 -67.22 -27.61 30.44
CA SER B 492 -66.48 -28.02 29.26
C SER B 492 -67.22 -27.57 28.01
N ALA B 493 -66.57 -27.78 26.87
CA ALA B 493 -67.14 -27.61 25.55
C ALA B 493 -66.29 -28.41 24.58
N ILE B 494 -66.58 -28.31 23.29
CA ILE B 494 -65.81 -28.99 22.27
C ILE B 494 -64.73 -28.05 21.75
N CYS B 495 -63.50 -28.55 21.68
CA CYS B 495 -62.41 -27.74 21.18
C CYS B 495 -62.49 -27.58 19.67
N PRO B 496 -61.92 -26.52 19.13
CA PRO B 496 -61.70 -26.44 17.68
C PRO B 496 -60.70 -27.49 17.22
N ALA B 497 -60.60 -27.62 15.89
CA ALA B 497 -59.93 -28.75 15.28
C ALA B 497 -58.43 -28.74 15.54
N GLY B 498 -57.92 -29.86 16.04
CA GLY B 498 -56.51 -30.02 16.33
C GLY B 498 -56.09 -29.59 17.71
N THR B 499 -56.85 -28.72 18.36
CA THR B 499 -56.53 -28.26 19.71
C THR B 499 -56.82 -29.40 20.68
N LYS B 500 -55.77 -29.98 21.25
CA LYS B 500 -55.92 -31.14 22.12
C LYS B 500 -56.59 -30.73 23.42
N TYR B 501 -57.28 -31.68 24.03
CA TYR B 501 -58.14 -31.37 25.15
C TYR B 501 -57.34 -31.09 26.41
N ARG B 502 -58.03 -30.59 27.41
CA ARG B 502 -57.46 -30.45 28.74
C ARG B 502 -57.46 -31.80 29.42
N HIS B 503 -56.39 -32.11 30.14
CA HIS B 503 -56.20 -33.41 30.75
C HIS B 503 -56.96 -33.46 32.07
N CYS B 504 -58.03 -34.26 32.12
CA CYS B 504 -58.89 -34.35 33.29
C CYS B 504 -59.05 -35.82 33.69
N ASP B 505 -58.80 -36.12 34.95
CA ASP B 505 -58.89 -37.48 35.46
C ASP B 505 -60.13 -37.64 36.31
N LEU B 506 -60.63 -38.89 36.36
CA LEU B 506 -61.69 -39.30 37.27
C LEU B 506 -61.16 -40.22 38.35
N ASP B 507 -60.01 -39.90 38.93
CA ASP B 507 -59.29 -40.84 39.79
C ASP B 507 -60.02 -41.08 41.10
N THR B 508 -59.50 -42.02 41.89
CA THR B 508 -60.30 -42.64 42.93
C THR B 508 -59.95 -42.10 44.31
N THR B 509 -60.98 -41.71 45.05
CA THR B 509 -60.81 -41.35 46.44
C THR B 509 -60.75 -42.59 47.31
N LEU B 510 -60.91 -42.37 48.62
CA LEU B 510 -60.98 -43.47 49.56
C LEU B 510 -62.26 -44.27 49.37
N TYR B 511 -63.35 -43.59 49.00
CA TYR B 511 -64.59 -44.29 48.71
C TYR B 511 -65.14 -43.92 47.33
N VAL B 512 -65.16 -42.63 47.00
CA VAL B 512 -65.72 -42.21 45.72
C VAL B 512 -64.74 -42.56 44.61
N ASN B 513 -65.28 -43.06 43.50
CA ASN B 513 -64.47 -43.60 42.42
C ASN B 513 -64.34 -42.68 41.22
N ASN B 514 -65.34 -41.88 40.91
CA ASN B 514 -65.29 -40.99 39.77
C ASN B 514 -65.45 -39.56 40.28
N TRP B 515 -64.33 -38.99 40.71
CA TRP B 515 -64.26 -37.61 41.18
C TRP B 515 -63.24 -36.90 40.32
N CYS B 516 -63.57 -35.71 39.86
CA CYS B 516 -62.80 -35.09 38.79
C CYS B 516 -61.54 -34.46 39.35
N ARG B 517 -60.42 -34.68 38.67
CA ARG B 517 -59.22 -33.88 38.94
C ARG B 517 -58.44 -33.69 37.65
N CYS B 518 -58.37 -32.44 37.21
CA CYS B 518 -57.68 -31.95 36.03
C CYS B 518 -56.37 -31.28 36.44
N SER B 519 -55.75 -30.58 35.52
CA SER B 519 -54.58 -29.76 35.78
C SER B 519 -54.97 -28.28 35.90
N CYS B 520 -53.96 -27.47 36.21
CA CYS B 520 -54.04 -26.01 36.38
C CYS B 520 -55.01 -25.63 37.50
N LEU B 521 -54.63 -25.99 38.71
CA LEU B 521 -55.44 -25.57 39.84
C LEU B 521 -54.57 -24.81 40.84
N PRO B 522 -55.11 -23.77 41.48
CA PRO B 522 -56.42 -23.16 41.31
C PRO B 522 -56.48 -22.17 40.16
N ASP B 523 -55.39 -21.42 39.99
CA ASP B 523 -55.18 -20.52 38.88
C ASP B 523 -53.70 -20.57 38.54
N PRO B 524 -53.34 -20.40 37.26
CA PRO B 524 -51.94 -20.62 36.86
C PRO B 524 -50.98 -19.59 37.40
N ILE B 525 -51.48 -18.49 37.97
CA ILE B 525 -50.63 -17.58 38.73
C ILE B 525 -50.00 -18.31 39.91
N SER B 526 -50.81 -19.08 40.63
CA SER B 526 -50.41 -19.76 41.85
C SER B 526 -50.77 -21.23 41.79
N THR B 527 -50.36 -21.91 40.72
CA THR B 527 -50.61 -23.33 40.64
C THR B 527 -49.75 -24.09 41.63
N TYR B 528 -50.26 -25.25 42.03
CA TYR B 528 -49.54 -26.09 42.97
C TYR B 528 -48.51 -26.94 42.25
N SER B 529 -48.82 -27.40 41.05
CA SER B 529 -47.90 -28.16 40.22
C SER B 529 -47.56 -27.34 38.99
N PRO B 530 -46.46 -26.57 39.03
CA PRO B 530 -46.13 -25.72 37.90
C PRO B 530 -45.56 -26.47 36.72
N ASN B 531 -45.14 -27.71 36.90
CA ASN B 531 -44.54 -28.47 35.82
C ASN B 531 -45.57 -29.21 34.98
N THR B 532 -46.84 -28.87 35.09
CA THR B 532 -47.86 -29.61 34.35
C THR B 532 -48.93 -28.76 33.68
N CYS B 533 -49.17 -27.54 34.13
CA CYS B 533 -50.12 -26.70 33.42
C CYS B 533 -49.50 -26.24 32.11
N PRO B 534 -50.26 -26.21 31.01
CA PRO B 534 -49.68 -25.79 29.74
C PRO B 534 -49.32 -24.31 29.69
N GLN B 535 -50.01 -23.47 30.44
CA GLN B 535 -49.69 -22.06 30.44
C GLN B 535 -48.39 -21.84 31.21
N LYS B 536 -47.28 -21.77 30.48
CA LYS B 536 -45.97 -21.59 31.10
C LYS B 536 -45.70 -20.11 31.27
N LYS B 537 -45.23 -19.72 32.45
CA LYS B 537 -44.91 -18.33 32.72
C LYS B 537 -43.56 -17.96 32.13
N VAL B 538 -43.54 -16.98 31.25
CA VAL B 538 -42.30 -16.52 30.64
C VAL B 538 -42.15 -15.02 30.81
N VAL B 539 -40.90 -14.58 30.83
CA VAL B 539 -40.53 -13.19 30.93
C VAL B 539 -40.34 -12.66 29.52
N VAL B 540 -40.80 -11.44 29.27
CA VAL B 540 -40.81 -10.92 27.91
C VAL B 540 -39.41 -10.44 27.56
N GLY B 541 -39.12 -10.45 26.26
CA GLY B 541 -37.77 -10.20 25.78
C GLY B 541 -37.63 -8.82 25.18
N ILE B 542 -36.48 -8.61 24.54
CA ILE B 542 -36.20 -7.32 23.92
C ILE B 542 -37.00 -7.25 22.62
N GLY B 543 -37.98 -6.35 22.59
CA GLY B 543 -38.75 -6.18 21.39
C GLY B 543 -39.75 -7.27 21.14
N GLU B 544 -40.49 -7.67 22.16
CA GLU B 544 -41.57 -8.63 22.03
C GLU B 544 -42.78 -8.07 22.72
N HIS B 545 -43.94 -8.65 22.43
CA HIS B 545 -45.15 -8.30 23.16
C HIS B 545 -45.40 -9.33 24.25
N CYS B 546 -46.25 -8.96 25.20
CA CYS B 546 -46.71 -9.92 26.22
C CYS B 546 -47.57 -10.99 25.55
N PRO B 547 -47.15 -12.25 25.55
CA PRO B 547 -47.74 -13.24 24.64
C PRO B 547 -49.11 -13.73 25.03
N GLY B 548 -49.73 -13.19 26.07
CA GLY B 548 -51.08 -13.58 26.42
C GLY B 548 -51.37 -13.43 27.89
N LEU B 549 -52.54 -12.92 28.22
CA LEU B 549 -52.99 -12.93 29.60
C LEU B 549 -53.26 -14.35 30.03
N GLY B 550 -53.17 -14.60 31.33
CA GLY B 550 -53.48 -15.92 31.84
C GLY B 550 -54.98 -16.17 31.87
N ILE B 551 -55.36 -17.41 31.54
CA ILE B 551 -56.74 -17.84 31.64
C ILE B 551 -56.90 -18.70 32.88
N ASN B 552 -57.85 -18.33 33.74
CA ASN B 552 -58.30 -19.24 34.77
C ASN B 552 -59.03 -20.38 34.10
N GLU B 553 -58.57 -21.60 34.32
CA GLU B 553 -59.07 -22.72 33.54
C GLU B 553 -60.45 -23.19 33.95
N GLU B 554 -61.13 -22.55 34.89
CA GLU B 554 -62.39 -23.07 35.38
C GLU B 554 -63.50 -22.07 35.27
N LYS B 555 -63.44 -21.20 34.28
CA LYS B 555 -64.58 -20.39 33.89
C LYS B 555 -64.78 -20.44 32.39
N CYS B 556 -64.22 -21.45 31.72
CA CYS B 556 -64.25 -21.57 30.28
C CYS B 556 -65.17 -22.72 29.88
N GLY B 557 -66.46 -22.43 29.79
CA GLY B 557 -67.38 -23.46 29.33
C GLY B 557 -68.76 -23.42 29.95
N THR B 558 -69.61 -24.36 29.55
CA THR B 558 -70.98 -24.47 30.03
C THR B 558 -71.27 -25.95 30.24
N GLN B 559 -72.55 -26.29 30.37
CA GLN B 559 -72.98 -27.65 30.65
C GLN B 559 -73.76 -28.28 29.50
N LEU B 560 -74.79 -27.60 28.99
CA LEU B 560 -75.70 -28.26 28.06
C LEU B 560 -75.19 -28.22 26.63
N ASN B 561 -75.02 -27.03 26.06
CA ASN B 561 -74.60 -26.90 24.68
C ASN B 561 -73.08 -26.79 24.65
N HIS B 562 -72.42 -27.95 24.50
CA HIS B 562 -70.97 -27.98 24.34
C HIS B 562 -70.67 -27.52 22.92
N SER B 563 -70.55 -26.21 22.76
CA SER B 563 -70.26 -25.63 21.45
C SER B 563 -68.75 -25.65 21.21
N SER B 564 -68.29 -24.87 20.23
CA SER B 564 -66.88 -24.57 20.14
C SER B 564 -66.40 -23.92 21.42
N CYS B 565 -65.23 -24.34 21.91
CA CYS B 565 -64.74 -23.99 23.23
C CYS B 565 -64.43 -22.50 23.30
N SER B 566 -65.22 -21.77 24.07
CA SER B 566 -65.00 -20.35 24.30
C SER B 566 -64.71 -20.15 25.78
N CYS B 567 -64.64 -18.89 26.20
CA CYS B 567 -64.39 -18.56 27.59
C CYS B 567 -65.25 -17.38 28.00
N SER B 568 -64.93 -16.79 29.13
CA SER B 568 -65.82 -15.86 29.79
C SER B 568 -65.02 -14.70 30.37
N PRO B 569 -65.59 -13.47 30.37
CA PRO B 569 -64.75 -12.27 30.48
C PRO B 569 -64.09 -12.08 31.83
N ASP B 570 -64.59 -12.75 32.85
CA ASP B 570 -63.98 -12.69 34.17
C ASP B 570 -62.74 -13.55 34.28
N ALA B 571 -62.50 -14.44 33.33
CA ALA B 571 -61.50 -15.47 33.50
C ALA B 571 -60.10 -15.05 33.09
N PHE B 572 -59.95 -13.95 32.36
CA PHE B 572 -58.63 -13.47 31.98
C PHE B 572 -58.06 -12.64 33.09
N LEU B 573 -56.98 -13.10 33.69
CA LEU B 573 -56.43 -12.48 34.88
C LEU B 573 -54.95 -12.22 34.71
N GLY B 574 -54.50 -11.14 35.33
CA GLY B 574 -53.10 -10.80 35.31
C GLY B 574 -52.83 -9.39 34.82
N TRP B 575 -53.87 -8.57 34.77
CA TRP B 575 -53.71 -7.20 34.31
C TRP B 575 -54.33 -6.24 35.30
N SER B 576 -53.76 -5.06 35.38
CA SER B 576 -54.32 -3.97 36.15
C SER B 576 -54.10 -2.71 35.35
N PHE B 577 -54.30 -1.55 35.96
CA PHE B 577 -54.14 -0.31 35.22
C PHE B 577 -53.84 0.81 36.19
N ASP B 578 -53.73 2.02 35.65
CA ASP B 578 -53.97 3.26 36.39
C ASP B 578 -54.21 4.36 35.38
N SER B 579 -54.38 5.57 35.88
CA SER B 579 -54.67 6.69 35.00
C SER B 579 -53.38 7.40 34.62
N CYS B 580 -53.28 7.78 33.36
CA CYS B 580 -52.06 8.43 32.90
C CYS B 580 -52.03 9.89 33.29
N ILE B 581 -53.18 10.50 33.55
CA ILE B 581 -53.30 11.95 33.68
C ILE B 581 -52.61 12.41 34.95
N SER B 582 -51.56 13.21 34.80
CA SER B 582 -50.93 13.93 35.88
C SER B 582 -50.57 15.31 35.37
N ASN B 583 -50.85 16.33 36.20
CA ASN B 583 -50.69 17.74 35.86
C ASN B 583 -51.50 18.11 34.62
N ASN B 584 -52.70 17.56 34.51
CA ASN B 584 -53.65 17.82 33.42
C ASN B 584 -53.07 17.46 32.05
N ARG B 585 -52.21 16.44 32.01
CA ARG B 585 -51.47 16.10 30.79
C ARG B 585 -51.09 14.63 30.82
N CYS B 586 -51.56 13.84 29.86
CA CYS B 586 -51.31 12.41 29.88
C CYS B 586 -49.86 12.15 29.51
N ASN B 587 -49.05 11.78 30.50
CA ASN B 587 -47.64 11.48 30.29
C ASN B 587 -47.46 10.28 29.39
N ILE B 588 -46.29 10.19 28.75
CA ILE B 588 -46.02 9.19 27.73
C ILE B 588 -44.53 8.90 27.75
N PHE B 589 -44.15 7.63 27.71
CA PHE B 589 -42.77 7.22 27.51
C PHE B 589 -42.54 6.99 26.04
N SER B 590 -41.31 7.18 25.60
CA SER B 590 -40.99 6.86 24.20
C SER B 590 -39.52 6.59 24.06
N ASN B 591 -39.17 5.46 23.48
CA ASN B 591 -37.78 5.07 23.33
C ASN B 591 -37.31 5.47 21.95
N PHE B 592 -35.99 5.51 21.78
CA PHE B 592 -35.32 5.72 20.50
C PHE B 592 -34.23 4.69 20.39
N ILE B 593 -33.89 4.24 19.21
CA ILE B 593 -32.77 3.33 19.04
C ILE B 593 -31.98 3.79 17.84
N PHE B 594 -30.73 4.17 18.05
CA PHE B 594 -29.91 4.75 16.99
C PHE B 594 -28.96 3.70 16.42
N ASN B 595 -29.49 2.77 15.64
CA ASN B 595 -28.66 1.66 15.19
C ASN B 595 -27.87 2.00 13.94
N GLY B 596 -26.68 1.42 13.83
CA GLY B 596 -25.83 1.59 12.67
C GLY B 596 -25.24 2.99 12.57
N ILE B 597 -24.32 3.31 13.43
CA ILE B 597 -23.83 4.68 13.54
C ILE B 597 -22.71 4.91 12.54
N ASN B 598 -22.61 6.15 12.07
CA ASN B 598 -21.51 6.69 11.27
C ASN B 598 -21.37 6.03 9.90
N SER B 599 -22.46 5.46 9.37
CA SER B 599 -22.44 4.93 8.02
C SER B 599 -23.87 4.89 7.51
N GLY B 600 -24.25 5.88 6.73
CA GLY B 600 -25.57 5.84 6.16
C GLY B 600 -26.11 7.23 5.90
N THR B 601 -27.44 7.29 5.78
CA THR B 601 -28.13 8.44 5.24
C THR B 601 -28.93 9.24 6.24
N THR B 602 -29.45 8.62 7.30
CA THR B 602 -30.33 9.30 8.24
C THR B 602 -29.50 10.27 9.08
N CYS B 603 -29.27 11.44 8.51
CA CYS B 603 -28.29 12.36 9.06
C CYS B 603 -28.96 13.45 9.88
N SER B 604 -28.23 13.90 10.89
CA SER B 604 -28.68 14.97 11.75
C SER B 604 -28.14 16.27 11.14
N ASN B 605 -29.05 17.11 10.67
CA ASN B 605 -28.71 18.37 10.03
C ASN B 605 -28.85 19.55 10.97
N ASP B 606 -27.79 19.86 11.70
CA ASP B 606 -27.81 20.99 12.65
C ASP B 606 -26.41 21.56 12.75
N LEU B 607 -25.46 20.68 12.97
CA LEU B 607 -24.05 21.07 13.09
C LEU B 607 -23.56 21.42 11.70
N LEU B 608 -24.48 21.95 10.91
CA LEU B 608 -24.26 22.36 9.54
C LEU B 608 -25.43 23.25 9.22
N TYR B 609 -25.49 24.34 9.97
CA TYR B 609 -26.50 25.37 9.85
C TYR B 609 -26.72 25.78 8.38
N SER B 610 -27.73 26.62 8.18
CA SER B 610 -28.13 27.15 6.87
C SER B 610 -28.94 28.43 7.06
N ASN B 611 -28.39 29.37 7.83
CA ASN B 611 -29.16 30.51 8.33
C ASN B 611 -29.37 31.56 7.23
N THR B 612 -29.85 32.71 7.68
CA THR B 612 -30.12 33.87 6.82
C THR B 612 -29.00 34.87 6.92
N GLU B 613 -27.76 34.37 6.92
CA GLU B 613 -26.57 35.17 7.19
C GLU B 613 -25.95 35.74 5.93
N VAL B 614 -26.77 36.08 4.93
CA VAL B 614 -26.23 36.74 3.76
C VAL B 614 -25.97 38.19 4.14
N SER B 615 -24.77 38.44 4.67
CA SER B 615 -24.37 39.73 5.20
C SER B 615 -23.61 40.47 4.09
N THR B 616 -24.27 41.45 3.49
CA THR B 616 -23.71 42.15 2.35
C THR B 616 -22.60 43.10 2.77
N GLY B 617 -21.89 43.63 1.78
CA GLY B 617 -20.92 44.68 2.00
C GLY B 617 -19.57 44.26 2.54
N VAL B 618 -19.43 43.02 3.01
CA VAL B 618 -18.17 42.56 3.60
C VAL B 618 -17.62 41.41 2.78
N CYS B 619 -16.39 41.02 3.09
CA CYS B 619 -15.77 39.86 2.47
C CYS B 619 -16.04 38.64 3.34
N VAL B 620 -16.57 37.58 2.73
CA VAL B 620 -16.94 36.35 3.43
C VAL B 620 -16.60 35.15 2.55
N ASN B 621 -16.42 34.01 3.20
CA ASN B 621 -16.37 32.75 2.49
C ASN B 621 -17.76 32.42 1.95
N TYR B 622 -17.79 31.51 0.99
CA TYR B 622 -19.05 30.94 0.54
C TYR B 622 -18.82 29.53 0.05
N ASP B 623 -19.76 28.65 0.39
CA ASP B 623 -19.87 27.31 -0.17
C ASP B 623 -21.29 27.21 -0.71
N LEU B 624 -21.49 27.71 -1.93
CA LEU B 624 -22.79 27.79 -2.55
C LEU B 624 -22.95 26.60 -3.50
N TYR B 625 -23.75 25.62 -3.08
CA TYR B 625 -24.24 24.50 -3.89
C TYR B 625 -23.10 23.70 -4.53
N GLY B 626 -21.99 23.57 -3.82
CA GLY B 626 -20.83 22.87 -4.31
C GLY B 626 -19.65 23.75 -4.63
N ILE B 627 -19.88 25.02 -4.94
CA ILE B 627 -18.81 25.91 -5.38
C ILE B 627 -18.28 26.69 -4.19
N THR B 628 -16.96 26.76 -4.08
CA THR B 628 -16.31 27.40 -2.94
C THR B 628 -15.61 28.67 -3.39
N GLY B 629 -15.55 29.65 -2.50
CA GLY B 629 -14.75 30.82 -2.77
C GLY B 629 -14.86 31.83 -1.65
N GLN B 630 -14.33 33.03 -1.91
CA GLN B 630 -14.53 34.19 -1.04
C GLN B 630 -15.02 35.35 -1.90
N GLY B 631 -15.75 36.27 -1.28
CA GLY B 631 -16.37 37.32 -2.09
C GLY B 631 -17.09 38.33 -1.24
N ILE B 632 -17.75 39.25 -1.94
CA ILE B 632 -18.52 40.34 -1.34
C ILE B 632 -19.90 40.30 -1.94
N PHE B 633 -20.93 40.24 -1.09
CA PHE B 633 -22.29 40.06 -1.57
C PHE B 633 -23.03 41.39 -1.58
N LYS B 634 -24.06 41.45 -2.41
CA LYS B 634 -24.87 42.66 -2.53
C LYS B 634 -26.27 42.28 -2.99
N GLU B 635 -27.27 42.67 -2.22
CA GLU B 635 -28.65 42.30 -2.50
C GLU B 635 -29.19 43.01 -3.74
N VAL B 636 -29.98 42.28 -4.53
CA VAL B 636 -30.56 42.84 -5.75
C VAL B 636 -31.84 42.07 -6.05
N SER B 637 -32.61 42.57 -7.01
CA SER B 637 -33.71 41.81 -7.60
C SER B 637 -33.27 41.37 -8.99
N ALA B 638 -33.48 40.09 -9.30
CA ALA B 638 -33.10 39.52 -10.58
C ALA B 638 -34.32 38.90 -11.25
N ALA B 639 -34.29 38.88 -12.58
CA ALA B 639 -35.45 38.42 -13.33
C ALA B 639 -35.17 37.20 -14.20
N TYR B 640 -34.05 36.52 -14.03
CA TYR B 640 -33.64 35.54 -15.03
C TYR B 640 -33.56 34.11 -14.51
N TYR B 641 -33.64 33.88 -13.20
CA TYR B 641 -33.59 32.53 -12.68
C TYR B 641 -34.89 31.79 -12.95
N ASN B 642 -34.77 30.50 -13.26
CA ASN B 642 -35.90 29.60 -13.32
C ASN B 642 -35.90 28.76 -12.05
N ASN B 643 -36.75 27.73 -12.00
CA ASN B 643 -36.88 26.94 -10.78
C ASN B 643 -35.82 25.86 -10.64
N TRP B 644 -34.75 25.93 -11.41
CA TRP B 644 -33.70 24.92 -11.39
C TRP B 644 -32.32 25.53 -11.42
N GLN B 645 -32.22 26.86 -11.44
CA GLN B 645 -30.98 27.59 -11.49
C GLN B 645 -30.81 28.39 -10.20
N ASN B 646 -29.60 28.36 -9.65
CA ASN B 646 -29.31 29.11 -8.44
C ASN B 646 -27.97 29.81 -8.47
N LEU B 647 -27.25 29.79 -9.59
CA LEU B 647 -25.95 30.44 -9.70
C LEU B 647 -25.87 31.15 -11.05
N LEU B 648 -25.20 32.30 -11.05
CA LEU B 648 -24.99 33.09 -12.25
C LEU B 648 -23.52 33.08 -12.63
N TYR B 649 -23.25 32.92 -13.92
CA TYR B 649 -21.91 32.74 -14.44
C TYR B 649 -21.67 33.70 -15.58
N ASP B 650 -20.40 33.84 -15.96
CA ASP B 650 -20.01 34.50 -17.20
C ASP B 650 -19.30 33.48 -18.09
N SER B 651 -18.93 33.92 -19.29
CA SER B 651 -18.32 32.99 -20.23
C SER B 651 -16.89 32.63 -19.86
N ASN B 652 -16.24 33.41 -19.00
CA ASN B 652 -14.90 33.08 -18.56
C ASN B 652 -14.91 31.92 -17.57
N GLY B 653 -15.97 31.77 -16.80
CA GLY B 653 -16.05 30.69 -15.83
C GLY B 653 -16.06 31.15 -14.40
N ASN B 654 -16.34 32.43 -14.18
CA ASN B 654 -16.43 33.00 -12.85
C ASN B 654 -17.87 33.02 -12.38
N ILE B 655 -18.07 32.81 -11.08
CA ILE B 655 -19.40 32.88 -10.48
C ILE B 655 -19.63 34.31 -10.00
N ILE B 656 -20.67 34.95 -10.52
CA ILE B 656 -20.87 36.38 -10.32
C ILE B 656 -22.17 36.72 -9.60
N GLY B 657 -23.09 35.78 -9.44
CA GLY B 657 -24.29 36.05 -8.67
C GLY B 657 -24.96 34.75 -8.28
N PHE B 658 -25.89 34.84 -7.34
CA PHE B 658 -26.57 33.64 -6.88
C PHE B 658 -27.94 34.00 -6.32
N LYS B 659 -28.74 32.97 -6.06
CA LYS B 659 -30.08 33.10 -5.53
C LYS B 659 -30.27 32.11 -4.41
N ASP B 660 -30.42 32.61 -3.19
CA ASP B 660 -30.64 31.74 -2.03
C ASP B 660 -32.03 31.13 -2.13
N PHE B 661 -32.09 29.81 -2.15
CA PHE B 661 -33.37 29.11 -2.28
C PHE B 661 -34.05 28.89 -0.93
N LEU B 662 -33.55 29.51 0.13
CA LEU B 662 -34.23 29.58 1.41
C LEU B 662 -35.12 30.81 1.54
N THR B 663 -34.72 31.92 0.92
CA THR B 663 -35.44 33.18 1.06
C THR B 663 -35.98 33.73 -0.25
N ASN B 664 -35.68 33.08 -1.39
CA ASN B 664 -36.03 33.53 -2.74
C ASN B 664 -35.44 34.91 -3.07
N LYS B 665 -34.26 35.21 -2.54
CA LYS B 665 -33.62 36.50 -2.70
C LYS B 665 -32.34 36.37 -3.50
N THR B 666 -32.10 37.34 -4.39
CA THR B 666 -31.00 37.29 -5.33
C THR B 666 -29.89 38.26 -4.92
N TYR B 667 -28.65 37.88 -5.21
CA TYR B 667 -27.49 38.64 -4.78
C TYR B 667 -26.45 38.60 -5.89
N THR B 668 -25.57 39.59 -5.89
CA THR B 668 -24.41 39.61 -6.76
C THR B 668 -23.13 39.56 -5.93
N ILE B 669 -22.12 38.88 -6.47
CA ILE B 669 -20.87 38.59 -5.78
C ILE B 669 -19.75 39.30 -6.52
N LEU B 670 -18.87 39.95 -5.76
CA LEU B 670 -17.74 40.74 -6.22
C LEU B 670 -16.46 40.20 -5.59
N PRO B 671 -15.29 40.38 -6.22
CA PRO B 671 -14.06 39.90 -5.61
C PRO B 671 -13.60 40.80 -4.48
N CYS B 672 -12.86 40.22 -3.55
CA CYS B 672 -12.36 40.97 -2.42
C CYS B 672 -11.03 41.62 -2.77
N TYR B 673 -10.71 42.73 -2.10
CA TYR B 673 -9.54 43.52 -2.45
C TYR B 673 -8.25 42.79 -2.10
N SER B 674 -7.31 42.82 -3.04
CA SER B 674 -5.97 42.31 -2.83
C SER B 674 -5.02 43.23 -3.58
N GLY B 675 -3.89 43.57 -2.95
CA GLY B 675 -2.95 44.45 -3.63
C GLY B 675 -1.67 44.58 -2.85
N ARG B 676 -0.83 45.46 -3.32
CA ARG B 676 0.45 45.73 -2.71
C ARG B 676 0.52 47.19 -2.31
N VAL B 677 1.63 47.58 -1.70
CA VAL B 677 1.91 48.96 -1.41
C VAL B 677 3.23 49.31 -2.09
N SER B 678 3.35 50.57 -2.52
CA SER B 678 4.58 51.07 -3.12
C SER B 678 5.29 51.90 -2.07
N ALA B 679 6.46 51.46 -1.67
CA ALA B 679 7.21 52.12 -0.61
C ALA B 679 8.38 52.85 -1.24
N ALA B 680 8.37 54.17 -1.14
CA ALA B 680 9.47 55.01 -1.58
C ALA B 680 10.38 55.28 -0.40
N PHE B 681 11.57 54.70 -0.41
CA PHE B 681 12.45 54.72 0.75
C PHE B 681 13.72 55.44 0.38
N TYR B 682 14.05 56.48 1.13
CA TYR B 682 15.32 57.16 1.03
C TYR B 682 16.27 56.67 2.11
N GLN B 683 17.55 56.57 1.75
CA GLN B 683 18.59 55.99 2.59
C GLN B 683 18.71 56.72 3.93
N ASN B 684 19.02 55.92 4.97
CA ASN B 684 19.21 56.35 6.37
C ASN B 684 17.95 56.91 7.01
N SER B 685 16.79 56.72 6.40
CA SER B 685 15.56 57.20 7.00
C SER B 685 15.05 56.15 7.99
N SER B 686 13.92 56.45 8.61
CA SER B 686 13.34 55.59 9.63
C SER B 686 12.09 54.87 9.17
N SER B 687 11.46 55.34 8.10
CA SER B 687 10.23 54.76 7.58
C SER B 687 10.08 55.24 6.16
N PRO B 688 9.53 54.44 5.26
CA PRO B 688 9.33 54.88 3.88
C PRO B 688 8.08 55.75 3.77
N ALA B 689 7.84 56.23 2.56
CA ALA B 689 6.58 56.82 2.19
C ALA B 689 5.75 55.79 1.42
N LEU B 690 4.44 55.82 1.59
CA LEU B 690 3.61 54.73 1.10
C LEU B 690 2.59 55.23 0.12
N LEU B 691 2.44 54.51 -0.99
CA LEU B 691 1.41 54.77 -1.99
C LEU B 691 0.55 53.53 -2.11
N TYR B 692 -0.73 53.70 -1.85
CA TYR B 692 -1.72 52.68 -2.18
C TYR B 692 -2.32 53.15 -3.48
N ARG B 693 -1.96 52.47 -4.55
CA ARG B 693 -2.37 52.90 -5.88
C ARG B 693 -3.85 52.68 -6.05
N ASN B 694 -4.52 53.70 -6.60
CA ASN B 694 -5.90 53.68 -7.06
C ASN B 694 -6.89 53.50 -5.93
N LEU B 695 -6.52 53.86 -4.72
CA LEU B 695 -7.35 53.68 -3.54
C LEU B 695 -7.58 55.02 -2.87
N LYS B 696 -8.82 55.29 -2.51
CA LYS B 696 -9.15 56.48 -1.75
C LYS B 696 -8.63 56.34 -0.32
N CYS B 697 -8.27 57.46 0.29
CA CYS B 697 -7.70 57.41 1.63
C CYS B 697 -8.74 57.09 2.69
N SER B 698 -10.02 57.31 2.39
CA SER B 698 -11.07 56.87 3.29
C SER B 698 -11.12 55.36 3.35
N TYR B 699 -10.99 54.69 2.21
CA TYR B 699 -10.96 53.24 2.17
C TYR B 699 -9.71 52.70 2.85
N VAL B 700 -8.60 53.42 2.76
CA VAL B 700 -7.37 52.93 3.36
C VAL B 700 -7.41 53.09 4.87
N LEU B 701 -7.84 54.24 5.35
CA LEU B 701 -7.90 54.44 6.80
C LEU B 701 -9.03 53.66 7.45
N ASN B 702 -10.08 53.30 6.71
CA ASN B 702 -11.13 52.47 7.30
C ASN B 702 -10.83 50.99 7.16
N ASN B 703 -10.67 50.48 5.94
CA ASN B 703 -10.70 49.05 5.71
C ASN B 703 -9.34 48.37 5.68
N ILE B 704 -8.23 49.11 5.63
CA ILE B 704 -6.95 48.44 5.54
C ILE B 704 -6.12 48.67 6.80
N SER B 705 -5.74 49.90 7.07
CA SER B 705 -4.81 50.19 8.15
C SER B 705 -5.48 51.07 9.19
N PHE B 706 -5.44 50.60 10.44
CA PHE B 706 -5.89 51.38 11.58
C PHE B 706 -4.72 51.89 12.39
N ILE B 707 -3.51 51.87 11.83
CA ILE B 707 -2.32 52.26 12.57
C ILE B 707 -2.11 53.75 12.40
N SER B 708 -1.40 54.36 13.36
CA SER B 708 -1.30 55.82 13.45
C SER B 708 -0.47 56.37 12.30
N GLN B 709 -1.14 57.12 11.42
CA GLN B 709 -0.49 57.85 10.33
C GLN B 709 -1.13 59.22 10.30
N PRO B 710 -0.44 60.25 10.81
CA PRO B 710 -1.04 61.59 10.84
C PRO B 710 -1.02 62.31 9.51
N PHE B 711 -0.23 61.85 8.54
CA PHE B 711 -0.09 62.52 7.26
C PHE B 711 -0.62 61.62 6.16
N TYR B 712 -1.60 62.13 5.42
CA TYR B 712 -2.12 61.43 4.25
C TYR B 712 -2.77 62.45 3.34
N PHE B 713 -2.76 62.15 2.05
CA PHE B 713 -3.56 62.92 1.11
C PHE B 713 -3.90 62.06 -0.11
N ASP B 714 -4.90 62.52 -0.83
CA ASP B 714 -5.44 61.81 -1.98
C ASP B 714 -4.88 62.41 -3.26
N SER B 715 -3.92 61.74 -3.86
CA SER B 715 -3.30 62.19 -5.09
C SER B 715 -3.90 61.48 -6.28
N TYR B 716 -3.48 61.92 -7.46
CA TYR B 716 -3.96 61.37 -8.72
C TYR B 716 -3.61 59.90 -8.87
N LEU B 717 -2.51 59.47 -8.26
CA LEU B 717 -2.09 58.08 -8.31
C LEU B 717 -2.70 57.22 -7.23
N GLY B 718 -3.41 57.77 -6.26
CA GLY B 718 -3.88 56.96 -5.16
C GLY B 718 -3.82 57.67 -3.83
N CYS B 719 -3.50 56.95 -2.76
CA CYS B 719 -3.41 57.54 -1.43
C CYS B 719 -1.95 57.54 -1.00
N VAL B 720 -1.44 58.73 -0.64
CA VAL B 720 -0.06 58.85 -0.18
C VAL B 720 -0.06 59.07 1.32
N LEU B 721 0.67 58.22 2.04
CA LEU B 721 0.92 58.32 3.46
C LEU B 721 2.38 58.63 3.70
N ASN B 722 2.62 59.43 4.76
CA ASN B 722 3.94 59.88 5.25
C ASN B 722 4.61 60.85 4.29
N ALA B 723 3.82 61.73 3.66
CA ALA B 723 4.39 62.70 2.74
C ALA B 723 3.49 63.92 2.63
N VAL B 724 4.12 65.05 2.27
CA VAL B 724 3.48 66.36 2.14
C VAL B 724 3.04 66.55 0.70
N ASN B 725 1.99 67.33 0.50
CA ASN B 725 1.48 67.64 -0.82
C ASN B 725 2.17 68.90 -1.33
N LEU B 726 3.12 68.73 -2.25
CA LEU B 726 3.92 69.85 -2.74
C LEU B 726 4.06 69.79 -4.25
N THR B 727 2.94 69.64 -4.93
CA THR B 727 2.97 69.48 -6.38
C THR B 727 3.24 70.78 -7.12
N SER B 728 3.11 71.93 -6.46
CA SER B 728 3.47 73.20 -7.09
C SER B 728 4.97 73.30 -7.36
N TYR B 729 5.78 72.75 -6.48
CA TYR B 729 7.21 72.64 -6.71
C TYR B 729 7.47 71.57 -7.78
N SER B 730 8.65 71.65 -8.40
CA SER B 730 9.00 70.75 -9.47
C SER B 730 10.50 70.52 -9.46
N VAL B 731 10.91 69.37 -9.99
CA VAL B 731 12.29 68.92 -9.88
C VAL B 731 12.68 68.29 -11.21
N SER B 732 13.98 68.36 -11.53
CA SER B 732 14.46 67.90 -12.82
C SER B 732 15.19 66.59 -12.76
N SER B 733 15.46 66.07 -11.57
CA SER B 733 16.05 64.75 -11.41
C SER B 733 15.55 64.18 -10.10
N CYS B 734 15.14 62.92 -10.14
CA CYS B 734 14.50 62.28 -9.01
C CYS B 734 14.87 60.82 -8.98
N ASP B 735 15.20 60.30 -7.81
CA ASP B 735 15.44 58.88 -7.66
C ASP B 735 14.16 58.08 -7.48
N LEU B 736 13.13 58.68 -6.90
CA LEU B 736 11.91 57.98 -6.55
C LEU B 736 10.80 58.46 -7.47
N ARG B 737 10.73 57.87 -8.64
CA ARG B 737 9.73 58.23 -9.64
C ARG B 737 8.49 57.37 -9.42
N MET B 738 7.34 58.03 -9.26
CA MET B 738 6.11 57.36 -8.89
C MET B 738 5.20 57.08 -10.07
N GLY B 739 5.43 57.72 -11.22
CA GLY B 739 4.58 57.58 -12.37
C GLY B 739 3.72 58.78 -12.72
N SER B 740 3.46 58.96 -14.01
CA SER B 740 2.67 60.07 -14.59
C SER B 740 3.21 61.43 -14.20
N GLY B 741 4.53 61.57 -14.24
CA GLY B 741 5.15 62.86 -14.00
C GLY B 741 5.13 63.32 -12.58
N PHE B 742 5.29 62.41 -11.62
CA PHE B 742 5.35 62.73 -10.21
C PHE B 742 6.56 62.04 -9.61
N CYS B 743 6.96 62.51 -8.44
CA CYS B 743 8.23 62.08 -7.86
C CYS B 743 8.18 62.27 -6.35
N ILE B 744 9.08 61.60 -5.65
CA ILE B 744 9.23 61.76 -4.20
C ILE B 744 10.62 62.31 -3.94
N ASP B 745 10.69 63.40 -3.19
CA ASP B 745 11.95 64.00 -2.80
C ASP B 745 12.07 63.97 -1.29
N TYR B 746 13.30 63.99 -0.77
CA TYR B 746 13.55 63.90 0.65
C TYR B 746 14.34 65.12 1.09
N ALA B 747 13.84 65.82 2.09
CA ALA B 747 14.54 66.95 2.70
C ALA B 747 14.36 66.87 4.21
N LEU B 748 15.39 66.39 4.90
CA LEU B 748 15.34 66.37 6.37
C LEU B 748 15.47 67.79 6.92
N PRO B 749 14.73 68.11 7.98
CA PRO B 749 14.89 69.42 8.62
C PRO B 749 16.23 69.50 9.33
N SER B 750 17.14 70.29 8.76
CA SER B 750 18.56 70.18 9.04
C SER B 750 18.92 70.85 10.37
N SER B 751 20.23 71.04 10.59
CA SER B 751 20.74 71.53 11.87
C SER B 751 20.32 72.96 12.14
N GLY B 752 20.46 73.83 11.13
CA GLY B 752 19.92 75.17 11.25
C GLY B 752 18.41 75.16 11.17
N SER B 753 17.87 74.26 10.36
CA SER B 753 16.42 74.20 10.13
C SER B 753 15.75 73.30 11.17
N ALA B 754 16.01 73.61 12.44
CA ALA B 754 15.42 72.87 13.55
C ALA B 754 14.00 73.39 13.74
N SER B 755 13.05 72.69 13.13
CA SER B 755 11.64 73.04 13.26
C SER B 755 11.05 72.39 14.49
N ARG B 756 10.12 73.08 15.14
CA ARG B 756 9.50 72.58 16.35
C ARG B 756 8.11 72.00 16.12
N GLY B 757 7.55 72.16 14.94
CA GLY B 757 6.31 71.49 14.56
C GLY B 757 6.62 70.23 13.78
N ILE B 758 5.79 69.20 13.97
CA ILE B 758 6.02 67.93 13.30
C ILE B 758 5.58 68.02 11.85
N SER B 759 6.36 67.40 10.97
CA SER B 759 6.04 67.35 9.56
C SER B 759 6.72 66.11 8.97
N SER B 760 6.46 65.88 7.70
CA SER B 760 7.11 64.75 7.08
C SER B 760 8.34 65.22 6.31
N PRO B 761 9.41 64.42 6.25
CA PRO B 761 10.56 64.79 5.42
C PRO B 761 10.44 64.39 3.96
N TYR B 762 9.32 63.79 3.56
CA TYR B 762 9.11 63.42 2.17
C TYR B 762 8.14 64.40 1.54
N ARG B 763 8.47 64.85 0.33
CA ARG B 763 7.63 65.77 -0.40
C ARG B 763 7.28 65.14 -1.74
N PHE B 764 6.01 65.22 -2.09
CA PHE B 764 5.47 64.62 -3.30
C PHE B 764 5.43 65.71 -4.36
N VAL B 765 6.34 65.67 -5.32
CA VAL B 765 6.55 66.79 -6.25
C VAL B 765 6.36 66.37 -7.70
N THR B 766 6.59 67.31 -8.60
CA THR B 766 6.42 67.11 -10.04
C THR B 766 7.77 66.81 -10.68
N PHE B 767 7.83 65.77 -11.48
CA PHE B 767 9.03 65.43 -12.23
C PHE B 767 8.91 66.07 -13.60
N GLU B 768 9.70 67.10 -13.85
CA GLU B 768 9.72 67.79 -15.13
C GLU B 768 11.16 67.80 -15.63
N PRO B 769 11.57 66.78 -16.38
CA PRO B 769 13.01 66.61 -16.66
C PRO B 769 13.60 67.54 -17.71
N PHE B 770 12.77 68.21 -18.52
CA PHE B 770 13.27 69.03 -19.62
C PHE B 770 12.53 70.35 -19.69
N ASN B 771 13.25 71.36 -20.16
CA ASN B 771 12.77 72.71 -20.43
C ASN B 771 13.07 73.08 -21.88
N VAL B 772 12.79 74.33 -22.22
CA VAL B 772 13.41 74.98 -23.37
C VAL B 772 14.13 76.22 -22.87
N SER B 773 15.17 76.61 -23.59
CA SER B 773 15.80 77.90 -23.35
C SER B 773 14.88 79.00 -23.85
N PHE B 774 14.73 80.05 -23.04
CA PHE B 774 13.84 81.14 -23.39
C PHE B 774 14.65 82.38 -23.73
N VAL B 775 14.20 83.11 -24.76
CA VAL B 775 14.75 84.40 -25.12
C VAL B 775 13.69 85.47 -24.90
N ASN B 776 14.15 86.71 -24.79
CA ASN B 776 13.34 87.86 -24.42
C ASN B 776 12.80 88.62 -25.63
N ASP B 777 12.71 87.97 -26.78
CA ASP B 777 12.58 88.67 -28.05
C ASP B 777 11.11 88.94 -28.40
N SER B 778 10.89 89.34 -29.65
CA SER B 778 9.57 89.53 -30.20
C SER B 778 9.25 88.39 -31.16
N VAL B 779 8.03 88.40 -31.70
CA VAL B 779 7.56 87.28 -32.50
C VAL B 779 7.24 87.64 -33.95
N GLU B 780 7.11 88.91 -34.27
CA GLU B 780 6.82 89.33 -35.64
C GLU B 780 7.93 90.22 -36.17
N THR B 781 7.82 90.54 -37.47
CA THR B 781 8.76 91.43 -38.12
C THR B 781 8.66 92.83 -37.51
N VAL B 782 9.69 93.24 -36.80
CA VAL B 782 9.76 94.56 -36.21
C VAL B 782 10.70 95.37 -37.09
N GLY B 783 10.17 96.45 -37.67
CA GLY B 783 10.94 97.26 -38.61
C GLY B 783 11.24 96.54 -39.90
N GLY B 784 10.43 95.55 -40.27
CA GLY B 784 10.68 94.72 -41.43
C GLY B 784 11.75 93.67 -41.25
N LEU B 785 12.45 93.66 -40.12
CA LEU B 785 13.50 92.72 -39.82
C LEU B 785 13.07 91.82 -38.66
N PHE B 786 13.92 90.86 -38.35
CA PHE B 786 13.67 89.87 -37.33
C PHE B 786 14.70 89.96 -36.22
N GLU B 787 14.24 89.80 -34.98
CA GLU B 787 15.12 89.80 -33.82
C GLU B 787 15.79 88.44 -33.66
N ILE B 788 17.07 88.45 -33.29
CA ILE B 788 17.78 87.19 -33.09
C ILE B 788 18.93 87.42 -32.13
N GLN B 789 19.45 86.34 -31.58
CA GLN B 789 20.58 86.35 -30.66
C GLN B 789 21.71 85.61 -31.33
N ILE B 790 22.86 86.28 -31.51
CA ILE B 790 23.99 85.72 -32.24
C ILE B 790 25.18 85.72 -31.30
N PRO B 791 25.94 84.61 -31.21
CA PRO B 791 27.06 84.54 -30.27
C PRO B 791 28.20 85.47 -30.62
N THR B 792 28.84 86.01 -29.60
CA THR B 792 30.02 86.85 -29.77
C THR B 792 31.23 86.33 -29.00
N ASN B 793 31.27 85.02 -28.71
CA ASN B 793 32.40 84.29 -28.14
C ASN B 793 32.05 82.81 -28.13
N PHE B 794 33.05 81.95 -28.03
CA PHE B 794 32.77 80.51 -28.00
C PHE B 794 33.89 79.76 -27.28
N THR B 795 33.67 78.44 -27.16
CA THR B 795 34.67 77.49 -26.70
C THR B 795 34.30 76.10 -27.21
N ILE B 796 35.08 75.10 -26.79
CA ILE B 796 34.92 73.72 -27.21
C ILE B 796 34.62 72.86 -25.98
N ALA B 797 33.46 72.22 -25.97
CA ALA B 797 33.03 71.39 -24.86
C ALA B 797 33.22 69.91 -25.22
N GLY B 798 33.64 69.12 -24.24
CA GLY B 798 33.87 67.70 -24.43
C GLY B 798 32.94 66.88 -23.56
N HIS B 799 32.47 65.75 -24.09
CA HIS B 799 31.74 64.79 -23.28
C HIS B 799 31.79 63.41 -23.92
N GLU B 800 31.87 62.39 -23.08
CA GLU B 800 32.07 61.02 -23.53
C GLU B 800 30.79 60.20 -23.39
N GLU B 801 30.65 59.22 -24.25
CA GLU B 801 29.62 58.21 -24.09
C GLU B 801 30.26 56.85 -24.01
N PHE B 802 29.51 55.88 -23.50
CA PHE B 802 29.92 54.47 -23.54
C PHE B 802 28.92 53.69 -24.38
N ILE B 803 29.39 52.77 -25.22
CA ILE B 803 28.53 51.80 -25.88
C ILE B 803 29.11 50.40 -25.69
N GLN B 804 28.31 49.49 -25.15
CA GLN B 804 28.69 48.11 -24.92
C GLN B 804 28.47 47.25 -26.17
N THR B 805 29.49 46.49 -26.56
CA THR B 805 29.44 45.70 -27.78
C THR B 805 29.67 44.22 -27.58
N SER B 806 29.76 43.72 -26.35
CA SER B 806 29.93 42.30 -26.10
C SER B 806 29.50 41.99 -24.68
N SER B 807 29.64 40.73 -24.31
CA SER B 807 29.30 40.23 -22.98
C SER B 807 30.21 39.06 -22.67
N PRO B 808 30.31 38.61 -21.41
CA PRO B 808 31.07 37.39 -21.13
C PRO B 808 30.50 36.15 -21.80
N LYS B 809 31.38 35.24 -22.18
CA LYS B 809 30.98 34.04 -22.92
C LYS B 809 30.87 32.86 -21.96
N VAL B 810 29.67 32.61 -21.50
CA VAL B 810 29.40 31.59 -20.51
C VAL B 810 29.18 30.27 -21.21
N THR B 811 29.89 29.23 -20.76
CA THR B 811 29.65 27.87 -21.20
C THR B 811 29.15 27.07 -20.01
N ILE B 812 28.27 26.12 -20.28
CA ILE B 812 27.67 25.25 -19.26
C ILE B 812 27.85 23.82 -19.73
N ASP B 813 28.44 22.99 -18.87
CA ASP B 813 28.42 21.54 -19.05
C ASP B 813 27.13 21.04 -18.41
N CYS B 814 26.20 20.58 -19.24
CA CYS B 814 24.82 20.36 -18.81
C CYS B 814 24.69 19.19 -17.87
N SER B 815 25.27 18.05 -18.24
CA SER B 815 25.13 16.85 -17.42
C SER B 815 25.91 16.92 -16.11
N ALA B 816 27.00 17.70 -16.06
CA ALA B 816 27.70 17.89 -14.80
C ALA B 816 27.02 18.90 -13.90
N PHE B 817 26.17 19.75 -14.45
CA PHE B 817 25.32 20.59 -13.61
C PHE B 817 24.15 19.80 -13.07
N VAL B 818 23.55 18.95 -13.89
CA VAL B 818 22.36 18.21 -13.46
C VAL B 818 22.74 17.00 -12.62
N CYS B 819 23.67 16.19 -13.11
CA CYS B 819 23.89 14.87 -12.55
C CYS B 819 25.34 14.59 -12.23
N SER B 820 25.96 15.48 -11.45
CA SER B 820 27.41 15.77 -11.44
C SER B 820 28.35 14.57 -11.58
N ASN B 821 28.22 13.58 -10.72
CA ASN B 821 29.17 12.47 -10.72
C ASN B 821 28.54 11.10 -10.61
N TYR B 822 27.23 11.00 -10.43
CA TYR B 822 26.58 9.77 -10.00
C TYR B 822 25.94 9.08 -11.20
N ALA B 823 26.27 7.79 -11.38
CA ALA B 823 25.88 7.07 -12.59
C ALA B 823 24.41 6.71 -12.62
N ALA B 824 23.75 6.63 -11.47
CA ALA B 824 22.30 6.44 -11.45
C ALA B 824 21.60 7.65 -12.04
N CYS B 825 22.10 8.84 -11.72
CA CYS B 825 21.55 10.06 -12.30
C CYS B 825 21.85 10.15 -13.80
N HIS B 826 23.02 9.67 -14.22
CA HIS B 826 23.35 9.75 -15.65
C HIS B 826 22.50 8.78 -16.46
N ASP B 827 22.23 7.59 -15.92
CA ASP B 827 21.31 6.68 -16.57
C ASP B 827 19.89 7.24 -16.62
N LEU B 828 19.48 7.95 -15.57
CA LEU B 828 18.14 8.54 -15.60
C LEU B 828 18.06 9.74 -16.53
N LEU B 829 19.14 10.50 -16.67
CA LEU B 829 19.17 11.65 -17.55
C LEU B 829 19.27 11.24 -19.01
N SER B 830 19.77 10.03 -19.29
CA SER B 830 19.90 9.60 -20.68
C SER B 830 18.58 9.24 -21.34
N GLU B 831 17.43 9.46 -20.71
CA GLU B 831 16.14 9.30 -21.35
C GLU B 831 15.44 10.63 -21.56
N TYR B 832 16.06 11.72 -21.14
CA TYR B 832 15.62 13.03 -21.59
C TYR B 832 16.31 13.41 -22.89
N GLY B 833 17.44 12.78 -23.19
CA GLY B 833 17.91 12.69 -24.56
C GLY B 833 18.57 13.95 -25.01
N THR B 834 17.99 14.57 -26.02
CA THR B 834 18.50 15.83 -26.55
C THR B 834 17.84 16.96 -25.79
N PHE B 835 18.18 17.05 -24.51
CA PHE B 835 17.96 18.26 -23.75
C PHE B 835 19.25 18.97 -23.41
N CYS B 836 20.32 18.24 -23.15
CA CYS B 836 21.60 18.87 -22.91
C CYS B 836 22.26 19.32 -24.21
N ASP B 837 21.94 18.65 -25.31
CA ASP B 837 22.52 19.00 -26.59
C ASP B 837 21.93 20.30 -27.12
N ASN B 838 20.65 20.54 -26.87
CA ASN B 838 20.07 21.81 -27.27
C ASN B 838 20.62 22.96 -26.46
N ILE B 839 20.86 22.74 -25.16
CA ILE B 839 21.44 23.77 -24.32
C ILE B 839 22.86 24.11 -24.79
N ASN B 840 23.64 23.08 -25.10
CA ASN B 840 25.00 23.30 -25.60
C ASN B 840 24.99 23.99 -26.96
N SER B 841 24.06 23.63 -27.84
CA SER B 841 24.03 24.23 -29.17
C SER B 841 23.57 25.68 -29.15
N ILE B 842 22.65 26.03 -28.24
CA ILE B 842 22.22 27.41 -28.12
C ILE B 842 23.32 28.28 -27.57
N LEU B 843 23.99 27.82 -26.50
CA LEU B 843 25.10 28.60 -25.96
C LEU B 843 26.27 28.68 -26.93
N ASN B 844 26.46 27.66 -27.75
CA ASN B 844 27.51 27.72 -28.77
C ASN B 844 27.19 28.73 -29.85
N GLU B 845 25.94 28.81 -30.29
CA GLU B 845 25.58 29.77 -31.32
C GLU B 845 25.60 31.20 -30.78
N VAL B 846 25.32 31.38 -29.49
CA VAL B 846 25.46 32.70 -28.87
C VAL B 846 26.92 33.13 -28.82
N ASN B 847 27.82 32.20 -28.48
CA ASN B 847 29.24 32.54 -28.46
C ASN B 847 29.79 32.77 -29.87
N ASP B 848 29.21 32.13 -30.87
CA ASP B 848 29.57 32.41 -32.26
C ASP B 848 29.17 33.82 -32.67
N LEU B 849 27.95 34.25 -32.30
CA LEU B 849 27.52 35.62 -32.60
C LEU B 849 28.40 36.65 -31.92
N LEU B 850 28.82 36.37 -30.68
CA LEU B 850 29.71 37.27 -29.97
C LEU B 850 31.06 37.42 -30.68
N ASP B 851 31.58 36.31 -31.21
CA ASP B 851 32.82 36.34 -31.99
C ASP B 851 32.68 37.12 -33.29
N ILE B 852 31.53 37.03 -33.94
CA ILE B 852 31.33 37.74 -35.20
C ILE B 852 31.23 39.25 -34.97
N THR B 853 30.58 39.67 -33.89
CA THR B 853 30.53 41.12 -33.66
C THR B 853 31.89 41.67 -33.23
N GLN B 854 32.68 40.89 -32.50
CA GLN B 854 34.02 41.34 -32.14
C GLN B 854 34.93 41.49 -33.36
N LEU B 855 34.84 40.56 -34.31
CA LEU B 855 35.64 40.71 -35.53
C LEU B 855 35.15 41.85 -36.40
N GLN B 856 33.86 42.19 -36.35
CA GLN B 856 33.37 43.31 -37.15
C GLN B 856 33.83 44.65 -36.58
N VAL B 857 33.82 44.79 -35.25
CA VAL B 857 34.34 46.01 -34.65
C VAL B 857 35.83 46.17 -34.94
N ALA B 858 36.60 45.08 -34.81
CA ALA B 858 38.02 45.10 -35.19
C ALA B 858 38.27 45.37 -36.67
N ASN B 859 37.35 44.98 -37.55
CA ASN B 859 37.52 45.29 -38.97
C ASN B 859 37.22 46.75 -39.28
N ALA B 860 36.22 47.34 -38.63
CA ALA B 860 35.82 48.71 -38.97
C ALA B 860 36.87 49.73 -38.57
N LEU B 861 37.61 49.49 -37.51
CA LEU B 861 38.65 50.39 -37.06
C LEU B 861 39.90 50.35 -37.92
N MET B 862 39.97 49.43 -38.89
CA MET B 862 41.18 49.13 -39.63
C MET B 862 40.98 49.21 -41.14
N GLN B 863 39.76 49.42 -41.59
CA GLN B 863 39.49 49.61 -43.02
C GLN B 863 40.13 50.91 -43.46
N GLY B 864 41.09 50.82 -44.37
CA GLY B 864 41.70 51.96 -45.03
C GLY B 864 42.44 52.93 -44.13
N VAL B 865 43.31 52.41 -43.27
CA VAL B 865 44.20 53.25 -42.50
C VAL B 865 45.61 52.89 -42.93
N THR B 866 46.30 53.87 -43.49
CA THR B 866 47.68 53.72 -43.94
C THR B 866 48.53 54.52 -42.97
N LEU B 867 49.63 53.92 -42.53
CA LEU B 867 50.48 54.53 -41.53
C LEU B 867 51.87 54.70 -42.08
N SER B 868 52.57 55.69 -41.55
CA SER B 868 53.99 55.90 -41.81
C SER B 868 54.77 54.80 -41.10
N SER B 869 55.71 54.18 -41.80
CA SER B 869 56.51 53.15 -41.16
C SER B 869 57.68 53.72 -40.37
N ASN B 870 57.75 55.04 -40.22
CA ASN B 870 58.75 55.70 -39.40
C ASN B 870 58.15 56.35 -38.17
N LEU B 871 56.93 55.96 -37.82
CA LEU B 871 56.26 56.53 -36.65
C LEU B 871 56.84 55.97 -35.36
N ASN B 872 56.69 56.75 -34.30
CA ASN B 872 57.16 56.37 -32.98
C ASN B 872 56.34 57.17 -31.97
N THR B 873 55.52 56.47 -31.18
CA THR B 873 54.62 57.16 -30.28
C THR B 873 55.36 57.82 -29.11
N ASN B 874 56.57 57.37 -28.80
CA ASN B 874 57.39 58.05 -27.80
C ASN B 874 57.90 59.40 -28.29
N LEU B 875 57.97 59.60 -29.61
CA LEU B 875 58.41 60.85 -30.20
C LEU B 875 57.27 61.68 -30.77
N HIS B 876 56.24 61.04 -31.31
CA HIS B 876 55.18 61.70 -32.06
C HIS B 876 53.85 61.48 -31.33
N SER B 877 53.55 62.33 -30.36
CA SER B 877 52.29 62.22 -29.64
C SER B 877 51.62 63.58 -29.52
N ASP B 878 51.83 64.44 -30.52
CA ASP B 878 51.52 65.86 -30.41
C ASP B 878 51.49 66.50 -31.79
N VAL B 879 50.41 67.21 -32.12
CA VAL B 879 50.31 67.95 -33.37
C VAL B 879 49.50 69.22 -33.12
N ASP B 880 50.03 70.35 -33.59
CA ASP B 880 49.37 71.67 -33.55
C ASP B 880 49.03 72.11 -32.14
N ASN B 881 49.87 71.70 -31.18
CA ASN B 881 49.69 71.93 -29.73
C ASN B 881 48.38 71.38 -29.20
N ILE B 882 48.00 70.19 -29.66
CA ILE B 882 46.91 69.42 -29.09
C ILE B 882 47.47 68.07 -28.64
N ASP B 883 47.28 67.75 -27.36
CA ASP B 883 47.99 66.64 -26.73
C ASP B 883 47.24 65.31 -26.92
N PHE B 884 47.95 64.32 -27.45
CA PHE B 884 47.43 62.97 -27.69
C PHE B 884 48.20 61.91 -26.93
N LYS B 885 48.75 62.24 -25.77
CA LYS B 885 49.51 61.26 -25.01
C LYS B 885 48.59 60.25 -24.35
N SER B 886 47.45 60.70 -23.84
CA SER B 886 46.53 59.82 -23.15
C SER B 886 45.72 58.94 -24.08
N LEU B 887 45.75 59.17 -25.38
CA LEU B 887 44.93 58.39 -26.27
C LEU B 887 45.69 57.28 -26.98
N LEU B 888 47.00 57.34 -27.02
CA LEU B 888 47.77 56.38 -27.80
C LEU B 888 48.40 55.35 -26.90
N GLY B 889 48.45 54.11 -27.37
CA GLY B 889 49.13 53.05 -26.68
C GLY B 889 50.57 52.94 -27.11
N CYS B 890 50.94 51.82 -27.70
CA CYS B 890 52.29 51.62 -28.20
C CYS B 890 52.22 51.26 -29.67
N LEU B 891 53.21 51.74 -30.41
CA LEU B 891 53.24 51.66 -31.87
C LEU B 891 54.62 52.10 -32.32
N GLY B 892 55.03 51.61 -33.49
CA GLY B 892 56.34 51.93 -34.00
C GLY B 892 57.14 50.69 -34.30
N SER B 893 58.40 50.66 -33.86
CA SER B 893 59.23 49.48 -34.09
C SER B 893 60.13 49.14 -32.92
N GLN B 894 59.92 49.72 -31.73
CA GLN B 894 60.77 49.37 -30.59
C GLN B 894 60.03 49.31 -29.26
N CYS B 895 58.82 48.77 -29.20
CA CYS B 895 58.10 48.73 -27.93
C CYS B 895 57.84 47.32 -27.40
N GLY B 896 57.09 46.52 -28.15
CA GLY B 896 56.54 45.30 -27.61
C GLY B 896 55.11 45.57 -27.21
N SER B 897 54.15 45.17 -28.05
CA SER B 897 52.80 45.76 -28.02
C SER B 897 51.87 44.97 -27.10
N SER B 898 51.92 45.30 -25.82
CA SER B 898 50.98 44.77 -24.84
C SER B 898 50.51 45.87 -23.91
N SER B 899 50.57 47.11 -24.37
CA SER B 899 50.22 48.24 -23.52
C SER B 899 49.01 48.94 -24.10
N ARG B 900 48.27 49.60 -23.22
CA ARG B 900 47.12 50.39 -23.57
C ARG B 900 47.43 51.87 -23.35
N SER B 901 46.45 52.70 -23.70
CA SER B 901 46.52 54.12 -23.43
C SER B 901 46.40 54.40 -21.93
N LEU B 902 46.50 55.67 -21.57
CA LEU B 902 46.42 56.10 -20.19
C LEU B 902 44.98 56.20 -19.70
N LEU B 903 44.03 56.52 -20.57
CA LEU B 903 42.62 56.46 -20.25
C LEU B 903 42.12 55.02 -20.19
N GLU B 904 42.68 54.14 -21.03
CA GLU B 904 42.28 52.75 -21.01
C GLU B 904 42.74 52.05 -19.74
N ASP B 905 43.93 52.41 -19.24
CA ASP B 905 44.33 51.93 -17.93
C ASP B 905 43.46 52.51 -16.84
N LEU B 906 43.03 53.77 -17.00
CA LEU B 906 42.20 54.41 -16.00
C LEU B 906 40.82 53.76 -15.91
N LEU B 907 40.32 53.21 -17.02
CA LEU B 907 39.05 52.50 -16.99
C LEU B 907 39.19 51.04 -16.60
N PHE B 908 40.26 50.38 -17.03
CA PHE B 908 40.39 48.95 -16.80
C PHE B 908 40.84 48.60 -15.40
N ASN B 909 41.25 49.57 -14.59
CA ASN B 909 41.62 49.29 -13.22
C ASN B 909 40.45 49.35 -12.27
N LYS B 910 39.42 50.14 -12.57
CA LYS B 910 38.23 50.20 -11.75
C LYS B 910 37.29 49.03 -11.96
N VAL B 911 37.58 48.15 -12.91
CA VAL B 911 36.73 46.99 -13.21
C VAL B 911 37.59 45.74 -13.05
N LYS B 912 37.21 44.87 -12.13
CA LYS B 912 38.08 43.75 -11.78
C LYS B 912 37.93 42.59 -12.73
N LEU B 913 36.70 42.18 -13.04
CA LEU B 913 36.48 41.01 -13.88
C LEU B 913 36.33 41.45 -15.34
N SER B 914 37.47 41.76 -15.94
CA SER B 914 37.57 41.91 -17.38
C SER B 914 37.96 40.56 -17.95
N ASP B 915 38.39 40.51 -19.21
CA ASP B 915 38.76 39.25 -19.84
C ASP B 915 40.00 38.63 -19.21
N VAL B 916 40.86 39.43 -18.59
CA VAL B 916 42.08 38.92 -17.97
C VAL B 916 41.86 38.61 -16.48
N GLY B 917 40.92 39.29 -15.84
CA GLY B 917 40.58 38.97 -14.47
C GLY B 917 39.94 37.61 -14.34
N PHE B 918 39.20 37.18 -15.36
CA PHE B 918 38.64 35.85 -15.36
C PHE B 918 39.71 34.79 -15.52
N VAL B 919 40.70 35.03 -16.38
CA VAL B 919 41.76 34.05 -16.60
C VAL B 919 42.62 33.92 -15.35
N GLU B 920 42.93 35.03 -14.69
CA GLU B 920 43.74 34.91 -13.49
C GLU B 920 42.93 34.46 -12.27
N ALA B 921 41.60 34.64 -12.27
CA ALA B 921 40.78 34.07 -11.22
C ALA B 921 40.63 32.56 -11.38
N TYR B 922 40.54 32.07 -12.62
CA TYR B 922 40.47 30.64 -12.81
C TYR B 922 41.84 29.98 -12.67
N ASN B 923 42.92 30.74 -12.80
CA ASN B 923 44.25 30.17 -12.58
C ASN B 923 44.47 29.81 -11.12
N ASN B 924 43.80 30.51 -10.21
CA ASN B 924 43.97 30.39 -8.78
C ASN B 924 43.09 29.31 -8.16
N CYS B 925 42.41 28.49 -8.97
CA CYS B 925 41.47 27.53 -8.41
C CYS B 925 42.16 26.31 -7.83
N THR B 926 43.24 25.82 -8.44
CA THR B 926 43.92 24.64 -7.92
C THR B 926 44.74 25.04 -6.71
N GLY B 927 44.06 25.08 -5.57
CA GLY B 927 44.65 25.53 -4.32
C GLY B 927 43.74 26.43 -3.53
N GLY B 928 42.81 27.12 -4.21
CA GLY B 928 41.95 28.09 -3.58
C GLY B 928 42.55 29.46 -3.42
N SER B 929 43.75 29.54 -2.86
CA SER B 929 44.68 30.67 -2.93
C SER B 929 44.26 31.93 -2.18
N GLU B 930 43.02 32.00 -1.69
CA GLU B 930 42.72 32.83 -0.53
C GLU B 930 42.19 32.00 0.64
N ILE B 931 40.97 31.50 0.52
CA ILE B 931 40.58 30.18 1.04
C ILE B 931 39.73 29.57 -0.06
N ARG B 932 39.04 30.43 -0.81
CA ARG B 932 37.92 30.04 -1.66
C ARG B 932 37.42 31.26 -2.44
N ASP B 933 36.78 31.03 -3.59
CA ASP B 933 36.07 32.09 -4.29
C ASP B 933 34.88 31.48 -4.99
N LEU B 934 33.89 32.33 -5.31
CA LEU B 934 32.67 31.84 -5.94
C LEU B 934 32.89 31.39 -7.37
N LEU B 935 33.93 31.90 -8.03
CA LEU B 935 34.19 31.52 -9.41
C LEU B 935 34.74 30.11 -9.51
N CYS B 936 35.52 29.65 -8.53
CA CYS B 936 35.99 28.27 -8.58
C CYS B 936 34.88 27.30 -8.21
N VAL B 937 33.95 27.71 -7.34
CA VAL B 937 32.82 26.86 -7.02
C VAL B 937 31.86 26.79 -8.20
N GLN B 938 31.74 27.88 -8.95
CA GLN B 938 30.98 27.84 -10.20
C GLN B 938 31.66 26.96 -11.24
N SER B 939 32.98 27.06 -11.36
CA SER B 939 33.67 26.35 -12.42
C SER B 939 33.77 24.85 -12.15
N PHE B 940 33.66 24.44 -10.89
CA PHE B 940 33.68 23.00 -10.64
C PHE B 940 32.30 22.36 -10.77
N ASN B 941 31.24 23.15 -10.82
CA ASN B 941 29.91 22.66 -11.11
C ASN B 941 29.52 22.84 -12.56
N GLY B 942 30.48 23.08 -13.44
CA GLY B 942 30.25 23.11 -14.85
C GLY B 942 29.80 24.43 -15.44
N ILE B 943 30.25 25.56 -14.90
CA ILE B 943 29.86 26.88 -15.37
C ILE B 943 31.14 27.68 -15.53
N LYS B 944 31.60 27.89 -16.75
CA LYS B 944 32.85 28.62 -16.94
C LYS B 944 32.64 29.80 -17.89
N VAL B 945 33.56 30.76 -17.82
CA VAL B 945 33.57 31.89 -18.74
C VAL B 945 34.83 31.78 -19.60
N LEU B 946 34.63 31.60 -20.90
CA LEU B 946 35.64 31.50 -21.93
C LEU B 946 36.18 32.88 -22.28
N PRO B 947 37.46 32.99 -22.64
CA PRO B 947 37.99 34.28 -23.10
C PRO B 947 37.61 34.54 -24.54
N PRO B 948 37.42 35.80 -24.93
CA PRO B 948 37.09 36.13 -26.33
C PRO B 948 38.23 35.78 -27.29
N ILE B 949 37.95 35.94 -28.59
CA ILE B 949 38.91 35.45 -29.57
C ILE B 949 40.04 36.43 -29.82
N LEU B 950 39.84 37.72 -29.54
CA LEU B 950 40.88 38.71 -29.65
C LEU B 950 41.24 39.17 -28.26
N SER B 951 42.49 39.54 -28.04
CA SER B 951 42.83 40.10 -26.75
C SER B 951 42.28 41.51 -26.63
N GLU B 952 42.33 42.04 -25.42
CA GLU B 952 41.98 43.44 -25.24
C GLU B 952 43.14 44.36 -25.56
N THR B 953 44.36 43.82 -25.60
CA THR B 953 45.48 44.60 -26.11
C THR B 953 45.46 44.71 -27.62
N GLN B 954 44.80 43.78 -28.30
CA GLN B 954 44.67 43.92 -29.74
C GLN B 954 43.67 45.02 -30.09
N ILE B 955 42.60 45.14 -29.33
CA ILE B 955 41.66 46.22 -29.59
C ILE B 955 42.23 47.55 -29.10
N SER B 956 43.13 47.51 -28.13
CA SER B 956 43.92 48.70 -27.80
C SER B 956 44.79 49.13 -28.96
N GLY B 957 45.41 48.19 -29.65
CA GLY B 957 46.18 48.53 -30.83
C GLY B 957 45.34 49.06 -31.97
N TYR B 958 44.11 48.60 -32.08
CA TYR B 958 43.26 49.06 -33.17
C TYR B 958 42.71 50.46 -32.92
N THR B 959 42.40 50.79 -31.67
CA THR B 959 42.05 52.18 -31.35
C THR B 959 43.26 53.10 -31.39
N THR B 960 44.47 52.58 -31.13
CA THR B 960 45.66 53.42 -31.30
C THR B 960 45.90 53.74 -32.77
N ALA B 961 45.72 52.77 -33.65
CA ALA B 961 45.91 53.04 -35.06
C ALA B 961 44.86 54.00 -35.59
N ALA B 962 43.61 53.83 -35.17
CA ALA B 962 42.56 54.73 -35.65
C ALA B 962 42.65 56.13 -35.04
N THR B 963 43.33 56.29 -33.92
CA THR B 963 43.59 57.63 -33.40
C THR B 963 44.79 58.28 -34.09
N VAL B 964 45.82 57.49 -34.40
CA VAL B 964 47.00 58.06 -35.04
C VAL B 964 46.81 58.25 -36.54
N ALA B 965 45.72 57.73 -37.10
CA ALA B 965 45.45 57.91 -38.52
C ALA B 965 44.97 59.32 -38.86
N ALA B 966 44.74 60.15 -37.86
CA ALA B 966 44.18 61.48 -38.05
C ALA B 966 45.10 62.55 -37.50
N MET B 967 46.40 62.26 -37.43
CA MET B 967 47.36 63.17 -36.80
C MET B 967 48.61 63.38 -37.64
N PHE B 968 48.94 62.45 -38.51
CA PHE B 968 50.20 62.46 -39.25
C PHE B 968 49.88 62.16 -40.70
N PRO B 969 50.80 62.42 -41.63
CA PRO B 969 50.56 62.07 -43.03
C PRO B 969 50.35 60.58 -43.22
N PRO B 970 49.42 60.17 -44.10
CA PRO B 970 48.59 60.95 -45.00
C PRO B 970 47.23 61.31 -44.50
N TRP B 971 47.03 61.38 -43.17
CA TRP B 971 45.84 61.97 -42.54
C TRP B 971 44.54 61.31 -43.00
N SER B 972 44.42 59.99 -42.83
CA SER B 972 43.30 59.27 -43.43
C SER B 972 42.01 59.41 -42.61
N ALA B 973 42.08 59.23 -41.30
CA ALA B 973 40.88 59.42 -40.49
C ALA B 973 40.54 60.90 -40.30
N ALA B 974 41.46 61.80 -40.61
CA ALA B 974 41.20 63.23 -40.71
C ALA B 974 40.61 63.61 -42.07
N ALA B 975 40.37 62.61 -42.93
CA ALA B 975 39.76 62.74 -44.26
C ALA B 975 40.59 63.64 -45.18
N GLY B 976 41.84 63.23 -45.40
CA GLY B 976 42.71 63.85 -46.39
C GLY B 976 43.55 65.03 -45.94
N VAL B 977 42.99 65.92 -45.14
CA VAL B 977 43.65 67.19 -44.83
C VAL B 977 44.23 67.09 -43.43
N PRO B 978 45.15 67.96 -43.02
CA PRO B 978 45.67 67.91 -41.64
C PRO B 978 44.61 68.23 -40.59
N PHE B 979 45.02 68.06 -39.33
CA PHE B 979 44.07 67.89 -38.23
C PHE B 979 43.33 69.19 -37.90
N SER B 980 44.07 70.23 -37.53
CA SER B 980 43.42 71.50 -37.19
C SER B 980 42.90 72.24 -38.41
N LEU B 981 43.44 71.93 -39.60
CA LEU B 981 42.77 72.28 -40.84
C LEU B 981 41.36 71.73 -40.86
N ASN B 982 41.22 70.44 -40.56
CA ASN B 982 39.91 69.78 -40.57
C ASN B 982 39.00 70.32 -39.48
N VAL B 983 39.56 70.69 -38.33
CA VAL B 983 38.76 71.31 -37.26
C VAL B 983 38.24 72.67 -37.71
N GLN B 984 39.08 73.45 -38.39
CA GLN B 984 38.65 74.76 -38.88
C GLN B 984 37.57 74.62 -39.94
N TYR B 985 37.68 73.64 -40.83
CA TYR B 985 36.66 73.44 -41.84
C TYR B 985 35.35 72.94 -41.23
N ARG B 986 35.44 72.19 -40.13
CA ARG B 986 34.25 71.73 -39.43
C ARG B 986 33.54 72.88 -38.72
N ILE B 987 34.28 73.76 -38.04
CA ILE B 987 33.63 74.90 -37.38
C ILE B 987 33.16 75.90 -38.42
N ASN B 988 33.80 75.94 -39.59
CA ASN B 988 33.37 76.81 -40.67
C ASN B 988 32.01 76.40 -41.20
N GLY B 989 31.79 75.10 -41.38
CA GLY B 989 30.51 74.65 -41.88
C GLY B 989 29.31 74.82 -40.97
N LEU B 990 29.46 75.38 -39.77
CA LEU B 990 28.32 75.66 -38.89
C LEU B 990 27.84 77.10 -38.95
N GLY B 991 28.59 78.00 -39.56
CA GLY B 991 28.23 79.41 -39.52
C GLY B 991 29.29 80.31 -38.91
N VAL B 992 30.54 79.88 -38.96
CA VAL B 992 31.65 80.65 -38.40
C VAL B 992 32.58 81.05 -39.54
N THR B 993 32.99 82.30 -39.52
CA THR B 993 33.85 82.90 -40.54
C THR B 993 35.26 82.37 -40.40
N MET B 994 35.92 82.14 -41.55
CA MET B 994 37.27 81.58 -41.53
C MET B 994 38.31 82.57 -41.03
N ASP B 995 37.95 83.86 -40.97
CA ASP B 995 38.81 84.89 -40.41
C ASP B 995 39.12 84.63 -38.94
N VAL B 996 38.08 84.47 -38.12
CA VAL B 996 38.31 84.31 -36.67
C VAL B 996 38.87 82.95 -36.34
N LEU B 997 38.66 81.95 -37.21
CA LEU B 997 39.30 80.67 -37.01
C LEU B 997 40.77 80.74 -37.32
N ASN B 998 41.17 81.59 -38.27
CA ASN B 998 42.60 81.87 -38.44
C ASN B 998 43.13 82.78 -37.34
N LYS B 999 42.25 83.50 -36.65
CA LYS B 999 42.70 84.49 -35.69
C LYS B 999 42.68 83.99 -34.24
N ASN B 1000 41.85 83.00 -33.93
CA ASN B 1000 41.73 82.50 -32.57
C ASN B 1000 42.19 81.05 -32.47
N GLN B 1001 43.28 80.70 -33.15
CA GLN B 1001 43.64 79.30 -33.34
C GLN B 1001 44.18 78.67 -32.07
N LYS B 1002 45.07 79.39 -31.38
CA LYS B 1002 45.64 78.82 -30.17
C LYS B 1002 44.65 78.79 -29.02
N LEU B 1003 43.67 79.69 -29.01
CA LEU B 1003 42.61 79.59 -28.00
C LEU B 1003 41.75 78.35 -28.22
N ILE B 1004 41.45 78.05 -29.49
CA ILE B 1004 40.71 76.85 -29.86
C ILE B 1004 41.47 75.59 -29.44
N ALA B 1005 42.80 75.57 -29.68
CA ALA B 1005 43.57 74.38 -29.30
C ALA B 1005 43.74 74.25 -27.79
N ASN B 1006 43.82 75.38 -27.08
CA ASN B 1006 43.85 75.31 -25.62
C ASN B 1006 42.56 74.77 -25.05
N ALA B 1007 41.42 75.22 -25.58
CA ALA B 1007 40.13 74.68 -25.14
C ALA B 1007 39.97 73.21 -25.49
N PHE B 1008 40.57 72.79 -26.60
CA PHE B 1008 40.61 71.39 -26.98
C PHE B 1008 41.35 70.53 -25.95
N ASN B 1009 42.55 70.99 -25.53
CA ASN B 1009 43.30 70.29 -24.49
C ASN B 1009 42.55 70.29 -23.17
N LYS B 1010 41.89 71.38 -22.85
CA LYS B 1010 41.18 71.47 -21.59
C LYS B 1010 39.99 70.51 -21.54
N ALA B 1011 39.25 70.40 -22.65
CA ALA B 1011 38.15 69.44 -22.72
C ALA B 1011 38.64 68.01 -22.59
N LEU B 1012 39.75 67.67 -23.27
CA LEU B 1012 40.31 66.33 -23.15
C LEU B 1012 40.78 66.02 -21.74
N LEU B 1013 41.37 67.00 -21.05
CA LEU B 1013 41.89 66.76 -19.71
C LEU B 1013 40.76 66.62 -18.70
N SER B 1014 39.71 67.42 -18.84
CA SER B 1014 38.57 67.29 -17.95
C SER B 1014 37.82 65.99 -18.18
N ILE B 1015 37.79 65.50 -19.43
CA ILE B 1015 37.29 64.14 -19.70
C ILE B 1015 38.11 63.11 -18.93
N GLN B 1016 39.44 63.24 -18.97
CA GLN B 1016 40.33 62.30 -18.29
C GLN B 1016 40.14 62.30 -16.79
N ASN B 1017 39.97 63.47 -16.19
CA ASN B 1017 39.93 63.60 -14.73
C ASN B 1017 38.51 63.53 -14.18
N GLY B 1018 37.62 62.76 -14.79
CA GLY B 1018 36.25 62.76 -14.35
C GLY B 1018 35.63 61.40 -14.10
N PHE B 1019 36.45 60.38 -13.87
CA PHE B 1019 35.94 59.04 -13.60
C PHE B 1019 35.80 58.82 -12.08
N THR B 1020 34.96 59.62 -11.45
CA THR B 1020 34.89 59.68 -9.99
C THR B 1020 33.46 59.46 -9.53
N ALA B 1021 33.07 58.18 -9.43
CA ALA B 1021 31.94 57.68 -8.63
C ALA B 1021 30.55 58.14 -9.09
N THR B 1022 30.48 59.03 -10.07
CA THR B 1022 29.20 59.52 -10.58
C THR B 1022 29.25 59.62 -12.10
N ASN B 1023 30.31 59.12 -12.72
CA ASN B 1023 30.35 58.99 -14.17
C ASN B 1023 29.33 57.98 -14.63
N SER B 1024 28.52 58.37 -15.60
CA SER B 1024 27.48 57.47 -16.11
C SER B 1024 28.08 56.35 -16.95
N ALA B 1025 29.22 56.61 -17.57
CA ALA B 1025 29.89 55.57 -18.35
C ALA B 1025 30.39 54.44 -17.45
N LEU B 1026 30.93 54.79 -16.28
CA LEU B 1026 31.39 53.78 -15.34
C LEU B 1026 30.22 53.00 -14.74
N ALA B 1027 29.08 53.65 -14.54
CA ALA B 1027 27.89 52.93 -14.11
C ALA B 1027 27.41 51.96 -15.18
N LYS B 1028 27.50 52.36 -16.45
CA LYS B 1028 27.11 51.49 -17.54
C LYS B 1028 28.08 50.34 -17.75
N ILE B 1029 29.34 50.51 -17.38
CA ILE B 1029 30.29 49.39 -17.42
C ILE B 1029 30.08 48.46 -16.23
N GLN B 1030 29.79 49.02 -15.06
CA GLN B 1030 29.62 48.18 -13.88
C GLN B 1030 28.31 47.40 -13.89
N SER B 1031 27.28 47.92 -14.58
CA SER B 1031 26.03 47.21 -14.73
C SER B 1031 26.20 45.88 -15.45
N VAL B 1032 27.06 45.84 -16.47
CA VAL B 1032 27.36 44.63 -17.23
C VAL B 1032 27.95 43.55 -16.33
N VAL B 1033 28.93 43.93 -15.51
CA VAL B 1033 29.63 43.00 -14.64
C VAL B 1033 28.74 42.51 -13.52
N ASN B 1034 27.99 43.42 -12.89
CA ASN B 1034 27.09 43.04 -11.82
C ASN B 1034 25.96 42.15 -12.32
N ALA B 1035 25.47 42.41 -13.54
CA ALA B 1035 24.41 41.59 -14.11
C ALA B 1035 24.89 40.17 -14.39
N ASN B 1036 26.09 40.03 -14.96
CA ASN B 1036 26.63 38.70 -15.21
C ASN B 1036 26.86 37.93 -13.91
N ALA B 1037 27.46 38.58 -12.91
CA ALA B 1037 27.75 37.91 -11.65
C ALA B 1037 26.49 37.47 -10.91
N GLN B 1038 25.43 38.30 -10.98
CA GLN B 1038 24.18 37.94 -10.34
C GLN B 1038 23.50 36.77 -11.04
N ALA B 1039 23.52 36.76 -12.38
CA ALA B 1039 22.91 35.64 -13.11
C ALA B 1039 23.64 34.33 -12.83
N LEU B 1040 24.98 34.35 -12.74
CA LEU B 1040 25.68 33.09 -12.52
C LEU B 1040 25.55 32.59 -11.08
N ASN B 1041 25.50 33.52 -10.12
CA ASN B 1041 25.29 33.09 -8.73
C ASN B 1041 23.87 32.59 -8.51
N SER B 1042 22.89 33.19 -9.16
CA SER B 1042 21.53 32.70 -9.01
C SER B 1042 21.34 31.37 -9.73
N LEU B 1043 22.11 31.10 -10.78
CA LEU B 1043 22.06 29.78 -11.39
C LEU B 1043 22.72 28.73 -10.52
N LEU B 1044 23.84 29.07 -9.87
CA LEU B 1044 24.47 28.13 -8.94
C LEU B 1044 23.61 27.87 -7.71
N GLN B 1045 22.76 28.82 -7.32
CA GLN B 1045 21.87 28.59 -6.19
C GLN B 1045 20.69 27.68 -6.50
N GLN B 1046 20.53 27.22 -7.73
CA GLN B 1046 19.48 26.27 -8.05
C GLN B 1046 19.85 24.85 -7.67
N LEU B 1047 21.09 24.61 -7.27
CA LEU B 1047 21.53 23.27 -6.88
C LEU B 1047 21.24 22.96 -5.44
N PHE B 1048 20.64 23.90 -4.70
CA PHE B 1048 20.26 23.71 -3.31
C PHE B 1048 18.76 23.67 -3.11
N ASN B 1049 17.98 23.73 -4.18
CA ASN B 1049 16.54 23.63 -4.10
C ASN B 1049 16.12 22.17 -4.10
N LYS B 1050 14.98 21.88 -3.47
CA LYS B 1050 14.51 20.52 -3.35
C LYS B 1050 13.52 20.14 -4.43
N PHE B 1051 12.76 21.11 -4.94
CA PHE B 1051 11.82 20.96 -6.06
C PHE B 1051 10.70 19.97 -5.79
N GLY B 1052 10.45 19.63 -4.53
CA GLY B 1052 9.48 18.62 -4.21
C GLY B 1052 10.06 17.30 -3.73
N ALA B 1053 11.36 17.09 -3.86
CA ALA B 1053 11.98 15.86 -3.41
C ALA B 1053 12.21 15.92 -1.90
N ILE B 1054 12.82 14.85 -1.37
CA ILE B 1054 13.09 14.81 0.06
C ILE B 1054 14.36 15.55 0.41
N SER B 1055 15.28 15.70 -0.54
CA SER B 1055 16.56 16.33 -0.30
C SER B 1055 16.98 17.02 -1.58
N SER B 1056 18.07 17.79 -1.49
CA SER B 1056 18.68 18.34 -2.68
C SER B 1056 19.99 17.68 -3.01
N SER B 1057 20.47 16.79 -2.15
CA SER B 1057 21.67 16.02 -2.41
C SER B 1057 21.33 14.74 -3.15
N LEU B 1058 22.19 14.36 -4.08
CA LEU B 1058 22.02 13.08 -4.74
C LEU B 1058 22.66 11.95 -3.93
N GLN B 1059 23.72 12.26 -3.20
CA GLN B 1059 24.33 11.30 -2.29
C GLN B 1059 23.39 10.91 -1.16
N GLU B 1060 22.51 11.82 -0.74
CA GLU B 1060 21.58 11.49 0.32
C GLU B 1060 20.43 10.63 -0.18
N ILE B 1061 19.93 10.90 -1.39
CA ILE B 1061 18.88 10.08 -1.97
C ILE B 1061 19.41 8.69 -2.33
N LEU B 1062 20.66 8.61 -2.78
CA LEU B 1062 21.18 7.32 -3.21
C LEU B 1062 21.70 6.46 -2.06
N SER B 1063 21.85 7.02 -0.86
CA SER B 1063 22.27 6.25 0.29
C SER B 1063 21.18 6.15 1.35
N ARG B 1064 19.93 6.38 0.97
CA ARG B 1064 18.84 6.20 1.90
C ARG B 1064 17.62 5.51 1.33
N LEU B 1065 17.52 5.34 0.01
CA LEU B 1065 16.35 4.77 -0.60
C LEU B 1065 16.76 3.63 -1.52
N ASP B 1066 15.80 2.98 -2.05
CA ASP B 1066 15.92 1.85 -2.95
C ASP B 1066 15.79 2.32 -4.40
N PRO B 1067 16.43 1.62 -5.33
CA PRO B 1067 16.41 2.02 -6.75
C PRO B 1067 15.04 2.19 -7.38
N PRO B 1068 13.96 1.46 -6.97
CA PRO B 1068 12.64 1.89 -7.44
C PRO B 1068 12.15 3.17 -6.78
N GLU B 1069 12.51 3.38 -5.52
CA GLU B 1069 12.05 4.54 -4.78
C GLU B 1069 12.90 5.78 -5.01
N ALA B 1070 14.19 5.60 -5.30
CA ALA B 1070 15.06 6.73 -5.55
C ALA B 1070 14.87 7.35 -6.92
N GLN B 1071 14.32 6.60 -7.88
CA GLN B 1071 14.04 7.16 -9.20
C GLN B 1071 13.01 8.26 -9.15
N VAL B 1072 11.98 8.08 -8.29
CA VAL B 1072 10.93 9.07 -8.11
C VAL B 1072 11.50 10.35 -7.53
N GLN B 1073 12.56 10.26 -6.74
CA GLN B 1073 13.14 11.47 -6.16
C GLN B 1073 14.21 12.08 -7.05
N ILE B 1074 14.92 11.28 -7.83
CA ILE B 1074 15.95 11.82 -8.72
C ILE B 1074 15.30 12.50 -9.92
N ASP B 1075 14.15 12.02 -10.36
CA ASP B 1075 13.46 12.62 -11.50
C ASP B 1075 12.97 14.04 -11.21
N ARG B 1076 12.61 14.34 -9.96
CA ARG B 1076 12.13 15.68 -9.63
C ARG B 1076 13.26 16.69 -9.64
N LEU B 1077 14.43 16.28 -9.14
CA LEU B 1077 15.62 17.13 -9.22
C LEU B 1077 16.03 17.37 -10.67
N ILE B 1078 15.98 16.32 -11.49
CA ILE B 1078 16.29 16.45 -12.91
C ILE B 1078 15.38 17.45 -13.59
N ASN B 1079 14.07 17.37 -13.31
CA ASN B 1079 13.13 18.29 -13.96
C ASN B 1079 13.31 19.73 -13.48
N GLY B 1080 13.57 19.94 -12.19
CA GLY B 1080 13.77 21.29 -11.70
C GLY B 1080 15.05 21.92 -12.23
N ARG B 1081 16.12 21.14 -12.31
CA ARG B 1081 17.38 21.68 -12.80
C ARG B 1081 17.36 21.92 -14.31
N LEU B 1082 16.63 21.09 -15.06
CA LEU B 1082 16.53 21.35 -16.49
C LEU B 1082 15.62 22.52 -16.79
N THR B 1083 14.61 22.77 -15.94
CA THR B 1083 13.81 23.99 -16.10
C THR B 1083 14.64 25.24 -15.81
N ALA B 1084 15.51 25.17 -14.79
CA ALA B 1084 16.42 26.27 -14.51
C ALA B 1084 17.38 26.54 -15.67
N LEU B 1085 17.90 25.50 -16.28
CA LEU B 1085 18.80 25.68 -17.43
C LEU B 1085 18.07 26.25 -18.64
N ASN B 1086 16.85 25.79 -18.90
CA ASN B 1086 16.08 26.33 -20.03
C ASN B 1086 15.76 27.81 -19.85
N ALA B 1087 15.44 28.23 -18.62
CA ALA B 1087 15.17 29.63 -18.38
C ALA B 1087 16.42 30.50 -18.55
N TYR B 1088 17.58 30.00 -18.10
CA TYR B 1088 18.82 30.75 -18.30
C TYR B 1088 19.17 30.90 -19.78
N VAL B 1089 18.93 29.85 -20.56
CA VAL B 1089 19.30 29.88 -21.97
C VAL B 1089 18.37 30.80 -22.76
N SER B 1090 17.08 30.85 -22.38
CA SER B 1090 16.16 31.80 -23.00
C SER B 1090 16.56 33.25 -22.72
N GLN B 1091 16.98 33.53 -21.48
CA GLN B 1091 17.41 34.89 -21.16
C GLN B 1091 18.69 35.29 -21.89
N GLN B 1092 19.62 34.35 -22.09
CA GLN B 1092 20.85 34.68 -22.82
C GLN B 1092 20.57 34.96 -24.30
N LEU B 1093 19.71 34.14 -24.89
CA LEU B 1093 19.30 34.35 -26.27
C LEU B 1093 18.55 35.65 -26.47
N SER B 1094 17.86 36.16 -25.46
CA SER B 1094 17.26 37.48 -25.60
C SER B 1094 18.21 38.63 -25.33
N ASP B 1095 19.24 38.45 -24.49
CA ASP B 1095 20.22 39.51 -24.26
C ASP B 1095 21.13 39.73 -25.46
N ILE B 1096 21.36 38.69 -26.26
CA ILE B 1096 22.26 38.80 -27.41
C ILE B 1096 21.72 39.75 -28.48
N THR B 1097 20.40 39.98 -28.54
CA THR B 1097 19.88 40.86 -29.58
C THR B 1097 20.09 42.33 -29.25
N LEU B 1098 19.99 42.70 -27.98
CA LEU B 1098 20.33 44.06 -27.58
C LEU B 1098 21.82 44.31 -27.72
N ILE B 1099 22.65 43.30 -27.43
CA ILE B 1099 24.09 43.44 -27.62
C ILE B 1099 24.44 43.66 -29.10
N LYS B 1100 23.71 42.99 -30.00
CA LYS B 1100 24.00 43.16 -31.42
C LYS B 1100 23.50 44.50 -31.94
N ALA B 1101 22.42 45.04 -31.39
CA ALA B 1101 22.00 46.38 -31.79
C ALA B 1101 23.00 47.45 -31.34
N GLY B 1102 23.54 47.31 -30.13
CA GLY B 1102 24.59 48.21 -29.71
C GLY B 1102 25.87 48.09 -30.51
N ALA B 1103 26.21 46.87 -30.91
CA ALA B 1103 27.38 46.65 -31.78
C ALA B 1103 27.20 47.28 -33.14
N SER B 1104 25.97 47.29 -33.66
CA SER B 1104 25.76 47.92 -34.96
C SER B 1104 25.84 49.43 -34.86
N ARG B 1105 25.35 50.01 -33.77
CA ARG B 1105 25.43 51.46 -33.69
C ARG B 1105 26.86 51.92 -33.39
N ALA B 1106 27.65 51.12 -32.68
CA ALA B 1106 29.05 51.44 -32.48
C ALA B 1106 29.85 51.35 -33.77
N ILE B 1107 29.56 50.33 -34.60
CA ILE B 1107 30.22 50.21 -35.91
C ILE B 1107 29.91 51.42 -36.78
N GLU B 1108 28.66 51.89 -36.72
CA GLU B 1108 28.25 53.00 -37.56
C GLU B 1108 28.82 54.32 -37.08
N LYS B 1109 28.92 54.52 -35.76
CA LYS B 1109 29.57 55.71 -35.25
C LYS B 1109 31.06 55.73 -35.54
N VAL B 1110 31.71 54.56 -35.60
CA VAL B 1110 33.11 54.50 -36.04
C VAL B 1110 33.22 54.89 -37.51
N ASN B 1111 32.29 54.41 -38.34
CA ASN B 1111 32.38 54.70 -39.77
C ASN B 1111 32.07 56.16 -40.09
N GLU B 1112 31.23 56.84 -39.32
CA GLU B 1112 30.76 58.16 -39.74
C GLU B 1112 30.86 59.26 -38.70
N CYS B 1113 31.58 59.05 -37.61
CA CYS B 1113 31.98 60.16 -36.75
C CYS B 1113 33.46 60.13 -36.43
N VAL B 1114 34.12 59.01 -36.62
CA VAL B 1114 35.51 58.81 -36.25
C VAL B 1114 36.41 58.69 -37.47
N LYS B 1115 36.10 57.77 -38.37
CA LYS B 1115 36.94 57.60 -39.54
C LYS B 1115 36.65 58.66 -40.59
N SER B 1116 35.51 59.33 -40.49
CA SER B 1116 35.15 60.43 -41.38
C SER B 1116 34.12 61.27 -40.65
N GLN B 1117 33.56 62.22 -41.36
CA GLN B 1117 32.56 63.13 -40.81
C GLN B 1117 31.42 63.28 -41.80
N SER B 1118 30.20 63.31 -41.27
CA SER B 1118 29.02 63.05 -42.05
C SER B 1118 28.12 64.28 -42.14
N PRO B 1119 27.31 64.41 -43.19
CA PRO B 1119 26.36 65.52 -43.25
C PRO B 1119 25.07 65.28 -42.47
N ARG B 1120 25.08 64.29 -41.59
CA ARG B 1120 23.97 64.12 -40.66
C ARG B 1120 24.02 65.15 -39.56
N ILE B 1121 22.84 65.59 -39.14
CA ILE B 1121 22.72 66.49 -38.00
C ILE B 1121 22.02 65.72 -36.90
N ASN B 1122 22.47 65.93 -35.67
CA ASN B 1122 21.99 65.26 -34.45
C ASN B 1122 22.17 63.74 -34.52
N PHE B 1123 23.27 63.27 -35.10
CA PHE B 1123 23.59 61.83 -35.05
C PHE B 1123 24.58 61.53 -33.92
N CYS B 1124 25.78 62.05 -34.01
CA CYS B 1124 26.72 61.96 -32.91
C CYS B 1124 26.80 63.31 -32.23
N GLY B 1125 27.19 63.28 -30.96
CA GLY B 1125 27.33 64.51 -30.21
C GLY B 1125 26.00 65.15 -29.85
N ASN B 1126 25.79 66.39 -30.32
CA ASN B 1126 24.51 67.06 -30.09
C ASN B 1126 24.02 67.81 -31.32
N GLY B 1127 24.89 68.04 -32.30
CA GLY B 1127 24.59 69.00 -33.34
C GLY B 1127 25.07 70.36 -32.90
N ASN B 1128 26.01 70.95 -33.68
CA ASN B 1128 27.19 71.74 -33.30
C ASN B 1128 28.34 70.79 -32.98
N HIS B 1129 28.17 69.53 -33.33
CA HIS B 1129 29.22 68.52 -33.22
C HIS B 1129 30.35 68.81 -34.18
N ILE B 1130 31.57 68.78 -33.66
CA ILE B 1130 32.77 68.97 -34.47
C ILE B 1130 33.45 67.63 -34.77
N LEU B 1131 33.90 66.92 -33.73
CA LEU B 1131 34.62 65.69 -33.95
C LEU B 1131 34.45 64.74 -32.77
N SER B 1132 34.99 63.53 -32.94
CA SER B 1132 34.78 62.39 -32.07
C SER B 1132 36.01 61.52 -32.11
N LEU B 1133 36.46 61.10 -30.94
CA LEU B 1133 37.51 60.09 -30.82
C LEU B 1133 36.91 58.81 -30.23
N VAL B 1134 37.66 57.72 -30.33
CA VAL B 1134 37.24 56.41 -29.89
C VAL B 1134 38.32 55.83 -29.00
N GLN B 1135 37.89 55.03 -28.02
CA GLN B 1135 38.81 54.35 -27.11
C GLN B 1135 38.22 53.01 -26.72
N ASN B 1136 39.10 52.10 -26.31
CA ASN B 1136 38.74 50.73 -25.96
C ASN B 1136 38.26 50.67 -24.51
N ALA B 1137 37.24 49.86 -24.26
CA ALA B 1137 36.63 49.80 -22.95
C ALA B 1137 36.27 48.35 -22.66
N PRO B 1138 36.13 47.97 -21.37
CA PRO B 1138 35.70 46.61 -21.07
C PRO B 1138 34.30 46.34 -21.57
N TYR B 1139 34.19 45.37 -22.48
CA TYR B 1139 32.98 44.96 -23.19
C TYR B 1139 32.42 46.07 -24.06
N GLY B 1140 33.25 47.03 -24.48
CA GLY B 1140 32.70 48.05 -25.37
C GLY B 1140 33.70 49.09 -25.80
N LEU B 1141 33.17 50.28 -26.08
CA LEU B 1141 33.93 51.38 -26.65
C LEU B 1141 33.48 52.67 -25.99
N LEU B 1142 34.46 53.50 -25.66
CA LEU B 1142 34.20 54.85 -25.20
C LEU B 1142 34.37 55.80 -26.37
N PHE B 1143 33.49 56.78 -26.48
CA PHE B 1143 33.59 57.81 -27.50
C PHE B 1143 33.70 59.15 -26.80
N ILE B 1144 34.44 60.08 -27.39
CA ILE B 1144 34.50 61.46 -26.90
C ILE B 1144 34.02 62.38 -28.01
N HIS B 1145 33.06 63.25 -27.69
CA HIS B 1145 32.41 64.15 -28.64
C HIS B 1145 32.71 65.58 -28.24
N PHE B 1146 33.27 66.34 -29.19
CA PHE B 1146 33.63 67.74 -29.01
C PHE B 1146 32.67 68.63 -29.77
N SER B 1147 32.30 69.75 -29.19
CA SER B 1147 31.22 70.53 -29.75
C SER B 1147 31.50 72.03 -29.60
N TYR B 1148 31.00 72.78 -30.58
CA TYR B 1148 30.95 74.24 -30.52
C TYR B 1148 30.08 74.65 -29.35
N LYS B 1149 30.48 75.69 -28.65
CA LYS B 1149 29.67 76.12 -27.54
C LYS B 1149 29.75 77.64 -27.39
N PRO B 1150 28.66 78.35 -27.62
CA PRO B 1150 28.66 79.80 -27.36
C PRO B 1150 28.89 80.15 -25.89
N THR B 1151 29.32 81.38 -25.65
CA THR B 1151 29.52 81.88 -24.31
C THR B 1151 28.93 83.25 -24.07
N SER B 1152 28.66 84.03 -25.11
CA SER B 1152 28.02 85.33 -24.94
C SER B 1152 27.20 85.62 -26.18
N PHE B 1153 26.16 86.43 -26.01
CA PHE B 1153 25.16 86.64 -27.05
C PHE B 1153 24.83 88.12 -27.16
N LYS B 1154 24.42 88.54 -28.36
CA LYS B 1154 23.83 89.87 -28.48
C LYS B 1154 22.77 89.87 -29.55
N THR B 1155 21.80 90.76 -29.36
CA THR B 1155 20.60 90.83 -30.18
C THR B 1155 20.85 91.64 -31.43
N VAL B 1156 20.54 91.04 -32.57
CA VAL B 1156 20.70 91.67 -33.87
C VAL B 1156 19.34 91.66 -34.56
N LEU B 1157 19.17 92.59 -35.50
CA LEU B 1157 18.01 92.62 -36.40
C LEU B 1157 18.48 92.20 -37.78
N VAL B 1158 17.99 91.07 -38.27
CA VAL B 1158 18.47 90.51 -39.52
C VAL B 1158 17.34 90.48 -40.54
N SER B 1159 17.72 90.30 -41.79
CA SER B 1159 16.80 90.12 -42.88
C SER B 1159 17.17 88.84 -43.61
N PRO B 1160 16.20 88.09 -44.09
CA PRO B 1160 16.48 86.85 -44.82
C PRO B 1160 16.60 86.98 -46.34
N GLY B 1161 16.82 88.15 -46.89
CA GLY B 1161 17.00 88.24 -48.34
C GLY B 1161 16.70 89.60 -48.95
N LEU B 1162 17.35 89.90 -50.08
CA LEU B 1162 17.34 91.24 -50.67
C LEU B 1162 16.74 91.18 -52.07
N CYS B 1163 15.77 92.06 -52.33
CA CYS B 1163 15.16 92.23 -53.64
C CYS B 1163 15.84 93.41 -54.33
N LEU B 1164 16.67 93.11 -55.32
CA LEU B 1164 17.44 94.15 -55.99
C LEU B 1164 16.71 94.67 -57.22
N SER B 1165 17.11 95.87 -57.64
CA SER B 1165 16.56 96.51 -58.83
C SER B 1165 16.93 95.71 -60.08
N GLY B 1166 16.01 95.68 -61.03
CA GLY B 1166 15.97 94.64 -62.01
C GLY B 1166 15.13 93.46 -61.58
N ASP B 1167 14.52 93.56 -60.39
CA ASP B 1167 13.71 92.51 -59.75
C ASP B 1167 14.50 91.21 -59.61
N ARG B 1168 15.70 91.33 -59.08
CA ARG B 1168 16.51 90.15 -58.77
C ARG B 1168 16.43 89.87 -57.28
N GLY B 1169 17.02 88.77 -56.86
CA GLY B 1169 17.02 88.42 -55.45
C GLY B 1169 18.34 87.79 -55.04
N ILE B 1170 18.72 88.03 -53.79
CA ILE B 1170 19.79 87.28 -53.17
C ILE B 1170 19.33 86.81 -51.81
N ALA B 1171 19.77 85.61 -51.43
CA ALA B 1171 19.60 85.07 -50.08
C ALA B 1171 20.96 84.79 -49.48
N PRO B 1172 21.09 84.77 -48.16
CA PRO B 1172 22.38 84.42 -47.56
C PRO B 1172 22.72 82.94 -47.66
N LYS B 1173 24.02 82.66 -47.75
CA LYS B 1173 24.55 81.30 -47.72
C LYS B 1173 24.95 80.98 -46.30
N GLN B 1174 23.99 80.41 -45.54
CA GLN B 1174 24.14 80.05 -44.13
C GLN B 1174 24.55 81.26 -43.28
N GLY B 1175 23.66 82.24 -43.23
CA GLY B 1175 23.94 83.44 -42.49
C GLY B 1175 22.79 84.40 -42.59
N TYR B 1176 23.08 85.67 -42.36
CA TYR B 1176 22.04 86.66 -42.25
C TYR B 1176 22.48 87.96 -42.91
N PHE B 1177 21.50 88.75 -43.33
CA PHE B 1177 21.71 90.11 -43.82
C PHE B 1177 21.39 91.09 -42.70
N ILE B 1178 22.40 91.83 -42.27
CA ILE B 1178 22.24 92.85 -41.24
C ILE B 1178 22.48 94.21 -41.88
N LYS B 1179 22.11 95.27 -41.17
CA LYS B 1179 22.31 96.62 -41.69
C LYS B 1179 23.20 97.39 -40.74
N GLN B 1180 24.47 97.56 -41.13
CA GLN B 1180 25.46 98.26 -40.32
C GLN B 1180 25.79 99.58 -41.00
N ASN B 1181 25.61 100.68 -40.26
CA ASN B 1181 25.82 102.06 -40.73
C ASN B 1181 25.02 102.36 -42.00
N ASP B 1182 23.78 101.87 -42.02
CA ASP B 1182 22.86 101.97 -43.17
C ASP B 1182 23.45 101.34 -44.45
N SER B 1183 24.27 100.30 -44.27
CA SER B 1183 24.81 99.52 -45.36
C SER B 1183 24.58 98.06 -45.06
N TRP B 1184 23.92 97.35 -45.99
CA TRP B 1184 23.66 95.92 -45.82
C TRP B 1184 24.96 95.14 -45.84
N MET B 1185 25.23 94.41 -44.76
CA MET B 1185 26.34 93.50 -44.62
C MET B 1185 25.84 92.09 -44.35
N PHE B 1186 26.73 91.12 -44.50
CA PHE B 1186 26.47 89.71 -44.20
C PHE B 1186 27.11 89.32 -42.89
N THR B 1187 26.37 88.58 -42.06
CA THR B 1187 26.96 87.96 -40.88
C THR B 1187 26.75 86.44 -40.93
N GLY B 1188 27.68 85.69 -40.31
CA GLY B 1188 27.45 84.28 -40.06
C GLY B 1188 26.40 84.08 -38.97
N SER B 1189 25.82 82.89 -38.93
CA SER B 1189 24.71 82.65 -38.00
C SER B 1189 25.16 82.05 -36.68
N SER B 1190 26.46 81.85 -36.49
CA SER B 1190 27.02 81.39 -35.23
C SER B 1190 27.96 82.39 -34.59
N TYR B 1191 28.20 83.52 -35.24
CA TYR B 1191 29.15 84.50 -34.75
C TYR B 1191 28.77 85.85 -35.34
N TYR B 1192 28.86 86.89 -34.52
CA TYR B 1192 28.68 88.26 -34.99
C TYR B 1192 30.00 88.72 -35.62
N TYR B 1193 30.01 88.81 -36.94
CA TYR B 1193 31.12 89.36 -37.70
C TYR B 1193 30.60 89.86 -39.04
N PRO B 1194 30.35 91.16 -39.18
CA PRO B 1194 29.88 91.68 -40.47
C PRO B 1194 31.01 91.72 -41.49
N GLU B 1195 30.66 91.40 -42.72
CA GLU B 1195 31.64 91.26 -43.79
C GLU B 1195 30.98 91.75 -45.07
N PRO B 1196 31.77 92.07 -46.11
CA PRO B 1196 31.17 92.50 -47.38
C PRO B 1196 30.26 91.46 -47.99
N ILE B 1197 29.13 91.92 -48.52
CA ILE B 1197 28.26 91.06 -49.31
C ILE B 1197 28.96 90.84 -50.64
N SER B 1198 29.55 89.68 -50.81
CA SER B 1198 30.16 89.24 -52.05
C SER B 1198 29.18 88.34 -52.79
N ASP B 1199 29.67 87.71 -53.84
CA ASP B 1199 28.90 86.72 -54.57
C ASP B 1199 29.06 85.33 -54.01
N LYS B 1200 29.89 85.17 -52.99
CA LYS B 1200 30.15 83.87 -52.38
C LYS B 1200 29.31 83.62 -51.13
N ASN B 1201 28.97 84.64 -50.37
CA ASN B 1201 28.05 84.49 -49.26
C ASN B 1201 26.61 84.82 -49.62
N VAL B 1202 26.22 84.75 -50.89
CA VAL B 1202 24.82 84.85 -51.30
C VAL B 1202 24.55 83.78 -52.34
N VAL B 1203 23.28 83.46 -52.49
CA VAL B 1203 22.76 82.65 -53.58
C VAL B 1203 21.80 83.54 -54.38
N PHE B 1204 21.95 83.51 -55.71
CA PHE B 1204 21.30 84.44 -56.62
C PHE B 1204 20.00 83.87 -57.19
N MET B 1205 19.03 84.75 -57.41
CA MET B 1205 17.73 84.41 -57.96
C MET B 1205 17.35 85.44 -59.01
N ASN B 1206 16.77 84.99 -60.11
CA ASN B 1206 16.31 85.89 -61.16
C ASN B 1206 14.90 86.40 -60.95
N SER B 1207 14.44 86.40 -59.70
CA SER B 1207 13.16 86.95 -59.28
C SER B 1207 13.32 87.31 -57.81
N CYS B 1208 12.23 87.73 -57.17
CA CYS B 1208 12.32 88.00 -55.74
C CYS B 1208 10.98 87.75 -55.08
N SER B 1209 11.04 87.34 -53.82
CA SER B 1209 9.88 87.01 -53.00
C SER B 1209 9.06 88.26 -52.66
N VAL B 1210 7.98 88.03 -51.92
CA VAL B 1210 7.06 89.13 -51.65
C VAL B 1210 7.47 89.90 -50.42
N ASN B 1211 7.97 89.23 -49.38
CA ASN B 1211 8.34 89.87 -48.13
C ASN B 1211 9.85 90.02 -47.99
N PHE B 1212 10.55 90.18 -49.11
CA PHE B 1212 11.99 90.40 -49.10
C PHE B 1212 12.31 91.84 -48.70
N THR B 1213 13.60 92.16 -48.70
CA THR B 1213 14.04 93.50 -48.36
C THR B 1213 14.50 94.24 -49.61
N LYS B 1214 14.17 95.52 -49.67
CA LYS B 1214 14.38 96.32 -50.87
C LYS B 1214 15.75 97.00 -50.83
N ALA B 1215 16.54 96.78 -51.88
CA ALA B 1215 17.83 97.45 -52.02
C ALA B 1215 18.17 97.61 -53.50
N PRO B 1216 17.65 98.66 -54.15
CA PRO B 1216 18.19 99.02 -55.47
C PRO B 1216 19.59 99.60 -55.39
N PHE B 1217 20.00 100.10 -54.23
CA PHE B 1217 21.27 100.75 -54.00
C PHE B 1217 22.43 99.76 -53.94
N ILE B 1218 22.19 98.47 -54.08
CA ILE B 1218 23.25 97.47 -54.08
C ILE B 1218 23.31 96.83 -55.47
N TYR B 1219 24.36 97.17 -56.19
CA TYR B 1219 24.79 96.51 -57.42
C TYR B 1219 26.26 96.19 -57.29
N LEU B 1220 26.71 96.01 -56.06
CA LEU B 1220 28.10 96.05 -55.67
C LEU B 1220 28.73 94.68 -55.82
N ASN B 1221 29.86 94.49 -55.14
CA ASN B 1221 30.58 93.22 -54.98
C ASN B 1221 29.73 91.98 -54.69
N VAL C 14 -31.65 -12.59 -14.99
CA VAL C 14 -30.59 -11.98 -15.78
C VAL C 14 -30.44 -10.50 -15.39
N ILE C 15 -31.55 -9.77 -15.34
CA ILE C 15 -31.52 -8.42 -14.76
C ILE C 15 -31.23 -8.51 -13.27
N GLY C 16 -32.15 -9.09 -12.51
CA GLY C 16 -31.88 -9.48 -11.14
C GLY C 16 -31.98 -10.98 -11.01
N ASP C 17 -31.23 -11.54 -10.06
CA ASP C 17 -31.26 -12.98 -9.85
C ASP C 17 -32.40 -13.43 -8.95
N PHE C 18 -32.86 -12.56 -8.05
CA PHE C 18 -33.91 -12.89 -7.10
C PHE C 18 -35.24 -13.09 -7.83
N ASN C 19 -35.60 -14.35 -8.02
CA ASN C 19 -36.81 -14.73 -8.72
C ASN C 19 -38.09 -14.27 -8.05
N CYS C 20 -39.02 -13.78 -8.86
CA CYS C 20 -40.30 -13.31 -8.37
C CYS C 20 -41.48 -14.09 -8.93
N THR C 21 -41.58 -14.21 -10.24
CA THR C 21 -42.71 -14.87 -10.88
C THR C 21 -42.26 -16.11 -11.62
N ASN C 22 -43.22 -16.96 -11.96
CA ASN C 22 -42.95 -18.18 -12.69
C ASN C 22 -43.94 -18.48 -13.80
N SER C 23 -45.11 -17.83 -13.82
CA SER C 23 -46.12 -18.12 -14.82
C SER C 23 -45.94 -17.22 -16.03
N PHE C 24 -46.48 -17.68 -17.16
CA PHE C 24 -46.60 -16.95 -18.42
C PHE C 24 -45.22 -16.59 -18.98
N ILE C 25 -44.44 -17.64 -19.24
CA ILE C 25 -43.08 -17.52 -19.78
C ILE C 25 -43.03 -18.01 -21.22
N ASN C 26 -44.08 -17.73 -21.99
CA ASN C 26 -44.10 -17.75 -23.45
C ASN C 26 -42.80 -17.17 -24.02
N ASP C 27 -42.12 -17.96 -24.84
CA ASP C 27 -40.70 -17.75 -25.09
C ASP C 27 -40.39 -17.49 -26.57
N TYR C 28 -41.36 -17.70 -27.46
CA TYR C 28 -41.04 -17.80 -28.89
C TYR C 28 -40.86 -16.46 -29.57
N ASN C 29 -41.35 -15.36 -29.00
CA ASN C 29 -41.38 -14.09 -29.70
C ASN C 29 -40.09 -13.33 -29.45
N LYS C 30 -39.50 -12.83 -30.55
CA LYS C 30 -38.14 -12.29 -30.55
C LYS C 30 -38.00 -11.05 -31.44
N THR C 31 -38.90 -10.08 -31.32
CA THR C 31 -38.85 -8.88 -32.15
C THR C 31 -37.68 -7.99 -31.73
N ILE C 32 -37.25 -7.13 -32.66
CA ILE C 32 -36.00 -6.37 -32.51
C ILE C 32 -36.29 -4.88 -32.34
N PRO C 33 -35.37 -4.08 -31.79
CA PRO C 33 -35.55 -2.64 -31.77
C PRO C 33 -35.47 -2.03 -33.17
N ARG C 34 -36.37 -1.09 -33.44
CA ARG C 34 -36.46 -0.47 -34.75
C ARG C 34 -35.35 0.55 -34.95
N ILE C 35 -35.34 1.16 -36.13
CA ILE C 35 -34.47 2.28 -36.45
C ILE C 35 -35.35 3.36 -37.08
N SER C 36 -35.21 4.58 -36.57
CA SER C 36 -36.13 5.66 -36.87
C SER C 36 -35.80 6.30 -38.21
N GLU C 37 -36.65 7.26 -38.58
CA GLU C 37 -36.47 8.03 -39.80
C GLU C 37 -36.30 9.50 -39.44
N ASP C 38 -35.44 9.76 -38.44
CA ASP C 38 -35.22 11.12 -37.99
C ASP C 38 -33.81 11.27 -37.44
N VAL C 39 -32.95 12.01 -38.15
CA VAL C 39 -31.66 12.39 -37.59
C VAL C 39 -31.88 13.42 -36.50
N VAL C 40 -31.05 13.37 -35.46
CA VAL C 40 -31.16 14.37 -34.40
C VAL C 40 -30.48 15.64 -34.86
N ASP C 41 -31.23 16.75 -34.84
CA ASP C 41 -30.75 18.02 -35.36
C ASP C 41 -30.67 19.04 -34.23
N VAL C 42 -29.46 19.50 -33.93
CA VAL C 42 -29.20 20.31 -32.76
C VAL C 42 -29.08 21.80 -33.11
N SER C 43 -29.67 22.23 -34.23
CA SER C 43 -29.52 23.62 -34.64
C SER C 43 -30.38 24.55 -33.80
N LEU C 44 -31.50 24.05 -33.27
CA LEU C 44 -32.40 24.84 -32.47
C LEU C 44 -32.49 24.37 -31.03
N GLY C 45 -31.41 23.83 -30.48
CA GLY C 45 -31.34 23.49 -29.07
C GLY C 45 -31.76 22.08 -28.75
N LEU C 46 -32.56 21.43 -29.59
CA LEU C 46 -33.08 20.11 -29.30
C LEU C 46 -31.95 19.08 -29.41
N GLY C 47 -31.55 18.53 -28.28
CA GLY C 47 -30.36 17.71 -28.17
C GLY C 47 -29.37 18.22 -27.16
N THR C 48 -29.55 19.43 -26.64
CA THR C 48 -28.66 20.07 -25.69
C THR C 48 -29.39 20.31 -24.38
N TYR C 49 -28.68 20.90 -23.43
CA TYR C 49 -29.20 21.12 -22.09
C TYR C 49 -28.56 22.36 -21.51
N TYR C 50 -29.21 22.93 -20.50
CA TYR C 50 -28.63 24.02 -19.73
C TYR C 50 -27.59 23.46 -18.76
N VAL C 51 -26.55 24.23 -18.51
CA VAL C 51 -25.44 23.76 -17.71
C VAL C 51 -25.65 23.63 -16.23
N LEU C 52 -26.25 22.52 -15.81
CA LEU C 52 -26.50 22.24 -14.43
C LEU C 52 -27.44 23.31 -13.94
N ASN C 53 -27.10 23.97 -12.85
CA ASN C 53 -27.92 25.02 -12.29
C ASN C 53 -27.30 26.41 -12.46
N ARG C 54 -26.93 26.78 -13.68
CA ARG C 54 -26.30 28.08 -13.95
C ARG C 54 -27.02 28.89 -14.99
N VAL C 55 -26.77 30.21 -14.99
CA VAL C 55 -27.42 31.14 -15.89
C VAL C 55 -26.32 31.82 -16.71
N TYR C 56 -26.62 32.05 -17.98
CA TYR C 56 -25.74 32.75 -18.89
C TYR C 56 -26.57 33.73 -19.71
N LEU C 57 -26.12 34.97 -19.82
CA LEU C 57 -26.89 36.04 -20.44
C LEU C 57 -26.10 36.69 -21.56
N ASN C 58 -26.69 36.72 -22.77
CA ASN C 58 -26.16 37.35 -24.00
C ASN C 58 -24.69 36.97 -24.26
N THR C 59 -24.49 35.69 -24.52
CA THR C 59 -23.13 35.18 -24.65
C THR C 59 -23.11 34.01 -25.62
N THR C 60 -21.91 33.63 -26.02
CA THR C 60 -21.67 32.37 -26.68
C THR C 60 -20.77 31.54 -25.79
N LEU C 61 -21.12 30.29 -25.61
CA LEU C 61 -20.37 29.42 -24.71
C LEU C 61 -19.86 28.23 -25.51
N LEU C 62 -18.55 28.03 -25.48
CA LEU C 62 -17.94 26.87 -26.12
C LEU C 62 -17.83 25.79 -25.06
N PHE C 63 -18.82 24.91 -25.02
CA PHE C 63 -19.00 24.00 -23.91
C PHE C 63 -18.63 22.61 -24.36
N THR C 64 -17.83 21.93 -23.55
CA THR C 64 -17.46 20.54 -23.81
C THR C 64 -18.30 19.67 -22.87
N GLY C 65 -19.14 18.82 -23.43
CA GLY C 65 -19.94 17.96 -22.59
C GLY C 65 -20.41 16.74 -23.32
N TYR C 66 -21.33 16.01 -22.74
CA TYR C 66 -21.80 14.76 -23.33
C TYR C 66 -23.06 15.05 -24.12
N PHE C 67 -22.92 15.07 -25.44
CA PHE C 67 -23.98 15.44 -26.35
C PHE C 67 -24.24 14.30 -27.31
N PRO C 68 -25.35 14.33 -28.06
CA PRO C 68 -25.48 13.40 -29.18
C PRO C 68 -24.68 13.87 -30.38
N LYS C 69 -24.62 13.00 -31.38
CA LYS C 69 -23.93 13.31 -32.61
C LYS C 69 -24.93 13.81 -33.65
N SER C 70 -24.56 14.86 -34.36
CA SER C 70 -25.46 15.44 -35.36
C SER C 70 -25.54 14.51 -36.58
N GLY C 71 -26.74 14.06 -36.90
CA GLY C 71 -26.97 13.16 -38.00
C GLY C 71 -27.09 11.68 -37.65
N ALA C 72 -27.52 11.35 -36.44
CA ALA C 72 -27.61 9.96 -35.99
C ALA C 72 -29.06 9.55 -35.76
N ASN C 73 -29.27 8.25 -35.70
CA ASN C 73 -30.61 7.67 -35.65
C ASN C 73 -30.86 6.97 -34.31
N PHE C 74 -32.13 6.66 -34.09
CA PHE C 74 -32.65 6.18 -32.80
C PHE C 74 -32.87 4.67 -32.83
N ARG C 75 -33.28 4.15 -31.67
CA ARG C 75 -33.72 2.76 -31.50
C ARG C 75 -34.90 2.76 -30.54
N ASP C 76 -36.06 2.26 -30.98
CA ASP C 76 -37.22 2.15 -30.10
C ASP C 76 -37.03 0.95 -29.20
N LEU C 77 -37.18 1.15 -27.89
CA LEU C 77 -37.01 0.08 -26.91
C LEU C 77 -38.27 -0.16 -26.08
N ALA C 78 -39.40 0.38 -26.51
CA ALA C 78 -40.66 0.14 -25.83
C ALA C 78 -41.17 -1.26 -26.11
N LEU C 79 -41.55 -1.96 -25.04
CA LEU C 79 -42.05 -3.33 -25.12
C LEU C 79 -43.39 -3.40 -24.42
N LYS C 80 -44.42 -3.81 -25.14
CA LYS C 80 -45.76 -3.97 -24.59
C LYS C 80 -46.12 -5.45 -24.64
N GLY C 81 -46.32 -6.04 -23.46
CA GLY C 81 -46.90 -7.37 -23.41
C GLY C 81 -48.38 -7.32 -23.10
N SER C 82 -49.10 -8.33 -23.59
CA SER C 82 -50.51 -8.50 -23.26
C SER C 82 -50.67 -9.35 -22.01
N LYS C 83 -50.15 -10.57 -22.03
CA LYS C 83 -50.02 -11.36 -20.82
C LYS C 83 -48.74 -12.17 -20.75
N TYR C 84 -47.86 -12.09 -21.74
CA TYR C 84 -46.76 -13.03 -21.92
C TYR C 84 -45.41 -12.33 -21.94
N LEU C 85 -44.38 -13.06 -21.49
CA LEU C 85 -43.10 -12.47 -21.13
C LEU C 85 -41.96 -13.37 -21.62
N SER C 86 -41.31 -12.96 -22.70
CA SER C 86 -40.18 -13.72 -23.23
C SER C 86 -38.91 -13.43 -22.42
N THR C 87 -38.00 -14.41 -22.44
CA THR C 87 -36.67 -14.24 -21.86
C THR C 87 -35.69 -13.65 -22.87
N LEU C 88 -36.05 -13.60 -24.15
CA LEU C 88 -35.32 -12.83 -25.15
C LEU C 88 -35.64 -11.34 -25.06
N TRP C 89 -36.62 -10.96 -24.25
CA TRP C 89 -36.91 -9.59 -23.89
C TRP C 89 -36.01 -9.08 -22.77
N TYR C 90 -35.04 -9.87 -22.34
CA TYR C 90 -34.12 -9.53 -21.26
C TYR C 90 -32.69 -9.85 -21.66
N LYS C 91 -32.42 -9.71 -22.94
CA LYS C 91 -31.18 -10.12 -23.58
C LYS C 91 -30.42 -8.91 -24.11
N PRO C 92 -29.13 -9.05 -24.39
CA PRO C 92 -28.33 -7.92 -24.96
C PRO C 92 -28.83 -7.36 -26.29
N PRO C 93 -29.78 -8.01 -26.99
CA PRO C 93 -30.64 -7.22 -27.90
C PRO C 93 -31.39 -6.06 -27.25
N PHE C 94 -31.70 -6.13 -25.95
CA PHE C 94 -32.43 -5.07 -25.26
C PHE C 94 -31.72 -4.55 -24.03
N LEU C 95 -31.00 -5.39 -23.31
CA LEU C 95 -30.15 -4.93 -22.21
C LEU C 95 -28.89 -4.34 -22.83
N SER C 96 -28.88 -3.02 -22.98
CA SER C 96 -27.79 -2.31 -23.64
C SER C 96 -26.81 -1.78 -22.61
N ASP C 97 -25.79 -1.07 -23.07
CA ASP C 97 -24.69 -0.62 -22.22
C ASP C 97 -24.77 0.88 -22.02
N PHE C 98 -24.29 1.34 -20.86
CA PHE C 98 -24.27 2.76 -20.49
C PHE C 98 -22.82 3.20 -20.50
N ASN C 99 -22.31 3.55 -21.69
CA ASN C 99 -20.90 3.88 -21.81
C ASN C 99 -20.63 5.28 -21.28
N ASN C 100 -21.19 6.28 -21.96
CA ASN C 100 -21.14 7.66 -21.53
C ASN C 100 -22.49 8.17 -21.10
N GLY C 101 -23.56 7.71 -21.73
CA GLY C 101 -24.89 8.20 -21.42
C GLY C 101 -25.83 7.88 -22.55
N ILE C 102 -27.02 8.45 -22.44
CA ILE C 102 -28.05 8.31 -23.45
C ILE C 102 -28.91 9.57 -23.49
N PHE C 103 -29.26 9.97 -24.71
CA PHE C 103 -30.31 10.94 -24.97
C PHE C 103 -31.55 10.15 -25.39
N SER C 104 -32.69 10.52 -24.80
CA SER C 104 -33.90 9.72 -24.90
C SER C 104 -35.06 10.60 -25.33
N LYS C 105 -35.92 10.04 -26.18
CA LYS C 105 -37.16 10.67 -26.63
C LYS C 105 -38.28 9.68 -26.36
N VAL C 106 -39.15 10.01 -25.41
CA VAL C 106 -40.16 9.10 -24.88
C VAL C 106 -41.53 9.61 -25.28
N LYS C 107 -42.35 8.72 -25.84
CA LYS C 107 -43.70 9.09 -26.23
C LYS C 107 -44.63 8.98 -25.04
N ASN C 108 -45.54 9.93 -24.91
CA ASN C 108 -46.48 9.98 -23.79
C ASN C 108 -47.83 9.46 -24.26
N THR C 109 -48.12 8.20 -23.93
CA THR C 109 -49.39 7.61 -24.32
C THR C 109 -50.52 8.14 -23.45
N LYS C 110 -51.71 8.25 -24.04
CA LYS C 110 -52.86 8.84 -23.37
C LYS C 110 -54.08 7.93 -23.48
N LEU C 111 -54.68 7.60 -22.34
CA LEU C 111 -55.90 6.81 -22.29
C LEU C 111 -56.99 7.63 -21.63
N TYR C 112 -58.24 7.21 -21.82
CA TYR C 112 -59.39 7.96 -21.35
C TYR C 112 -60.44 7.01 -20.76
N VAL C 113 -60.74 7.20 -19.48
CA VAL C 113 -61.79 6.47 -18.77
C VAL C 113 -62.76 7.50 -18.22
N ASN C 114 -63.97 7.54 -18.77
CA ASN C 114 -64.96 8.62 -18.58
C ASN C 114 -64.38 9.98 -18.95
N ASN C 115 -63.66 10.00 -20.09
CA ASN C 115 -63.02 11.20 -20.66
C ASN C 115 -62.05 11.85 -19.68
N THR C 116 -61.39 11.04 -18.85
CA THR C 116 -60.40 11.53 -17.90
C THR C 116 -59.04 11.14 -18.42
N LEU C 117 -58.12 12.11 -18.45
CA LEU C 117 -56.81 11.89 -19.04
C LEU C 117 -55.96 11.00 -18.15
N TYR C 118 -55.39 9.96 -18.74
CA TYR C 118 -54.39 9.15 -18.06
C TYR C 118 -53.15 9.07 -18.93
N SER C 119 -52.05 9.65 -18.45
CA SER C 119 -50.76 9.56 -19.11
C SER C 119 -50.08 8.25 -18.73
N GLU C 120 -49.25 7.74 -19.64
CA GLU C 120 -48.49 6.52 -19.36
C GLU C 120 -47.31 6.42 -20.31
N PHE C 121 -46.17 6.00 -19.77
CA PHE C 121 -45.06 5.50 -20.56
C PHE C 121 -44.23 4.58 -19.67
N SER C 122 -43.12 4.10 -20.23
CA SER C 122 -42.36 3.08 -19.54
C SER C 122 -41.31 3.70 -18.61
N THR C 123 -40.86 2.90 -17.66
CA THR C 123 -39.86 3.30 -16.67
C THR C 123 -38.49 2.84 -17.14
N ILE C 124 -37.46 3.21 -16.39
CA ILE C 124 -36.10 2.96 -16.84
C ILE C 124 -35.21 2.67 -15.64
N VAL C 125 -34.40 1.62 -15.75
CA VAL C 125 -33.46 1.24 -14.70
C VAL C 125 -32.04 1.36 -15.26
N ILE C 126 -31.13 1.86 -14.43
CA ILE C 126 -29.74 2.07 -14.80
C ILE C 126 -28.87 1.55 -13.66
N GLY C 127 -27.98 0.61 -13.96
CA GLY C 127 -27.15 0.09 -12.91
C GLY C 127 -25.97 -0.70 -13.45
N SER C 128 -25.41 -1.54 -12.59
CA SER C 128 -24.29 -2.39 -12.94
C SER C 128 -24.63 -3.88 -12.89
N VAL C 129 -25.06 -4.37 -11.73
CA VAL C 129 -25.29 -5.81 -11.55
C VAL C 129 -26.65 -6.05 -10.92
N PHE C 130 -27.28 -4.96 -10.45
CA PHE C 130 -28.70 -4.91 -10.10
C PHE C 130 -29.06 -5.80 -8.91
N VAL C 131 -28.19 -5.85 -7.91
CA VAL C 131 -28.40 -6.66 -6.71
C VAL C 131 -28.55 -5.74 -5.50
N ASN C 132 -28.75 -6.33 -4.31
CA ASN C 132 -28.85 -5.53 -3.09
C ASN C 132 -27.50 -5.31 -2.42
N THR C 133 -26.41 -5.31 -3.17
CA THR C 133 -25.10 -4.90 -2.65
C THR C 133 -24.50 -3.74 -3.43
N SER C 134 -25.24 -3.13 -4.35
CA SER C 134 -24.75 -2.00 -5.13
C SER C 134 -25.94 -1.14 -5.53
N TYR C 135 -25.64 0.11 -5.90
CA TYR C 135 -26.68 1.11 -6.12
C TYR C 135 -27.15 1.12 -7.57
N THR C 136 -28.45 1.01 -7.76
CA THR C 136 -29.06 1.22 -9.08
C THR C 136 -30.05 2.38 -9.00
N ILE C 137 -30.31 2.99 -10.14
CA ILE C 137 -31.18 4.16 -10.27
C ILE C 137 -32.41 3.74 -11.05
N VAL C 138 -33.59 4.06 -10.54
CA VAL C 138 -34.84 3.81 -11.23
C VAL C 138 -35.57 5.14 -11.37
N VAL C 139 -35.97 5.45 -12.59
CA VAL C 139 -36.85 6.57 -12.88
C VAL C 139 -38.19 5.99 -13.26
N GLN C 140 -39.27 6.45 -12.60
CA GLN C 140 -40.58 5.86 -12.85
C GLN C 140 -41.69 6.90 -12.95
N PRO C 141 -42.53 6.84 -13.97
CA PRO C 141 -43.68 7.75 -14.05
C PRO C 141 -44.82 7.28 -13.16
N HIS C 142 -45.60 8.25 -12.70
CA HIS C 142 -46.79 7.97 -11.91
C HIS C 142 -47.92 8.90 -12.31
N ASN C 143 -48.15 9.03 -13.62
CA ASN C 143 -49.27 9.77 -14.23
C ASN C 143 -49.26 11.26 -13.84
N GLY C 144 -48.25 11.95 -14.34
CA GLY C 144 -48.06 13.36 -14.05
C GLY C 144 -47.09 13.61 -12.93
N ILE C 145 -46.50 12.56 -12.39
CA ILE C 145 -45.53 12.63 -11.32
C ILE C 145 -44.42 11.67 -11.67
N LEU C 146 -43.20 12.11 -11.50
CA LEU C 146 -42.02 11.36 -11.92
C LEU C 146 -41.15 11.17 -10.69
N GLU C 147 -41.07 9.94 -10.21
CA GLU C 147 -40.38 9.65 -8.98
C GLU C 147 -39.04 9.00 -9.29
N ILE C 148 -37.97 9.59 -8.78
CA ILE C 148 -36.63 9.09 -9.04
C ILE C 148 -36.06 8.56 -7.74
N THR C 149 -35.54 7.33 -7.79
CA THR C 149 -35.04 6.67 -6.59
C THR C 149 -33.73 5.97 -6.93
N ALA C 150 -32.67 6.34 -6.22
CA ALA C 150 -31.37 5.72 -6.38
C ALA C 150 -31.05 4.99 -5.09
N CYS C 151 -31.09 3.66 -5.15
CA CYS C 151 -31.18 2.81 -3.96
C CYS C 151 -30.38 1.54 -4.20
N GLN C 152 -30.58 0.56 -3.32
CA GLN C 152 -30.09 -0.81 -3.50
C GLN C 152 -31.32 -1.71 -3.59
N TYR C 153 -31.91 -1.78 -4.78
CA TYR C 153 -33.06 -2.64 -4.95
C TYR C 153 -32.62 -4.09 -5.10
N THR C 154 -33.59 -5.00 -4.96
CA THR C 154 -33.39 -6.43 -5.16
C THR C 154 -34.27 -6.80 -6.35
N MET C 155 -33.66 -6.83 -7.54
CA MET C 155 -34.43 -6.83 -8.77
C MET C 155 -34.98 -8.22 -9.07
N CYS C 156 -36.13 -8.25 -9.74
CA CYS C 156 -36.76 -9.49 -10.14
C CYS C 156 -36.02 -10.11 -11.31
N GLU C 157 -36.43 -11.33 -11.66
CA GLU C 157 -35.83 -12.03 -12.78
C GLU C 157 -36.35 -11.53 -14.11
N TYR C 158 -37.65 -11.27 -14.20
CA TYR C 158 -38.26 -10.55 -15.31
C TYR C 158 -38.89 -9.30 -14.73
N PRO C 159 -38.12 -8.22 -14.54
CA PRO C 159 -38.72 -6.97 -14.06
C PRO C 159 -39.62 -6.36 -15.11
N HIS C 160 -40.86 -6.10 -14.73
CA HIS C 160 -41.86 -5.60 -15.65
C HIS C 160 -42.79 -4.70 -14.87
N THR C 161 -43.61 -3.93 -15.59
CA THR C 161 -44.50 -2.96 -14.97
C THR C 161 -45.93 -3.23 -15.42
N VAL C 162 -46.82 -2.36 -14.98
CA VAL C 162 -48.25 -2.54 -15.21
C VAL C 162 -48.86 -1.16 -15.41
N CYS C 163 -49.96 -1.09 -16.15
CA CYS C 163 -50.66 0.18 -16.26
C CYS C 163 -51.70 0.30 -15.15
N LYS C 164 -52.09 1.54 -14.87
CA LYS C 164 -52.88 1.86 -13.69
C LYS C 164 -54.24 2.44 -13.97
N SER C 165 -54.52 2.84 -15.22
CA SER C 165 -55.83 3.41 -15.54
C SER C 165 -56.88 2.31 -15.64
N LYS C 166 -56.73 1.45 -16.64
CA LYS C 166 -57.45 0.19 -16.74
C LYS C 166 -56.34 -0.86 -16.83
N GLY C 167 -56.08 -1.55 -15.72
CA GLY C 167 -54.86 -2.30 -15.57
C GLY C 167 -54.88 -3.64 -16.28
N SER C 168 -53.74 -4.33 -16.18
CA SER C 168 -53.55 -5.64 -16.79
C SER C 168 -54.03 -6.75 -15.85
N ILE C 169 -53.63 -7.98 -16.18
CA ILE C 169 -53.93 -9.12 -15.32
C ILE C 169 -52.79 -9.35 -14.33
N ARG C 170 -51.55 -9.05 -14.73
CA ARG C 170 -50.39 -9.33 -13.89
C ARG C 170 -50.24 -8.28 -12.80
N ASN C 171 -49.29 -8.52 -11.90
CA ASN C 171 -48.98 -7.60 -10.82
C ASN C 171 -47.60 -6.98 -11.05
N GLU C 172 -47.52 -5.65 -10.91
CA GLU C 172 -46.28 -4.91 -11.13
C GLU C 172 -45.23 -5.34 -10.11
N SER C 173 -44.20 -6.03 -10.59
CA SER C 173 -43.22 -6.61 -9.68
C SER C 173 -41.85 -6.58 -10.36
N TRP C 174 -41.09 -5.53 -10.09
CA TRP C 174 -39.68 -5.48 -10.44
C TRP C 174 -38.78 -5.64 -9.22
N HIS C 175 -39.34 -5.53 -8.01
CA HIS C 175 -38.63 -5.90 -6.79
C HIS C 175 -39.66 -6.31 -5.76
N ILE C 176 -39.24 -7.17 -4.83
CA ILE C 176 -39.98 -7.42 -3.60
C ILE C 176 -38.97 -7.17 -2.47
N ASP C 177 -38.97 -5.95 -1.96
CA ASP C 177 -38.00 -5.47 -1.00
C ASP C 177 -38.69 -4.64 0.06
N SER C 178 -39.75 -5.16 0.67
CA SER C 178 -40.55 -4.41 1.63
C SER C 178 -39.82 -4.25 2.97
N SER C 179 -38.71 -3.51 2.92
CA SER C 179 -37.88 -3.26 4.10
C SER C 179 -37.28 -1.85 4.08
N GLU C 180 -37.60 -1.09 3.03
CA GLU C 180 -37.06 0.25 2.83
C GLU C 180 -35.54 0.10 2.83
N PRO C 181 -34.94 -0.26 1.68
CA PRO C 181 -33.48 -0.43 1.71
C PRO C 181 -32.69 0.87 1.63
N LEU C 182 -31.37 0.74 1.60
CA LEU C 182 -30.47 1.90 1.56
C LEU C 182 -30.65 2.67 0.24
N CYS C 183 -31.15 3.89 0.35
CA CYS C 183 -31.34 4.77 -0.80
C CYS C 183 -30.37 5.94 -0.69
N LEU C 184 -29.72 6.26 -1.80
CA LEU C 184 -28.84 7.43 -1.83
C LEU C 184 -29.58 8.65 -2.33
N PHE C 185 -30.68 8.46 -3.04
CA PHE C 185 -31.42 9.60 -3.56
C PHE C 185 -32.89 9.23 -3.65
N LYS C 186 -33.77 10.17 -3.33
CA LYS C 186 -35.20 9.95 -3.51
C LYS C 186 -35.85 11.31 -3.69
N LYS C 187 -36.53 11.51 -4.82
CA LYS C 187 -37.15 12.80 -5.08
C LYS C 187 -38.34 12.63 -6.00
N ASN C 188 -39.13 13.70 -6.09
CA ASN C 188 -40.32 13.72 -6.92
C ASN C 188 -40.33 14.97 -7.80
N PHE C 189 -40.84 14.83 -9.01
CA PHE C 189 -40.92 15.93 -9.96
C PHE C 189 -42.26 15.89 -10.66
N THR C 190 -42.67 17.02 -11.22
CA THR C 190 -43.99 17.12 -11.84
C THR C 190 -43.85 17.57 -13.30
N TYR C 191 -44.72 17.03 -14.16
CA TYR C 191 -44.67 17.38 -15.57
C TYR C 191 -46.09 17.50 -16.11
N ASN C 192 -46.15 17.84 -17.40
CA ASN C 192 -47.43 18.02 -18.06
C ASN C 192 -48.04 16.67 -18.43
N VAL C 193 -49.30 16.47 -18.06
CA VAL C 193 -49.98 15.23 -18.42
C VAL C 193 -50.35 15.23 -19.89
N SER C 194 -50.63 16.40 -20.47
CA SER C 194 -51.10 16.52 -21.84
C SER C 194 -49.97 16.64 -22.85
N ALA C 195 -48.73 16.35 -22.46
CA ALA C 195 -47.61 16.56 -23.35
C ALA C 195 -47.51 15.44 -24.38
N ASP C 196 -46.82 15.74 -25.48
CA ASP C 196 -46.67 14.81 -26.58
C ASP C 196 -45.42 13.94 -26.47
N TRP C 197 -44.29 14.53 -26.08
CA TRP C 197 -43.04 13.79 -25.92
C TRP C 197 -42.36 14.26 -24.65
N LEU C 198 -41.38 13.48 -24.22
CA LEU C 198 -40.51 13.86 -23.11
C LEU C 198 -39.09 13.52 -23.49
N TYR C 199 -38.17 14.42 -23.20
CA TYR C 199 -36.77 14.24 -23.57
C TYR C 199 -35.96 14.10 -22.30
N PHE C 200 -34.94 13.27 -22.36
CA PHE C 200 -34.17 12.93 -21.17
C PHE C 200 -32.69 12.81 -21.50
N HIS C 201 -31.86 13.46 -20.71
CA HIS C 201 -30.41 13.24 -20.74
C HIS C 201 -30.01 12.47 -19.50
N PHE C 202 -29.21 11.41 -19.70
CA PHE C 202 -28.62 10.69 -18.58
C PHE C 202 -27.16 10.45 -18.92
N TYR C 203 -26.26 10.94 -18.08
CA TYR C 203 -24.86 10.61 -18.33
C TYR C 203 -24.12 10.46 -17.02
N GLN C 204 -22.85 10.07 -17.14
CA GLN C 204 -22.00 9.89 -15.97
C GLN C 204 -20.60 10.35 -16.30
N GLU C 205 -19.94 10.93 -15.30
CA GLU C 205 -18.59 11.45 -15.47
C GLU C 205 -17.94 11.53 -14.10
N ARG C 206 -16.71 11.00 -14.00
CA ARG C 206 -15.87 11.06 -12.81
C ARG C 206 -16.56 10.45 -11.58
N GLY C 207 -17.32 9.38 -11.80
CA GLY C 207 -18.04 8.75 -10.72
C GLY C 207 -19.22 9.51 -10.21
N VAL C 208 -19.78 10.43 -11.02
CA VAL C 208 -20.98 11.18 -10.67
C VAL C 208 -22.00 10.96 -11.78
N PHE C 209 -23.27 10.80 -11.40
CA PHE C 209 -24.36 10.63 -12.34
C PHE C 209 -25.10 11.95 -12.50
N TYR C 210 -25.48 12.29 -13.74
CA TYR C 210 -26.19 13.53 -14.04
C TYR C 210 -27.45 13.21 -14.82
N ALA C 211 -28.52 13.94 -14.51
CA ALA C 211 -29.80 13.69 -15.17
C ALA C 211 -30.55 14.99 -15.42
N TYR C 212 -31.16 15.05 -16.61
CA TYR C 212 -31.88 16.20 -17.17
C TYR C 212 -33.16 15.73 -17.84
N TYR C 213 -34.18 16.59 -17.84
CA TYR C 213 -35.44 16.26 -18.50
C TYR C 213 -36.11 17.52 -19.04
N ALA C 214 -36.95 17.35 -20.06
CA ALA C 214 -37.88 18.40 -20.46
C ALA C 214 -39.11 17.76 -21.10
N ASP C 215 -40.22 18.48 -21.07
CA ASP C 215 -41.48 17.97 -21.61
C ASP C 215 -41.97 18.72 -22.82
N VAL C 216 -41.80 20.04 -22.86
CA VAL C 216 -41.97 20.76 -24.11
C VAL C 216 -40.66 20.70 -24.88
N GLY C 217 -40.73 20.60 -26.20
CA GLY C 217 -39.55 20.52 -27.04
C GLY C 217 -38.66 21.76 -26.97
N MET C 218 -37.52 21.63 -26.28
CA MET C 218 -36.61 22.71 -25.94
C MET C 218 -35.33 22.06 -25.42
N PRO C 219 -34.28 22.80 -25.03
CA PRO C 219 -33.21 22.18 -24.25
C PRO C 219 -33.71 21.61 -22.93
N THR C 220 -33.09 20.52 -22.49
CA THR C 220 -33.56 19.86 -21.28
C THR C 220 -32.98 20.50 -20.04
N THR C 221 -33.77 20.51 -18.97
CA THR C 221 -33.45 21.20 -17.74
C THR C 221 -33.01 20.21 -16.68
N PHE C 222 -32.21 20.69 -15.74
CA PHE C 222 -31.52 19.86 -14.76
C PHE C 222 -32.49 19.18 -13.81
N LEU C 223 -32.32 17.87 -13.66
CA LEU C 223 -33.02 17.15 -12.61
C LEU C 223 -32.13 17.00 -11.37
N PHE C 224 -31.01 16.29 -11.50
CA PHE C 224 -30.18 16.07 -10.33
C PHE C 224 -28.81 15.52 -10.70
N SER C 225 -27.86 15.77 -9.80
CA SER C 225 -26.54 15.17 -9.81
C SER C 225 -26.39 14.31 -8.56
N LEU C 226 -25.64 13.21 -8.70
CA LEU C 226 -25.56 12.21 -7.64
C LEU C 226 -24.18 11.61 -7.62
N TYR C 227 -23.44 11.87 -6.55
CA TYR C 227 -22.09 11.34 -6.40
C TYR C 227 -22.16 9.90 -5.88
N LEU C 228 -21.63 8.96 -6.65
CA LEU C 228 -21.59 7.56 -6.29
C LEU C 228 -20.18 7.05 -6.05
N GLY C 229 -19.30 7.21 -7.03
CA GLY C 229 -17.96 6.69 -6.96
C GLY C 229 -17.72 5.48 -7.84
N THR C 230 -18.78 4.87 -8.35
CA THR C 230 -18.66 3.68 -9.18
C THR C 230 -18.95 4.05 -10.63
N ILE C 231 -18.96 3.04 -11.50
CA ILE C 231 -19.24 3.21 -12.91
C ILE C 231 -20.41 2.32 -13.26
N LEU C 232 -21.54 2.94 -13.59
CA LEU C 232 -22.66 2.19 -14.12
C LEU C 232 -22.31 1.66 -15.50
N SER C 233 -22.89 0.53 -15.86
CA SER C 233 -22.51 -0.14 -17.10
C SER C 233 -23.69 -0.62 -17.94
N HIS C 234 -24.90 -0.67 -17.41
CA HIS C 234 -26.02 -1.22 -18.14
C HIS C 234 -27.26 -0.39 -17.83
N TYR C 235 -28.20 -0.40 -18.77
CA TYR C 235 -29.50 0.18 -18.53
C TYR C 235 -30.54 -0.68 -19.22
N TYR C 236 -31.80 -0.43 -18.89
CA TYR C 236 -32.87 -1.26 -19.42
C TYR C 236 -34.18 -0.47 -19.36
N VAL C 237 -34.88 -0.42 -20.48
CA VAL C 237 -36.26 0.03 -20.50
C VAL C 237 -37.14 -1.13 -20.05
N MET C 238 -37.91 -0.91 -19.01
CA MET C 238 -38.68 -1.98 -18.42
C MET C 238 -40.00 -2.17 -19.18
N PRO C 239 -40.33 -3.40 -19.56
CA PRO C 239 -41.53 -3.62 -20.38
C PRO C 239 -42.82 -3.43 -19.60
N LEU C 240 -43.82 -2.90 -20.27
CA LEU C 240 -45.11 -2.60 -19.68
C LEU C 240 -46.13 -3.65 -20.13
N THR C 241 -47.16 -3.84 -19.32
CA THR C 241 -48.25 -4.77 -19.63
C THR C 241 -49.56 -4.06 -19.30
N CYS C 242 -50.42 -3.87 -20.30
CA CYS C 242 -51.65 -3.11 -20.12
C CYS C 242 -52.85 -3.89 -20.63
N LYS C 243 -53.99 -3.21 -20.69
CA LYS C 243 -55.26 -3.82 -21.04
C LYS C 243 -55.58 -3.65 -22.52
N ALA C 244 -55.67 -2.41 -22.99
CA ALA C 244 -56.11 -2.14 -24.35
C ALA C 244 -55.50 -0.81 -24.79
N ILE C 245 -54.50 -0.88 -25.68
CA ILE C 245 -53.82 0.32 -26.13
C ILE C 245 -53.73 0.32 -27.66
N SER C 246 -53.90 -0.86 -28.27
CA SER C 246 -53.49 -1.08 -29.65
C SER C 246 -54.50 -0.50 -30.65
N SER C 247 -54.36 -0.92 -31.92
CA SER C 247 -55.08 -0.28 -33.02
C SER C 247 -56.57 -0.64 -33.07
N ASN C 248 -56.98 -1.73 -32.42
CA ASN C 248 -58.40 -1.98 -32.26
C ASN C 248 -59.04 -1.02 -31.27
N THR C 249 -58.23 -0.49 -30.36
CA THR C 249 -58.62 0.55 -29.41
C THR C 249 -58.41 1.92 -30.07
N ASP C 250 -58.28 2.97 -29.27
CA ASP C 250 -58.15 4.36 -29.71
C ASP C 250 -56.74 4.69 -30.22
N ASN C 251 -55.96 3.69 -30.64
CA ASN C 251 -54.69 3.83 -31.37
C ASN C 251 -53.62 4.53 -30.54
N GLU C 252 -53.26 3.88 -29.45
CA GLU C 252 -52.11 4.28 -28.65
C GLU C 252 -50.93 3.36 -28.96
N THR C 253 -49.72 3.92 -28.84
CA THR C 253 -48.52 3.19 -29.16
C THR C 253 -47.39 3.71 -28.29
N LEU C 254 -46.70 2.79 -27.64
CA LEU C 254 -45.60 3.14 -26.77
C LEU C 254 -44.30 3.25 -27.57
N GLU C 255 -43.53 4.29 -27.29
CA GLU C 255 -42.22 4.47 -27.92
C GLU C 255 -41.21 4.89 -26.86
N TYR C 256 -39.95 4.51 -27.08
CA TYR C 256 -38.85 4.95 -26.23
C TYR C 256 -37.59 4.91 -27.09
N TRP C 257 -37.19 6.05 -27.64
CA TRP C 257 -36.04 6.12 -28.53
C TRP C 257 -34.81 6.58 -27.77
N VAL C 258 -33.67 5.93 -28.02
CA VAL C 258 -32.43 6.32 -27.37
C VAL C 258 -31.31 6.41 -28.40
N THR C 259 -30.37 7.32 -28.13
CA THR C 259 -29.17 7.52 -28.91
C THR C 259 -28.04 7.71 -27.92
N PRO C 260 -26.83 7.22 -28.23
CA PRO C 260 -25.74 7.36 -27.26
C PRO C 260 -25.21 8.78 -27.19
N LEU C 261 -24.40 9.02 -26.17
CA LEU C 261 -23.77 10.31 -25.95
C LEU C 261 -22.27 10.20 -26.14
N SER C 262 -21.64 11.33 -26.42
CA SER C 262 -20.21 11.38 -26.63
C SER C 262 -19.67 12.67 -26.07
N ARG C 263 -18.45 12.60 -25.59
CA ARG C 263 -17.74 13.76 -25.06
C ARG C 263 -17.29 14.63 -26.22
N ARG C 264 -18.04 15.70 -26.51
CA ARG C 264 -17.75 16.53 -27.66
C ARG C 264 -18.04 17.98 -27.33
N GLN C 265 -17.69 18.86 -28.26
CA GLN C 265 -17.72 20.30 -28.07
C GLN C 265 -18.86 20.90 -28.87
N TYR C 266 -19.65 21.74 -28.22
CA TYR C 266 -20.76 22.43 -28.86
C TYR C 266 -20.61 23.92 -28.59
N LEU C 267 -21.24 24.72 -29.42
CA LEU C 267 -21.27 26.16 -29.23
C LEU C 267 -22.72 26.56 -29.01
N LEU C 268 -23.00 27.13 -27.84
CA LEU C 268 -24.34 27.53 -27.46
C LEU C 268 -24.47 29.05 -27.50
N ASN C 269 -25.67 29.53 -27.83
CA ASN C 269 -25.97 30.95 -27.90
C ASN C 269 -27.04 31.30 -26.87
N PHE C 270 -26.69 32.13 -25.90
CA PHE C 270 -27.62 32.54 -24.86
C PHE C 270 -28.06 33.97 -25.10
N ASP C 271 -29.38 34.20 -25.13
CA ASP C 271 -29.92 35.54 -25.30
C ASP C 271 -29.91 36.26 -23.96
N GLU C 272 -30.59 37.41 -23.88
CA GLU C 272 -30.47 38.25 -22.69
C GLU C 272 -31.36 37.77 -21.56
N HIS C 273 -32.33 36.90 -21.83
CA HIS C 273 -33.09 36.26 -20.77
C HIS C 273 -32.54 34.90 -20.42
N GLY C 274 -31.54 34.42 -21.14
CA GLY C 274 -30.89 33.17 -20.85
C GLY C 274 -31.43 31.96 -21.57
N VAL C 275 -32.06 32.13 -22.73
CA VAL C 275 -32.62 31.01 -23.48
C VAL C 275 -31.64 30.61 -24.57
N ILE C 276 -31.37 29.31 -24.67
CA ILE C 276 -30.54 28.77 -25.74
C ILE C 276 -31.30 28.92 -27.05
N THR C 277 -30.80 29.79 -27.92
CA THR C 277 -31.42 30.04 -29.21
C THR C 277 -30.77 29.27 -30.34
N ASN C 278 -29.49 28.93 -30.22
CA ASN C 278 -28.76 28.26 -31.29
C ASN C 278 -27.67 27.40 -30.68
N ALA C 279 -27.40 26.28 -31.33
CA ALA C 279 -26.27 25.44 -30.96
C ALA C 279 -25.60 24.95 -32.24
N VAL C 280 -24.32 24.65 -32.13
CA VAL C 280 -23.52 24.19 -33.26
C VAL C 280 -22.66 23.03 -32.78
N ASP C 281 -22.75 21.91 -33.49
CA ASP C 281 -21.85 20.78 -33.28
C ASP C 281 -20.56 21.05 -34.05
N CYS C 282 -19.47 21.19 -33.33
CA CYS C 282 -18.22 21.70 -33.89
C CYS C 282 -17.48 20.73 -34.76
N SER C 283 -18.07 19.63 -35.24
CA SER C 283 -17.41 18.71 -36.14
C SER C 283 -18.32 18.22 -37.26
N SER C 284 -19.45 18.90 -37.49
CA SER C 284 -20.34 18.47 -38.57
C SER C 284 -19.78 18.85 -39.94
N SER C 285 -19.16 20.02 -40.05
CA SER C 285 -18.68 20.52 -41.33
C SER C 285 -17.44 21.37 -41.11
N PHE C 286 -16.99 22.04 -42.16
CA PHE C 286 -15.86 22.96 -42.05
C PHE C 286 -16.30 24.31 -41.49
N LEU C 287 -17.50 24.76 -41.87
CA LEU C 287 -18.04 25.99 -41.33
C LEU C 287 -18.29 25.89 -39.82
N SER C 288 -18.66 24.71 -39.34
CA SER C 288 -18.84 24.54 -37.89
C SER C 288 -17.51 24.60 -37.15
N GLU C 289 -16.43 24.11 -37.77
CA GLU C 289 -15.12 24.21 -37.14
C GLU C 289 -14.63 25.66 -37.09
N ILE C 290 -14.89 26.41 -38.17
CA ILE C 290 -14.57 27.84 -38.16
C ILE C 290 -15.39 28.56 -37.11
N GLN C 291 -16.69 28.25 -37.01
CA GLN C 291 -17.58 28.86 -36.03
C GLN C 291 -17.18 28.56 -34.60
N CYS C 292 -16.69 27.36 -34.33
CA CYS C 292 -16.37 27.01 -32.95
C CYS C 292 -14.98 27.45 -32.55
N LYS C 293 -14.02 27.50 -33.47
CA LYS C 293 -12.69 27.95 -33.07
C LYS C 293 -12.58 29.47 -32.96
N THR C 294 -13.50 30.22 -33.56
CA THR C 294 -13.56 31.65 -33.34
C THR C 294 -14.60 32.05 -32.32
N GLN C 295 -15.40 31.08 -31.83
CA GLN C 295 -16.44 31.27 -30.81
C GLN C 295 -17.46 32.32 -31.23
N SER C 296 -17.92 32.22 -32.46
CA SER C 296 -18.91 33.14 -32.98
C SER C 296 -19.73 32.43 -34.05
N PHE C 297 -20.99 32.82 -34.16
CA PHE C 297 -21.86 32.24 -35.17
C PHE C 297 -21.72 32.91 -36.52
N ALA C 298 -21.05 34.07 -36.58
CA ALA C 298 -20.73 34.73 -37.84
C ALA C 298 -19.27 35.15 -37.76
N PRO C 299 -18.35 34.31 -38.24
CA PRO C 299 -16.92 34.60 -38.09
C PRO C 299 -16.44 35.65 -39.07
N ASN C 300 -15.16 35.98 -38.95
CA ASN C 300 -14.53 36.95 -39.84
C ASN C 300 -13.95 36.27 -41.07
N THR C 301 -13.53 37.09 -42.03
CA THR C 301 -12.84 36.59 -43.21
C THR C 301 -11.43 36.19 -42.84
N GLY C 302 -11.01 34.99 -43.24
CA GLY C 302 -9.67 34.55 -42.91
C GLY C 302 -9.36 33.21 -43.51
N VAL C 303 -8.12 32.81 -43.32
CA VAL C 303 -7.65 31.47 -43.66
C VAL C 303 -7.47 30.72 -42.35
N TYR C 304 -8.08 29.55 -42.25
CA TYR C 304 -8.13 28.76 -41.03
C TYR C 304 -7.55 27.40 -41.32
N ASP C 305 -6.89 26.79 -40.34
CA ASP C 305 -6.29 25.47 -40.51
C ASP C 305 -7.15 24.45 -39.77
N LEU C 306 -7.91 23.69 -40.52
CA LEU C 306 -8.91 22.81 -39.97
C LEU C 306 -8.42 21.37 -40.03
N SER C 307 -8.68 20.63 -38.97
CA SER C 307 -8.35 19.21 -38.96
C SER C 307 -9.46 18.43 -39.65
N GLY C 308 -9.11 17.29 -40.21
CA GLY C 308 -10.09 16.35 -40.69
C GLY C 308 -9.77 14.95 -40.18
N PHE C 309 -10.74 14.05 -40.35
CA PHE C 309 -10.42 12.64 -40.15
C PHE C 309 -9.51 12.18 -41.29
N THR C 310 -8.39 11.61 -40.93
CA THR C 310 -7.40 11.35 -41.97
C THR C 310 -7.22 9.87 -42.27
N VAL C 311 -7.12 9.02 -41.25
CA VAL C 311 -7.12 7.57 -41.43
C VAL C 311 -7.82 6.92 -40.24
N LYS C 312 -8.38 5.74 -40.49
CA LYS C 312 -8.97 4.94 -39.44
C LYS C 312 -8.24 3.60 -39.44
N PRO C 313 -7.98 3.04 -38.26
CA PRO C 313 -7.35 1.72 -38.19
C PRO C 313 -8.29 0.63 -38.69
N VAL C 314 -7.84 -0.11 -39.70
CA VAL C 314 -8.70 -1.11 -40.35
C VAL C 314 -8.44 -2.50 -39.77
N ALA C 315 -7.23 -3.03 -39.97
CA ALA C 315 -6.96 -4.42 -39.67
C ALA C 315 -5.66 -4.59 -38.87
N THR C 316 -5.33 -5.83 -38.51
CA THR C 316 -4.13 -6.13 -37.75
C THR C 316 -3.32 -7.22 -38.43
N VAL C 317 -2.00 -7.06 -38.40
CA VAL C 317 -1.08 -8.06 -38.92
C VAL C 317 -0.18 -8.51 -37.79
N TYR C 318 -0.28 -9.79 -37.44
CA TYR C 318 0.25 -10.30 -36.19
C TYR C 318 1.30 -11.37 -36.48
N ARG C 319 2.34 -11.41 -35.63
CA ARG C 319 3.40 -12.39 -35.75
C ARG C 319 4.16 -12.44 -34.44
N ARG C 320 4.51 -13.64 -33.96
CA ARG C 320 5.07 -13.76 -32.61
C ARG C 320 6.31 -14.62 -32.43
N ILE C 321 6.56 -15.65 -33.26
CA ILE C 321 7.61 -16.69 -33.13
C ILE C 321 7.78 -17.22 -31.71
N PRO C 322 6.89 -18.11 -31.25
CA PRO C 322 6.78 -18.40 -29.81
C PRO C 322 7.93 -19.22 -29.21
N ASN C 323 7.97 -19.22 -27.88
CA ASN C 323 9.11 -19.75 -27.13
C ASN C 323 9.06 -21.27 -27.04
N LEU C 324 7.86 -21.85 -26.94
CA LEU C 324 7.71 -23.29 -26.83
C LEU C 324 7.06 -23.83 -28.10
N PRO C 325 7.24 -25.18 -28.37
CA PRO C 325 6.60 -25.64 -29.63
C PRO C 325 5.10 -25.90 -29.51
N ASP C 326 4.73 -27.15 -29.25
CA ASP C 326 3.34 -27.57 -29.11
C ASP C 326 3.36 -28.86 -28.31
N CYS C 327 2.21 -29.49 -28.13
CA CYS C 327 2.19 -30.72 -27.34
C CYS C 327 1.99 -31.94 -28.20
N ASP C 328 1.17 -31.81 -29.24
CA ASP C 328 0.74 -32.91 -30.11
C ASP C 328 0.04 -33.99 -29.30
N ILE C 329 -1.11 -33.61 -28.74
CA ILE C 329 -1.94 -34.57 -28.05
C ILE C 329 -2.45 -35.62 -29.02
N ASP C 330 -2.90 -35.19 -30.19
CA ASP C 330 -3.49 -36.09 -31.15
C ASP C 330 -2.49 -37.04 -31.78
N ASN C 331 -1.20 -36.79 -31.64
CA ASN C 331 -0.22 -37.79 -32.03
C ASN C 331 -0.06 -38.86 -30.99
N TRP C 332 -0.67 -38.68 -29.82
CA TRP C 332 -0.75 -39.70 -28.80
C TRP C 332 -2.11 -40.33 -28.75
N LEU C 333 -3.17 -39.58 -29.00
CA LEU C 333 -4.48 -40.16 -28.96
C LEU C 333 -4.77 -41.03 -30.17
N ASN C 334 -4.00 -40.88 -31.23
CA ASN C 334 -4.10 -41.77 -32.38
C ASN C 334 -3.04 -42.84 -32.36
N ASN C 335 -2.58 -43.21 -31.17
CA ASN C 335 -1.57 -44.25 -31.08
C ASN C 335 -2.19 -45.60 -31.41
N VAL C 336 -1.36 -46.54 -31.78
CA VAL C 336 -1.84 -47.83 -32.21
C VAL C 336 -2.17 -48.72 -31.02
N SER C 337 -1.22 -48.90 -30.12
CA SER C 337 -1.38 -49.86 -29.02
C SER C 337 -2.24 -49.25 -27.93
N VAL C 338 -3.54 -49.52 -27.99
CA VAL C 338 -4.49 -48.99 -27.02
C VAL C 338 -4.54 -49.85 -25.78
N PRO C 339 -4.32 -49.32 -24.60
CA PRO C 339 -4.43 -50.13 -23.39
C PRO C 339 -5.87 -50.34 -22.98
N SER C 340 -6.11 -51.44 -22.30
CA SER C 340 -7.36 -51.99 -21.78
C SER C 340 -7.62 -51.44 -20.40
N PRO C 341 -8.86 -51.49 -19.89
CA PRO C 341 -9.19 -50.75 -18.66
C PRO C 341 -8.53 -51.22 -17.39
N LEU C 342 -7.66 -52.22 -17.43
CA LEU C 342 -6.89 -52.59 -16.26
C LEU C 342 -5.65 -51.74 -16.13
N ASN C 343 -4.95 -51.51 -17.24
CA ASN C 343 -3.63 -50.87 -17.26
C ASN C 343 -3.64 -49.69 -18.22
N TRP C 344 -4.60 -48.80 -18.03
CA TRP C 344 -4.68 -47.55 -18.77
C TRP C 344 -3.41 -46.73 -18.63
N GLU C 345 -3.12 -45.95 -19.65
CA GLU C 345 -1.94 -45.11 -19.60
C GLU C 345 -2.31 -43.72 -19.19
N ARG C 346 -1.30 -42.85 -19.13
CA ARG C 346 -1.46 -41.46 -18.75
C ARG C 346 -0.20 -40.76 -19.22
N ARG C 347 -0.33 -39.61 -19.83
CA ARG C 347 0.83 -38.79 -20.13
C ARG C 347 0.52 -37.38 -19.66
N ILE C 348 1.55 -36.65 -19.30
CA ILE C 348 1.40 -35.34 -18.69
C ILE C 348 1.93 -34.32 -19.66
N PHE C 349 1.07 -33.79 -20.50
CA PHE C 349 1.44 -32.77 -21.46
C PHE C 349 1.58 -31.47 -20.72
N SER C 350 2.80 -31.00 -20.55
CA SER C 350 3.03 -29.73 -19.89
C SER C 350 4.09 -28.96 -20.64
N ASN C 351 4.05 -27.63 -20.47
CA ASN C 351 4.95 -26.66 -21.09
C ASN C 351 4.94 -26.78 -22.61
N CYS C 352 3.79 -26.52 -23.20
CA CYS C 352 3.68 -26.51 -24.65
C CYS C 352 2.48 -25.68 -25.03
N ASN C 353 2.12 -25.70 -26.30
CA ASN C 353 0.97 -24.96 -26.79
C ASN C 353 0.00 -25.90 -27.47
N PHE C 354 -1.27 -25.58 -27.41
CA PHE C 354 -2.28 -26.48 -27.94
C PHE C 354 -3.48 -25.65 -28.34
N ASN C 355 -4.41 -26.27 -29.05
CA ASN C 355 -5.75 -25.73 -29.14
C ASN C 355 -6.73 -26.89 -29.16
N LEU C 356 -7.93 -26.59 -29.59
CA LEU C 356 -8.95 -27.62 -29.57
C LEU C 356 -9.48 -28.00 -30.93
N SER C 357 -9.48 -27.06 -31.88
CA SER C 357 -10.19 -27.35 -33.12
C SER C 357 -9.44 -28.36 -33.96
N THR C 358 -8.13 -28.23 -34.05
CA THR C 358 -7.32 -29.20 -34.77
C THR C 358 -7.32 -30.54 -34.06
N LEU C 359 -7.43 -30.51 -32.73
CA LEU C 359 -7.55 -31.75 -31.96
C LEU C 359 -8.84 -32.47 -32.28
N LEU C 360 -9.98 -31.84 -31.97
CA LEU C 360 -11.27 -32.47 -32.11
C LEU C 360 -11.73 -32.61 -33.54
N ARG C 361 -10.98 -32.14 -34.53
CA ARG C 361 -11.25 -32.62 -35.87
C ARG C 361 -10.21 -33.60 -36.37
N LEU C 362 -9.07 -33.72 -35.69
CA LEU C 362 -8.10 -34.71 -36.13
C LEU C 362 -8.26 -36.05 -35.44
N VAL C 363 -9.03 -36.14 -34.36
CA VAL C 363 -9.47 -37.42 -33.82
C VAL C 363 -10.99 -37.47 -33.94
N HIS C 364 -11.50 -38.63 -34.30
CA HIS C 364 -12.90 -38.72 -34.69
C HIS C 364 -13.75 -38.71 -33.43
N VAL C 365 -14.09 -37.51 -32.98
CA VAL C 365 -14.86 -37.36 -31.75
C VAL C 365 -16.28 -37.87 -31.95
N ASP C 366 -16.85 -38.46 -30.91
CA ASP C 366 -18.28 -38.67 -30.83
C ASP C 366 -18.97 -37.89 -29.73
N SER C 367 -18.25 -37.43 -28.72
CA SER C 367 -18.81 -36.56 -27.71
C SER C 367 -17.70 -35.84 -26.99
N PHE C 368 -18.02 -34.67 -26.44
CA PHE C 368 -17.07 -33.97 -25.59
C PHE C 368 -17.90 -33.20 -24.57
N SER C 369 -18.11 -33.80 -23.42
CA SER C 369 -18.76 -33.09 -22.32
C SER C 369 -17.69 -32.31 -21.55
N CYS C 370 -18.08 -31.64 -20.49
CA CYS C 370 -17.12 -31.11 -19.54
C CYS C 370 -17.77 -31.15 -18.16
N ASN C 371 -17.00 -30.76 -17.16
CA ASN C 371 -17.49 -30.71 -15.80
C ASN C 371 -16.57 -29.78 -15.03
N ASN C 372 -17.14 -28.99 -14.12
CA ASN C 372 -16.48 -27.89 -13.42
C ASN C 372 -15.84 -26.91 -14.38
N LEU C 373 -16.38 -26.76 -15.59
CA LEU C 373 -15.76 -25.98 -16.61
C LEU C 373 -16.82 -25.53 -17.60
N ASP C 374 -16.47 -24.54 -18.39
CA ASP C 374 -17.28 -24.17 -19.52
C ASP C 374 -16.42 -24.35 -20.76
N LYS C 375 -17.03 -24.93 -21.80
CA LYS C 375 -16.32 -25.41 -22.98
C LYS C 375 -15.57 -24.30 -23.70
N SER C 376 -16.00 -23.06 -23.59
CA SER C 376 -15.24 -21.96 -24.14
C SER C 376 -14.23 -21.39 -23.16
N LYS C 377 -14.16 -21.88 -21.93
CA LYS C 377 -13.12 -21.38 -21.05
C LYS C 377 -11.78 -22.07 -21.29
N ILE C 378 -11.77 -23.14 -22.06
CA ILE C 378 -10.51 -23.73 -22.52
C ILE C 378 -9.80 -22.75 -23.44
N PHE C 379 -10.52 -22.21 -24.42
CA PHE C 379 -9.93 -21.50 -25.56
C PHE C 379 -9.15 -20.27 -25.16
N GLY C 380 -9.45 -19.67 -24.04
CA GLY C 380 -8.64 -18.54 -23.64
C GLY C 380 -7.44 -18.93 -22.81
N SER C 381 -7.69 -19.65 -21.73
CA SER C 381 -6.85 -19.57 -20.54
C SER C 381 -5.52 -20.31 -20.73
N CYS C 382 -4.71 -20.25 -19.69
CA CYS C 382 -3.39 -20.88 -19.64
C CYS C 382 -3.32 -21.72 -18.38
N PHE C 383 -3.34 -23.03 -18.55
CA PHE C 383 -3.35 -23.96 -17.44
C PHE C 383 -1.96 -24.26 -16.96
N ASN C 384 -1.78 -25.32 -16.18
CA ASN C 384 -0.46 -25.60 -15.66
C ASN C 384 0.06 -26.95 -16.13
N SER C 385 -0.85 -27.89 -16.37
CA SER C 385 -0.55 -29.16 -17.04
C SER C 385 -1.88 -29.78 -17.44
N ILE C 386 -1.79 -30.80 -18.28
CA ILE C 386 -2.93 -31.55 -18.76
C ILE C 386 -2.53 -33.00 -18.65
N THR C 387 -3.44 -33.87 -18.25
CA THR C 387 -3.07 -35.25 -17.94
C THR C 387 -4.04 -36.20 -18.61
N VAL C 388 -3.78 -36.58 -19.84
CA VAL C 388 -4.73 -37.36 -20.62
C VAL C 388 -4.59 -38.83 -20.28
N ASP C 389 -5.67 -39.49 -19.86
CA ASP C 389 -5.66 -40.92 -19.55
C ASP C 389 -6.64 -41.65 -20.45
N LYS C 390 -6.13 -42.54 -21.29
CA LYS C 390 -6.99 -43.20 -22.26
C LYS C 390 -7.00 -44.69 -22.02
N PHE C 391 -8.08 -45.33 -22.45
CA PHE C 391 -8.20 -46.78 -22.53
C PHE C 391 -9.36 -47.14 -23.43
N ALA C 392 -9.41 -48.40 -23.84
CA ALA C 392 -10.50 -48.83 -24.69
C ALA C 392 -11.74 -49.12 -23.85
N ILE C 393 -12.86 -49.42 -24.50
CA ILE C 393 -14.14 -49.57 -23.83
C ILE C 393 -14.70 -50.95 -24.14
N PRO C 394 -15.03 -51.76 -23.14
CA PRO C 394 -15.82 -52.97 -23.39
C PRO C 394 -17.28 -52.62 -23.55
N ASN C 395 -17.91 -53.27 -24.52
CA ASN C 395 -19.10 -52.70 -25.13
C ASN C 395 -20.29 -52.70 -24.18
N ARG C 396 -20.54 -53.82 -23.52
CA ARG C 396 -21.74 -53.93 -22.71
C ARG C 396 -21.61 -53.24 -21.36
N ARG C 397 -20.42 -52.80 -20.99
CA ARG C 397 -20.22 -52.04 -19.76
C ARG C 397 -19.88 -50.58 -20.04
N ARG C 398 -20.30 -50.08 -21.21
CA ARG C 398 -20.03 -48.70 -21.57
C ARG C 398 -20.77 -47.73 -20.66
N ASP C 399 -21.93 -48.10 -20.15
CA ASP C 399 -22.70 -47.23 -19.28
C ASP C 399 -22.20 -47.19 -17.85
N ASP C 400 -21.07 -47.83 -17.57
CA ASP C 400 -20.45 -47.65 -16.26
C ASP C 400 -19.91 -46.24 -16.09
N LEU C 401 -19.60 -45.58 -17.21
CA LEU C 401 -18.78 -44.38 -17.24
C LEU C 401 -19.57 -43.09 -17.07
N GLN C 402 -20.78 -43.14 -16.53
CA GLN C 402 -21.51 -41.91 -16.28
C GLN C 402 -20.86 -41.19 -15.12
N LEU C 403 -20.84 -39.87 -15.19
CA LEU C 403 -19.95 -39.07 -14.36
C LEU C 403 -20.42 -39.09 -12.91
N GLY C 404 -19.81 -39.93 -12.10
CA GLY C 404 -20.15 -40.06 -10.69
C GLY C 404 -21.09 -41.21 -10.40
N SER C 405 -20.75 -42.40 -10.86
CA SER C 405 -21.64 -43.53 -10.82
C SER C 405 -21.04 -44.71 -10.06
N SER C 406 -21.86 -45.74 -9.91
CA SER C 406 -21.44 -47.02 -9.39
C SER C 406 -21.03 -47.91 -10.57
N GLY C 407 -20.90 -49.20 -10.33
CA GLY C 407 -20.65 -50.12 -11.41
C GLY C 407 -19.32 -50.80 -11.26
N PHE C 408 -18.84 -51.35 -12.37
CA PHE C 408 -17.58 -52.06 -12.35
C PHE C 408 -16.42 -51.12 -12.65
N LEU C 409 -16.51 -50.42 -13.78
CA LEU C 409 -15.35 -49.71 -14.31
C LEU C 409 -15.00 -48.49 -13.47
N GLN C 410 -15.99 -47.82 -12.91
CA GLN C 410 -15.65 -46.68 -12.11
C GLN C 410 -15.26 -47.04 -10.70
N SER C 411 -15.38 -48.31 -10.32
CA SER C 411 -15.14 -48.71 -8.94
C SER C 411 -13.92 -49.58 -8.78
N SER C 412 -13.60 -50.38 -9.78
CA SER C 412 -12.47 -51.28 -9.67
C SER C 412 -11.57 -51.22 -10.89
N ASN C 413 -11.73 -50.20 -11.74
CA ASN C 413 -10.75 -49.97 -12.80
C ASN C 413 -10.19 -48.56 -12.80
N TYR C 414 -11.06 -47.56 -12.90
CA TYR C 414 -10.60 -46.18 -13.06
C TYR C 414 -11.69 -45.27 -12.53
N LYS C 415 -11.46 -44.64 -11.39
CA LYS C 415 -12.50 -43.84 -10.76
C LYS C 415 -12.40 -42.41 -11.26
N ILE C 416 -13.40 -42.01 -12.05
CA ILE C 416 -13.43 -40.69 -12.67
C ILE C 416 -13.69 -39.67 -11.58
N ASP C 417 -12.71 -38.81 -11.30
CA ASP C 417 -12.84 -37.86 -10.20
C ASP C 417 -13.85 -36.77 -10.56
N ILE C 418 -14.70 -36.43 -9.61
CA ILE C 418 -15.83 -35.54 -9.87
C ILE C 418 -15.61 -34.22 -9.14
N SER C 419 -14.36 -33.82 -8.99
CA SER C 419 -14.04 -32.56 -8.33
C SER C 419 -13.25 -31.58 -9.18
N SER C 420 -12.27 -32.05 -9.96
CA SER C 420 -11.42 -31.15 -10.72
C SER C 420 -12.14 -30.68 -11.97
N SER C 421 -11.44 -29.93 -12.82
CA SER C 421 -12.03 -29.37 -14.02
C SER C 421 -11.76 -30.28 -15.21
N SER C 422 -12.15 -31.52 -15.06
CA SER C 422 -11.93 -32.53 -16.07
C SER C 422 -12.88 -32.34 -17.23
N CYS C 423 -12.54 -32.93 -18.37
CA CYS C 423 -13.41 -32.93 -19.53
C CYS C 423 -13.25 -34.24 -20.27
N GLN C 424 -14.34 -34.96 -20.48
CA GLN C 424 -14.31 -36.35 -20.90
C GLN C 424 -14.53 -36.46 -22.40
N LEU C 425 -13.78 -37.32 -23.05
CA LEU C 425 -13.86 -37.46 -24.49
C LEU C 425 -14.15 -38.90 -24.84
N TYR C 426 -15.03 -39.11 -25.82
CA TYR C 426 -15.41 -40.45 -26.28
C TYR C 426 -15.15 -40.50 -27.78
N TYR C 427 -14.08 -41.14 -28.20
CA TYR C 427 -13.78 -41.04 -29.61
C TYR C 427 -13.69 -42.40 -30.26
N SER C 428 -13.17 -42.48 -31.47
CA SER C 428 -13.17 -43.73 -32.19
C SER C 428 -11.81 -43.93 -32.83
N LEU C 429 -11.63 -45.09 -33.45
CA LEU C 429 -10.36 -45.43 -34.06
C LEU C 429 -10.55 -46.50 -35.13
N PRO C 430 -9.99 -46.32 -36.33
CA PRO C 430 -10.14 -47.35 -37.36
C PRO C 430 -9.30 -48.56 -37.02
N LEU C 431 -9.89 -49.73 -37.22
CA LEU C 431 -9.33 -51.00 -36.78
C LEU C 431 -8.47 -51.65 -37.83
N VAL C 432 -7.82 -50.87 -38.68
CA VAL C 432 -6.83 -51.44 -39.57
C VAL C 432 -5.64 -51.94 -38.77
N ASN C 433 -4.96 -51.04 -38.08
CA ASN C 433 -3.82 -51.39 -37.22
C ASN C 433 -4.18 -50.95 -35.81
N VAL C 434 -4.81 -51.83 -35.04
CA VAL C 434 -5.12 -51.57 -33.65
C VAL C 434 -4.78 -52.85 -32.89
N THR C 435 -3.85 -52.77 -31.97
CA THR C 435 -3.47 -53.94 -31.19
C THR C 435 -3.66 -53.58 -29.73
N ILE C 436 -4.76 -54.05 -29.16
CA ILE C 436 -5.05 -53.81 -27.76
C ILE C 436 -4.01 -54.53 -26.92
N ASN C 437 -3.25 -53.77 -26.15
CA ASN C 437 -2.35 -54.38 -25.19
C ASN C 437 -3.21 -54.82 -24.03
N ASN C 438 -2.97 -56.02 -23.53
CA ASN C 438 -3.73 -56.58 -22.42
C ASN C 438 -2.74 -57.20 -21.44
N PHE C 439 -2.30 -56.39 -20.50
CA PHE C 439 -1.22 -56.70 -19.59
C PHE C 439 -1.73 -56.57 -18.18
N ASN C 440 -1.19 -57.34 -17.28
CA ASN C 440 -1.75 -57.21 -15.94
C ASN C 440 -0.91 -56.28 -15.10
N PRO C 441 -1.49 -55.33 -14.39
CA PRO C 441 -0.69 -54.29 -13.73
C PRO C 441 -0.21 -54.63 -12.33
N SER C 442 -0.60 -55.78 -11.77
CA SER C 442 -0.28 -56.09 -10.38
C SER C 442 1.07 -56.77 -10.28
N SER C 443 1.75 -56.53 -9.17
CA SER C 443 3.03 -57.18 -8.94
C SER C 443 2.81 -58.62 -8.46
N TRP C 444 1.96 -58.81 -7.47
CA TRP C 444 1.84 -60.11 -6.82
C TRP C 444 0.99 -61.10 -7.58
N ASN C 445 0.57 -60.81 -8.81
CA ASN C 445 0.06 -61.87 -9.65
C ASN C 445 1.09 -62.34 -10.66
N ARG C 446 1.89 -61.43 -11.18
CA ARG C 446 3.01 -61.84 -12.00
C ARG C 446 4.13 -62.45 -11.17
N ARG C 447 4.13 -62.23 -9.86
CA ARG C 447 5.09 -62.91 -9.02
C ARG C 447 4.71 -64.37 -8.84
N TYR C 448 3.41 -64.68 -8.86
CA TYR C 448 2.94 -66.05 -8.73
C TYR C 448 2.47 -66.60 -10.06
N GLY C 449 3.13 -66.24 -11.15
CA GLY C 449 2.87 -66.88 -12.41
C GLY C 449 1.59 -66.48 -13.07
N PHE C 450 1.40 -65.19 -13.32
CA PHE C 450 0.40 -64.75 -14.28
C PHE C 450 1.10 -64.46 -15.59
N GLY C 451 0.75 -65.22 -16.62
CA GLY C 451 1.40 -65.03 -17.89
C GLY C 451 0.63 -64.06 -18.76
N SER C 452 -0.63 -64.37 -19.03
CA SER C 452 -1.48 -63.56 -19.90
C SER C 452 -2.92 -64.02 -19.75
N PHE C 453 -3.79 -63.34 -20.46
CA PHE C 453 -5.16 -63.77 -20.69
C PHE C 453 -5.21 -64.41 -22.07
N ASN C 454 -6.15 -65.34 -22.27
CA ASN C 454 -6.56 -65.69 -23.62
C ASN C 454 -7.88 -65.00 -23.87
N VAL C 455 -7.81 -63.91 -24.63
CA VAL C 455 -8.99 -63.33 -25.24
C VAL C 455 -8.72 -63.29 -26.74
N SER C 456 -9.64 -62.73 -27.51
CA SER C 456 -9.50 -62.67 -28.95
C SER C 456 -8.54 -61.56 -29.36
N SER C 457 -8.60 -61.17 -30.64
CA SER C 457 -7.74 -60.07 -31.08
C SER C 457 -8.24 -58.71 -30.57
N TYR C 458 -9.54 -58.56 -30.36
CA TYR C 458 -10.09 -57.24 -30.04
C TYR C 458 -11.05 -57.31 -28.86
N ASP C 459 -10.62 -57.93 -27.77
CA ASP C 459 -11.42 -57.98 -26.56
C ASP C 459 -10.65 -57.35 -25.41
N VAL C 460 -11.32 -56.52 -24.62
CA VAL C 460 -10.68 -55.74 -23.56
C VAL C 460 -11.08 -56.30 -22.21
N VAL C 461 -10.09 -56.61 -21.40
CA VAL C 461 -10.30 -57.33 -20.16
C VAL C 461 -10.51 -56.36 -19.03
N TYR C 462 -11.74 -56.17 -18.60
CA TYR C 462 -12.03 -55.30 -17.48
C TYR C 462 -12.04 -56.10 -16.19
N SER C 463 -12.45 -55.47 -15.11
CA SER C 463 -12.38 -56.12 -13.81
C SER C 463 -13.72 -56.08 -13.09
N ASP C 464 -13.89 -56.98 -12.12
CA ASP C 464 -15.09 -57.06 -11.30
C ASP C 464 -14.82 -56.75 -9.84
N HIS C 465 -13.86 -57.44 -9.24
CA HIS C 465 -13.45 -57.19 -7.88
C HIS C 465 -11.94 -57.06 -7.87
N CYS C 466 -11.41 -56.29 -6.92
CA CYS C 466 -9.98 -56.02 -6.89
C CYS C 466 -9.48 -56.17 -5.46
N PHE C 467 -8.82 -57.27 -5.19
CA PHE C 467 -8.44 -57.66 -3.85
C PHE C 467 -7.00 -57.26 -3.59
N SER C 468 -6.72 -56.81 -2.36
CA SER C 468 -5.40 -56.34 -1.98
C SER C 468 -4.79 -57.23 -0.91
N VAL C 469 -3.52 -57.62 -1.10
CA VAL C 469 -2.80 -58.43 -0.13
C VAL C 469 -1.63 -57.63 0.41
N ASN C 470 -0.98 -58.21 1.40
CA ASN C 470 0.19 -57.60 2.02
C ASN C 470 1.43 -58.01 1.24
N SER C 471 2.61 -57.77 1.82
CA SER C 471 3.85 -58.08 1.11
C SER C 471 4.33 -59.51 1.37
N ASP C 472 3.86 -60.12 2.45
CA ASP C 472 4.31 -61.44 2.87
C ASP C 472 3.33 -62.53 2.47
N PHE C 473 2.51 -62.24 1.46
CA PHE C 473 1.45 -63.15 1.08
C PHE C 473 2.02 -64.38 0.40
N CYS C 474 1.39 -65.53 0.65
CA CYS C 474 1.77 -66.74 -0.05
C CYS C 474 0.57 -67.66 -0.20
N PRO C 475 0.03 -67.82 -1.41
CA PRO C 475 -1.23 -68.54 -1.58
C PRO C 475 -1.12 -70.05 -1.62
N CYS C 476 0.01 -70.62 -1.25
CA CYS C 476 0.13 -72.06 -1.13
C CYS C 476 0.05 -72.50 0.32
N ALA C 477 -0.38 -73.74 0.53
CA ALA C 477 -0.48 -74.27 1.88
C ALA C 477 0.89 -74.65 2.40
N ASP C 478 0.93 -75.13 3.65
CA ASP C 478 2.17 -75.47 4.31
C ASP C 478 2.45 -76.96 4.13
N PRO C 479 3.50 -77.35 3.41
CA PRO C 479 3.68 -78.76 3.08
C PRO C 479 4.25 -79.60 4.21
N SER C 480 4.98 -78.99 5.13
CA SER C 480 5.51 -79.75 6.26
C SER C 480 4.46 -79.98 7.36
N VAL C 481 3.25 -79.48 7.18
CA VAL C 481 2.14 -79.66 8.11
C VAL C 481 1.12 -80.59 7.46
N VAL C 482 0.97 -80.46 6.15
CA VAL C 482 -0.17 -81.01 5.43
C VAL C 482 -0.13 -82.53 5.26
N ASN C 483 1.01 -83.17 5.54
CA ASN C 483 1.14 -84.59 5.23
C ASN C 483 0.29 -85.45 6.16
N SER C 484 0.15 -85.03 7.41
CA SER C 484 -0.66 -85.77 8.38
C SER C 484 -2.15 -85.51 8.23
N CYS C 485 -2.56 -84.53 7.42
CA CYS C 485 -3.96 -84.39 7.07
C CYS C 485 -4.42 -85.56 6.23
N VAL C 486 -5.71 -85.88 6.32
CA VAL C 486 -6.30 -86.89 5.47
C VAL C 486 -7.49 -86.29 4.72
N LYS C 487 -8.43 -85.75 5.48
CA LYS C 487 -9.62 -85.13 4.90
C LYS C 487 -9.42 -83.67 4.53
N SER C 488 -9.89 -83.32 3.33
CA SER C 488 -9.81 -81.97 2.79
C SER C 488 -8.38 -81.49 2.62
N LYS C 489 -7.46 -82.39 2.34
CA LYS C 489 -6.04 -82.06 2.27
C LYS C 489 -5.75 -81.27 1.00
N PRO C 490 -5.17 -80.08 1.10
CA PRO C 490 -4.93 -79.26 -0.08
C PRO C 490 -3.56 -79.50 -0.70
N LEU C 491 -3.40 -78.96 -1.91
CA LEU C 491 -2.09 -78.87 -2.53
C LEU C 491 -1.23 -77.83 -1.80
N SER C 492 0.08 -77.91 -2.00
CA SER C 492 0.98 -76.97 -1.37
C SER C 492 2.29 -76.93 -2.14
N ALA C 493 3.15 -76.00 -1.74
CA ALA C 493 4.53 -75.90 -2.20
C ALA C 493 5.29 -75.09 -1.16
N ILE C 494 6.55 -74.78 -1.43
CA ILE C 494 7.37 -73.98 -0.54
C ILE C 494 7.29 -72.52 -0.96
N CYS C 495 7.02 -71.64 -0.01
CA CYS C 495 6.93 -70.23 -0.31
C CYS C 495 8.32 -69.65 -0.56
N PRO C 496 8.41 -68.56 -1.32
CA PRO C 496 9.64 -67.78 -1.36
C PRO C 496 9.94 -67.14 -0.01
N ALA C 497 11.14 -66.57 0.08
CA ALA C 497 11.71 -66.18 1.36
C ALA C 497 10.95 -65.01 1.98
N GLY C 498 10.55 -65.19 3.25
CA GLY C 498 9.83 -64.18 3.98
C GLY C 498 8.33 -64.21 3.84
N THR C 499 7.82 -64.79 2.75
CA THR C 499 6.38 -64.89 2.55
C THR C 499 5.83 -65.94 3.49
N LYS C 500 5.06 -65.48 4.48
CA LYS C 500 4.55 -66.38 5.50
C LYS C 500 3.50 -67.30 4.92
N TYR C 501 3.37 -68.48 5.53
CA TYR C 501 2.57 -69.53 4.94
C TYR C 501 1.08 -69.25 5.08
N ARG C 502 0.30 -70.06 4.37
CA ARG C 502 -1.13 -70.05 4.56
C ARG C 502 -1.48 -70.81 5.82
N HIS C 503 -2.46 -70.29 6.57
CA HIS C 503 -2.81 -70.87 7.86
C HIS C 503 -3.76 -72.05 7.65
N CYS C 504 -3.27 -73.25 7.92
CA CYS C 504 -4.03 -74.48 7.72
C CYS C 504 -4.04 -75.29 9.00
N ASP C 505 -5.23 -75.70 9.44
CA ASP C 505 -5.37 -76.48 10.65
C ASP C 505 -5.70 -77.92 10.32
N LEU C 506 -5.32 -78.82 11.24
CA LEU C 506 -5.71 -80.21 11.22
C LEU C 506 -6.70 -80.53 12.34
N ASP C 507 -7.68 -79.68 12.55
CA ASP C 507 -8.53 -79.76 13.74
C ASP C 507 -9.43 -80.97 13.72
N THR C 508 -10.16 -81.18 14.82
CA THR C 508 -10.70 -82.49 15.10
C THR C 508 -12.20 -82.56 14.82
N THR C 509 -12.60 -83.58 14.07
CA THR C 509 -14.02 -83.86 13.87
C THR C 509 -14.59 -84.60 15.07
N LEU C 510 -15.77 -85.16 14.86
CA LEU C 510 -16.38 -86.01 15.88
C LEU C 510 -15.61 -87.30 16.06
N TYR C 511 -15.03 -87.82 14.98
CA TYR C 511 -14.20 -89.01 15.09
C TYR C 511 -12.83 -88.79 14.46
N VAL C 512 -12.77 -88.20 13.26
CA VAL C 512 -11.48 -88.01 12.60
C VAL C 512 -10.73 -86.88 13.26
N ASN C 513 -9.43 -87.08 13.44
CA ASN C 513 -8.61 -86.17 14.22
C ASN C 513 -7.74 -85.25 13.38
N ASN C 514 -7.29 -85.68 12.23
CA ASN C 514 -6.43 -84.86 11.38
C ASN C 514 -7.15 -84.67 10.04
N TRP C 515 -8.03 -83.69 10.01
CA TRP C 515 -8.76 -83.32 8.81
C TRP C 515 -8.47 -81.85 8.55
N CYS C 516 -8.17 -81.51 7.30
CA CYS C 516 -7.58 -80.22 7.02
C CYS C 516 -8.66 -79.16 6.99
N ARG C 517 -8.38 -78.01 7.62
CA ARG C 517 -9.19 -76.82 7.40
C ARG C 517 -8.31 -75.58 7.50
N CYS C 518 -8.20 -74.88 6.36
CA CYS C 518 -7.45 -73.66 6.16
C CYS C 518 -8.41 -72.48 6.12
N SER C 519 -7.91 -71.33 5.69
CA SER C 519 -8.73 -70.15 5.45
C SER C 519 -9.01 -69.99 3.95
N CYS C 520 -9.80 -68.96 3.64
CA CYS C 520 -10.22 -68.57 2.28
C CYS C 520 -10.99 -69.69 1.58
N LEU C 521 -12.16 -69.98 2.13
CA LEU C 521 -13.00 -70.94 1.47
C LEU C 521 -14.37 -70.34 1.19
N PRO C 522 -14.99 -70.67 0.04
CA PRO C 522 -14.51 -71.49 -1.06
C PRO C 522 -13.64 -70.72 -2.04
N ASP C 523 -14.01 -69.47 -2.27
CA ASP C 523 -13.25 -68.52 -3.06
C ASP C 523 -13.42 -67.15 -2.41
N PRO C 524 -12.41 -66.29 -2.48
CA PRO C 524 -12.48 -65.03 -1.71
C PRO C 524 -13.51 -64.05 -2.22
N ILE C 525 -14.08 -64.29 -3.40
CA ILE C 525 -15.26 -63.54 -3.85
C ILE C 525 -16.41 -63.75 -2.87
N SER C 526 -16.63 -64.99 -2.47
CA SER C 526 -17.75 -65.40 -1.63
C SER C 526 -17.28 -66.21 -0.45
N THR C 527 -16.31 -65.68 0.29
CA THR C 527 -15.85 -66.39 1.47
C THR C 527 -16.89 -66.33 2.58
N TYR C 528 -16.85 -67.34 3.42
CA TYR C 528 -17.78 -67.41 4.54
C TYR C 528 -17.31 -66.56 5.70
N SER C 529 -16.01 -66.53 5.93
CA SER C 529 -15.41 -65.70 6.98
C SER C 529 -14.58 -64.62 6.31
N PRO C 530 -15.14 -63.43 6.08
CA PRO C 530 -14.38 -62.40 5.38
C PRO C 530 -13.34 -61.73 6.24
N ASN C 531 -13.40 -61.90 7.55
CA ASN C 531 -12.47 -61.24 8.45
C ASN C 531 -11.18 -62.04 8.65
N THR C 532 -10.93 -63.03 7.81
CA THR C 532 -9.75 -63.87 8.03
C THR C 532 -8.95 -64.19 6.79
N CYS C 533 -9.51 -64.12 5.60
CA CYS C 533 -8.72 -64.35 4.40
C CYS C 533 -7.82 -63.13 4.19
N PRO C 534 -6.55 -63.34 3.79
CA PRO C 534 -5.67 -62.18 3.59
C PRO C 534 -6.05 -61.31 2.40
N GLN C 535 -6.67 -61.88 1.38
CA GLN C 535 -7.08 -61.10 0.23
C GLN C 535 -8.26 -60.23 0.62
N LYS C 536 -7.99 -58.98 0.98
CA LYS C 536 -9.04 -58.07 1.38
C LYS C 536 -9.60 -57.36 0.15
N LYS C 537 -10.92 -57.29 0.06
CA LYS C 537 -11.56 -56.62 -1.07
C LYS C 537 -11.55 -55.12 -0.87
N VAL C 538 -10.95 -54.39 -1.80
CA VAL C 538 -10.90 -52.94 -1.72
C VAL C 538 -11.43 -52.34 -3.02
N VAL C 539 -11.95 -51.13 -2.88
CA VAL C 539 -12.45 -50.34 -4.00
C VAL C 539 -11.35 -49.43 -4.47
N VAL C 540 -11.19 -49.29 -5.78
CA VAL C 540 -10.06 -48.56 -6.33
C VAL C 540 -10.30 -47.07 -6.19
N GLY C 541 -9.22 -46.31 -6.12
CA GLY C 541 -9.28 -44.90 -5.82
C GLY C 541 -9.07 -44.02 -7.04
N ILE C 542 -8.92 -42.73 -6.77
CA ILE C 542 -8.71 -41.78 -7.86
C ILE C 542 -7.27 -41.91 -8.32
N GLY C 543 -7.07 -42.39 -9.54
CA GLY C 543 -5.74 -42.50 -10.08
C GLY C 543 -4.95 -43.65 -9.50
N GLU C 544 -5.56 -44.82 -9.41
CA GLU C 544 -4.86 -46.02 -8.99
C GLU C 544 -5.20 -47.13 -9.97
N HIS C 545 -4.42 -48.20 -9.94
CA HIS C 545 -4.75 -49.37 -10.72
C HIS C 545 -5.45 -50.40 -9.84
N CYS C 546 -6.10 -51.35 -10.48
CA CYS C 546 -6.68 -52.49 -9.75
C CYS C 546 -5.57 -53.35 -9.18
N PRO C 547 -5.45 -53.44 -7.85
CA PRO C 547 -4.21 -53.95 -7.24
C PRO C 547 -4.00 -55.44 -7.35
N GLY C 548 -4.85 -56.18 -8.05
CA GLY C 548 -4.62 -57.59 -8.23
C GLY C 548 -5.91 -58.37 -8.42
N LEU C 549 -5.90 -59.29 -9.36
CA LEU C 549 -7.01 -60.22 -9.48
C LEU C 549 -7.03 -61.14 -8.27
N GLY C 550 -8.21 -61.68 -7.95
CA GLY C 550 -8.29 -62.61 -6.85
C GLY C 550 -7.76 -63.98 -7.25
N ILE C 551 -7.08 -64.62 -6.30
CA ILE C 551 -6.61 -65.99 -6.47
C ILE C 551 -7.51 -66.93 -5.70
N ASN C 552 -8.05 -67.92 -6.39
CA ASN C 552 -8.66 -69.04 -5.70
C ASN C 552 -7.56 -69.81 -4.99
N GLU C 553 -7.67 -69.96 -3.69
CA GLU C 553 -6.55 -70.48 -2.92
C GLU C 553 -6.37 -71.98 -3.05
N GLU C 554 -7.13 -72.68 -3.86
CA GLU C 554 -7.04 -74.13 -3.89
C GLU C 554 -6.76 -74.67 -5.28
N LYS C 555 -6.05 -73.89 -6.08
CA LYS C 555 -5.46 -74.42 -7.30
C LYS C 555 -4.01 -74.01 -7.41
N CYS C 556 -3.39 -73.63 -6.30
CA CYS C 556 -2.02 -73.13 -6.26
C CYS C 556 -1.12 -74.17 -5.62
N GLY C 557 -0.65 -75.13 -6.42
CA GLY C 557 0.29 -76.09 -5.88
C GLY C 557 0.20 -77.48 -6.48
N THR C 558 1.04 -78.38 -5.99
CA THR C 558 1.10 -79.76 -6.43
C THR C 558 1.31 -80.63 -5.20
N GLN C 559 1.69 -81.89 -5.42
CA GLN C 559 1.86 -82.86 -4.35
C GLN C 559 3.31 -83.28 -4.15
N LEU C 560 4.00 -83.70 -5.21
CA LEU C 560 5.29 -84.35 -5.04
C LEU C 560 6.43 -83.33 -4.93
N ASN C 561 6.64 -82.54 -5.97
CA ASN C 561 7.74 -81.58 -5.98
C ASN C 561 7.23 -80.26 -5.44
N HIS C 562 7.37 -80.06 -4.13
CA HIS C 562 7.03 -78.79 -3.50
C HIS C 562 8.13 -77.80 -3.86
N SER C 563 7.98 -77.16 -5.02
CA SER C 563 8.96 -76.18 -5.48
C SER C 563 8.66 -74.83 -4.85
N SER C 564 9.24 -73.78 -5.41
CA SER C 564 8.79 -72.43 -5.10
C SER C 564 7.30 -72.30 -5.44
N CYS C 565 6.56 -71.66 -4.55
CA CYS C 565 5.10 -71.64 -4.59
C CYS C 565 4.62 -70.86 -5.81
N SER C 566 4.05 -71.56 -6.78
CA SER C 566 3.47 -70.95 -7.96
C SER C 566 1.97 -71.22 -7.95
N CYS C 567 1.31 -70.87 -9.05
CA CYS C 567 -0.13 -71.09 -9.18
C CYS C 567 -0.44 -71.55 -10.60
N SER C 568 -1.71 -71.51 -10.95
CA SER C 568 -2.20 -72.18 -12.13
C SER C 568 -3.23 -71.32 -12.83
N PRO C 569 -3.30 -71.35 -14.17
CA PRO C 569 -3.93 -70.24 -14.91
C PRO C 569 -5.43 -70.15 -14.75
N ASP C 570 -6.06 -71.22 -14.31
CA ASP C 570 -7.49 -71.21 -14.04
C ASP C 570 -7.85 -70.52 -12.74
N ALA C 571 -6.87 -70.27 -11.88
CA ALA C 571 -7.16 -69.87 -10.51
C ALA C 571 -7.35 -68.37 -10.34
N PHE C 572 -6.97 -67.56 -11.31
CA PHE C 572 -7.15 -66.11 -11.21
C PHE C 572 -8.54 -65.78 -11.68
N LEU C 573 -9.37 -65.27 -10.78
CA LEU C 573 -10.77 -65.05 -11.06
C LEU C 573 -11.19 -63.64 -10.69
N GLY C 574 -12.13 -63.11 -11.46
CA GLY C 574 -12.66 -61.80 -11.19
C GLY C 574 -12.58 -60.87 -12.38
N TRP C 575 -12.34 -61.42 -13.56
CA TRP C 575 -12.25 -60.61 -14.76
C TRP C 575 -13.15 -61.17 -15.84
N SER C 576 -13.66 -60.29 -16.67
CA SER C 576 -14.40 -60.67 -17.86
C SER C 576 -13.99 -59.70 -18.96
N PHE C 577 -14.72 -59.70 -20.07
CA PHE C 577 -14.35 -58.82 -21.15
C PHE C 577 -15.56 -58.54 -22.00
N ASP C 578 -15.36 -57.80 -23.09
CA ASP C 578 -16.20 -57.83 -24.27
C ASP C 578 -15.42 -57.23 -25.43
N SER C 579 -16.07 -57.14 -26.58
CA SER C 579 -15.39 -56.62 -27.75
C SER C 579 -15.62 -55.12 -27.87
N CYS C 580 -14.57 -54.41 -28.24
CA CYS C 580 -14.71 -52.96 -28.35
C CYS C 580 -15.38 -52.54 -29.64
N ILE C 581 -15.33 -53.39 -30.66
CA ILE C 581 -15.72 -53.02 -32.02
C ILE C 581 -17.21 -52.78 -32.09
N SER C 582 -17.59 -51.55 -32.40
CA SER C 582 -18.95 -51.18 -32.73
C SER C 582 -18.88 -50.17 -33.87
N ASN C 583 -19.76 -50.35 -34.87
CA ASN C 583 -19.78 -49.57 -36.11
C ASN C 583 -18.44 -49.62 -36.83
N ASN C 584 -17.82 -50.81 -36.83
CA ASN C 584 -16.54 -51.07 -37.50
C ASN C 584 -15.41 -50.18 -37.00
N ARG C 585 -15.46 -49.81 -35.73
CA ARG C 585 -14.53 -48.82 -35.16
C ARG C 585 -14.39 -49.05 -33.66
N CYS C 586 -13.19 -49.36 -33.19
CA CYS C 586 -13.00 -49.67 -31.79
C CYS C 586 -13.11 -48.40 -30.97
N ASN C 587 -14.21 -48.24 -30.25
CA ASN C 587 -14.45 -47.08 -29.41
C ASN C 587 -13.44 -47.01 -28.27
N ILE C 588 -13.24 -45.81 -27.74
CA ILE C 588 -12.19 -45.54 -26.77
C ILE C 588 -12.65 -44.39 -25.88
N PHE C 589 -12.50 -44.52 -24.57
CA PHE C 589 -12.71 -43.44 -23.63
C PHE C 589 -11.39 -42.75 -23.40
N SER C 590 -11.43 -41.46 -23.08
CA SER C 590 -10.20 -40.76 -22.72
C SER C 590 -10.53 -39.55 -21.87
N ASN C 591 -9.89 -39.45 -20.73
CA ASN C 591 -10.13 -38.36 -19.80
C ASN C 591 -9.12 -37.27 -20.03
N PHE C 592 -9.43 -36.08 -19.53
CA PHE C 592 -8.52 -34.93 -19.51
C PHE C 592 -8.59 -34.34 -18.12
N ILE C 593 -7.52 -33.75 -17.62
CA ILE C 593 -7.57 -33.07 -16.34
C ILE C 593 -6.84 -31.76 -16.49
N PHE C 594 -7.54 -30.65 -16.30
CA PHE C 594 -6.97 -29.34 -16.54
C PHE C 594 -6.55 -28.70 -15.22
N ASN C 595 -5.46 -29.17 -14.63
CA ASN C 595 -5.11 -28.70 -13.29
C ASN C 595 -4.30 -27.40 -13.34
N GLY C 596 -4.50 -26.57 -12.31
CA GLY C 596 -3.76 -25.33 -12.17
C GLY C 596 -4.15 -24.29 -13.19
N ILE C 597 -5.33 -23.74 -13.07
CA ILE C 597 -5.86 -22.87 -14.11
C ILE C 597 -5.39 -21.45 -13.89
N ASN C 598 -5.23 -20.72 -15.01
CA ASN C 598 -4.99 -19.28 -15.08
C ASN C 598 -3.66 -18.87 -14.48
N SER C 599 -2.68 -19.77 -14.44
CA SER C 599 -1.33 -19.41 -14.01
C SER C 599 -0.36 -20.43 -14.59
N GLY C 600 0.29 -20.09 -15.69
CA GLY C 600 1.27 -20.99 -16.23
C GLY C 600 1.41 -20.84 -17.72
N THR C 601 1.95 -21.88 -18.34
CA THR C 601 2.45 -21.83 -19.69
C THR C 601 1.64 -22.61 -20.70
N THR C 602 0.98 -23.69 -20.30
CA THR C 602 0.28 -24.56 -21.25
C THR C 602 -0.96 -23.84 -21.75
N CYS C 603 -0.77 -23.00 -22.74
CA CYS C 603 -1.79 -22.05 -23.15
C CYS C 603 -2.54 -22.54 -24.37
N SER C 604 -3.82 -22.22 -24.45
CA SER C 604 -4.65 -22.62 -25.57
C SER C 604 -4.61 -21.59 -26.69
N ASN C 605 -4.03 -21.97 -27.83
CA ASN C 605 -3.92 -21.08 -28.97
C ASN C 605 -5.18 -21.09 -29.83
N ASP C 606 -6.06 -20.11 -29.60
CA ASP C 606 -7.30 -20.00 -30.35
C ASP C 606 -7.80 -18.56 -30.38
N LEU C 607 -6.96 -17.64 -29.95
CA LEU C 607 -7.31 -16.22 -29.92
C LEU C 607 -6.28 -15.38 -30.65
N LEU C 608 -5.07 -15.91 -30.77
CA LEU C 608 -3.99 -15.21 -31.46
C LEU C 608 -3.81 -15.73 -32.88
N TYR C 609 -4.58 -15.18 -33.81
CA TYR C 609 -4.51 -15.58 -35.20
C TYR C 609 -3.27 -15.01 -35.88
N SER C 610 -2.56 -15.86 -36.63
CA SER C 610 -1.36 -15.44 -37.33
C SER C 610 -1.51 -15.73 -38.81
N ASN C 611 -2.62 -15.26 -39.36
CA ASN C 611 -3.05 -15.61 -40.72
C ASN C 611 -2.19 -14.93 -41.78
N THR C 612 -2.65 -15.02 -43.02
CA THR C 612 -1.96 -14.50 -44.20
C THR C 612 -2.44 -13.12 -44.57
N GLU C 613 -2.77 -12.30 -43.56
CA GLU C 613 -3.51 -11.06 -43.72
C GLU C 613 -2.63 -9.87 -44.13
N VAL C 614 -1.50 -10.12 -44.79
CA VAL C 614 -0.64 -9.04 -45.24
C VAL C 614 -1.17 -8.47 -46.54
N SER C 615 -1.99 -7.43 -46.45
CA SER C 615 -2.58 -6.76 -47.60
C SER C 615 -1.94 -5.38 -47.73
N THR C 616 -1.70 -4.96 -48.96
CA THR C 616 -1.07 -3.67 -49.20
C THR C 616 -2.11 -2.55 -49.25
N GLY C 617 -1.59 -1.32 -49.21
CA GLY C 617 -2.37 -0.13 -49.51
C GLY C 617 -3.40 0.28 -48.50
N VAL C 618 -3.25 -0.08 -47.23
CA VAL C 618 -4.21 0.27 -46.20
C VAL C 618 -3.48 0.56 -44.91
N CYS C 619 -3.87 1.66 -44.27
CA CYS C 619 -3.35 2.02 -42.96
C CYS C 619 -3.91 1.05 -41.93
N VAL C 620 -3.08 0.09 -41.50
CA VAL C 620 -3.48 -0.97 -40.59
C VAL C 620 -2.51 -1.00 -39.43
N ASN C 621 -2.98 -1.52 -38.30
CA ASN C 621 -2.09 -1.74 -37.18
C ASN C 621 -1.23 -2.97 -37.41
N TYR C 622 -0.24 -3.15 -36.55
CA TYR C 622 0.58 -4.34 -36.56
C TYR C 622 1.24 -4.53 -35.21
N ASP C 623 1.45 -5.79 -34.85
CA ASP C 623 2.29 -6.21 -33.72
C ASP C 623 3.23 -7.25 -34.31
N LEU C 624 4.33 -6.79 -34.91
CA LEU C 624 5.28 -7.66 -35.59
C LEU C 624 6.44 -7.94 -34.65
N TYR C 625 6.54 -9.19 -34.22
CA TYR C 625 7.67 -9.72 -33.42
C TYR C 625 7.88 -8.95 -32.12
N GLY C 626 6.82 -8.36 -31.57
CA GLY C 626 6.89 -7.57 -30.38
C GLY C 626 6.71 -6.09 -30.59
N ILE C 627 6.92 -5.59 -31.79
CA ILE C 627 6.89 -4.15 -32.06
C ILE C 627 5.54 -3.76 -32.62
N THR C 628 4.90 -2.77 -32.00
CA THR C 628 3.58 -2.29 -32.41
C THR C 628 3.73 -1.09 -33.33
N GLY C 629 2.66 -0.82 -34.08
CA GLY C 629 2.66 0.35 -34.93
C GLY C 629 1.48 0.33 -35.88
N GLN C 630 1.41 1.37 -36.73
CA GLN C 630 0.41 1.45 -37.79
C GLN C 630 1.05 2.00 -39.05
N GLY C 631 0.62 1.49 -40.19
CA GLY C 631 1.28 1.85 -41.43
C GLY C 631 0.65 1.20 -42.64
N ILE C 632 1.38 1.26 -43.75
CA ILE C 632 0.93 0.80 -45.05
C ILE C 632 2.02 -0.08 -45.64
N PHE C 633 1.70 -1.34 -45.92
CA PHE C 633 2.72 -2.29 -46.36
C PHE C 633 2.81 -2.33 -47.86
N LYS C 634 3.95 -2.79 -48.36
CA LYS C 634 4.18 -2.93 -49.79
C LYS C 634 5.21 -4.02 -50.03
N GLU C 635 4.91 -4.94 -50.94
CA GLU C 635 5.84 -6.02 -51.26
C GLU C 635 7.04 -5.49 -52.04
N VAL C 636 8.23 -5.92 -51.64
CA VAL C 636 9.46 -5.47 -52.26
C VAL C 636 10.32 -6.69 -52.53
N SER C 637 11.26 -6.54 -53.47
CA SER C 637 12.23 -7.57 -53.79
C SER C 637 13.49 -7.32 -52.97
N ALA C 638 13.51 -7.81 -51.74
CA ALA C 638 14.62 -7.63 -50.83
C ALA C 638 15.49 -8.88 -50.78
N ALA C 639 16.77 -8.68 -50.51
CA ALA C 639 17.70 -9.80 -50.37
C ALA C 639 18.65 -9.62 -49.20
N TYR C 640 18.59 -8.50 -48.48
CA TYR C 640 19.56 -8.16 -47.45
C TYR C 640 19.30 -8.83 -46.11
N TYR C 641 18.28 -9.68 -46.01
CA TYR C 641 18.03 -10.40 -44.78
C TYR C 641 18.98 -11.57 -44.64
N ASN C 642 19.15 -12.03 -43.41
CA ASN C 642 19.77 -13.31 -43.14
C ASN C 642 18.74 -14.18 -42.43
N ASN C 643 19.16 -15.34 -41.96
CA ASN C 643 18.25 -16.33 -41.39
C ASN C 643 18.01 -16.13 -39.90
N TRP C 644 18.18 -14.92 -39.41
CA TRP C 644 17.99 -14.63 -37.99
C TRP C 644 17.39 -13.25 -37.77
N GLN C 645 17.06 -12.51 -38.84
CA GLN C 645 16.55 -11.16 -38.77
C GLN C 645 15.16 -11.11 -39.40
N ASN C 646 14.29 -10.28 -38.85
CA ASN C 646 12.95 -10.12 -39.40
C ASN C 646 12.48 -8.69 -39.49
N LEU C 647 13.24 -7.72 -39.02
CA LEU C 647 12.84 -6.33 -39.06
C LEU C 647 13.95 -5.49 -39.68
N LEU C 648 13.55 -4.38 -40.30
CA LEU C 648 14.50 -3.44 -40.88
C LEU C 648 14.33 -2.08 -40.22
N TYR C 649 15.44 -1.50 -39.79
CA TYR C 649 15.43 -0.24 -39.08
C TYR C 649 16.32 0.76 -39.80
N ASP C 650 16.04 2.04 -39.59
CA ASP C 650 16.96 3.11 -39.97
C ASP C 650 17.57 3.69 -38.70
N SER C 651 18.55 4.56 -38.90
CA SER C 651 19.35 5.07 -37.79
C SER C 651 18.56 5.94 -36.82
N ASN C 652 17.44 6.51 -37.24
CA ASN C 652 16.70 7.43 -36.37
C ASN C 652 15.92 6.69 -35.30
N GLY C 653 15.48 5.47 -35.58
CA GLY C 653 14.76 4.70 -34.59
C GLY C 653 13.46 4.10 -35.09
N ASN C 654 13.19 4.23 -36.39
CA ASN C 654 11.94 3.76 -36.96
C ASN C 654 12.11 2.39 -37.59
N ILE C 655 11.00 1.68 -37.75
CA ILE C 655 10.99 0.40 -38.46
C ILE C 655 10.41 0.63 -39.85
N ILE C 656 11.16 0.26 -40.87
CA ILE C 656 10.82 0.61 -42.26
C ILE C 656 10.67 -0.60 -43.17
N GLY C 657 11.14 -1.79 -42.78
CA GLY C 657 10.86 -2.99 -43.54
C GLY C 657 10.76 -4.19 -42.64
N PHE C 658 10.13 -5.25 -43.15
CA PHE C 658 9.96 -6.47 -42.36
C PHE C 658 9.81 -7.65 -43.31
N LYS C 659 9.87 -8.85 -42.74
CA LYS C 659 9.64 -10.09 -43.48
C LYS C 659 8.82 -11.03 -42.62
N ASP C 660 7.69 -11.50 -43.15
CA ASP C 660 6.88 -12.50 -42.45
C ASP C 660 7.54 -13.86 -42.59
N PHE C 661 7.71 -14.55 -41.45
CA PHE C 661 8.35 -15.86 -41.44
C PHE C 661 7.44 -16.99 -41.86
N LEU C 662 6.20 -16.70 -42.26
CA LEU C 662 5.26 -17.73 -42.66
C LEU C 662 5.16 -17.91 -44.17
N THR C 663 5.54 -16.90 -44.95
CA THR C 663 5.46 -16.96 -46.41
C THR C 663 6.75 -16.57 -47.10
N ASN C 664 7.78 -16.14 -46.35
CA ASN C 664 9.06 -15.64 -46.86
C ASN C 664 8.89 -14.50 -47.86
N LYS C 665 8.02 -13.55 -47.51
CA LYS C 665 7.78 -12.38 -48.33
C LYS C 665 8.25 -11.14 -47.59
N THR C 666 8.96 -10.27 -48.30
CA THR C 666 9.58 -9.10 -47.72
C THR C 666 8.83 -7.84 -48.11
N TYR C 667 8.66 -6.94 -47.15
CA TYR C 667 7.82 -5.76 -47.33
C TYR C 667 8.55 -4.54 -46.81
N THR C 668 8.17 -3.38 -47.33
CA THR C 668 8.48 -2.10 -46.74
C THR C 668 7.22 -1.47 -46.19
N ILE C 669 7.40 -0.51 -45.29
CA ILE C 669 6.31 0.19 -44.62
C ILE C 669 6.40 1.66 -44.97
N LEU C 670 5.27 2.25 -45.34
CA LEU C 670 5.12 3.68 -45.51
C LEU C 670 4.16 4.20 -44.46
N PRO C 671 4.37 5.41 -43.94
CA PRO C 671 3.45 5.97 -42.96
C PRO C 671 2.15 6.38 -43.63
N CYS C 672 1.10 6.46 -42.82
CA CYS C 672 -0.19 6.84 -43.34
C CYS C 672 -0.23 8.35 -43.55
N TYR C 673 -1.18 8.80 -44.37
CA TYR C 673 -1.38 10.22 -44.54
C TYR C 673 -2.09 10.81 -43.32
N SER C 674 -1.55 11.90 -42.82
CA SER C 674 -2.26 12.72 -41.85
C SER C 674 -1.92 14.17 -42.18
N GLY C 675 -2.95 15.02 -42.22
CA GLY C 675 -2.72 16.40 -42.60
C GLY C 675 -3.89 17.27 -42.21
N ARG C 676 -3.83 18.51 -42.63
CA ARG C 676 -4.85 19.50 -42.36
C ARG C 676 -5.50 19.92 -43.67
N VAL C 677 -6.40 20.88 -43.57
CA VAL C 677 -6.97 21.52 -44.74
C VAL C 677 -7.02 23.02 -44.47
N SER C 678 -6.72 23.82 -45.48
CA SER C 678 -6.72 25.28 -45.32
C SER C 678 -8.01 25.82 -45.88
N ALA C 679 -8.83 26.40 -45.02
CA ALA C 679 -10.14 26.92 -45.40
C ALA C 679 -10.07 28.43 -45.54
N ALA C 680 -10.27 28.90 -46.75
CA ALA C 680 -10.40 30.32 -47.03
C ALA C 680 -11.86 30.69 -46.95
N PHE C 681 -12.22 31.48 -45.95
CA PHE C 681 -13.61 31.80 -45.66
C PHE C 681 -13.77 33.30 -45.76
N TYR C 682 -14.65 33.74 -46.65
CA TYR C 682 -15.07 35.14 -46.67
C TYR C 682 -16.38 35.27 -45.90
N GLN C 683 -16.54 36.39 -45.21
CA GLN C 683 -17.66 36.64 -44.32
C GLN C 683 -19.00 36.58 -45.06
N ASN C 684 -20.05 36.20 -44.30
CA ASN C 684 -21.44 36.12 -44.75
C ASN C 684 -21.65 35.05 -45.82
N SER C 685 -20.76 34.07 -45.90
CA SER C 685 -20.89 33.01 -46.87
C SER C 685 -21.45 31.76 -46.20
N SER C 686 -21.69 30.74 -47.00
CA SER C 686 -22.25 29.50 -46.51
C SER C 686 -21.24 28.38 -46.40
N SER C 687 -20.18 28.40 -47.20
CA SER C 687 -19.14 27.40 -47.12
C SER C 687 -17.82 28.12 -47.30
N PRO C 688 -16.72 27.54 -46.86
CA PRO C 688 -15.42 28.08 -47.22
C PRO C 688 -14.95 27.46 -48.54
N ALA C 689 -13.76 27.87 -48.97
CA ALA C 689 -13.03 27.18 -50.02
C ALA C 689 -11.91 26.40 -49.38
N LEU C 690 -11.53 25.28 -49.99
CA LEU C 690 -10.65 24.33 -49.32
C LEU C 690 -9.42 24.07 -50.16
N LEU C 691 -8.26 24.09 -49.51
CA LEU C 691 -7.01 23.73 -50.15
C LEU C 691 -6.40 22.54 -49.41
N TYR C 692 -6.27 21.44 -50.12
CA TYR C 692 -5.52 20.29 -49.67
C TYR C 692 -4.12 20.45 -50.24
N ARG C 693 -3.19 20.89 -49.40
CA ARG C 693 -1.86 21.22 -49.85
C ARG C 693 -1.12 19.97 -50.26
N ASN C 694 -0.50 20.02 -51.44
CA ASN C 694 0.41 19.01 -52.00
C ASN C 694 -0.28 17.68 -52.30
N LEU C 695 -1.59 17.68 -52.43
CA LEU C 695 -2.33 16.47 -52.75
C LEU C 695 -3.03 16.64 -54.09
N LYS C 696 -2.98 15.59 -54.92
CA LYS C 696 -3.76 15.59 -56.15
C LYS C 696 -5.23 15.37 -55.83
N CYS C 697 -6.09 15.79 -56.75
CA CYS C 697 -7.52 15.70 -56.46
C CYS C 697 -8.06 14.29 -56.61
N SER C 698 -7.37 13.45 -57.38
CA SER C 698 -7.71 12.02 -57.46
C SER C 698 -7.53 11.35 -56.10
N TYR C 699 -6.41 11.62 -55.43
CA TYR C 699 -6.17 11.09 -54.10
C TYR C 699 -7.19 11.61 -53.10
N VAL C 700 -7.59 12.87 -53.24
CA VAL C 700 -8.50 13.48 -52.27
C VAL C 700 -9.89 12.88 -52.42
N LEU C 701 -10.35 12.70 -53.65
CA LEU C 701 -11.69 12.17 -53.82
C LEU C 701 -11.75 10.65 -53.71
N ASN C 702 -10.63 9.95 -53.88
CA ASN C 702 -10.65 8.50 -53.74
C ASN C 702 -10.27 8.04 -52.35
N ASN C 703 -9.66 8.89 -51.52
CA ASN C 703 -9.16 8.44 -50.24
C ASN C 703 -9.53 9.31 -49.05
N ILE C 704 -10.11 10.49 -49.26
CA ILE C 704 -10.41 11.35 -48.12
C ILE C 704 -11.90 11.70 -48.06
N SER C 705 -12.40 12.44 -49.03
CA SER C 705 -13.72 13.04 -48.95
C SER C 705 -14.70 12.29 -49.84
N PHE C 706 -15.91 12.08 -49.29
CA PHE C 706 -16.99 11.45 -50.05
C PHE C 706 -18.29 12.23 -49.91
N ILE C 707 -18.22 13.50 -49.52
CA ILE C 707 -19.38 14.38 -49.60
C ILE C 707 -19.46 14.92 -51.01
N SER C 708 -20.57 15.57 -51.34
CA SER C 708 -20.81 16.07 -52.69
C SER C 708 -19.95 17.29 -52.95
N GLN C 709 -19.15 17.25 -54.01
CA GLN C 709 -18.34 18.39 -54.44
C GLN C 709 -18.35 18.48 -55.97
N PRO C 710 -19.04 19.47 -56.53
CA PRO C 710 -19.02 19.63 -57.99
C PRO C 710 -17.89 20.50 -58.51
N PHE C 711 -17.00 21.02 -57.66
CA PHE C 711 -15.97 21.96 -58.07
C PHE C 711 -14.63 21.57 -57.48
N TYR C 712 -13.70 21.17 -58.34
CA TYR C 712 -12.37 20.79 -57.88
C TYR C 712 -11.39 21.01 -59.02
N PHE C 713 -10.21 21.52 -58.69
CA PHE C 713 -9.15 21.54 -59.68
C PHE C 713 -7.79 21.45 -59.00
N ASP C 714 -6.80 21.02 -59.78
CA ASP C 714 -5.43 20.88 -59.31
C ASP C 714 -4.67 22.18 -59.55
N SER C 715 -4.30 22.86 -58.48
CA SER C 715 -3.46 24.05 -58.58
C SER C 715 -2.03 23.70 -58.19
N TYR C 716 -1.15 24.67 -58.39
CA TYR C 716 0.26 24.54 -58.02
C TYR C 716 0.44 24.29 -56.53
N LEU C 717 -0.44 24.85 -55.71
CA LEU C 717 -0.44 24.61 -54.28
C LEU C 717 -1.01 23.25 -53.89
N GLY C 718 -1.91 22.68 -54.68
CA GLY C 718 -2.54 21.45 -54.25
C GLY C 718 -3.87 21.18 -54.90
N CYS C 719 -4.88 20.80 -54.13
CA CYS C 719 -6.20 20.54 -54.67
C CYS C 719 -7.19 21.54 -54.08
N VAL C 720 -7.81 22.35 -54.93
CA VAL C 720 -8.73 23.37 -54.50
C VAL C 720 -10.15 22.88 -54.74
N LEU C 721 -10.98 22.98 -53.70
CA LEU C 721 -12.39 22.65 -53.75
C LEU C 721 -13.23 23.88 -53.44
N ASN C 722 -14.36 23.98 -54.15
CA ASN C 722 -15.34 25.06 -54.06
C ASN C 722 -14.76 26.40 -54.53
N ALA C 723 -13.96 26.38 -55.59
CA ALA C 723 -13.52 27.62 -56.20
C ALA C 723 -13.32 27.43 -57.69
N VAL C 724 -13.28 28.57 -58.41
CA VAL C 724 -13.10 28.63 -59.85
C VAL C 724 -11.65 28.93 -60.19
N ASN C 725 -11.15 28.31 -61.24
CA ASN C 725 -9.77 28.54 -61.70
C ASN C 725 -9.75 29.78 -62.58
N LEU C 726 -9.25 30.89 -62.03
CA LEU C 726 -9.21 32.17 -62.74
C LEU C 726 -7.87 32.85 -62.52
N THR C 727 -6.78 32.10 -62.71
CA THR C 727 -5.46 32.64 -62.44
C THR C 727 -5.00 33.64 -63.50
N SER C 728 -5.66 33.69 -64.66
CA SER C 728 -5.30 34.69 -65.66
C SER C 728 -5.70 36.10 -65.23
N TYR C 729 -6.75 36.21 -64.42
CA TYR C 729 -7.08 37.44 -63.75
C TYR C 729 -6.03 37.73 -62.67
N SER C 730 -5.93 38.99 -62.26
CA SER C 730 -4.93 39.38 -61.28
C SER C 730 -5.45 40.53 -60.44
N VAL C 731 -5.09 40.51 -59.16
CA VAL C 731 -5.57 41.49 -58.19
C VAL C 731 -4.38 42.07 -57.45
N SER C 732 -4.58 43.25 -56.87
CA SER C 732 -3.51 44.01 -56.27
C SER C 732 -3.56 44.03 -54.74
N SER C 733 -4.68 43.66 -54.15
CA SER C 733 -4.80 43.48 -52.72
C SER C 733 -5.67 42.27 -52.49
N CYS C 734 -5.37 41.49 -51.46
CA CYS C 734 -6.12 40.28 -51.22
C CYS C 734 -6.14 39.98 -49.73
N ASP C 735 -7.33 39.71 -49.20
CA ASP C 735 -7.46 39.35 -47.80
C ASP C 735 -7.18 37.88 -47.54
N LEU C 736 -7.40 37.01 -48.53
CA LEU C 736 -7.18 35.58 -48.39
C LEU C 736 -5.98 35.21 -49.24
N ARG C 737 -4.80 35.40 -48.68
CA ARG C 737 -3.54 35.13 -49.36
C ARG C 737 -3.13 33.68 -49.12
N MET C 738 -3.02 32.90 -50.18
CA MET C 738 -2.75 31.48 -50.03
C MET C 738 -1.27 31.15 -50.03
N GLY C 739 -0.45 31.86 -50.79
CA GLY C 739 0.96 31.54 -50.87
C GLY C 739 1.47 31.37 -52.28
N SER C 740 2.76 31.65 -52.47
CA SER C 740 3.47 31.59 -53.75
C SER C 740 2.80 32.43 -54.83
N GLY C 741 2.33 33.61 -54.44
CA GLY C 741 1.77 34.54 -55.40
C GLY C 741 0.40 34.18 -55.89
N PHE C 742 -0.46 33.66 -55.02
CA PHE C 742 -1.84 33.33 -55.36
C PHE C 742 -2.75 33.86 -54.28
N CYS C 743 -4.03 33.96 -54.61
CA CYS C 743 -4.97 34.61 -53.71
C CYS C 743 -6.38 34.10 -53.99
N ILE C 744 -7.27 34.28 -53.03
CA ILE C 744 -8.66 33.88 -53.14
C ILE C 744 -9.52 35.13 -53.07
N ASP C 745 -10.42 35.31 -54.03
CA ASP C 745 -11.29 36.47 -54.10
C ASP C 745 -12.75 36.03 -54.12
N TYR C 746 -13.58 36.70 -53.31
CA TYR C 746 -15.01 36.38 -53.23
C TYR C 746 -15.80 37.40 -54.03
N ALA C 747 -16.60 36.91 -54.98
CA ALA C 747 -17.42 37.78 -55.84
C ALA C 747 -18.82 37.17 -55.94
N LEU C 748 -19.73 37.62 -55.10
CA LEU C 748 -21.09 37.10 -55.17
C LEU C 748 -21.84 37.74 -56.34
N PRO C 749 -22.61 36.96 -57.08
CA PRO C 749 -23.58 37.55 -57.99
C PRO C 749 -24.67 38.27 -57.22
N SER C 750 -24.74 39.59 -57.34
CA SER C 750 -25.67 40.40 -56.56
C SER C 750 -27.06 40.36 -57.19
N SER C 751 -27.94 41.27 -56.75
CA SER C 751 -29.31 41.30 -57.26
C SER C 751 -29.37 41.72 -58.72
N GLY C 752 -28.33 42.39 -59.21
CA GLY C 752 -28.23 42.68 -60.62
C GLY C 752 -27.79 41.45 -61.41
N SER C 753 -26.99 40.59 -60.75
CA SER C 753 -26.45 39.40 -61.39
C SER C 753 -27.30 38.17 -61.06
N ALA C 754 -28.59 38.26 -61.38
CA ALA C 754 -29.57 37.22 -61.07
C ALA C 754 -29.43 36.09 -62.07
N SER C 755 -28.40 35.26 -61.88
CA SER C 755 -28.16 34.13 -62.77
C SER C 755 -28.75 32.85 -62.18
N ARG C 756 -29.25 31.98 -63.05
CA ARG C 756 -29.73 30.67 -62.66
C ARG C 756 -28.66 29.59 -62.74
N GLY C 757 -27.60 29.81 -63.50
CA GLY C 757 -26.54 28.83 -63.65
C GLY C 757 -25.66 28.79 -62.41
N ILE C 758 -25.58 27.61 -61.80
CA ILE C 758 -24.87 27.47 -60.53
C ILE C 758 -23.36 27.46 -60.78
N SER C 759 -22.64 28.23 -59.98
CA SER C 759 -21.19 28.25 -60.01
C SER C 759 -20.71 28.62 -58.62
N SER C 760 -19.40 28.62 -58.45
CA SER C 760 -18.94 28.96 -57.11
C SER C 760 -18.50 30.41 -57.05
N PRO C 761 -18.81 31.12 -55.96
CA PRO C 761 -18.44 32.54 -55.88
C PRO C 761 -16.99 32.79 -55.47
N TYR C 762 -16.20 31.75 -55.26
CA TYR C 762 -14.80 31.88 -54.91
C TYR C 762 -13.95 31.74 -56.15
N ARG C 763 -12.99 32.64 -56.32
CA ARG C 763 -12.11 32.61 -57.48
C ARG C 763 -10.68 32.57 -57.00
N PHE C 764 -9.86 31.81 -57.71
CA PHE C 764 -8.48 31.54 -57.33
C PHE C 764 -7.63 32.34 -58.31
N VAL C 765 -7.15 33.50 -57.88
CA VAL C 765 -6.52 34.47 -58.78
C VAL C 765 -5.06 34.71 -58.41
N THR C 766 -4.40 35.59 -59.16
CA THR C 766 -3.00 35.91 -58.96
C THR C 766 -2.89 37.16 -58.10
N PHE C 767 -2.02 37.12 -57.11
CA PHE C 767 -1.79 38.25 -56.22
C PHE C 767 -0.60 39.03 -56.75
N GLU C 768 -0.82 40.32 -56.99
CA GLU C 768 0.08 41.15 -57.80
C GLU C 768 0.18 42.51 -57.14
N PRO C 769 0.93 42.63 -56.05
CA PRO C 769 0.83 43.83 -55.21
C PRO C 769 1.52 45.08 -55.78
N PHE C 770 2.45 44.95 -56.73
CA PHE C 770 3.24 46.09 -57.17
C PHE C 770 3.43 46.08 -58.67
N ASN C 771 3.26 47.26 -59.27
CA ASN C 771 3.45 47.52 -60.68
C ASN C 771 4.45 48.66 -60.87
N VAL C 772 4.96 48.80 -62.10
CA VAL C 772 5.75 49.97 -62.47
C VAL C 772 4.88 50.91 -63.29
N SER C 773 5.10 52.21 -63.11
CA SER C 773 4.50 53.19 -64.00
C SER C 773 5.12 53.08 -65.38
N PHE C 774 4.29 53.18 -66.41
CA PHE C 774 4.75 53.02 -67.77
C PHE C 774 4.67 54.34 -68.52
N VAL C 775 5.48 54.46 -69.57
CA VAL C 775 5.41 55.57 -70.51
C VAL C 775 5.37 55.00 -71.93
N ASN C 776 5.28 55.90 -72.91
CA ASN C 776 5.19 55.53 -74.32
C ASN C 776 6.40 56.00 -75.10
N ASP C 777 7.56 56.04 -74.46
CA ASP C 777 8.73 56.69 -75.01
C ASP C 777 9.56 55.72 -75.85
N SER C 778 10.75 56.15 -76.23
CA SER C 778 11.72 55.31 -76.93
C SER C 778 12.92 55.10 -76.03
N VAL C 779 13.57 53.95 -76.21
CA VAL C 779 14.69 53.56 -75.35
C VAL C 779 16.05 53.92 -75.94
N GLU C 780 16.08 54.55 -77.11
CA GLU C 780 17.32 54.89 -77.77
C GLU C 780 17.34 56.38 -78.10
N THR C 781 18.56 56.88 -78.37
CA THR C 781 18.75 58.22 -78.92
C THR C 781 18.05 58.34 -80.27
N VAL C 782 17.22 59.38 -80.41
CA VAL C 782 16.60 59.72 -81.69
C VAL C 782 17.09 61.12 -82.04
N GLY C 783 17.94 61.21 -83.06
CA GLY C 783 18.57 62.46 -83.41
C GLY C 783 19.51 63.00 -82.36
N GLY C 784 20.33 62.15 -81.76
CA GLY C 784 21.28 62.56 -80.74
C GLY C 784 20.71 62.82 -79.36
N LEU C 785 19.40 63.02 -79.24
CA LEU C 785 18.77 63.41 -78.00
C LEU C 785 17.94 62.26 -77.45
N PHE C 786 17.48 62.41 -76.21
CA PHE C 786 16.63 61.42 -75.56
C PHE C 786 15.25 61.98 -75.31
N GLU C 787 14.25 61.13 -75.42
CA GLU C 787 12.89 61.49 -75.06
C GLU C 787 12.68 61.33 -73.57
N ILE C 788 11.96 62.27 -72.97
CA ILE C 788 11.75 62.30 -71.53
C ILE C 788 10.39 62.93 -71.29
N GLN C 789 9.90 62.82 -70.06
CA GLN C 789 8.63 63.40 -69.65
C GLN C 789 8.90 64.29 -68.44
N ILE C 790 8.52 65.56 -68.51
CA ILE C 790 8.84 66.54 -67.48
C ILE C 790 7.53 67.17 -67.02
N PRO C 791 7.32 67.33 -65.71
CA PRO C 791 6.10 67.97 -65.22
C PRO C 791 5.92 69.40 -65.67
N THR C 792 4.66 69.81 -65.77
CA THR C 792 4.30 71.18 -66.13
C THR C 792 3.28 71.76 -65.17
N ASN C 793 3.01 71.08 -64.06
CA ASN C 793 2.14 71.53 -62.98
C ASN C 793 2.33 70.57 -61.82
N PHE C 794 2.23 71.09 -60.59
CA PHE C 794 2.48 70.24 -59.45
C PHE C 794 1.48 70.56 -58.35
N THR C 795 1.51 69.73 -57.31
CA THR C 795 0.85 70.03 -56.05
C THR C 795 1.69 69.43 -54.93
N ILE C 796 1.17 69.51 -53.70
CA ILE C 796 1.90 69.03 -52.53
C ILE C 796 0.98 68.11 -51.74
N ALA C 797 1.44 66.88 -51.52
CA ALA C 797 0.63 65.81 -50.95
C ALA C 797 1.12 65.45 -49.56
N GLY C 798 0.19 65.34 -48.61
CA GLY C 798 0.50 64.92 -47.25
C GLY C 798 0.09 63.48 -47.02
N HIS C 799 0.82 62.80 -46.12
CA HIS C 799 0.42 61.47 -45.66
C HIS C 799 1.07 61.15 -44.32
N GLU C 800 0.33 60.49 -43.44
CA GLU C 800 0.81 60.26 -42.08
C GLU C 800 1.21 58.81 -41.85
N GLU C 801 2.04 58.61 -40.84
CA GLU C 801 2.43 57.27 -40.43
C GLU C 801 2.41 57.21 -38.91
N PHE C 802 2.38 56.01 -38.37
CA PHE C 802 2.49 55.79 -36.94
C PHE C 802 3.72 54.94 -36.65
N ILE C 803 4.49 55.30 -35.61
CA ILE C 803 5.53 54.42 -35.10
C ILE C 803 5.37 54.32 -33.59
N GLN C 804 5.34 53.09 -33.08
CA GLN C 804 5.19 52.79 -31.66
C GLN C 804 6.56 52.80 -30.98
N THR C 805 6.62 53.35 -29.77
CA THR C 805 7.87 53.41 -29.02
C THR C 805 7.80 52.73 -27.65
N SER C 806 6.64 52.27 -27.21
CA SER C 806 6.50 51.72 -25.88
C SER C 806 5.35 50.73 -25.86
N SER C 807 5.23 50.03 -24.75
CA SER C 807 4.14 49.10 -24.53
C SER C 807 3.57 49.36 -23.14
N PRO C 808 2.41 48.80 -22.77
CA PRO C 808 1.98 48.86 -21.37
C PRO C 808 2.92 48.11 -20.44
N LYS C 809 3.10 48.64 -19.23
CA LYS C 809 4.03 48.11 -18.23
C LYS C 809 3.29 47.17 -17.30
N VAL C 810 3.37 45.89 -17.58
CA VAL C 810 2.67 44.87 -16.81
C VAL C 810 3.52 44.46 -15.62
N THR C 811 2.93 44.40 -14.46
CA THR C 811 3.59 43.89 -13.27
C THR C 811 2.77 42.71 -12.71
N ILE C 812 3.49 41.71 -12.25
CA ILE C 812 2.90 40.46 -11.77
C ILE C 812 3.40 40.19 -10.36
N ASP C 813 2.49 40.00 -9.43
CA ASP C 813 2.80 39.44 -8.13
C ASP C 813 2.81 37.93 -8.26
N CYS C 814 3.99 37.31 -8.08
CA CYS C 814 4.16 35.92 -8.44
C CYS C 814 3.52 34.98 -7.42
N SER C 815 3.73 35.24 -6.14
CA SER C 815 3.19 34.35 -5.11
C SER C 815 1.70 34.58 -4.88
N ALA C 816 1.14 35.69 -5.37
CA ALA C 816 -0.30 35.87 -5.36
C ALA C 816 -0.97 35.26 -6.56
N PHE C 817 -0.27 35.16 -7.69
CA PHE C 817 -0.78 34.42 -8.83
C PHE C 817 -0.80 32.93 -8.56
N VAL C 818 0.31 32.40 -8.05
CA VAL C 818 0.42 30.95 -7.90
C VAL C 818 -0.34 30.47 -6.67
N CYS C 819 -0.11 31.09 -5.52
CA CYS C 819 -0.53 30.50 -4.25
C CYS C 819 -1.29 31.46 -3.37
N SER C 820 -2.41 32.00 -3.87
CA SER C 820 -2.99 33.30 -3.49
C SER C 820 -2.96 33.67 -2.01
N ASN C 821 -3.55 32.84 -1.17
CA ASN C 821 -3.73 33.15 0.24
C ASN C 821 -3.40 31.99 1.16
N TYR C 822 -3.17 30.80 0.64
CA TYR C 822 -3.14 29.58 1.41
C TYR C 822 -1.71 29.27 1.81
N ALA C 823 -1.50 29.07 3.11
CA ALA C 823 -0.15 28.96 3.65
C ALA C 823 0.50 27.61 3.35
N ALA C 824 -0.29 26.56 3.12
CA ALA C 824 0.28 25.29 2.70
C ALA C 824 0.89 25.40 1.32
N CYS C 825 0.22 26.15 0.42
CA CYS C 825 0.77 26.42 -0.89
C CYS C 825 2.04 27.25 -0.81
N HIS C 826 2.09 28.21 0.12
CA HIS C 826 3.28 29.05 0.26
C HIS C 826 4.46 28.25 0.79
N ASP C 827 4.21 27.33 1.73
CA ASP C 827 5.27 26.48 2.24
C ASP C 827 5.78 25.54 1.16
N LEU C 828 4.89 25.03 0.30
CA LEU C 828 5.34 24.23 -0.83
C LEU C 828 6.09 25.06 -1.86
N LEU C 829 5.68 26.31 -2.09
CA LEU C 829 6.31 27.13 -3.11
C LEU C 829 7.69 27.58 -2.70
N SER C 830 7.95 27.68 -1.39
CA SER C 830 9.27 28.09 -0.93
C SER C 830 10.38 27.09 -1.25
N GLU C 831 10.05 25.84 -1.55
CA GLU C 831 11.05 24.84 -1.91
C GLU C 831 11.48 24.91 -3.37
N TYR C 832 10.79 25.70 -4.18
CA TYR C 832 11.26 25.96 -5.53
C TYR C 832 12.30 27.06 -5.58
N GLY C 833 12.59 27.68 -4.45
CA GLY C 833 13.70 28.60 -4.37
C GLY C 833 13.34 29.93 -4.98
N THR C 834 14.30 30.50 -5.71
CA THR C 834 14.11 31.78 -6.38
C THR C 834 13.56 31.53 -7.78
N PHE C 835 12.29 31.16 -7.81
CA PHE C 835 11.53 31.17 -9.05
C PHE C 835 10.66 32.40 -9.19
N CYS C 836 10.07 32.90 -8.11
CA CYS C 836 9.29 34.12 -8.19
C CYS C 836 10.16 35.36 -8.21
N ASP C 837 11.38 35.26 -7.66
CA ASP C 837 12.28 36.39 -7.69
C ASP C 837 12.84 36.62 -9.09
N ASN C 838 13.08 35.55 -9.84
CA ASN C 838 13.49 35.69 -11.24
C ASN C 838 12.42 36.35 -12.08
N ILE C 839 11.17 35.98 -11.87
CA ILE C 839 10.07 36.51 -12.68
C ILE C 839 9.87 37.98 -12.38
N ASN C 840 9.95 38.36 -11.10
CA ASN C 840 9.87 39.78 -10.74
C ASN C 840 11.07 40.57 -11.26
N SER C 841 12.26 39.96 -11.28
CA SER C 841 13.44 40.70 -11.72
C SER C 841 13.44 40.93 -13.22
N ILE C 842 12.99 39.95 -14.00
CA ILE C 842 12.92 40.12 -15.45
C ILE C 842 11.86 41.16 -15.82
N LEU C 843 10.73 41.15 -15.14
CA LEU C 843 9.72 42.16 -15.46
C LEU C 843 10.13 43.56 -15.03
N ASN C 844 10.85 43.67 -13.91
CA ASN C 844 11.41 44.96 -13.51
C ASN C 844 12.42 45.47 -14.52
N GLU C 845 13.19 44.57 -15.12
CA GLU C 845 14.18 44.97 -16.12
C GLU C 845 13.51 45.47 -17.40
N VAL C 846 12.45 44.79 -17.85
CA VAL C 846 11.68 45.24 -19.02
C VAL C 846 11.06 46.62 -18.78
N ASN C 847 10.54 46.85 -17.58
CA ASN C 847 9.96 48.15 -17.26
C ASN C 847 11.01 49.26 -17.14
N ASP C 848 12.22 48.92 -16.68
CA ASP C 848 13.31 49.89 -16.70
C ASP C 848 13.70 50.30 -18.12
N LEU C 849 13.73 49.32 -19.04
CA LEU C 849 14.03 49.63 -20.43
C LEU C 849 12.97 50.52 -21.06
N LEU C 850 11.71 50.30 -20.70
CA LEU C 850 10.64 51.15 -21.21
C LEU C 850 10.77 52.59 -20.72
N ASP C 851 11.13 52.78 -19.44
CA ASP C 851 11.42 54.11 -18.91
C ASP C 851 12.58 54.79 -19.61
N ILE C 852 13.60 54.02 -19.98
CA ILE C 852 14.76 54.62 -20.64
C ILE C 852 14.42 55.07 -22.05
N THR C 853 13.63 54.28 -22.79
CA THR C 853 13.31 54.74 -24.14
C THR C 853 12.31 55.89 -24.14
N GLN C 854 11.42 55.95 -23.15
CA GLN C 854 10.54 57.09 -22.98
C GLN C 854 11.34 58.38 -22.74
N LEU C 855 12.34 58.32 -21.85
CA LEU C 855 13.17 59.50 -21.61
C LEU C 855 14.01 59.88 -22.81
N GLN C 856 14.38 58.92 -23.66
CA GLN C 856 15.19 59.27 -24.83
C GLN C 856 14.35 59.96 -25.90
N VAL C 857 13.11 59.52 -26.09
CA VAL C 857 12.26 60.18 -27.06
C VAL C 857 11.90 61.58 -26.58
N ALA C 858 11.60 61.72 -25.29
CA ALA C 858 11.41 63.05 -24.69
C ALA C 858 12.65 63.93 -24.76
N ASN C 859 13.84 63.34 -24.76
CA ASN C 859 15.07 64.11 -24.88
C ASN C 859 15.27 64.62 -26.29
N ALA C 860 14.96 63.82 -27.31
CA ALA C 860 15.26 64.23 -28.68
C ALA C 860 14.33 65.32 -29.17
N LEU C 861 13.14 65.44 -28.60
CA LEU C 861 12.18 66.45 -29.03
C LEU C 861 12.48 67.82 -28.47
N MET C 862 13.41 67.91 -27.53
CA MET C 862 13.72 69.13 -26.79
C MET C 862 15.19 69.50 -26.89
N GLN C 863 16.00 68.69 -27.56
CA GLN C 863 17.43 68.92 -27.69
C GLN C 863 17.65 70.14 -28.57
N GLY C 864 18.00 71.26 -27.94
CA GLY C 864 18.30 72.48 -28.64
C GLY C 864 17.12 73.11 -29.38
N VAL C 865 16.09 73.50 -28.64
CA VAL C 865 15.06 74.37 -29.16
C VAL C 865 14.98 75.55 -28.21
N THR C 866 15.03 76.74 -28.78
CA THR C 866 14.95 77.99 -28.07
C THR C 866 13.68 78.69 -28.49
N LEU C 867 12.92 79.19 -27.54
CA LEU C 867 11.66 79.85 -27.80
C LEU C 867 11.69 81.26 -27.22
N SER C 868 10.73 82.06 -27.64
CA SER C 868 10.54 83.42 -27.16
C SER C 868 9.72 83.40 -25.88
N SER C 869 10.04 84.28 -24.95
CA SER C 869 9.25 84.37 -23.73
C SER C 869 7.96 85.14 -23.94
N ASN C 870 7.75 85.72 -25.12
CA ASN C 870 6.55 86.50 -25.41
C ASN C 870 5.61 85.77 -26.35
N LEU C 871 5.81 84.47 -26.54
CA LEU C 871 4.89 83.68 -27.34
C LEU C 871 3.59 83.43 -26.59
N ASN C 872 2.52 83.22 -27.35
CA ASN C 872 1.20 82.89 -26.80
C ASN C 872 0.44 82.21 -27.91
N THR C 873 0.13 80.92 -27.74
CA THR C 873 -0.52 80.16 -28.80
C THR C 873 -1.98 80.53 -28.97
N ASN C 874 -2.55 81.31 -28.06
CA ASN C 874 -3.90 81.85 -28.29
C ASN C 874 -3.88 82.96 -29.32
N LEU C 875 -2.74 83.59 -29.55
CA LEU C 875 -2.60 84.67 -30.51
C LEU C 875 -1.85 84.29 -31.77
N HIS C 876 -0.86 83.41 -31.66
CA HIS C 876 0.05 83.09 -32.75
C HIS C 876 -0.06 81.61 -33.07
N SER C 877 -1.03 81.26 -33.90
CA SER C 877 -1.29 79.86 -34.22
C SER C 877 -0.89 79.53 -35.64
N ASP C 878 -0.37 80.51 -36.38
CA ASP C 878 -0.13 80.33 -37.80
C ASP C 878 0.90 81.30 -38.34
N VAL C 879 1.44 81.02 -39.51
CA VAL C 879 2.33 81.91 -40.24
C VAL C 879 2.08 81.71 -41.72
N ASP C 880 2.33 82.76 -42.51
CA ASP C 880 2.43 82.69 -43.98
C ASP C 880 1.16 82.18 -44.64
N ASN C 881 0.01 82.41 -44.00
CA ASN C 881 -1.31 81.86 -44.36
C ASN C 881 -1.34 80.32 -44.36
N ILE C 882 -0.41 79.69 -43.63
CA ILE C 882 -0.44 78.26 -43.38
C ILE C 882 -0.89 78.06 -41.94
N ASP C 883 -1.92 77.25 -41.73
CA ASP C 883 -2.56 77.11 -40.43
C ASP C 883 -1.99 75.95 -39.64
N PHE C 884 -1.49 76.23 -38.44
CA PHE C 884 -0.88 75.25 -37.56
C PHE C 884 -1.67 75.04 -36.26
N LYS C 885 -2.95 75.42 -36.23
CA LYS C 885 -3.70 75.42 -34.98
C LYS C 885 -3.98 74.01 -34.48
N SER C 886 -4.28 73.08 -35.38
CA SER C 886 -4.59 71.71 -35.01
C SER C 886 -3.39 70.90 -34.58
N LEU C 887 -2.16 71.42 -34.73
CA LEU C 887 -0.97 70.69 -34.34
C LEU C 887 -0.42 71.12 -33.01
N LEU C 888 -0.93 72.21 -32.46
CA LEU C 888 -0.33 72.81 -31.29
C LEU C 888 -1.25 72.69 -30.09
N GLY C 889 -0.66 72.40 -28.94
CA GLY C 889 -1.39 72.29 -27.70
C GLY C 889 -1.52 73.67 -27.10
N CYS C 890 -0.92 73.92 -25.95
CA CYS C 890 -0.83 75.29 -25.49
C CYS C 890 0.52 75.54 -24.85
N LEU C 891 0.81 76.83 -24.68
CA LEU C 891 2.13 77.34 -24.37
C LEU C 891 1.99 78.84 -24.16
N GLY C 892 2.96 79.42 -23.46
CA GLY C 892 3.01 80.85 -23.34
C GLY C 892 3.35 81.31 -21.93
N SER C 893 2.49 82.12 -21.35
CA SER C 893 2.63 82.51 -19.95
C SER C 893 1.31 82.60 -19.21
N GLN C 894 0.17 82.23 -19.83
CA GLN C 894 -1.08 82.29 -19.10
C GLN C 894 -2.06 81.17 -19.45
N CYS C 895 -1.57 79.99 -19.84
CA CYS C 895 -2.46 78.95 -20.34
C CYS C 895 -2.75 77.85 -19.31
N GLY C 896 -1.71 77.20 -18.78
CA GLY C 896 -1.90 76.04 -17.96
C GLY C 896 -1.65 74.76 -18.73
N SER C 897 -0.50 74.13 -18.50
CA SER C 897 0.00 73.05 -19.35
C SER C 897 -0.67 71.73 -18.99
N SER C 898 -1.88 71.54 -19.50
CA SER C 898 -2.53 70.25 -19.48
C SER C 898 -3.31 70.02 -20.77
N SER C 899 -2.77 70.43 -21.91
CA SER C 899 -3.55 70.51 -23.13
C SER C 899 -2.87 69.74 -24.25
N ARG C 900 -3.71 69.05 -25.03
CA ARG C 900 -3.31 68.44 -26.29
C ARG C 900 -3.88 69.24 -27.44
N SER C 901 -3.40 68.92 -28.64
CA SER C 901 -3.88 69.58 -29.85
C SER C 901 -5.20 68.97 -30.31
N LEU C 902 -5.62 69.34 -31.51
CA LEU C 902 -6.84 68.76 -32.06
C LEU C 902 -6.60 67.36 -32.59
N LEU C 903 -5.49 67.14 -33.27
CA LEU C 903 -5.17 65.82 -33.80
C LEU C 903 -4.93 64.81 -32.68
N GLU C 904 -4.24 65.23 -31.62
CA GLU C 904 -3.97 64.36 -30.48
C GLU C 904 -5.25 64.00 -29.74
N ASP C 905 -6.19 64.94 -29.61
CA ASP C 905 -7.48 64.62 -29.02
C ASP C 905 -8.29 63.69 -29.90
N LEU C 906 -8.22 63.89 -31.22
CA LEU C 906 -8.95 63.04 -32.14
C LEU C 906 -8.41 61.61 -32.14
N LEU C 907 -7.13 61.43 -31.83
CA LEU C 907 -6.56 60.09 -31.75
C LEU C 907 -6.75 59.44 -30.39
N PHE C 908 -6.72 60.21 -29.31
CA PHE C 908 -6.83 59.60 -27.99
C PHE C 908 -8.26 59.25 -27.62
N ASN C 909 -9.26 59.82 -28.29
CA ASN C 909 -10.64 59.49 -28.00
C ASN C 909 -11.07 58.16 -28.62
N LYS C 910 -10.40 57.71 -29.66
CA LYS C 910 -10.75 56.46 -30.30
C LYS C 910 -10.04 55.26 -29.69
N VAL C 911 -9.18 55.47 -28.71
CA VAL C 911 -8.48 54.39 -28.01
C VAL C 911 -8.76 54.53 -26.54
N LYS C 912 -9.39 53.51 -25.94
CA LYS C 912 -9.89 53.68 -24.59
C LYS C 912 -8.82 53.44 -23.55
N LEU C 913 -8.14 52.30 -23.59
CA LEU C 913 -7.14 51.96 -22.58
C LEU C 913 -5.79 52.60 -22.95
N SER C 914 -5.75 53.92 -22.80
CA SER C 914 -4.49 54.65 -22.83
C SER C 914 -3.90 54.63 -21.43
N ASP C 915 -2.87 55.45 -21.18
CA ASP C 915 -2.28 55.54 -19.85
C ASP C 915 -3.24 56.13 -18.83
N VAL C 916 -4.23 56.89 -19.27
CA VAL C 916 -5.22 57.52 -18.41
C VAL C 916 -6.44 56.62 -18.23
N GLY C 917 -6.79 55.85 -19.27
CA GLY C 917 -7.87 54.91 -19.18
C GLY C 917 -7.58 53.76 -18.25
N PHE C 918 -6.33 53.35 -18.16
CA PHE C 918 -5.95 52.30 -17.21
C PHE C 918 -6.09 52.77 -15.77
N VAL C 919 -5.71 54.03 -15.51
CA VAL C 919 -5.80 54.57 -14.16
C VAL C 919 -7.26 54.72 -13.75
N GLU C 920 -8.10 55.26 -14.64
CA GLU C 920 -9.49 55.42 -14.24
C GLU C 920 -10.30 54.12 -14.37
N ALA C 921 -9.76 53.10 -15.03
CA ALA C 921 -10.29 51.76 -14.91
C ALA C 921 -10.01 51.18 -13.54
N TYR C 922 -8.76 51.27 -13.06
CA TYR C 922 -8.43 50.71 -11.77
C TYR C 922 -8.97 51.52 -10.60
N ASN C 923 -9.37 52.77 -10.83
CA ASN C 923 -9.95 53.56 -9.74
C ASN C 923 -11.34 53.04 -9.39
N ASN C 924 -12.03 52.45 -10.34
CA ASN C 924 -13.38 51.96 -10.19
C ASN C 924 -13.46 50.56 -9.60
N CYS C 925 -12.33 49.94 -9.26
CA CYS C 925 -12.35 48.55 -8.87
C CYS C 925 -12.86 48.34 -7.46
N THR C 926 -12.79 49.34 -6.58
CA THR C 926 -13.34 49.19 -5.24
C THR C 926 -14.86 49.34 -5.33
N GLY C 927 -15.51 48.22 -5.60
CA GLY C 927 -16.96 48.19 -5.71
C GLY C 927 -17.46 47.82 -7.09
N GLY C 928 -16.56 47.73 -8.07
CA GLY C 928 -16.93 47.41 -9.43
C GLY C 928 -17.59 48.54 -10.21
N SER C 929 -18.58 49.21 -9.60
CA SER C 929 -19.26 50.44 -10.01
C SER C 929 -20.22 50.25 -11.19
N GLU C 930 -20.17 49.11 -11.86
CA GLU C 930 -21.37 48.60 -12.52
C GLU C 930 -21.78 47.24 -11.98
N ILE C 931 -21.02 46.19 -12.29
CA ILE C 931 -20.88 45.02 -11.43
C ILE C 931 -19.44 44.54 -11.50
N ARG C 932 -18.79 44.74 -12.65
CA ARG C 932 -17.62 43.94 -12.99
C ARG C 932 -16.92 44.43 -14.25
N ASP C 933 -15.59 44.31 -14.27
CA ASP C 933 -14.79 44.47 -15.47
C ASP C 933 -13.67 43.44 -15.38
N LEU C 934 -13.06 43.12 -16.53
CA LEU C 934 -11.97 42.15 -16.55
C LEU C 934 -10.75 42.63 -15.80
N LEU C 935 -10.52 43.94 -15.78
CA LEU C 935 -9.28 44.48 -15.22
C LEU C 935 -9.25 44.36 -13.70
N CYS C 936 -10.41 44.38 -13.04
CA CYS C 936 -10.40 44.26 -11.59
C CYS C 936 -10.21 42.83 -11.15
N VAL C 937 -10.71 41.87 -11.93
CA VAL C 937 -10.45 40.47 -11.65
C VAL C 937 -8.99 40.14 -11.98
N GLN C 938 -8.41 40.82 -12.97
CA GLN C 938 -6.99 40.63 -13.25
C GLN C 938 -6.13 41.23 -12.15
N SER C 939 -6.49 42.41 -11.64
CA SER C 939 -5.65 43.06 -10.64
C SER C 939 -5.82 42.42 -9.27
N PHE C 940 -6.93 41.75 -9.02
CA PHE C 940 -7.08 41.09 -7.73
C PHE C 940 -6.42 39.73 -7.68
N ASN C 941 -5.93 39.21 -8.81
CA ASN C 941 -5.09 38.03 -8.84
C ASN C 941 -3.63 38.37 -9.11
N GLY C 942 -3.25 39.62 -9.02
CA GLY C 942 -1.87 40.01 -9.04
C GLY C 942 -1.31 40.55 -10.34
N ILE C 943 -2.14 40.99 -11.26
CA ILE C 943 -1.72 41.43 -12.58
C ILE C 943 -2.15 42.88 -12.75
N LYS C 944 -1.24 43.82 -12.56
CA LYS C 944 -1.57 45.23 -12.70
C LYS C 944 -0.77 45.85 -13.83
N VAL C 945 -1.19 47.02 -14.30
CA VAL C 945 -0.45 47.82 -15.26
C VAL C 945 -0.06 49.13 -14.58
N LEU C 946 1.18 49.47 -14.66
CA LEU C 946 1.71 50.69 -14.06
C LEU C 946 1.65 51.86 -15.03
N PRO C 947 1.49 53.08 -14.53
CA PRO C 947 1.62 54.25 -15.38
C PRO C 947 3.08 54.48 -15.75
N PRO C 948 3.34 55.02 -16.94
CA PRO C 948 4.70 55.41 -17.29
C PRO C 948 5.16 56.64 -16.50
N ILE C 949 6.47 56.88 -16.52
CA ILE C 949 7.06 57.92 -15.69
C ILE C 949 6.77 59.32 -16.18
N LEU C 950 6.46 59.50 -17.46
CA LEU C 950 6.09 60.76 -18.05
C LEU C 950 4.65 60.66 -18.53
N SER C 951 3.82 61.62 -18.15
CA SER C 951 2.45 61.62 -18.65
C SER C 951 2.43 61.99 -20.12
N GLU C 952 1.32 61.64 -20.77
CA GLU C 952 1.19 61.91 -22.19
C GLU C 952 0.86 63.37 -22.48
N THR C 953 0.45 64.14 -21.48
CA THR C 953 0.36 65.58 -21.66
C THR C 953 1.74 66.22 -21.67
N GLN C 954 2.72 65.60 -21.03
CA GLN C 954 4.08 66.11 -21.11
C GLN C 954 4.67 65.89 -22.49
N ILE C 955 4.38 64.74 -23.11
CA ILE C 955 4.88 64.49 -24.44
C ILE C 955 4.08 65.30 -25.45
N SER C 956 2.85 65.68 -25.09
CA SER C 956 2.11 66.65 -25.88
C SER C 956 2.80 68.00 -25.88
N GLY C 957 3.30 68.43 -24.72
CA GLY C 957 4.05 69.66 -24.68
C GLY C 957 5.36 69.59 -25.43
N TYR C 958 6.03 68.45 -25.41
CA TYR C 958 7.30 68.33 -26.13
C TYR C 958 7.10 68.35 -27.64
N THR C 959 5.98 67.80 -28.13
CA THR C 959 5.69 67.93 -29.55
C THR C 959 5.12 69.30 -29.92
N THR C 960 4.50 70.01 -28.96
CA THR C 960 4.14 71.40 -29.20
C THR C 960 5.38 72.25 -29.40
N ALA C 961 6.43 72.01 -28.63
CA ALA C 961 7.62 72.82 -28.78
C ALA C 961 8.39 72.44 -30.03
N ALA C 962 8.41 71.16 -30.40
CA ALA C 962 8.97 70.77 -31.68
C ALA C 962 8.19 71.31 -32.88
N THR C 963 6.90 71.63 -32.71
CA THR C 963 6.16 72.27 -33.78
C THR C 963 6.44 73.76 -33.85
N VAL C 964 6.26 74.46 -32.72
CA VAL C 964 6.48 75.90 -32.63
C VAL C 964 7.93 76.31 -32.87
N ALA C 965 8.90 75.40 -32.78
CA ALA C 965 10.29 75.77 -33.01
C ALA C 965 10.61 76.03 -34.47
N ALA C 966 9.68 75.80 -35.39
CA ALA C 966 9.94 75.91 -36.81
C ALA C 966 9.14 77.04 -37.45
N MET C 967 8.45 77.85 -36.66
CA MET C 967 7.49 78.80 -37.19
C MET C 967 7.72 80.24 -36.76
N PHE C 968 8.70 80.51 -35.91
CA PHE C 968 8.85 81.81 -35.29
C PHE C 968 10.34 82.05 -35.09
N PRO C 969 10.75 83.29 -34.80
CA PRO C 969 12.14 83.53 -34.40
C PRO C 969 12.50 82.75 -33.16
N PRO C 970 13.67 82.08 -33.14
CA PRO C 970 14.76 82.07 -34.10
C PRO C 970 14.78 80.94 -35.12
N TRP C 971 13.67 80.26 -35.34
CA TRP C 971 13.53 79.16 -36.29
C TRP C 971 14.57 78.06 -36.09
N SER C 972 14.66 77.52 -34.87
CA SER C 972 15.66 76.53 -34.50
C SER C 972 15.48 75.20 -35.21
N ALA C 973 14.24 74.73 -35.39
CA ALA C 973 13.98 73.46 -36.07
C ALA C 973 13.77 73.60 -37.57
N ALA C 974 14.19 74.72 -38.16
CA ALA C 974 14.00 74.98 -39.57
C ALA C 974 15.30 75.36 -40.26
N ALA C 975 16.44 75.14 -39.59
CA ALA C 975 17.77 75.56 -40.02
C ALA C 975 17.87 77.08 -40.20
N GLY C 976 17.30 77.80 -39.24
CA GLY C 976 17.49 79.24 -39.14
C GLY C 976 16.65 80.14 -40.00
N VAL C 977 16.13 79.61 -41.11
CA VAL C 977 15.36 80.42 -42.06
C VAL C 977 13.89 80.30 -41.71
N PRO C 978 13.04 81.24 -42.11
CA PRO C 978 11.59 81.08 -41.90
C PRO C 978 11.01 79.92 -42.71
N PHE C 979 9.76 79.59 -42.36
CA PHE C 979 9.18 78.30 -42.73
C PHE C 979 8.94 78.17 -44.24
N SER C 980 8.28 79.16 -44.84
CA SER C 980 8.00 79.09 -46.27
C SER C 980 9.24 79.29 -47.12
N LEU C 981 10.24 80.02 -46.61
CA LEU C 981 11.54 80.06 -47.25
C LEU C 981 12.18 78.68 -47.24
N ASN C 982 12.02 77.95 -46.13
CA ASN C 982 12.57 76.60 -46.02
C ASN C 982 11.90 75.65 -46.99
N VAL C 983 10.58 75.76 -47.14
CA VAL C 983 9.84 74.95 -48.11
C VAL C 983 10.28 75.29 -49.53
N GLN C 984 10.47 76.58 -49.82
CA GLN C 984 10.96 77.03 -51.13
C GLN C 984 12.33 76.44 -51.44
N TYR C 985 13.24 76.43 -50.47
CA TYR C 985 14.58 75.92 -50.72
C TYR C 985 14.58 74.39 -50.85
N ARG C 986 13.66 73.73 -50.15
CA ARG C 986 13.57 72.28 -50.22
C ARG C 986 12.99 71.83 -51.57
N ILE C 987 12.00 72.56 -52.08
CA ILE C 987 11.46 72.24 -53.41
C ILE C 987 12.45 72.63 -54.50
N ASN C 988 13.22 73.71 -54.28
CA ASN C 988 14.27 74.10 -55.21
C ASN C 988 15.32 73.02 -55.37
N GLY C 989 15.69 72.37 -54.26
CA GLY C 989 16.67 71.30 -54.33
C GLY C 989 16.24 70.01 -55.02
N LEU C 990 15.01 69.89 -55.50
CA LEU C 990 14.58 68.70 -56.24
C LEU C 990 14.67 68.85 -57.74
N GLY C 991 14.92 70.04 -58.25
CA GLY C 991 14.94 70.25 -59.68
C GLY C 991 13.88 71.25 -60.11
N VAL C 992 13.43 72.08 -59.18
CA VAL C 992 12.42 73.09 -59.46
C VAL C 992 13.10 74.45 -59.44
N THR C 993 12.75 75.28 -60.41
CA THR C 993 13.39 76.58 -60.58
C THR C 993 12.73 77.61 -59.69
N MET C 994 13.54 78.55 -59.20
CA MET C 994 13.10 79.48 -58.18
C MET C 994 12.14 80.53 -58.69
N ASP C 995 12.05 80.70 -60.00
CA ASP C 995 11.07 81.60 -60.59
C ASP C 995 9.64 81.14 -60.31
N VAL C 996 9.38 79.85 -60.54
CA VAL C 996 8.04 79.31 -60.37
C VAL C 996 7.66 79.26 -58.90
N LEU C 997 8.62 79.01 -58.01
CA LEU C 997 8.33 78.97 -56.59
C LEU C 997 8.09 80.37 -56.04
N ASN C 998 8.75 81.38 -56.62
CA ASN C 998 8.43 82.74 -56.21
C ASN C 998 7.08 83.18 -56.73
N LYS C 999 6.66 82.69 -57.90
CA LYS C 999 5.37 83.09 -58.43
C LYS C 999 4.19 82.44 -57.70
N ASN C 1000 4.35 81.23 -57.20
CA ASN C 1000 3.21 80.44 -56.74
C ASN C 1000 3.25 80.11 -55.26
N GLN C 1001 3.60 81.07 -54.40
CA GLN C 1001 3.72 80.74 -52.98
C GLN C 1001 2.35 80.54 -52.34
N LYS C 1002 1.30 81.16 -52.89
CA LYS C 1002 -0.02 80.96 -52.34
C LYS C 1002 -0.59 79.60 -52.73
N LEU C 1003 -0.22 79.09 -53.91
CA LEU C 1003 -0.61 77.74 -54.29
C LEU C 1003 0.05 76.71 -53.38
N ILE C 1004 1.31 76.93 -53.03
CA ILE C 1004 2.02 76.05 -52.12
C ILE C 1004 1.41 76.09 -50.73
N ALA C 1005 1.03 77.29 -50.27
CA ALA C 1005 0.48 77.43 -48.91
C ALA C 1005 -0.91 76.82 -48.80
N ASN C 1006 -1.74 77.00 -49.83
CA ASN C 1006 -3.06 76.38 -49.79
C ASN C 1006 -2.96 74.87 -49.97
N ALA C 1007 -1.94 74.40 -50.70
CA ALA C 1007 -1.66 72.97 -50.77
C ALA C 1007 -1.36 72.39 -49.39
N PHE C 1008 -0.51 73.06 -48.62
CA PHE C 1008 -0.19 72.63 -47.26
C PHE C 1008 -1.42 72.61 -46.36
N ASN C 1009 -2.27 73.65 -46.48
CA ASN C 1009 -3.53 73.70 -45.73
C ASN C 1009 -4.43 72.52 -46.06
N LYS C 1010 -4.63 72.25 -47.35
CA LYS C 1010 -5.56 71.20 -47.75
C LYS C 1010 -5.04 69.82 -47.37
N ALA C 1011 -3.73 69.62 -47.49
CA ALA C 1011 -3.12 68.35 -47.09
C ALA C 1011 -3.23 68.11 -45.60
N LEU C 1012 -3.05 69.16 -44.78
CA LEU C 1012 -3.21 69.01 -43.33
C LEU C 1012 -4.66 68.72 -42.96
N LEU C 1013 -5.60 69.30 -43.70
CA LEU C 1013 -7.00 69.02 -43.41
C LEU C 1013 -7.39 67.61 -43.82
N SER C 1014 -6.83 67.10 -44.90
CA SER C 1014 -7.16 65.74 -45.30
C SER C 1014 -6.50 64.71 -44.39
N ILE C 1015 -5.34 65.03 -43.82
CA ILE C 1015 -4.79 64.22 -42.72
C ILE C 1015 -5.75 64.22 -41.53
N GLN C 1016 -6.29 65.40 -41.21
CA GLN C 1016 -7.10 65.56 -40.00
C GLN C 1016 -8.44 64.85 -40.11
N ASN C 1017 -9.09 64.90 -41.27
CA ASN C 1017 -10.41 64.33 -41.44
C ASN C 1017 -10.34 62.90 -42.00
N GLY C 1018 -9.34 62.14 -41.59
CA GLY C 1018 -9.10 60.88 -42.24
C GLY C 1018 -9.06 59.65 -41.35
N PHE C 1019 -9.14 59.84 -40.03
CA PHE C 1019 -9.17 58.69 -39.12
C PHE C 1019 -10.59 58.12 -39.07
N THR C 1020 -10.99 57.49 -40.18
CA THR C 1020 -12.35 56.97 -40.32
C THR C 1020 -12.25 55.49 -40.69
N ALA C 1021 -12.12 54.65 -39.67
CA ALA C 1021 -12.47 53.23 -39.67
C ALA C 1021 -11.73 52.33 -40.65
N THR C 1022 -10.82 52.88 -41.46
CA THR C 1022 -9.92 52.06 -42.27
C THR C 1022 -8.53 52.69 -42.38
N ASN C 1023 -8.18 53.61 -41.50
CA ASN C 1023 -6.82 54.13 -41.47
C ASN C 1023 -5.88 53.04 -40.99
N SER C 1024 -4.69 52.98 -41.59
CA SER C 1024 -3.74 51.94 -41.21
C SER C 1024 -3.02 52.31 -39.91
N ALA C 1025 -2.88 53.60 -39.63
CA ALA C 1025 -2.22 54.02 -38.40
C ALA C 1025 -3.09 53.74 -37.20
N LEU C 1026 -4.39 54.00 -37.30
CA LEU C 1026 -5.31 53.64 -36.23
C LEU C 1026 -5.42 52.13 -36.07
N ALA C 1027 -5.24 51.38 -37.15
CA ALA C 1027 -5.14 49.93 -37.04
C ALA C 1027 -3.92 49.51 -36.23
N LYS C 1028 -2.78 50.17 -36.45
CA LYS C 1028 -1.59 49.83 -35.67
C LYS C 1028 -1.68 50.30 -34.22
N ILE C 1029 -2.44 51.35 -33.94
CA ILE C 1029 -2.63 51.74 -32.54
C ILE C 1029 -3.61 50.80 -31.86
N GLN C 1030 -4.59 50.29 -32.59
CA GLN C 1030 -5.54 49.36 -32.01
C GLN C 1030 -4.94 47.97 -31.78
N SER C 1031 -3.99 47.56 -32.63
CA SER C 1031 -3.34 46.25 -32.49
C SER C 1031 -2.58 46.12 -31.19
N VAL C 1032 -1.93 47.19 -30.74
CA VAL C 1032 -1.16 47.19 -29.51
C VAL C 1032 -2.04 46.90 -28.30
N VAL C 1033 -3.19 47.56 -28.24
CA VAL C 1033 -4.08 47.43 -27.10
C VAL C 1033 -4.79 46.08 -27.13
N ASN C 1034 -5.18 45.63 -28.32
CA ASN C 1034 -5.81 44.32 -28.43
C ASN C 1034 -4.84 43.20 -28.08
N ALA C 1035 -3.57 43.34 -28.47
CA ALA C 1035 -2.58 42.31 -28.15
C ALA C 1035 -2.29 42.26 -26.65
N ASN C 1036 -2.20 43.42 -26.00
CA ASN C 1036 -2.01 43.44 -24.54
C ASN C 1036 -3.19 42.79 -23.82
N ALA C 1037 -4.41 43.15 -24.20
CA ALA C 1037 -5.59 42.61 -23.52
C ALA C 1037 -5.74 41.11 -23.73
N GLN C 1038 -5.43 40.63 -24.94
CA GLN C 1038 -5.49 39.21 -25.22
C GLN C 1038 -4.45 38.42 -24.44
N ALA C 1039 -3.22 38.94 -24.32
CA ALA C 1039 -2.19 38.24 -23.55
C ALA C 1039 -2.52 38.20 -22.07
N LEU C 1040 -3.09 39.27 -21.52
CA LEU C 1040 -3.39 39.27 -20.09
C LEU C 1040 -4.60 38.39 -19.77
N ASN C 1041 -5.61 38.36 -20.64
CA ASN C 1041 -6.74 37.48 -20.41
C ASN C 1041 -6.36 36.02 -20.57
N SER C 1042 -5.47 35.71 -21.51
CA SER C 1042 -5.00 34.35 -21.64
C SER C 1042 -4.15 33.93 -20.46
N LEU C 1043 -3.45 34.87 -19.83
CA LEU C 1043 -2.71 34.54 -18.63
C LEU C 1043 -3.64 34.29 -17.45
N LEU C 1044 -4.70 35.08 -17.32
CA LEU C 1044 -5.65 34.87 -16.23
C LEU C 1044 -6.43 33.57 -16.40
N GLN C 1045 -6.66 33.13 -17.63
CA GLN C 1045 -7.34 31.86 -17.84
C GLN C 1045 -6.51 30.63 -17.47
N GLN C 1046 -5.25 30.78 -17.11
CA GLN C 1046 -4.45 29.66 -16.64
C GLN C 1046 -4.73 29.30 -15.20
N LEU C 1047 -5.52 30.09 -14.49
CA LEU C 1047 -5.89 29.78 -13.12
C LEU C 1047 -7.11 28.88 -13.05
N PHE C 1048 -7.55 28.33 -14.18
CA PHE C 1048 -8.68 27.43 -14.22
C PHE C 1048 -8.35 26.07 -14.81
N ASN C 1049 -7.08 25.81 -15.15
CA ASN C 1049 -6.67 24.51 -15.62
C ASN C 1049 -6.33 23.62 -14.45
N LYS C 1050 -6.51 22.31 -14.63
CA LYS C 1050 -6.22 21.36 -13.58
C LYS C 1050 -4.82 20.79 -13.66
N PHE C 1051 -4.23 20.76 -14.85
CA PHE C 1051 -2.88 20.25 -15.13
C PHE C 1051 -2.67 18.81 -14.69
N GLY C 1052 -3.72 18.01 -14.65
CA GLY C 1052 -3.62 16.67 -14.15
C GLY C 1052 -3.91 16.48 -12.68
N ALA C 1053 -4.51 17.48 -12.02
CA ALA C 1053 -4.93 17.35 -10.65
C ALA C 1053 -6.43 17.09 -10.60
N ILE C 1054 -6.97 16.98 -9.39
CA ILE C 1054 -8.39 16.71 -9.25
C ILE C 1054 -9.21 17.98 -9.43
N SER C 1055 -8.63 19.14 -9.18
CA SER C 1055 -9.34 20.40 -9.30
C SER C 1055 -8.35 21.50 -9.55
N SER C 1056 -8.87 22.67 -9.90
CA SER C 1056 -8.06 23.86 -10.04
C SER C 1056 -8.16 24.77 -8.83
N SER C 1057 -9.08 24.49 -7.92
CA SER C 1057 -9.22 25.29 -6.72
C SER C 1057 -8.30 24.77 -5.62
N LEU C 1058 -7.53 25.67 -5.03
CA LEU C 1058 -6.70 25.28 -3.90
C LEU C 1058 -7.53 25.03 -2.65
N GLN C 1059 -8.64 25.74 -2.51
CA GLN C 1059 -9.49 25.54 -1.34
C GLN C 1059 -10.24 24.23 -1.40
N GLU C 1060 -10.56 23.75 -2.60
CA GLU C 1060 -11.18 22.44 -2.72
C GLU C 1060 -10.21 21.33 -2.40
N ILE C 1061 -8.95 21.46 -2.77
CA ILE C 1061 -7.97 20.42 -2.48
C ILE C 1061 -7.63 20.40 -1.00
N LEU C 1062 -7.49 21.58 -0.38
CA LEU C 1062 -7.12 21.63 1.03
C LEU C 1062 -8.28 21.33 1.97
N SER C 1063 -9.50 21.16 1.47
CA SER C 1063 -10.65 20.86 2.31
C SER C 1063 -11.25 19.49 2.00
N ARG C 1064 -10.63 18.72 1.12
CA ARG C 1064 -11.14 17.41 0.77
C ARG C 1064 -10.09 16.32 0.80
N LEU C 1065 -8.83 16.64 1.08
CA LEU C 1065 -7.77 15.65 1.18
C LEU C 1065 -7.02 15.86 2.48
N ASP C 1066 -6.20 14.93 2.78
CA ASP C 1066 -5.31 14.82 3.91
C ASP C 1066 -3.90 15.23 3.51
N PRO C 1067 -3.22 15.98 4.39
CA PRO C 1067 -2.03 16.78 3.99
C PRO C 1067 -0.87 16.00 3.37
N PRO C 1068 -0.67 14.68 3.62
CA PRO C 1068 0.29 13.97 2.76
C PRO C 1068 -0.19 13.77 1.33
N GLU C 1069 -1.49 13.67 1.11
CA GLU C 1069 -2.03 13.48 -0.23
C GLU C 1069 -2.44 14.78 -0.89
N ALA C 1070 -2.46 15.88 -0.15
CA ALA C 1070 -2.76 17.18 -0.75
C ALA C 1070 -1.56 17.78 -1.44
N GLN C 1071 -0.35 17.51 -0.94
CA GLN C 1071 0.85 18.08 -1.55
C GLN C 1071 1.09 17.53 -2.95
N VAL C 1072 0.70 16.28 -3.19
CA VAL C 1072 0.82 15.67 -4.51
C VAL C 1072 -0.05 16.38 -5.52
N GLN C 1073 -1.17 16.97 -5.08
CA GLN C 1073 -2.05 17.69 -5.98
C GLN C 1073 -1.65 19.14 -6.12
N ILE C 1074 -1.21 19.77 -5.04
CA ILE C 1074 -0.81 21.17 -5.11
C ILE C 1074 0.50 21.33 -5.89
N ASP C 1075 1.33 20.29 -5.94
CA ASP C 1075 2.55 20.35 -6.72
C ASP C 1075 2.30 20.43 -8.22
N ARG C 1076 1.25 19.76 -8.70
CA ARG C 1076 0.90 19.83 -10.12
C ARG C 1076 0.40 21.22 -10.50
N LEU C 1077 -0.40 21.83 -9.62
CA LEU C 1077 -0.89 23.18 -9.88
C LEU C 1077 0.24 24.20 -9.84
N ILE C 1078 1.16 24.04 -8.91
CA ILE C 1078 2.32 24.92 -8.80
C ILE C 1078 3.19 24.82 -10.04
N ASN C 1079 3.48 23.60 -10.50
CA ASN C 1079 4.31 23.43 -11.68
C ASN C 1079 3.64 23.97 -12.94
N GLY C 1080 2.33 23.75 -13.10
CA GLY C 1080 1.64 24.27 -14.27
C GLY C 1080 1.57 25.79 -14.29
N ARG C 1081 1.35 26.40 -13.13
CA ARG C 1081 1.27 27.86 -13.09
C ARG C 1081 2.64 28.51 -13.24
N LEU C 1082 3.69 27.90 -12.71
CA LEU C 1082 5.04 28.44 -12.92
C LEU C 1082 5.50 28.27 -14.37
N THR C 1083 5.09 27.19 -15.03
CA THR C 1083 5.33 27.04 -16.46
C THR C 1083 4.65 28.13 -17.28
N ALA C 1084 3.41 28.45 -16.93
CA ALA C 1084 2.70 29.54 -17.60
C ALA C 1084 3.39 30.88 -17.40
N LEU C 1085 3.88 31.16 -16.20
CA LEU C 1085 4.56 32.43 -15.95
C LEU C 1085 5.90 32.52 -16.67
N ASN C 1086 6.64 31.41 -16.76
CA ASN C 1086 7.88 31.41 -17.52
C ASN C 1086 7.63 31.68 -19.01
N ALA C 1087 6.56 31.12 -19.58
CA ALA C 1087 6.25 31.38 -20.98
C ALA C 1087 5.88 32.84 -21.22
N TYR C 1088 5.11 33.44 -20.30
CA TYR C 1088 4.76 34.85 -20.43
C TYR C 1088 5.99 35.75 -20.35
N VAL C 1089 6.92 35.41 -19.46
CA VAL C 1089 8.10 36.26 -19.26
C VAL C 1089 9.03 36.20 -20.47
N SER C 1090 9.16 35.01 -21.09
CA SER C 1090 9.96 34.91 -22.31
C SER C 1090 9.32 35.68 -23.46
N GLN C 1091 7.98 35.69 -23.54
CA GLN C 1091 7.33 36.45 -24.60
C GLN C 1091 7.50 37.96 -24.42
N GLN C 1092 7.52 38.43 -23.17
CA GLN C 1092 7.77 39.85 -22.93
C GLN C 1092 9.19 40.25 -23.27
N LEU C 1093 10.14 39.40 -22.91
CA LEU C 1093 11.54 39.61 -23.26
C LEU C 1093 11.78 39.59 -24.76
N SER C 1094 10.93 38.92 -25.53
CA SER C 1094 11.09 39.02 -26.98
C SER C 1094 10.33 40.20 -27.58
N ASP C 1095 9.27 40.69 -26.96
CA ASP C 1095 8.57 41.85 -27.51
C ASP C 1095 9.33 43.15 -27.30
N ILE C 1096 10.08 43.25 -26.20
CA ILE C 1096 10.78 44.49 -25.89
C ILE C 1096 11.89 44.80 -26.88
N THR C 1097 12.40 43.81 -27.62
CA THR C 1097 13.47 44.07 -28.57
C THR C 1097 12.94 44.72 -29.85
N LEU C 1098 11.76 44.29 -30.30
CA LEU C 1098 11.09 44.97 -31.41
C LEU C 1098 10.67 46.37 -31.04
N ILE C 1099 10.16 46.54 -29.81
CA ILE C 1099 9.78 47.88 -29.34
C ILE C 1099 10.97 48.82 -29.30
N LYS C 1100 12.14 48.31 -28.89
CA LYS C 1100 13.34 49.14 -28.85
C LYS C 1100 13.85 49.50 -30.24
N ALA C 1101 13.75 48.59 -31.21
CA ALA C 1101 14.13 48.93 -32.58
C ALA C 1101 13.24 50.03 -33.16
N GLY C 1102 11.94 49.95 -32.92
CA GLY C 1102 11.05 51.01 -33.37
C GLY C 1102 11.29 52.34 -32.68
N ALA C 1103 11.62 52.30 -31.39
CA ALA C 1103 11.92 53.53 -30.66
C ALA C 1103 13.18 54.20 -31.16
N SER C 1104 14.16 53.41 -31.60
CA SER C 1104 15.38 54.03 -32.10
C SER C 1104 15.17 54.64 -33.48
N ARG C 1105 14.34 54.00 -34.32
CA ARG C 1105 14.09 54.65 -35.60
C ARG C 1105 13.19 55.88 -35.46
N ALA C 1106 12.30 55.91 -34.47
CA ALA C 1106 11.50 57.09 -34.25
C ALA C 1106 12.33 58.27 -33.75
N ILE C 1107 13.29 58.00 -32.86
CA ILE C 1107 14.28 58.99 -32.44
C ILE C 1107 15.03 59.55 -33.63
N GLU C 1108 15.41 58.67 -34.57
CA GLU C 1108 16.19 59.11 -35.72
C GLU C 1108 15.36 59.93 -36.70
N LYS C 1109 14.09 59.61 -36.88
CA LYS C 1109 13.25 60.42 -37.76
C LYS C 1109 12.94 61.77 -37.14
N VAL C 1110 12.81 61.82 -35.81
CA VAL C 1110 12.69 63.10 -35.11
C VAL C 1110 13.92 63.95 -35.35
N ASN C 1111 15.09 63.35 -35.29
CA ASN C 1111 16.29 64.16 -35.37
C ASN C 1111 16.63 64.58 -36.79
N GLU C 1112 16.16 63.86 -37.81
CA GLU C 1112 16.63 64.13 -39.16
C GLU C 1112 15.54 64.22 -40.21
N CYS C 1113 14.28 64.38 -39.82
CA CYS C 1113 13.23 64.80 -40.73
C CYS C 1113 12.38 65.92 -40.17
N VAL C 1114 12.42 66.15 -38.86
CA VAL C 1114 11.62 67.16 -38.20
C VAL C 1114 12.48 68.27 -37.63
N LYS C 1115 13.47 67.90 -36.82
CA LYS C 1115 14.38 68.86 -36.21
C LYS C 1115 15.36 69.42 -37.22
N SER C 1116 15.56 68.72 -38.32
CA SER C 1116 16.44 69.14 -39.39
C SER C 1116 16.06 68.33 -40.61
N GLN C 1117 16.76 68.57 -41.71
CA GLN C 1117 16.51 67.87 -42.96
C GLN C 1117 17.84 67.37 -43.49
N SER C 1118 17.81 66.20 -44.11
CA SER C 1118 19.03 65.43 -44.32
C SER C 1118 19.19 65.09 -45.79
N PRO C 1119 20.43 64.95 -46.26
CA PRO C 1119 20.65 64.62 -47.67
C PRO C 1119 20.47 63.15 -48.01
N ARG C 1120 19.81 62.38 -47.16
CA ARG C 1120 19.40 61.04 -47.56
C ARG C 1120 18.26 61.12 -48.55
N ILE C 1121 18.18 60.13 -49.42
CA ILE C 1121 17.03 59.94 -50.28
C ILE C 1121 16.31 58.70 -49.80
N ASN C 1122 14.99 58.73 -49.84
CA ASN C 1122 14.10 57.62 -49.47
C ASN C 1122 14.30 57.15 -48.02
N PHE C 1123 14.66 58.06 -47.11
CA PHE C 1123 14.66 57.71 -45.69
C PHE C 1123 13.35 58.12 -45.01
N CYS C 1124 13.07 59.41 -44.99
CA CYS C 1124 11.73 59.88 -44.68
C CYS C 1124 10.95 59.91 -45.98
N GLY C 1125 9.65 59.67 -45.88
CA GLY C 1125 8.74 59.75 -47.02
C GLY C 1125 9.02 58.78 -48.15
N ASN C 1126 9.20 59.32 -49.35
CA ASN C 1126 9.37 58.46 -50.51
C ASN C 1126 10.36 59.02 -51.52
N GLY C 1127 11.00 60.13 -51.21
CA GLY C 1127 11.65 60.81 -52.32
C GLY C 1127 10.67 61.70 -53.07
N ASN C 1128 11.12 62.93 -53.33
CA ASN C 1128 10.34 64.17 -53.46
C ASN C 1128 9.74 64.60 -52.14
N HIS C 1129 10.30 64.12 -51.03
CA HIS C 1129 9.91 64.52 -49.68
C HIS C 1129 10.37 65.94 -49.40
N ILE C 1130 9.46 66.77 -48.86
CA ILE C 1130 9.82 68.13 -48.52
C ILE C 1130 10.07 68.23 -47.03
N LEU C 1131 9.06 67.93 -46.23
CA LEU C 1131 9.18 68.07 -44.78
C LEU C 1131 8.27 67.10 -44.07
N SER C 1132 8.24 67.25 -42.75
CA SER C 1132 7.72 66.26 -41.83
C SER C 1132 7.42 66.94 -40.52
N LEU C 1133 6.23 66.72 -40.00
CA LEU C 1133 5.88 67.15 -38.66
C LEU C 1133 5.63 65.92 -37.79
N VAL C 1134 5.41 66.18 -36.49
CA VAL C 1134 5.35 65.14 -35.47
C VAL C 1134 4.14 65.39 -34.59
N GLN C 1135 3.66 64.32 -33.95
CA GLN C 1135 2.55 64.42 -33.02
C GLN C 1135 2.59 63.24 -32.05
N ASN C 1136 2.01 63.46 -30.87
CA ASN C 1136 1.99 62.48 -29.78
C ASN C 1136 0.86 61.49 -29.99
N ALA C 1137 1.12 60.23 -29.68
CA ALA C 1137 0.13 59.20 -29.94
C ALA C 1137 0.17 58.20 -28.79
N PRO C 1138 -0.91 57.44 -28.58
CA PRO C 1138 -0.86 56.38 -27.57
C PRO C 1138 0.18 55.34 -27.93
N TYR C 1139 1.16 55.20 -27.03
CA TYR C 1139 2.33 54.32 -27.16
C TYR C 1139 3.18 54.68 -28.36
N GLY C 1140 3.21 55.94 -28.76
CA GLY C 1140 4.15 56.26 -29.83
C GLY C 1140 4.01 57.66 -30.36
N LEU C 1141 4.31 57.78 -31.66
CA LEU C 1141 4.40 59.07 -32.33
C LEU C 1141 3.82 58.94 -33.73
N LEU C 1142 3.00 59.91 -34.11
CA LEU C 1142 2.51 60.06 -35.46
C LEU C 1142 3.38 61.05 -36.22
N PHE C 1143 3.72 60.72 -37.45
CA PHE C 1143 4.46 61.64 -38.30
C PHE C 1143 3.63 62.03 -39.49
N ILE C 1144 3.84 63.23 -39.99
CA ILE C 1144 3.23 63.69 -41.23
C ILE C 1144 4.34 63.99 -42.24
N HIS C 1145 4.23 63.44 -43.45
CA HIS C 1145 5.21 63.60 -44.50
C HIS C 1145 4.58 64.32 -45.68
N PHE C 1146 5.11 65.48 -46.03
CA PHE C 1146 4.70 66.24 -47.20
C PHE C 1146 5.63 65.93 -48.35
N SER C 1147 5.10 65.97 -49.57
CA SER C 1147 5.89 65.58 -50.72
C SER C 1147 5.46 66.34 -51.95
N TYR C 1148 6.39 66.42 -52.90
CA TYR C 1148 6.16 67.06 -54.18
C TYR C 1148 5.41 66.12 -55.10
N LYS C 1149 4.45 66.65 -55.85
CA LYS C 1149 3.62 65.80 -56.66
C LYS C 1149 3.51 66.34 -58.08
N PRO C 1150 4.13 65.69 -59.06
CA PRO C 1150 3.84 66.05 -60.46
C PRO C 1150 2.44 65.64 -60.86
N THR C 1151 1.65 66.60 -61.32
CA THR C 1151 0.28 66.29 -61.71
C THR C 1151 0.00 66.33 -63.22
N SER C 1152 0.91 66.86 -64.04
CA SER C 1152 0.73 66.78 -65.48
C SER C 1152 2.10 66.89 -66.14
N PHE C 1153 2.22 66.33 -67.33
CA PHE C 1153 3.50 66.07 -67.97
C PHE C 1153 3.51 66.55 -69.40
N LYS C 1154 4.72 66.72 -69.94
CA LYS C 1154 4.87 66.89 -71.37
C LYS C 1154 6.17 66.23 -71.82
N THR C 1155 6.14 65.69 -73.03
CA THR C 1155 7.30 65.03 -73.63
C THR C 1155 8.27 66.08 -74.13
N VAL C 1156 9.54 65.88 -73.85
CA VAL C 1156 10.61 66.82 -74.20
C VAL C 1156 11.79 65.99 -74.66
N LEU C 1157 12.50 66.48 -75.68
CA LEU C 1157 13.78 65.91 -76.10
C LEU C 1157 14.89 66.67 -75.39
N VAL C 1158 15.81 65.95 -74.76
CA VAL C 1158 16.86 66.56 -73.96
C VAL C 1158 18.22 66.01 -74.36
N SER C 1159 19.25 66.74 -73.93
CA SER C 1159 20.64 66.41 -74.07
C SER C 1159 21.27 66.48 -72.69
N PRO C 1160 22.15 65.54 -72.36
CA PRO C 1160 22.83 65.59 -71.06
C PRO C 1160 24.16 66.32 -71.04
N GLY C 1161 24.69 66.77 -72.17
CA GLY C 1161 25.95 67.49 -72.15
C GLY C 1161 26.39 68.09 -73.48
N LEU C 1162 26.97 69.29 -73.42
CA LEU C 1162 27.27 70.06 -74.62
C LEU C 1162 28.77 70.24 -74.76
N CYS C 1163 29.30 69.87 -75.92
CA CYS C 1163 30.72 69.99 -76.21
C CYS C 1163 30.95 71.32 -76.92
N LEU C 1164 31.49 72.29 -76.20
CA LEU C 1164 31.74 73.62 -76.71
C LEU C 1164 33.07 73.68 -77.45
N SER C 1165 33.20 74.68 -78.32
CA SER C 1165 34.44 74.89 -79.04
C SER C 1165 35.53 75.37 -78.10
N GLY C 1166 36.78 75.13 -78.51
CA GLY C 1166 37.86 75.02 -77.57
C GLY C 1166 38.04 73.62 -77.05
N ASP C 1167 37.24 72.67 -77.55
CA ASP C 1167 37.12 71.30 -77.05
C ASP C 1167 36.88 71.26 -75.55
N ARG C 1168 35.84 71.97 -75.13
CA ARG C 1168 35.41 71.97 -73.74
C ARG C 1168 34.07 71.27 -73.64
N GLY C 1169 33.57 71.14 -72.42
CA GLY C 1169 32.27 70.54 -72.22
C GLY C 1169 31.56 71.16 -71.04
N ILE C 1170 30.24 71.09 -71.07
CA ILE C 1170 29.42 71.52 -69.95
C ILE C 1170 28.34 70.47 -69.72
N ALA C 1171 27.97 70.30 -68.45
CA ALA C 1171 26.89 69.43 -68.04
C ALA C 1171 25.93 70.22 -67.14
N PRO C 1172 24.64 69.92 -67.13
CA PRO C 1172 23.72 70.73 -66.35
C PRO C 1172 23.65 70.33 -64.88
N LYS C 1173 23.54 71.35 -64.03
CA LYS C 1173 23.48 71.19 -62.57
C LYS C 1173 22.05 70.81 -62.18
N GLN C 1174 21.78 69.50 -62.15
CA GLN C 1174 20.47 68.92 -61.86
C GLN C 1174 19.40 69.42 -62.84
N GLY C 1175 19.57 69.06 -64.09
CA GLY C 1175 18.71 69.55 -65.13
C GLY C 1175 19.06 68.92 -66.44
N TYR C 1176 18.55 69.52 -67.51
CA TYR C 1176 18.73 68.96 -68.84
C TYR C 1176 18.95 70.10 -69.83
N PHE C 1177 19.59 69.77 -70.95
CA PHE C 1177 19.78 70.70 -72.07
C PHE C 1177 18.74 70.41 -73.14
N ILE C 1178 17.89 71.40 -73.42
CA ILE C 1178 16.84 71.30 -74.42
C ILE C 1178 17.15 72.29 -75.54
N LYS C 1179 16.43 72.15 -76.65
CA LYS C 1179 16.62 73.05 -77.79
C LYS C 1179 15.34 73.85 -77.99
N GLN C 1180 15.38 75.14 -77.70
CA GLN C 1180 14.24 76.03 -77.84
C GLN C 1180 14.54 77.02 -78.94
N ASN C 1181 13.87 76.84 -80.09
CA ASN C 1181 13.96 77.72 -81.26
C ASN C 1181 15.41 77.87 -81.75
N ASP C 1182 16.09 76.72 -81.86
CA ASP C 1182 17.50 76.62 -82.24
C ASP C 1182 18.42 77.39 -81.29
N SER C 1183 18.01 77.50 -80.03
CA SER C 1183 18.85 78.02 -78.96
C SER C 1183 18.93 76.94 -77.90
N TRP C 1184 20.14 76.49 -77.59
CA TRP C 1184 20.31 75.55 -76.49
C TRP C 1184 19.96 76.23 -75.18
N MET C 1185 18.89 75.75 -74.56
CA MET C 1185 18.40 76.25 -73.28
C MET C 1185 18.51 75.15 -72.24
N PHE C 1186 18.41 75.56 -70.98
CA PHE C 1186 18.45 74.68 -69.82
C PHE C 1186 17.05 74.55 -69.23
N THR C 1187 16.63 73.32 -68.95
CA THR C 1187 15.44 73.12 -68.14
C THR C 1187 15.81 72.36 -66.87
N GLY C 1188 15.01 72.59 -65.80
CA GLY C 1188 15.13 71.79 -64.60
C GLY C 1188 14.64 70.37 -64.81
N SER C 1189 14.77 69.55 -63.77
CA SER C 1189 14.40 68.14 -63.90
C SER C 1189 12.95 67.86 -63.53
N SER C 1190 12.35 68.70 -62.70
CA SER C 1190 11.01 68.45 -62.16
C SER C 1190 9.98 69.43 -62.64
N TYR C 1191 10.32 70.28 -63.59
CA TYR C 1191 9.44 71.32 -64.09
C TYR C 1191 10.00 71.75 -65.44
N TYR C 1192 9.10 71.99 -66.38
CA TYR C 1192 9.47 72.57 -67.67
C TYR C 1192 9.41 74.08 -67.54
N TYR C 1193 10.58 74.71 -67.58
CA TYR C 1193 10.75 76.16 -67.58
C TYR C 1193 12.12 76.47 -68.16
N PRO C 1194 12.23 76.67 -69.47
CA PRO C 1194 13.54 76.95 -70.06
C PRO C 1194 14.05 78.33 -69.67
N GLU C 1195 15.37 78.43 -69.58
CA GLU C 1195 16.01 79.57 -68.96
C GLU C 1195 17.39 79.72 -69.57
N PRO C 1196 18.00 80.90 -69.48
CA PRO C 1196 19.34 81.08 -70.06
C PRO C 1196 20.39 80.19 -69.42
N ILE C 1197 21.28 79.67 -70.25
CA ILE C 1197 22.39 78.88 -69.76
C ILE C 1197 23.42 79.85 -69.16
N SER C 1198 23.38 79.99 -67.85
CA SER C 1198 24.32 80.80 -67.11
C SER C 1198 25.46 79.90 -66.64
N ASP C 1199 26.30 80.43 -65.76
CA ASP C 1199 27.30 79.59 -65.12
C ASP C 1199 26.76 78.88 -63.90
N LYS C 1200 25.54 79.23 -63.48
CA LYS C 1200 24.88 78.62 -62.34
C LYS C 1200 23.99 77.45 -62.71
N ASN C 1201 23.88 77.15 -64.00
CA ASN C 1201 23.15 75.98 -64.47
C ASN C 1201 24.06 74.82 -64.83
N VAL C 1202 25.34 75.06 -65.10
CA VAL C 1202 26.22 74.04 -65.63
C VAL C 1202 27.40 73.86 -64.71
N VAL C 1203 28.09 72.74 -64.91
CA VAL C 1203 29.44 72.50 -64.39
C VAL C 1203 30.34 72.32 -65.60
N PHE C 1204 31.56 72.86 -65.50
CA PHE C 1204 32.52 72.96 -66.59
C PHE C 1204 33.50 71.80 -66.57
N MET C 1205 33.83 71.29 -67.75
CA MET C 1205 34.88 70.30 -67.91
C MET C 1205 35.79 70.76 -69.03
N ASN C 1206 37.10 70.66 -68.82
CA ASN C 1206 38.07 71.15 -69.80
C ASN C 1206 38.31 70.18 -70.94
N SER C 1207 37.54 69.11 -71.01
CA SER C 1207 37.42 68.25 -72.18
C SER C 1207 35.97 67.80 -72.22
N CYS C 1208 35.60 67.06 -73.26
CA CYS C 1208 34.20 66.66 -73.34
C CYS C 1208 34.11 65.18 -73.69
N SER C 1209 32.98 64.58 -73.31
CA SER C 1209 32.67 63.19 -73.57
C SER C 1209 32.34 62.98 -75.04
N VAL C 1210 32.33 61.71 -75.45
CA VAL C 1210 32.30 61.41 -76.87
C VAL C 1210 30.92 61.59 -77.48
N ASN C 1211 29.86 61.29 -76.74
CA ASN C 1211 28.51 61.38 -77.26
C ASN C 1211 27.80 62.65 -76.79
N PHE C 1212 28.57 63.62 -76.31
CA PHE C 1212 28.06 64.95 -76.04
C PHE C 1212 27.66 65.63 -77.35
N THR C 1213 26.72 66.56 -77.26
CA THR C 1213 26.16 67.21 -78.44
C THR C 1213 27.00 68.42 -78.80
N LYS C 1214 27.25 68.56 -80.11
CA LYS C 1214 28.10 69.64 -80.63
C LYS C 1214 27.36 70.97 -80.60
N ALA C 1215 27.93 71.96 -79.90
CA ALA C 1215 27.36 73.30 -79.89
C ALA C 1215 28.48 74.34 -79.85
N PRO C 1216 29.16 74.57 -80.97
CA PRO C 1216 30.19 75.63 -80.99
C PRO C 1216 29.61 77.03 -80.94
N PHE C 1217 28.30 77.18 -81.17
CA PHE C 1217 27.60 78.45 -81.23
C PHE C 1217 27.30 79.02 -79.85
N ILE C 1218 27.84 78.47 -78.77
CA ILE C 1218 27.52 78.93 -77.42
C ILE C 1218 28.74 79.62 -76.83
N TYR C 1219 28.69 80.94 -76.80
CA TYR C 1219 29.60 81.79 -76.04
C TYR C 1219 28.80 82.48 -74.96
N LEU C 1220 27.69 81.86 -74.57
CA LEU C 1220 26.67 82.43 -73.71
C LEU C 1220 27.22 82.59 -72.29
N ASN C 1221 26.47 83.28 -71.45
CA ASN C 1221 26.91 83.56 -70.08
C ASN C 1221 26.68 82.36 -69.18
N CYS D 40 20.27 -88.34 60.03
CA CYS D 40 20.38 -86.91 59.78
C CYS D 40 20.36 -86.69 58.29
N VAL D 41 19.24 -86.20 57.78
CA VAL D 41 19.02 -86.05 56.35
C VAL D 41 18.13 -84.83 56.13
N ARG D 42 18.39 -84.08 55.06
CA ARG D 42 17.70 -82.82 54.85
C ARG D 42 17.71 -82.45 53.38
N LEU D 43 16.68 -81.69 52.97
CA LEU D 43 16.61 -81.10 51.65
C LEU D 43 17.46 -79.83 51.61
N TYR D 44 17.61 -79.27 50.41
CA TYR D 44 18.52 -78.16 50.21
C TYR D 44 18.25 -77.43 48.90
N GLY D 45 18.29 -76.11 48.97
CA GLY D 45 18.45 -75.30 47.78
C GLY D 45 17.24 -75.30 46.88
N PRO D 46 17.43 -74.99 45.61
CA PRO D 46 16.30 -74.97 44.68
C PRO D 46 15.99 -76.33 44.06
N ASN D 47 17.00 -77.18 43.87
CA ASN D 47 16.80 -78.46 43.20
C ASN D 47 16.86 -79.64 44.15
N PHE D 48 16.62 -79.40 45.44
CA PHE D 48 16.11 -80.41 46.38
C PHE D 48 17.09 -81.55 46.63
N ILE D 49 18.38 -81.26 46.64
CA ILE D 49 19.37 -82.30 46.87
C ILE D 49 19.32 -82.74 48.32
N LEU D 50 19.28 -84.04 48.55
CA LEU D 50 19.43 -84.56 49.90
C LEU D 50 20.87 -84.39 50.36
N GLN D 51 21.04 -83.67 51.46
CA GLN D 51 22.31 -83.61 52.16
C GLN D 51 22.33 -84.69 53.23
N VAL D 52 23.51 -85.24 53.50
CA VAL D 52 23.64 -86.35 54.42
C VAL D 52 24.78 -86.04 55.38
N TYR D 53 24.47 -86.09 56.68
CA TYR D 53 25.44 -85.77 57.71
C TYR D 53 26.19 -87.03 58.14
N SER D 54 27.52 -86.95 58.15
CA SER D 54 28.39 -88.00 58.63
C SER D 54 29.20 -87.49 59.81
N SER D 55 29.39 -88.35 60.82
CA SER D 55 30.01 -87.94 62.07
C SER D 55 31.51 -87.71 61.94
N GLN D 56 32.17 -88.42 61.04
CA GLN D 56 33.61 -88.22 60.84
C GLN D 56 33.87 -86.96 60.02
N ARG D 57 33.18 -86.81 58.89
CA ARG D 57 33.34 -85.63 58.06
C ARG D 57 32.69 -84.39 58.66
N LYS D 58 31.84 -84.56 59.68
CA LYS D 58 31.19 -83.48 60.44
C LYS D 58 30.32 -82.59 59.56
N SER D 59 29.86 -83.11 58.44
CA SER D 59 29.35 -82.24 57.39
C SER D 59 28.22 -82.93 56.64
N TRP D 60 27.40 -82.10 56.00
CA TRP D 60 26.33 -82.58 55.14
C TRP D 60 26.89 -82.91 53.78
N HIS D 61 26.37 -83.97 53.17
CA HIS D 61 26.94 -84.43 51.91
C HIS D 61 25.85 -84.98 51.00
N PRO D 62 26.01 -84.85 49.69
CA PRO D 62 24.98 -85.36 48.78
C PRO D 62 25.17 -86.83 48.44
N VAL D 63 24.08 -87.42 47.95
CA VAL D 63 24.04 -88.82 47.56
C VAL D 63 23.93 -88.89 46.03
N CYS D 64 24.78 -89.68 45.42
CA CYS D 64 24.66 -89.98 44.00
C CYS D 64 23.55 -91.00 43.77
N GLN D 65 23.02 -91.01 42.54
CA GLN D 65 21.82 -91.77 42.20
C GLN D 65 22.12 -93.20 41.77
N ASP D 66 23.21 -93.78 42.27
CA ASP D 66 23.63 -95.13 41.92
C ASP D 66 22.68 -96.13 42.54
N ASP D 67 21.72 -96.60 41.73
CA ASP D 67 20.72 -97.61 42.09
C ASP D 67 19.86 -97.18 43.28
N TRP D 68 19.25 -96.00 43.18
CA TRP D 68 18.25 -95.66 44.17
C TRP D 68 16.88 -96.15 43.73
N ASN D 69 15.99 -96.26 44.70
CA ASN D 69 14.68 -96.83 44.45
C ASN D 69 13.65 -96.09 45.28
N GLU D 70 12.40 -96.17 44.82
CA GLU D 70 11.29 -95.64 45.59
C GLU D 70 11.10 -96.41 46.89
N ASN D 71 11.50 -97.68 46.91
CA ASN D 71 11.54 -98.43 48.15
C ASN D 71 12.63 -97.93 49.08
N TYR D 72 13.57 -97.12 48.59
CA TYR D 72 14.34 -96.24 49.45
C TYR D 72 13.83 -94.81 49.43
N GLY D 73 13.29 -94.34 48.30
CA GLY D 73 12.90 -92.95 48.13
C GLY D 73 11.51 -92.58 48.63
N ARG D 74 10.48 -93.35 48.25
CA ARG D 74 9.16 -93.12 48.81
C ARG D 74 9.08 -93.50 50.28
N ALA D 75 9.99 -94.33 50.75
CA ALA D 75 10.19 -94.53 52.18
C ALA D 75 11.19 -93.56 52.78
N ALA D 76 11.54 -92.50 52.05
CA ALA D 76 12.41 -91.50 52.65
C ALA D 76 11.65 -90.25 53.07
N CYS D 77 10.41 -90.08 52.62
CA CYS D 77 9.67 -88.92 53.09
C CYS D 77 9.12 -89.11 54.50
N ARG D 78 8.99 -90.34 54.99
CA ARG D 78 8.62 -90.51 56.40
C ARG D 78 9.78 -90.23 57.32
N ASP D 79 11.00 -90.14 56.79
CA ASP D 79 12.13 -89.73 57.60
C ASP D 79 12.00 -88.28 58.04
N MET D 80 11.48 -87.43 57.16
CA MET D 80 11.26 -86.02 57.47
C MET D 80 9.78 -85.70 57.53
N GLY D 81 9.00 -86.58 58.14
CA GLY D 81 7.63 -86.24 58.49
C GLY D 81 6.66 -86.16 57.34
N TYR D 82 6.64 -87.16 56.46
CA TYR D 82 5.63 -87.28 55.42
C TYR D 82 5.32 -88.78 55.29
N LYS D 83 4.23 -89.22 55.89
CA LYS D 83 3.98 -90.66 56.00
C LYS D 83 3.40 -91.23 54.71
N ASN D 84 2.21 -90.78 54.33
CA ASN D 84 1.47 -91.39 53.22
C ASN D 84 1.42 -90.50 51.99
N ASN D 85 2.45 -89.69 51.76
CA ASN D 85 2.53 -88.85 50.57
C ASN D 85 3.89 -89.04 49.90
N PHE D 86 3.89 -88.85 48.58
CA PHE D 86 5.10 -88.73 47.77
C PHE D 86 4.74 -88.09 46.45
N TYR D 87 5.71 -87.40 45.84
CA TYR D 87 5.51 -86.85 44.51
C TYR D 87 6.44 -87.43 43.45
N SER D 88 7.75 -87.28 43.59
CA SER D 88 8.63 -87.54 42.45
C SER D 88 10.08 -87.63 42.89
N SER D 89 10.90 -88.17 41.98
CA SER D 89 12.34 -88.27 42.15
C SER D 89 12.98 -88.46 40.77
N GLN D 90 14.07 -87.74 40.52
CA GLN D 90 14.75 -87.83 39.24
C GLN D 90 16.25 -87.68 39.44
N GLY D 91 17.00 -87.83 38.35
CA GLY D 91 18.42 -87.54 38.35
C GLY D 91 18.68 -86.13 37.83
N ILE D 92 19.63 -85.45 38.48
CA ILE D 92 19.99 -84.08 38.13
C ILE D 92 21.50 -83.92 38.22
N VAL D 93 21.98 -82.80 37.68
CA VAL D 93 23.40 -82.54 37.57
C VAL D 93 23.92 -81.96 38.88
N ASP D 94 25.17 -82.31 39.22
CA ASP D 94 25.76 -81.86 40.48
C ASP D 94 26.21 -80.41 40.36
N ASP D 95 25.68 -79.56 41.24
CA ASP D 95 26.19 -78.20 41.40
C ASP D 95 26.21 -77.72 42.84
N SER D 96 26.03 -78.61 43.83
CA SER D 96 25.78 -78.20 45.20
C SER D 96 27.03 -77.67 45.88
N GLY D 97 28.16 -78.38 45.77
CA GLY D 97 29.40 -77.87 46.30
C GLY D 97 30.09 -78.67 47.39
N SER D 98 29.94 -79.99 47.38
CA SER D 98 30.71 -80.86 48.26
C SER D 98 31.56 -81.80 47.42
N THR D 99 32.72 -82.18 47.96
CA THR D 99 33.65 -83.06 47.29
C THR D 99 33.85 -84.36 48.07
N SER D 100 32.81 -84.79 48.79
CA SER D 100 32.79 -86.05 49.53
C SER D 100 31.37 -86.60 49.43
N PHE D 101 31.12 -87.42 48.41
CA PHE D 101 29.77 -87.84 48.11
C PHE D 101 29.34 -88.98 49.03
N MET D 102 28.14 -89.49 48.82
CA MET D 102 27.65 -90.65 49.56
C MET D 102 27.23 -91.73 48.59
N LYS D 103 27.61 -92.97 48.88
CA LYS D 103 27.42 -94.10 47.98
C LYS D 103 26.65 -95.21 48.68
N LEU D 104 26.32 -96.25 47.92
CA LEU D 104 25.50 -97.33 48.43
C LEU D 104 26.32 -98.58 48.73
N ASN D 105 25.98 -99.23 49.83
CA ASN D 105 26.56 -100.53 50.19
C ASN D 105 25.61 -101.65 49.77
N THR D 106 25.34 -101.72 48.47
CA THR D 106 24.46 -102.75 47.94
C THR D 106 25.15 -104.10 47.88
N SER D 107 26.49 -104.12 47.99
CA SER D 107 27.23 -105.37 48.03
C SER D 107 26.92 -106.17 49.29
N ALA D 108 26.59 -105.49 50.38
CA ALA D 108 26.13 -106.18 51.58
C ALA D 108 24.67 -106.58 51.42
N GLY D 109 24.20 -107.41 52.34
CA GLY D 109 22.84 -107.92 52.27
C GLY D 109 21.78 -106.94 52.72
N ASN D 110 20.74 -107.45 53.38
CA ASN D 110 19.60 -106.61 53.75
C ASN D 110 19.92 -105.86 55.03
N VAL D 111 20.33 -104.60 54.87
CA VAL D 111 20.51 -103.69 55.99
C VAL D 111 19.65 -102.46 55.75
N ASP D 112 19.72 -101.49 56.65
CA ASP D 112 18.96 -100.26 56.54
C ASP D 112 19.56 -99.36 55.46
N ILE D 113 18.79 -98.32 55.09
CA ILE D 113 19.34 -97.22 54.31
C ILE D 113 20.49 -96.56 55.07
N TYR D 114 20.28 -96.29 56.35
CA TYR D 114 21.19 -95.51 57.17
C TYR D 114 22.46 -96.25 57.56
N LYS D 115 22.58 -97.53 57.22
CA LYS D 115 23.84 -98.22 57.37
C LYS D 115 24.64 -98.25 56.07
N LYS D 116 23.96 -98.16 54.93
CA LYS D 116 24.57 -98.46 53.64
C LYS D 116 25.21 -97.25 52.97
N LEU D 117 25.61 -96.24 53.73
CA LEU D 117 26.04 -94.98 53.14
C LEU D 117 27.50 -94.70 53.51
N TYR D 118 28.42 -95.04 52.62
CA TYR D 118 29.81 -94.66 52.76
C TYR D 118 30.15 -93.56 51.75
N HIS D 119 31.37 -93.05 51.90
CA HIS D 119 31.79 -91.90 51.11
C HIS D 119 32.41 -92.35 49.78
N SER D 120 32.37 -91.45 48.81
CA SER D 120 33.05 -91.63 47.54
C SER D 120 33.39 -90.25 46.98
N ASP D 121 34.45 -90.21 46.18
CA ASP D 121 34.89 -88.96 45.60
C ASP D 121 34.18 -88.62 44.29
N ALA D 122 33.58 -89.62 43.63
CA ALA D 122 32.94 -89.42 42.35
C ALA D 122 31.57 -90.06 42.35
N CYS D 123 30.62 -89.39 41.71
CA CYS D 123 29.30 -89.98 41.45
C CYS D 123 29.40 -90.89 40.22
N SER D 124 28.96 -92.14 40.37
CA SER D 124 29.19 -93.14 39.33
C SER D 124 28.28 -92.96 38.12
N SER D 125 27.17 -92.22 38.26
CA SER D 125 26.36 -91.86 37.11
C SER D 125 26.15 -90.36 37.00
N LYS D 126 26.77 -89.58 37.88
CA LYS D 126 26.71 -88.11 37.93
C LYS D 126 25.29 -87.57 38.05
N ALA D 127 24.38 -88.37 38.61
CA ALA D 127 23.05 -87.92 38.98
C ALA D 127 22.94 -87.96 40.49
N VAL D 128 22.28 -86.96 41.07
CA VAL D 128 22.18 -86.86 42.51
C VAL D 128 20.72 -86.84 42.90
N VAL D 129 20.45 -86.65 44.20
CA VAL D 129 19.08 -86.71 44.70
C VAL D 129 18.30 -85.51 44.18
N SER D 130 17.17 -85.78 43.55
CA SER D 130 16.16 -84.78 43.31
C SER D 130 14.87 -85.29 43.95
N LEU D 131 14.14 -84.40 44.59
CA LEU D 131 13.05 -84.86 45.45
C LEU D 131 11.91 -83.85 45.42
N ARG D 132 10.70 -84.36 45.64
CA ARG D 132 9.53 -83.56 46.02
C ARG D 132 8.75 -84.38 47.02
N CYS D 133 8.68 -83.95 48.28
CA CYS D 133 7.97 -84.78 49.25
C CYS D 133 6.47 -84.60 49.19
N ILE D 134 5.96 -83.59 48.49
CA ILE D 134 4.53 -83.35 48.45
C ILE D 134 4.21 -82.52 47.23
N ALA D 135 2.93 -82.45 46.85
CA ALA D 135 2.49 -81.59 45.75
C ALA D 135 2.33 -80.13 46.18
N CYS D 136 3.42 -79.55 46.68
CA CYS D 136 3.43 -78.14 46.97
C CYS D 136 3.87 -77.38 45.72
N GLY D 137 3.74 -76.06 45.77
CA GLY D 137 4.13 -75.28 44.62
C GLY D 137 3.04 -74.47 43.96
N VAL D 138 2.64 -74.93 42.78
CA VAL D 138 2.06 -74.06 41.78
C VAL D 138 0.66 -73.59 42.15
N ASN D 139 0.27 -72.47 41.55
CA ASN D 139 -1.07 -71.94 41.51
C ASN D 139 -1.40 -71.54 40.08
N LEU D 140 -2.64 -71.15 39.86
CA LEU D 140 -3.03 -70.61 38.57
C LEU D 140 -2.46 -69.21 38.43
N ASN D 141 -1.48 -69.04 37.54
CA ASN D 141 -0.76 -67.77 37.44
C ASN D 141 -1.69 -66.71 36.88
N SER D 142 -2.31 -65.94 37.77
CA SER D 142 -3.27 -64.93 37.39
C SER D 142 -2.60 -63.57 37.55
N SER D 143 -3.39 -62.50 37.35
CA SER D 143 -2.79 -61.22 36.98
C SER D 143 -2.88 -60.14 38.04
N ARG D 144 -4.06 -59.80 38.53
CA ARG D 144 -4.31 -58.51 39.18
C ARG D 144 -4.92 -58.68 40.57
N GLN D 145 -4.32 -59.53 41.40
CA GLN D 145 -4.77 -59.76 42.78
C GLN D 145 -4.01 -58.80 43.70
N SER D 146 -4.68 -57.72 44.12
CA SER D 146 -3.94 -56.68 44.83
C SER D 146 -4.72 -55.99 45.95
N GLN D 147 -5.61 -56.68 46.67
CA GLN D 147 -6.57 -55.94 47.48
C GLN D 147 -6.08 -55.53 48.85
N ILE D 148 -4.78 -55.56 49.17
CA ILE D 148 -4.40 -54.61 50.20
C ILE D 148 -4.43 -53.22 49.57
N VAL D 149 -4.74 -52.22 50.41
CA VAL D 149 -5.54 -51.02 50.12
C VAL D 149 -5.23 -50.38 48.76
N GLY D 150 -6.28 -50.16 47.97
CA GLY D 150 -6.13 -49.69 46.60
C GLY D 150 -5.81 -50.76 45.57
N GLY D 151 -6.71 -51.72 45.39
CA GLY D 151 -6.48 -52.76 44.41
C GLY D 151 -7.69 -53.64 44.21
N GLU D 152 -7.46 -54.76 43.52
CA GLU D 152 -8.48 -55.74 43.18
C GLU D 152 -8.27 -57.00 44.02
N SER D 153 -9.33 -57.80 44.16
CA SER D 153 -9.35 -58.88 45.14
C SER D 153 -8.41 -60.01 44.78
N ALA D 154 -8.07 -60.80 45.79
CA ALA D 154 -7.28 -62.00 45.59
C ALA D 154 -8.08 -62.99 44.77
N LEU D 155 -7.53 -63.40 43.66
CA LEU D 155 -8.30 -64.33 42.85
C LEU D 155 -8.23 -65.72 43.46
N PRO D 156 -9.36 -66.43 43.49
CA PRO D 156 -9.38 -67.76 44.13
C PRO D 156 -8.55 -68.76 43.36
N GLY D 157 -7.91 -69.66 44.11
CA GLY D 157 -7.04 -70.65 43.52
C GLY D 157 -5.64 -70.17 43.18
N ALA D 158 -5.40 -68.87 43.14
CA ALA D 158 -4.06 -68.37 42.90
C ALA D 158 -3.26 -68.21 44.19
N TRP D 159 -3.91 -68.17 45.34
CA TRP D 159 -3.24 -68.32 46.63
C TRP D 159 -3.86 -69.53 47.31
N PRO D 160 -3.46 -70.73 46.93
CA PRO D 160 -4.19 -71.92 47.34
C PRO D 160 -3.74 -72.52 48.67
N TRP D 161 -2.99 -71.78 49.47
CA TRP D 161 -2.63 -72.25 50.79
C TRP D 161 -3.24 -71.43 51.89
N GLN D 162 -3.94 -70.36 51.55
CA GLN D 162 -4.44 -69.43 52.53
C GLN D 162 -5.58 -70.06 53.32
N VAL D 163 -5.41 -70.14 54.64
CA VAL D 163 -6.44 -70.69 55.50
C VAL D 163 -6.99 -69.55 56.36
N SER D 164 -7.95 -69.86 57.23
CA SER D 164 -8.40 -68.91 58.24
C SER D 164 -8.74 -69.70 59.48
N LEU D 165 -8.30 -69.23 60.63
CA LEU D 165 -8.50 -69.97 61.86
C LEU D 165 -9.49 -69.23 62.74
N HIS D 166 -10.31 -70.00 63.48
CA HIS D 166 -11.48 -69.48 64.18
C HIS D 166 -11.61 -70.11 65.55
N VAL D 167 -12.06 -69.31 66.51
CA VAL D 167 -12.60 -69.80 67.77
C VAL D 167 -13.97 -69.17 67.95
N GLN D 168 -14.98 -70.01 68.17
CA GLN D 168 -16.39 -69.61 68.36
C GLN D 168 -16.94 -68.86 67.15
N ASN D 169 -16.41 -69.20 65.97
CA ASN D 169 -16.79 -68.61 64.68
C ASN D 169 -16.65 -67.10 64.65
N VAL D 170 -15.45 -66.64 65.02
CA VAL D 170 -14.98 -65.32 64.65
C VAL D 170 -13.61 -65.51 63.99
N HIS D 171 -13.35 -64.72 62.97
CA HIS D 171 -12.10 -64.82 62.23
C HIS D 171 -10.98 -64.18 63.03
N VAL D 172 -9.93 -64.94 63.31
CA VAL D 172 -8.83 -64.35 64.08
C VAL D 172 -7.49 -64.45 63.36
N CYS D 173 -6.98 -65.66 63.16
CA CYS D 173 -5.61 -65.82 62.68
C CYS D 173 -5.58 -66.65 61.42
N GLY D 174 -4.46 -66.60 60.72
CA GLY D 174 -4.28 -67.29 59.48
C GLY D 174 -3.24 -68.38 59.57
N GLY D 175 -2.74 -68.78 58.41
CA GLY D 175 -1.69 -69.76 58.37
C GLY D 175 -1.45 -70.24 56.95
N SER D 176 -0.75 -71.37 56.85
CA SER D 176 -0.33 -71.89 55.56
C SER D 176 -0.07 -73.38 55.69
N ILE D 177 -0.53 -74.13 54.74
CA ILE D 177 -0.51 -75.59 54.82
C ILE D 177 0.78 -76.13 54.23
N ILE D 178 1.37 -77.15 54.87
CA ILE D 178 2.49 -77.87 54.29
C ILE D 178 2.23 -79.36 54.13
N THR D 179 1.28 -79.95 54.86
CA THR D 179 0.76 -81.30 54.71
C THR D 179 -0.74 -81.21 54.85
N PRO D 180 -1.48 -82.25 54.43
CA PRO D 180 -2.91 -82.29 54.80
C PRO D 180 -3.17 -82.40 56.30
N GLU D 181 -2.21 -82.87 57.07
CA GLU D 181 -2.43 -83.04 58.50
C GLU D 181 -1.78 -81.96 59.35
N TRP D 182 -0.76 -81.26 58.84
CA TRP D 182 -0.10 -80.20 59.58
C TRP D 182 -0.48 -78.84 59.00
N ILE D 183 -0.36 -77.81 59.82
CA ILE D 183 -0.68 -76.44 59.44
C ILE D 183 0.12 -75.52 60.34
N VAL D 184 0.74 -74.51 59.76
CA VAL D 184 1.57 -73.57 60.49
C VAL D 184 0.74 -72.34 60.83
N THR D 185 1.10 -71.67 61.91
CA THR D 185 0.52 -70.37 62.23
C THR D 185 1.42 -69.69 63.24
N ALA D 186 1.11 -68.44 63.54
CA ALA D 186 1.91 -67.69 64.50
C ALA D 186 1.57 -68.14 65.91
N ALA D 187 2.60 -68.28 66.75
CA ALA D 187 2.40 -68.86 68.07
C ALA D 187 1.61 -67.97 68.99
N HIS D 188 1.64 -66.65 68.82
CA HIS D 188 0.95 -65.82 69.79
C HIS D 188 -0.53 -65.74 69.54
N CYS D 189 -1.06 -66.52 68.61
CA CYS D 189 -2.48 -66.80 68.59
C CYS D 189 -2.82 -67.93 69.55
N VAL D 190 -1.96 -68.92 69.67
CA VAL D 190 -2.25 -70.11 70.46
C VAL D 190 -1.65 -70.01 71.87
N GLU D 191 -1.38 -68.79 72.34
CA GLU D 191 -0.85 -68.57 73.67
C GLU D 191 -1.91 -68.86 74.72
N LYS D 192 -1.49 -68.77 75.99
CA LYS D 192 -2.36 -68.91 77.14
C LYS D 192 -3.36 -67.76 77.21
N PRO D 193 -4.57 -67.99 77.75
CA PRO D 193 -5.12 -69.24 78.29
C PRO D 193 -5.96 -69.98 77.27
N LEU D 194 -5.58 -69.91 76.01
CA LEU D 194 -6.28 -70.63 74.95
C LEU D 194 -5.38 -71.68 74.32
N ASN D 195 -4.66 -72.42 75.16
CA ASN D 195 -3.64 -73.35 74.71
C ASN D 195 -4.09 -74.80 74.74
N ASN D 196 -5.37 -75.07 74.53
CA ASN D 196 -5.73 -76.47 74.35
C ASN D 196 -6.41 -76.69 73.01
N PRO D 197 -6.14 -77.80 72.34
CA PRO D 197 -6.49 -77.91 70.90
C PRO D 197 -7.97 -77.95 70.58
N TRP D 198 -8.86 -78.32 71.52
CA TRP D 198 -10.24 -78.60 71.14
C TRP D 198 -11.05 -77.35 70.82
N HIS D 199 -10.51 -76.16 71.05
CA HIS D 199 -11.16 -74.93 70.60
C HIS D 199 -10.42 -74.25 69.47
N TRP D 200 -9.81 -75.00 68.55
CA TRP D 200 -9.04 -74.41 67.45
C TRP D 200 -9.53 -74.95 66.11
N THR D 201 -10.53 -74.26 65.57
CA THR D 201 -11.28 -74.69 64.40
C THR D 201 -10.71 -73.98 63.17
N ALA D 202 -10.09 -74.75 62.29
CA ALA D 202 -9.63 -74.20 61.04
C ALA D 202 -10.79 -74.07 60.08
N PHE D 203 -10.77 -73.04 59.23
CA PHE D 203 -11.80 -72.86 58.21
C PHE D 203 -11.18 -72.25 56.96
N ALA D 204 -11.12 -73.04 55.87
CA ALA D 204 -10.42 -72.64 54.66
C ALA D 204 -11.39 -72.17 53.59
N GLY D 205 -10.85 -71.92 52.39
CA GLY D 205 -11.62 -71.95 51.17
C GLY D 205 -12.28 -70.70 50.61
N ILE D 206 -13.12 -70.04 51.40
CA ILE D 206 -14.02 -69.00 50.90
C ILE D 206 -13.40 -67.64 51.19
N LEU D 207 -13.35 -66.78 50.17
CA LEU D 207 -12.79 -65.45 50.32
C LEU D 207 -13.60 -64.58 51.28
N ARG D 208 -14.91 -64.76 51.30
CA ARG D 208 -15.81 -63.92 52.08
C ARG D 208 -15.83 -64.35 53.54
N GLN D 209 -16.34 -63.45 54.38
CA GLN D 209 -16.40 -63.65 55.83
C GLN D 209 -17.51 -64.60 56.26
N SER D 210 -18.31 -65.11 55.34
CA SER D 210 -19.53 -65.80 55.74
C SER D 210 -19.45 -67.32 55.59
N PHE D 211 -19.12 -67.82 54.40
CA PHE D 211 -19.55 -69.15 53.98
C PHE D 211 -18.84 -70.31 54.66
N MET D 212 -17.88 -70.06 55.54
CA MET D 212 -17.30 -71.13 56.34
C MET D 212 -18.28 -71.45 57.46
N PHE D 213 -19.04 -72.52 57.28
CA PHE D 213 -20.03 -72.97 58.26
C PHE D 213 -19.51 -74.18 59.02
N TYR D 214 -20.33 -74.62 59.97
CA TYR D 214 -20.00 -75.80 60.75
C TYR D 214 -20.11 -77.03 59.87
N GLY D 215 -19.01 -77.79 59.77
CA GLY D 215 -18.85 -78.83 58.79
C GLY D 215 -18.14 -78.36 57.53
N ALA D 216 -18.22 -77.05 57.24
CA ALA D 216 -17.57 -76.48 56.07
C ALA D 216 -16.14 -76.05 56.43
N GLY D 217 -15.31 -77.06 56.66
CA GLY D 217 -13.95 -76.87 57.10
C GLY D 217 -13.56 -77.92 58.13
N TYR D 218 -12.44 -78.60 57.92
CA TYR D 218 -12.02 -79.64 58.83
C TYR D 218 -11.50 -79.03 60.13
N GLN D 219 -11.34 -79.87 61.15
CA GLN D 219 -11.18 -79.33 62.50
C GLN D 219 -10.09 -80.08 63.25
N VAL D 220 -10.11 -79.90 64.58
CA VAL D 220 -8.92 -79.72 65.39
C VAL D 220 -8.09 -81.00 65.51
N GLU D 221 -6.81 -80.81 65.86
CA GLU D 221 -5.97 -81.77 66.55
C GLU D 221 -4.81 -80.99 67.17
N LYS D 222 -3.71 -81.73 67.45
CA LYS D 222 -2.50 -81.31 68.16
C LYS D 222 -2.01 -79.90 67.86
N VAL D 223 -1.64 -79.20 68.93
CA VAL D 223 -1.06 -77.87 68.89
C VAL D 223 0.36 -78.04 69.39
N ILE D 224 1.32 -78.17 68.50
CA ILE D 224 2.69 -78.06 68.95
C ILE D 224 2.97 -76.57 69.10
N SER D 225 4.09 -76.24 69.73
CA SER D 225 4.58 -74.87 69.74
C SER D 225 6.10 -74.95 69.75
N HIS D 226 6.75 -73.93 69.20
CA HIS D 226 8.11 -73.75 69.60
C HIS D 226 8.08 -73.25 71.03
N PRO D 227 8.56 -74.00 71.98
CA PRO D 227 8.33 -73.70 73.39
C PRO D 227 9.31 -72.69 73.97
N ASN D 228 9.52 -71.60 73.25
CA ASN D 228 10.37 -70.54 73.76
C ASN D 228 9.82 -69.19 73.42
N TYR D 229 8.50 -69.08 73.28
CA TYR D 229 7.89 -67.79 73.09
C TYR D 229 8.04 -66.97 74.37
N ASP D 230 8.18 -65.66 74.21
CA ASP D 230 8.37 -64.79 75.35
C ASP D 230 7.49 -63.57 75.24
N SER D 231 7.47 -62.79 76.32
CA SER D 231 6.67 -61.58 76.38
C SER D 231 7.49 -60.37 75.95
N LYS D 232 8.75 -60.40 76.35
CA LYS D 232 9.73 -59.37 76.02
C LYS D 232 10.26 -59.31 74.58
N THR D 233 10.45 -60.47 73.96
CA THR D 233 11.06 -60.57 72.64
C THR D 233 10.10 -61.00 71.55
N LYS D 234 9.13 -61.86 71.88
CA LYS D 234 8.39 -62.69 70.94
C LYS D 234 9.30 -63.45 70.00
N ASN D 235 10.45 -63.88 70.53
CA ASN D 235 11.29 -64.84 69.84
C ASN D 235 10.60 -66.18 69.80
N ASN D 236 10.65 -66.83 68.65
CA ASN D 236 9.86 -68.01 68.36
C ASN D 236 8.38 -67.73 68.58
N ASP D 237 7.80 -66.96 67.67
CA ASP D 237 6.36 -66.75 67.56
C ASP D 237 5.78 -67.60 66.44
N ILE D 238 6.21 -68.86 66.34
CA ILE D 238 5.71 -69.80 65.34
C ILE D 238 5.32 -71.11 66.03
N ALA D 239 4.04 -71.47 65.90
CA ALA D 239 3.57 -72.73 66.45
C ALA D 239 2.88 -73.52 65.34
N LEU D 240 3.28 -74.77 65.16
CA LEU D 240 2.57 -75.65 64.25
C LEU D 240 1.22 -76.00 64.83
N MET D 241 0.31 -76.42 63.97
CA MET D 241 -0.90 -77.06 64.43
C MET D 241 -1.12 -78.30 63.58
N LYS D 242 -1.94 -79.19 64.10
CA LYS D 242 -2.22 -80.46 63.43
C LYS D 242 -3.72 -80.65 63.30
N LEU D 243 -4.12 -81.39 62.28
CA LEU D 243 -5.51 -81.78 62.13
C LEU D 243 -5.59 -83.31 62.12
N GLN D 244 -6.74 -83.84 62.51
CA GLN D 244 -6.95 -85.29 62.48
C GLN D 244 -7.40 -85.76 61.11
N LYS D 245 -8.21 -84.95 60.41
CA LYS D 245 -8.83 -85.37 59.17
C LYS D 245 -8.08 -84.75 58.01
N PRO D 246 -7.43 -85.55 57.17
CA PRO D 246 -6.73 -84.97 56.01
C PRO D 246 -7.68 -84.38 54.99
N LEU D 247 -7.42 -83.13 54.63
CA LEU D 247 -8.21 -82.40 53.64
C LEU D 247 -7.76 -82.78 52.22
N THR D 248 -8.20 -82.02 51.23
CA THR D 248 -7.98 -82.35 49.83
C THR D 248 -7.20 -81.26 49.12
N PHE D 249 -6.47 -81.64 48.08
CA PHE D 249 -5.79 -80.68 47.21
C PHE D 249 -6.67 -80.30 46.03
N ASN D 250 -7.92 -79.90 46.27
CA ASN D 250 -8.87 -79.92 45.18
C ASN D 250 -8.77 -78.68 44.29
N ASP D 251 -9.25 -77.53 44.78
CA ASP D 251 -9.03 -76.30 44.05
C ASP D 251 -8.52 -75.19 44.96
N LEU D 252 -9.22 -74.95 46.05
CA LEU D 252 -8.97 -73.81 46.93
C LEU D 252 -7.90 -74.09 47.96
N VAL D 253 -7.46 -75.34 48.07
CA VAL D 253 -6.58 -75.78 49.14
C VAL D 253 -5.41 -76.50 48.50
N LYS D 254 -4.19 -76.07 48.81
CA LYS D 254 -2.98 -76.71 48.30
C LYS D 254 -1.87 -76.36 49.28
N PRO D 255 -0.97 -77.28 49.58
CA PRO D 255 0.05 -76.99 50.60
C PRO D 255 1.13 -76.05 50.07
N VAL D 256 1.48 -75.04 50.87
CA VAL D 256 2.55 -74.12 50.51
C VAL D 256 3.88 -74.84 50.67
N CYS D 257 4.91 -74.36 49.99
CA CYS D 257 6.21 -75.01 50.09
C CYS D 257 6.99 -74.42 51.25
N LEU D 258 7.32 -75.24 52.22
CA LEU D 258 8.25 -74.88 53.27
C LEU D 258 9.67 -74.80 52.71
N PRO D 259 10.46 -73.83 53.14
CA PRO D 259 11.75 -73.61 52.49
C PRO D 259 12.74 -74.70 52.85
N ASN D 260 13.90 -74.60 52.27
CA ASN D 260 14.95 -75.58 52.52
C ASN D 260 16.05 -74.98 53.38
N PRO D 261 16.84 -75.81 54.05
CA PRO D 261 18.02 -75.29 54.77
C PRO D 261 19.07 -74.64 53.89
N GLY D 262 19.19 -73.32 53.99
CA GLY D 262 20.17 -72.57 53.21
C GLY D 262 19.77 -72.39 51.76
N MET D 263 18.72 -71.61 51.51
CA MET D 263 18.16 -71.48 50.17
C MET D 263 18.47 -70.16 49.49
N MET D 264 19.24 -69.29 50.12
CA MET D 264 19.92 -68.14 49.49
C MET D 264 18.93 -67.14 48.88
N LEU D 265 18.24 -66.42 49.77
CA LEU D 265 17.38 -65.32 49.36
C LEU D 265 18.19 -64.16 48.77
N GLN D 266 17.47 -63.13 48.32
CA GLN D 266 18.09 -61.90 47.84
C GLN D 266 17.79 -60.74 48.78
N PRO D 267 18.74 -59.85 49.02
CA PRO D 267 18.62 -58.89 50.14
C PRO D 267 17.60 -57.79 49.93
N GLU D 268 16.99 -57.68 48.76
CA GLU D 268 15.90 -56.74 48.56
C GLU D 268 14.78 -57.42 47.81
N GLN D 269 14.49 -58.66 48.17
CA GLN D 269 13.60 -59.50 47.38
C GLN D 269 12.15 -59.04 47.49
N LEU D 270 11.40 -59.31 46.44
CA LEU D 270 9.96 -59.08 46.48
C LEU D 270 9.29 -60.17 47.31
N CYS D 271 8.24 -59.79 48.02
CA CYS D 271 7.53 -60.72 48.85
C CYS D 271 6.03 -60.46 48.78
N TRP D 272 5.26 -61.53 48.77
CA TRP D 272 3.82 -61.46 48.56
C TRP D 272 3.10 -61.99 49.79
N ILE D 273 2.40 -61.11 50.47
CA ILE D 273 1.66 -61.47 51.66
C ILE D 273 0.20 -61.64 51.29
N SER D 274 -0.59 -62.18 52.22
CA SER D 274 -2.02 -62.36 52.02
C SER D 274 -2.72 -62.26 53.36
N GLY D 275 -4.02 -61.99 53.32
CA GLY D 275 -4.84 -62.04 54.53
C GLY D 275 -6.02 -61.10 54.46
N TRP D 276 -6.98 -61.34 55.36
CA TRP D 276 -8.21 -60.56 55.47
C TRP D 276 -8.07 -59.37 56.42
N GLY D 277 -6.85 -58.95 56.73
CA GLY D 277 -6.65 -58.06 57.85
C GLY D 277 -7.19 -56.66 57.61
N ALA D 278 -7.36 -55.94 58.72
CA ALA D 278 -7.88 -54.59 58.66
C ALA D 278 -6.83 -53.65 58.07
N THR D 279 -7.19 -52.97 56.98
CA THR D 279 -6.26 -52.13 56.24
C THR D 279 -5.86 -50.87 57.01
N GLU D 280 -6.70 -50.43 57.94
CA GLU D 280 -6.39 -49.34 58.85
C GLU D 280 -6.67 -49.80 60.27
N GLU D 281 -5.88 -49.32 61.21
CA GLU D 281 -5.97 -49.84 62.56
C GLU D 281 -7.21 -49.32 63.28
N LYS D 282 -7.51 -49.95 64.41
CA LYS D 282 -8.77 -49.84 65.15
C LYS D 282 -9.96 -50.16 64.25
N GLY D 283 -9.75 -51.14 63.36
CA GLY D 283 -10.81 -51.75 62.59
C GLY D 283 -11.12 -53.14 63.11
N LYS D 284 -11.88 -53.88 62.31
CA LYS D 284 -12.36 -55.19 62.74
C LYS D 284 -11.78 -56.32 61.92
N THR D 285 -12.07 -56.36 60.61
CA THR D 285 -11.54 -57.28 59.60
C THR D 285 -12.06 -56.81 58.25
N SER D 286 -11.22 -56.94 57.23
CA SER D 286 -11.70 -56.73 55.88
C SER D 286 -12.59 -57.89 55.47
N GLU D 287 -13.48 -57.63 54.52
CA GLU D 287 -14.48 -58.62 54.15
C GLU D 287 -13.88 -59.74 53.30
N VAL D 288 -13.05 -59.41 52.32
CA VAL D 288 -12.59 -60.37 51.33
C VAL D 288 -11.10 -60.63 51.51
N LEU D 289 -10.59 -61.56 50.71
CA LEU D 289 -9.18 -61.91 50.76
C LEU D 289 -8.33 -60.87 50.03
N ASN D 290 -7.29 -60.38 50.70
CA ASN D 290 -6.45 -59.29 50.22
C ASN D 290 -5.02 -59.78 50.15
N ALA D 291 -4.40 -59.68 48.99
CA ALA D 291 -3.16 -60.40 48.75
C ALA D 291 -2.15 -59.61 47.92
N ALA D 292 -1.89 -58.35 48.27
CA ALA D 292 -0.93 -57.55 47.51
C ALA D 292 0.49 -57.78 48.05
N LYS D 293 1.44 -56.93 47.62
CA LYS D 293 2.86 -57.20 47.70
C LYS D 293 3.60 -56.25 48.64
N VAL D 294 4.75 -56.71 49.12
CA VAL D 294 5.65 -55.94 49.99
C VAL D 294 7.09 -56.26 49.63
N LEU D 295 8.03 -55.71 50.39
CA LEU D 295 9.45 -55.91 50.14
C LEU D 295 10.16 -56.29 51.44
N LEU D 296 11.44 -56.63 51.28
CA LEU D 296 12.30 -57.05 52.38
C LEU D 296 13.19 -55.88 52.77
N ILE D 297 13.13 -55.50 54.01
CA ILE D 297 14.15 -54.64 54.58
C ILE D 297 15.20 -55.53 55.20
N GLU D 298 16.44 -55.09 55.23
CA GLU D 298 17.50 -55.91 55.80
C GLU D 298 17.56 -55.72 57.31
N THR D 299 18.59 -56.25 57.95
CA THR D 299 18.72 -56.05 59.38
C THR D 299 19.15 -54.63 59.68
N GLN D 300 20.23 -54.19 59.05
CA GLN D 300 20.93 -52.97 59.45
C GLN D 300 20.12 -51.70 59.23
N ARG D 301 19.01 -51.79 58.52
CA ARG D 301 18.11 -50.64 58.48
C ARG D 301 17.10 -50.72 59.61
N CYS D 302 16.45 -51.87 59.78
CA CYS D 302 15.50 -52.05 60.87
C CYS D 302 16.19 -52.00 62.23
N ASN D 303 17.25 -52.77 62.36
CA ASN D 303 17.97 -52.96 63.61
C ASN D 303 19.03 -51.88 63.82
N SER D 304 18.71 -50.59 63.68
CA SER D 304 19.79 -49.62 63.68
C SER D 304 19.74 -48.71 64.88
N ARG D 305 18.97 -47.62 64.85
CA ARG D 305 18.77 -46.80 66.03
C ARG D 305 17.47 -46.03 65.93
N TYR D 306 16.94 -45.96 64.73
CA TYR D 306 15.82 -45.08 64.45
C TYR D 306 14.57 -45.86 64.15
N VAL D 307 14.71 -47.00 63.49
CA VAL D 307 13.57 -47.84 63.18
C VAL D 307 13.24 -48.67 64.41
N TYR D 308 14.14 -49.60 64.75
CA TYR D 308 13.96 -50.52 65.88
C TYR D 308 15.31 -50.67 66.54
N ASP D 309 15.47 -50.11 67.72
CA ASP D 309 16.78 -49.91 68.34
C ASP D 309 17.33 -51.23 68.88
N ASN D 310 17.86 -52.03 67.94
CA ASN D 310 18.60 -53.27 68.20
C ASN D 310 17.73 -54.31 68.90
N LEU D 311 16.61 -54.63 68.27
CA LEU D 311 15.66 -55.62 68.77
C LEU D 311 15.62 -56.88 67.92
N ILE D 312 15.92 -56.78 66.64
CA ILE D 312 15.57 -57.84 65.70
C ILE D 312 16.56 -58.98 65.83
N THR D 313 16.07 -60.12 66.30
CA THR D 313 16.89 -61.29 66.59
C THR D 313 17.28 -61.99 65.30
N PRO D 314 18.05 -63.09 65.36
CA PRO D 314 18.14 -63.93 64.17
C PRO D 314 16.86 -64.66 63.84
N ALA D 315 16.01 -64.95 64.83
CA ALA D 315 14.70 -65.53 64.56
C ALA D 315 13.63 -64.45 64.55
N MET D 316 13.84 -63.46 63.69
CA MET D 316 12.89 -62.39 63.39
C MET D 316 13.38 -61.73 62.10
N ILE D 317 12.52 -61.63 61.09
CA ILE D 317 12.89 -61.06 59.80
C ILE D 317 12.06 -59.81 59.60
N CYS D 318 12.68 -58.74 59.13
CA CYS D 318 11.97 -57.50 58.89
C CYS D 318 11.35 -57.56 57.51
N ALA D 319 10.27 -56.80 57.30
CA ALA D 319 9.65 -56.73 55.98
C ALA D 319 8.80 -55.49 55.87
N GLY D 320 8.49 -55.13 54.63
CA GLY D 320 7.67 -53.96 54.34
C GLY D 320 8.37 -53.02 53.39
N PHE D 321 8.18 -51.71 53.58
CA PHE D 321 9.04 -50.71 52.99
C PHE D 321 9.28 -49.61 54.02
N LEU D 322 10.54 -49.32 54.30
CA LEU D 322 10.89 -48.33 55.32
C LEU D 322 10.57 -46.94 54.83
N GLN D 323 9.30 -46.60 54.77
CA GLN D 323 8.91 -45.37 54.12
C GLN D 323 7.77 -44.74 54.88
N GLY D 324 7.10 -43.80 54.25
CA GLY D 324 5.90 -43.19 54.81
C GLY D 324 4.70 -44.10 54.68
N ASN D 325 3.55 -43.49 54.42
CA ASN D 325 2.29 -44.22 54.34
C ASN D 325 2.14 -44.86 52.96
N VAL D 326 3.04 -45.79 52.66
CA VAL D 326 2.99 -46.53 51.41
C VAL D 326 2.87 -48.01 51.74
N ASP D 327 3.05 -48.34 53.02
CA ASP D 327 3.08 -49.74 53.45
C ASP D 327 1.68 -50.35 53.37
N SER D 328 1.63 -51.68 53.43
CA SER D 328 0.40 -52.43 53.35
C SER D 328 0.25 -53.22 54.64
N CYS D 329 -0.78 -52.90 55.43
CA CYS D 329 -0.85 -53.45 56.78
C CYS D 329 -1.45 -54.86 56.78
N GLN D 330 -2.76 -54.96 56.49
CA GLN D 330 -3.62 -56.16 56.52
C GLN D 330 -3.29 -57.17 57.63
N GLY D 331 -3.33 -56.73 58.89
CA GLY D 331 -2.90 -57.51 60.03
C GLY D 331 -3.60 -58.83 60.28
N ASP D 332 -2.84 -59.92 60.20
CA ASP D 332 -3.43 -61.25 60.31
C ASP D 332 -2.73 -62.17 61.29
N SER D 333 -1.52 -61.84 61.74
CA SER D 333 -0.73 -62.61 62.71
C SER D 333 -0.56 -64.05 62.27
N GLY D 334 0.02 -64.21 61.09
CA GLY D 334 0.18 -65.52 60.53
C GLY D 334 -0.09 -65.52 59.04
N GLY D 335 -0.80 -64.49 58.56
CA GLY D 335 -0.97 -64.25 57.16
C GLY D 335 0.37 -64.06 56.50
N PRO D 336 0.77 -65.02 55.69
CA PRO D 336 2.19 -65.36 55.53
C PRO D 336 2.97 -64.37 54.68
N LEU D 337 4.24 -64.70 54.47
CA LEU D 337 5.11 -64.00 53.52
C LEU D 337 5.57 -65.05 52.52
N VAL D 338 5.06 -64.96 51.31
CA VAL D 338 5.33 -65.94 50.26
C VAL D 338 6.14 -65.28 49.16
N THR D 339 7.34 -65.78 48.91
CA THR D 339 8.15 -65.32 47.81
C THR D 339 8.03 -66.34 46.68
N SER D 340 8.74 -66.11 45.58
CA SER D 340 8.55 -66.88 44.36
C SER D 340 9.87 -67.24 43.70
N LYS D 341 10.87 -67.63 44.48
CA LYS D 341 12.15 -67.98 43.89
C LYS D 341 12.06 -69.35 43.22
N ASN D 342 12.92 -69.55 42.20
CA ASN D 342 12.89 -70.71 41.30
C ASN D 342 11.50 -70.90 40.69
N ASN D 343 10.88 -69.77 40.31
CA ASN D 343 9.58 -69.64 39.61
C ASN D 343 8.44 -70.42 40.28
N ILE D 344 8.60 -70.69 41.57
CA ILE D 344 7.75 -71.57 42.34
C ILE D 344 7.57 -70.86 43.67
N TRP D 345 6.36 -70.90 44.22
CA TRP D 345 6.16 -70.20 45.47
C TRP D 345 6.79 -70.98 46.61
N TRP D 346 7.49 -70.24 47.49
CA TRP D 346 8.12 -70.80 48.68
C TRP D 346 7.70 -69.94 49.85
N LEU D 347 7.67 -70.54 51.03
CA LEU D 347 7.38 -69.80 52.24
C LEU D 347 8.68 -69.39 52.91
N ILE D 348 8.73 -68.15 53.41
CA ILE D 348 9.94 -67.67 54.04
C ILE D 348 9.63 -67.17 55.44
N GLY D 349 8.60 -66.37 55.57
CA GLY D 349 8.23 -65.79 56.85
C GLY D 349 6.76 -65.93 57.15
N ASP D 350 6.45 -66.25 58.40
CA ASP D 350 5.10 -66.07 58.87
C ASP D 350 5.07 -64.84 59.74
N THR D 351 3.92 -64.19 59.81
CA THR D 351 3.85 -62.86 60.36
C THR D 351 3.98 -62.90 61.88
N SER D 352 4.02 -61.71 62.46
CA SER D 352 4.25 -61.52 63.88
C SER D 352 3.78 -60.11 64.21
N TRP D 353 4.29 -59.55 65.30
CA TRP D 353 3.93 -58.23 65.82
C TRP D 353 4.34 -57.06 64.92
N GLY D 354 4.05 -55.85 65.38
CA GLY D 354 4.48 -54.68 64.63
C GLY D 354 4.30 -53.42 65.43
N SER D 355 4.16 -52.32 64.72
CA SER D 355 3.85 -51.04 65.29
C SER D 355 2.57 -50.57 64.62
N GLY D 356 2.26 -49.28 64.77
CA GLY D 356 1.09 -48.64 64.17
C GLY D 356 0.93 -48.94 62.68
N CYS D 357 -0.32 -49.09 62.23
CA CYS D 357 -0.60 -49.78 60.98
C CYS D 357 -0.11 -49.02 59.75
N ALA D 358 1.04 -49.48 59.20
CA ALA D 358 1.54 -49.11 57.87
C ALA D 358 1.79 -47.60 57.76
N LYS D 359 2.74 -47.12 58.54
CA LYS D 359 2.97 -45.68 58.63
C LYS D 359 4.47 -45.44 58.67
N ALA D 360 4.87 -44.23 59.07
CA ALA D 360 6.24 -43.77 58.92
C ALA D 360 7.20 -44.55 59.81
N TYR D 361 8.32 -44.95 59.22
CA TYR D 361 9.49 -45.56 59.86
C TYR D 361 9.25 -46.95 60.44
N ARG D 362 8.03 -47.46 60.43
CA ARG D 362 7.63 -48.58 61.27
C ARG D 362 7.18 -49.75 60.40
N PRO D 363 8.07 -50.64 60.04
CA PRO D 363 7.69 -51.77 59.21
C PRO D 363 7.08 -52.88 60.01
N GLY D 364 6.81 -54.03 59.39
CA GLY D 364 6.36 -55.20 60.09
C GLY D 364 7.55 -56.14 60.27
N VAL D 365 7.52 -56.93 61.33
CA VAL D 365 8.62 -57.81 61.68
C VAL D 365 8.12 -59.23 61.72
N TYR D 366 8.78 -60.12 60.99
CA TYR D 366 8.17 -61.39 60.63
C TYR D 366 8.95 -62.52 61.27
N GLY D 367 8.27 -63.62 61.55
CA GLY D 367 8.94 -64.80 62.08
C GLY D 367 9.76 -65.47 61.01
N ASN D 368 10.82 -66.14 61.43
CA ASN D 368 11.94 -66.47 60.54
C ASN D 368 11.96 -67.97 60.26
N VAL D 369 11.20 -68.39 59.27
CA VAL D 369 10.86 -69.80 59.16
C VAL D 369 11.77 -70.53 58.19
N MET D 370 12.98 -70.03 58.00
CA MET D 370 14.03 -70.89 57.49
C MET D 370 15.01 -71.28 58.58
N VAL D 371 14.92 -70.66 59.76
CA VAL D 371 15.82 -70.97 60.86
C VAL D 371 15.56 -72.37 61.38
N PHE D 372 14.30 -72.71 61.61
CA PHE D 372 13.89 -73.94 62.28
C PHE D 372 12.99 -74.77 61.37
N THR D 373 13.40 -74.96 60.12
CA THR D 373 12.64 -75.87 59.29
C THR D 373 13.00 -77.32 59.57
N ASP D 374 13.98 -77.55 60.43
CA ASP D 374 14.26 -78.91 60.83
C ASP D 374 13.72 -79.22 62.22
N TRP D 375 13.55 -78.21 63.07
CA TRP D 375 12.87 -78.44 64.36
C TRP D 375 11.46 -78.94 64.14
N ILE D 376 10.75 -78.35 63.19
CA ILE D 376 9.45 -78.88 62.78
C ILE D 376 9.61 -80.30 62.23
N TYR D 377 10.69 -80.55 61.50
CA TYR D 377 10.92 -81.88 60.94
C TYR D 377 11.41 -82.89 61.96
N ARG D 378 11.72 -82.48 63.19
CA ARG D 378 11.84 -83.39 64.32
C ARG D 378 10.67 -83.25 65.28
N GLN D 379 9.68 -82.42 64.95
CA GLN D 379 8.40 -82.45 65.63
C GLN D 379 7.30 -82.87 64.69
N MET D 380 7.66 -83.21 63.45
CA MET D 380 6.73 -83.90 62.57
C MET D 380 7.11 -85.35 62.35
N ARG D 381 8.27 -85.78 62.82
CA ARG D 381 8.66 -87.16 62.60
C ARG D 381 7.82 -88.11 63.43
N ALA D 382 7.61 -87.79 64.69
CA ALA D 382 7.02 -88.75 65.61
C ALA D 382 5.58 -88.44 65.98
N ASP D 383 4.76 -87.97 65.04
CA ASP D 383 3.33 -88.05 65.25
C ASP D 383 2.77 -89.39 64.79
N GLY D 384 3.53 -90.13 63.99
CA GLY D 384 3.21 -91.50 63.66
C GLY D 384 4.40 -92.39 63.96
N CYS E 40 -48.11 -40.39 86.65
CA CYS E 40 -48.19 -39.67 85.38
C CYS E 40 -46.85 -38.97 85.16
N VAL E 41 -46.05 -39.50 84.26
CA VAL E 41 -44.70 -39.03 84.02
C VAL E 41 -44.38 -39.20 82.55
N ARG E 42 -43.64 -38.26 81.98
CA ARG E 42 -43.40 -38.28 80.54
C ARG E 42 -42.13 -37.51 80.20
N LEU E 43 -41.51 -37.91 79.08
CA LEU E 43 -40.39 -37.19 78.51
C LEU E 43 -40.89 -35.99 77.72
N TYR E 44 -39.96 -35.16 77.26
CA TYR E 44 -40.32 -33.89 76.62
C TYR E 44 -39.16 -33.30 75.85
N GLY E 45 -39.46 -32.80 74.66
CA GLY E 45 -38.60 -31.87 73.98
C GLY E 45 -37.31 -32.49 73.49
N PRO E 46 -36.29 -31.67 73.27
CA PRO E 46 -35.02 -32.21 72.80
C PRO E 46 -34.11 -32.73 73.90
N ASN E 47 -34.16 -32.12 75.09
CA ASN E 47 -33.25 -32.49 76.17
C ASN E 47 -33.92 -33.28 77.27
N PHE E 48 -35.05 -33.94 76.96
CA PHE E 48 -35.54 -35.13 77.66
C PHE E 48 -35.93 -34.86 79.11
N ILE E 49 -36.49 -33.69 79.38
CA ILE E 49 -36.88 -33.36 80.74
C ILE E 49 -38.11 -34.17 81.12
N LEU E 50 -38.06 -34.79 82.30
CA LEU E 50 -39.26 -35.42 82.83
C LEU E 50 -40.26 -34.36 83.27
N GLN E 51 -41.44 -34.41 82.69
CA GLN E 51 -42.57 -33.64 83.16
C GLN E 51 -43.36 -34.47 84.16
N VAL E 52 -43.95 -33.80 85.15
CA VAL E 52 -44.65 -34.51 86.22
C VAL E 52 -46.01 -33.86 86.42
N TYR E 53 -47.06 -34.67 86.33
CA TYR E 53 -48.43 -34.19 86.45
C TYR E 53 -48.87 -34.22 87.91
N SER E 54 -49.41 -33.10 88.38
CA SER E 54 -49.99 -32.98 89.71
C SER E 54 -51.46 -32.59 89.59
N SER E 55 -52.29 -33.19 90.45
CA SER E 55 -53.74 -33.05 90.33
C SER E 55 -54.24 -31.67 90.74
N GLN E 56 -53.53 -31.01 91.67
CA GLN E 56 -53.94 -29.67 92.07
C GLN E 56 -53.52 -28.64 91.03
N ARG E 57 -52.25 -28.67 90.61
CA ARG E 57 -51.76 -27.75 89.60
C ARG E 57 -52.28 -28.07 88.21
N LYS E 58 -52.86 -29.26 88.00
CA LYS E 58 -53.49 -29.71 86.76
C LYS E 58 -52.52 -29.72 85.58
N SER E 59 -51.23 -29.84 85.87
CA SER E 59 -50.22 -29.49 84.87
C SER E 59 -49.00 -30.36 85.03
N TRP E 60 -48.27 -30.48 83.92
CA TRP E 60 -47.00 -31.18 83.91
C TRP E 60 -45.91 -30.27 84.44
N HIS E 61 -44.97 -30.83 85.18
CA HIS E 61 -43.96 -30.01 85.85
C HIS E 61 -42.63 -30.74 85.88
N PRO E 62 -41.52 -30.02 85.83
CA PRO E 62 -40.21 -30.66 85.85
C PRO E 62 -39.72 -30.93 87.27
N VAL E 63 -38.76 -31.85 87.35
CA VAL E 63 -38.13 -32.24 88.61
C VAL E 63 -36.69 -31.72 88.62
N CYS E 64 -36.32 -31.05 89.71
CA CYS E 64 -34.93 -30.66 89.91
C CYS E 64 -34.12 -31.87 90.38
N GLN E 65 -32.81 -31.81 90.17
CA GLN E 65 -31.91 -32.94 90.36
C GLN E 65 -31.37 -33.05 91.79
N ASP E 66 -32.14 -32.58 92.76
CA ASP E 66 -31.75 -32.58 94.16
C ASP E 66 -31.77 -34.01 94.68
N ASP E 67 -30.58 -34.64 94.71
CA ASP E 67 -30.36 -36.01 95.21
C ASP E 67 -31.18 -37.05 94.46
N TRP E 68 -31.07 -37.07 93.15
CA TRP E 68 -31.66 -38.17 92.41
C TRP E 68 -30.64 -39.30 92.30
N ASN E 69 -31.17 -40.50 92.03
CA ASN E 69 -30.34 -41.69 92.00
C ASN E 69 -30.83 -42.61 90.90
N GLU E 70 -29.93 -43.47 90.45
CA GLU E 70 -30.31 -44.52 89.51
C GLU E 70 -31.27 -45.50 90.14
N ASN E 71 -31.21 -45.67 91.46
CA ASN E 71 -32.23 -46.43 92.16
C ASN E 71 -33.58 -45.73 92.16
N TYR E 72 -33.63 -44.44 91.81
CA TYR E 72 -34.86 -43.84 91.33
C TYR E 72 -34.90 -43.71 89.81
N GLY E 73 -33.75 -43.51 89.17
CA GLY E 73 -33.69 -43.24 87.74
C GLY E 73 -33.68 -44.45 86.83
N ARG E 74 -32.81 -45.44 87.09
CA ARG E 74 -32.86 -46.68 86.34
C ARG E 74 -34.10 -47.51 86.66
N ALA E 75 -34.74 -47.26 87.79
CA ALA E 75 -36.06 -47.77 88.06
C ALA E 75 -37.15 -46.83 87.59
N ALA E 76 -36.82 -45.84 86.78
CA ALA E 76 -37.87 -44.99 86.22
C ALA E 76 -38.18 -45.33 84.77
N CYS E 77 -37.33 -46.09 84.11
CA CYS E 77 -37.68 -46.46 82.74
C CYS E 77 -38.71 -47.59 82.69
N ARG E 78 -38.90 -48.35 83.76
CA ARG E 78 -40.00 -49.32 83.76
C ARG E 78 -41.34 -48.64 84.00
N ASP E 79 -41.33 -47.38 84.41
CA ASP E 79 -42.57 -46.63 84.52
C ASP E 79 -43.18 -46.38 83.14
N MET E 80 -42.32 -46.11 82.15
CA MET E 80 -42.77 -45.90 80.78
C MET E 80 -42.32 -47.02 79.87
N GLY E 81 -42.42 -48.25 80.34
CA GLY E 81 -42.29 -49.40 79.48
C GLY E 81 -40.88 -49.70 79.00
N TYR E 82 -39.91 -49.72 79.89
CA TYR E 82 -38.55 -50.17 79.58
C TYR E 82 -38.06 -50.93 80.81
N LYS E 83 -38.11 -52.26 80.76
CA LYS E 83 -37.85 -53.05 81.97
C LYS E 83 -36.37 -53.20 82.24
N ASN E 84 -35.64 -53.85 81.34
CA ASN E 84 -34.25 -54.23 81.58
C ASN E 84 -33.27 -53.42 80.75
N ASN E 85 -33.59 -52.17 80.44
CA ASN E 85 -32.70 -51.29 79.71
C ASN E 85 -32.56 -49.95 80.44
N PHE E 86 -31.40 -49.33 80.27
CA PHE E 86 -31.15 -47.94 80.66
C PHE E 86 -29.92 -47.44 79.92
N TYR E 87 -29.86 -46.12 79.69
CA TYR E 87 -28.67 -45.53 79.10
C TYR E 87 -27.96 -44.54 80.02
N SER E 88 -28.61 -43.45 80.43
CA SER E 88 -27.86 -42.35 81.02
C SER E 88 -28.79 -41.37 81.72
N SER E 89 -28.19 -40.51 82.54
CA SER E 89 -28.87 -39.43 83.23
C SER E 89 -27.83 -38.41 83.65
N GLN E 90 -28.14 -37.12 83.47
CA GLN E 90 -27.22 -36.06 83.83
C GLN E 90 -28.00 -34.85 84.32
N GLY E 91 -27.27 -33.83 84.76
CA GLY E 91 -27.87 -32.54 85.09
C GLY E 91 -27.74 -31.58 83.92
N ILE E 92 -28.80 -30.81 83.70
CA ILE E 92 -28.87 -29.85 82.59
C ILE E 92 -29.55 -28.58 83.07
N VAL E 93 -29.43 -27.54 82.26
CA VAL E 93 -29.93 -26.22 82.62
C VAL E 93 -31.42 -26.12 82.31
N ASP E 94 -32.13 -25.37 83.13
CA ASP E 94 -33.58 -25.24 82.97
C ASP E 94 -33.91 -24.26 81.84
N ASP E 95 -34.66 -24.75 80.85
CA ASP E 95 -35.23 -23.89 79.83
C ASP E 95 -36.63 -24.29 79.41
N SER E 96 -37.30 -25.20 80.15
CA SER E 96 -38.54 -25.82 79.67
C SER E 96 -39.72 -24.86 79.70
N GLY E 97 -39.92 -24.16 80.82
CA GLY E 97 -40.96 -23.16 80.88
C GLY E 97 -42.07 -23.35 81.90
N SER E 98 -41.77 -23.97 83.03
CA SER E 98 -42.71 -24.02 84.14
C SER E 98 -42.10 -23.32 85.35
N THR E 99 -42.96 -22.74 86.18
CA THR E 99 -42.55 -22.01 87.38
C THR E 99 -43.11 -22.66 88.63
N SER E 100 -43.29 -23.99 88.58
CA SER E 100 -43.74 -24.79 89.73
C SER E 100 -43.01 -26.12 89.64
N PHE E 101 -41.85 -26.21 90.29
CA PHE E 101 -40.98 -27.36 90.10
C PHE E 101 -41.45 -28.52 90.97
N MET E 102 -40.72 -29.64 90.93
CA MET E 102 -41.00 -30.79 91.78
C MET E 102 -39.76 -31.13 92.59
N LYS E 103 -39.96 -31.40 93.88
CA LYS E 103 -38.87 -31.61 94.82
C LYS E 103 -39.02 -32.96 95.51
N LEU E 104 -38.02 -33.30 96.32
CA LEU E 104 -37.97 -34.60 96.96
C LEU E 104 -38.34 -34.53 98.44
N ASN E 105 -39.10 -35.51 98.89
CA ASN E 105 -39.41 -35.67 100.32
C ASN E 105 -38.48 -36.69 100.95
N THR E 106 -37.18 -36.39 100.88
CA THR E 106 -36.18 -37.30 101.47
C THR E 106 -36.16 -37.20 102.98
N SER E 107 -36.76 -36.16 103.54
CA SER E 107 -36.87 -36.04 104.99
C SER E 107 -37.74 -37.11 105.59
N ALA E 108 -38.73 -37.59 104.84
CA ALA E 108 -39.52 -38.73 105.28
C ALA E 108 -38.75 -40.02 105.05
N GLY E 109 -39.26 -41.11 105.60
CA GLY E 109 -38.59 -42.40 105.51
C GLY E 109 -38.76 -43.08 104.17
N ASN E 110 -38.89 -44.41 104.19
CA ASN E 110 -38.93 -45.20 102.96
C ASN E 110 -40.36 -45.19 102.42
N VAL E 111 -40.58 -44.30 101.44
CA VAL E 111 -41.82 -44.29 100.69
C VAL E 111 -41.49 -44.44 99.21
N ASP E 112 -42.52 -44.38 98.37
CA ASP E 112 -42.35 -44.50 96.93
C ASP E 112 -41.74 -43.22 96.35
N ILE E 113 -41.31 -43.31 95.10
CA ILE E 113 -41.00 -42.11 94.32
C ILE E 113 -42.23 -41.23 94.19
N TYR E 114 -43.37 -41.84 93.87
CA TYR E 114 -44.61 -41.14 93.53
C TYR E 114 -45.31 -40.53 94.74
N LYS E 115 -44.82 -40.77 95.95
CA LYS E 115 -45.30 -40.06 97.11
C LYS E 115 -44.43 -38.85 97.46
N LYS E 116 -43.15 -38.91 97.11
CA LYS E 116 -42.15 -37.97 97.62
C LYS E 116 -42.01 -36.71 96.78
N LEU E 117 -43.03 -36.32 96.04
CA LEU E 117 -42.88 -35.25 95.06
C LEU E 117 -43.81 -34.09 95.41
N TYR E 118 -43.29 -33.09 96.11
CA TYR E 118 -44.02 -31.84 96.33
C TYR E 118 -43.43 -30.72 95.48
N HIS E 119 -44.11 -29.59 95.51
CA HIS E 119 -43.75 -28.48 94.64
C HIS E 119 -42.71 -27.59 95.30
N SER E 120 -41.97 -26.86 94.47
CA SER E 120 -41.04 -25.84 94.91
C SER E 120 -40.90 -24.81 93.80
N ASP E 121 -40.59 -23.58 94.20
CA ASP E 121 -40.45 -22.50 93.24
C ASP E 121 -39.05 -22.41 92.64
N ALA E 122 -38.05 -23.00 93.30
CA ALA E 122 -36.67 -22.92 92.84
C ALA E 122 -36.04 -24.30 92.86
N CYS E 123 -35.22 -24.57 91.85
CA CYS E 123 -34.38 -25.77 91.84
C CYS E 123 -33.14 -25.51 92.71
N SER E 124 -32.89 -26.41 93.65
CA SER E 124 -31.86 -26.16 94.66
C SER E 124 -30.44 -26.34 94.11
N SER E 125 -30.28 -27.04 92.99
CA SER E 125 -28.99 -27.10 92.31
C SER E 125 -29.07 -26.65 90.86
N LYS E 126 -30.25 -26.22 90.41
CA LYS E 126 -30.53 -25.72 89.05
C LYS E 126 -30.20 -26.75 87.97
N ALA E 127 -30.22 -28.03 88.32
CA ALA E 127 -30.13 -29.12 87.36
C ALA E 127 -31.44 -29.87 87.35
N VAL E 128 -31.90 -30.27 86.17
CA VAL E 128 -33.19 -30.91 86.03
C VAL E 128 -33.00 -32.29 85.41
N VAL E 129 -34.09 -32.98 85.14
CA VAL E 129 -34.02 -34.35 84.62
C VAL E 129 -33.47 -34.32 83.20
N SER E 130 -32.42 -35.09 82.98
CA SER E 130 -32.00 -35.45 81.65
C SER E 130 -31.99 -36.97 81.58
N LEU E 131 -32.46 -37.52 80.46
CA LEU E 131 -32.74 -38.94 80.43
C LEU E 131 -32.45 -39.50 79.04
N ARG E 132 -32.10 -40.78 79.00
CA ARG E 132 -32.16 -41.60 77.80
C ARG E 132 -32.62 -42.97 78.22
N CYS E 133 -33.81 -43.40 77.80
CA CYS E 133 -34.28 -44.71 78.26
C CYS E 133 -33.68 -45.86 77.47
N ILE E 134 -33.03 -45.60 76.34
CA ILE E 134 -32.50 -46.68 75.53
C ILE E 134 -31.40 -46.11 74.63
N ALA E 135 -30.59 -46.99 74.04
CA ALA E 135 -29.58 -46.57 73.07
C ALA E 135 -30.17 -46.33 71.68
N CYS E 136 -31.14 -45.42 71.62
CA CYS E 136 -31.65 -45.00 70.32
C CYS E 136 -30.82 -43.83 69.81
N GLY E 137 -31.05 -43.46 68.56
CA GLY E 137 -30.29 -42.36 68.01
C GLY E 137 -29.42 -42.67 66.82
N VAL E 138 -28.11 -42.69 67.06
CA VAL E 138 -27.13 -42.42 66.02
C VAL E 138 -27.02 -43.56 65.02
N ASN E 139 -26.53 -43.21 63.85
CA ASN E 139 -26.08 -44.11 62.81
C ASN E 139 -24.73 -43.62 62.30
N LEU E 140 -24.13 -44.41 61.43
CA LEU E 140 -22.90 -43.99 60.77
C LEU E 140 -23.23 -42.93 59.73
N ASN E 141 -22.84 -41.69 59.98
CA ASN E 141 -23.24 -40.57 59.13
C ASN E 141 -22.55 -40.70 57.77
N SER E 142 -23.27 -41.30 56.82
CA SER E 142 -22.74 -41.56 55.50
C SER E 142 -23.38 -40.56 54.54
N SER E 143 -23.08 -40.72 53.25
CA SER E 143 -23.20 -39.59 52.33
C SER E 143 -24.32 -39.69 51.32
N ARG E 144 -24.37 -40.76 50.51
CA ARG E 144 -25.10 -40.74 49.23
C ARG E 144 -26.10 -41.90 49.14
N GLN E 145 -26.92 -42.08 50.17
CA GLN E 145 -27.97 -43.09 50.19
C GLN E 145 -29.25 -42.50 49.64
N SER E 146 -29.57 -42.82 48.38
CA SER E 146 -30.69 -42.12 47.73
C SER E 146 -31.53 -42.97 46.79
N GLN E 147 -31.72 -44.26 47.05
CA GLN E 147 -32.22 -45.13 45.98
C GLN E 147 -33.74 -45.13 45.82
N ILE E 148 -34.50 -44.20 46.38
CA ILE E 148 -35.76 -43.96 45.68
C ILE E 148 -35.43 -43.20 44.41
N VAL E 149 -36.25 -43.43 43.37
CA VAL E 149 -35.88 -43.52 41.95
C VAL E 149 -34.88 -42.46 41.48
N GLY E 150 -33.80 -42.91 40.85
CA GLY E 150 -32.70 -42.03 40.48
C GLY E 150 -31.70 -41.74 41.57
N GLY E 151 -31.03 -42.77 42.09
CA GLY E 151 -30.03 -42.55 43.13
C GLY E 151 -29.24 -43.81 43.42
N GLU E 152 -28.50 -43.75 44.53
CA GLU E 152 -27.64 -44.83 44.99
C GLU E 152 -28.26 -45.47 46.23
N SER E 153 -27.85 -46.71 46.52
CA SER E 153 -28.53 -47.55 47.49
C SER E 153 -28.36 -47.04 48.91
N ALA E 154 -29.27 -47.48 49.77
CA ALA E 154 -29.17 -47.19 51.20
C ALA E 154 -27.95 -47.89 51.75
N LEU E 155 -27.07 -47.14 52.35
CA LEU E 155 -25.89 -47.76 52.89
C LEU E 155 -26.23 -48.50 54.18
N PRO E 156 -25.70 -49.71 54.36
CA PRO E 156 -26.04 -50.48 55.55
C PRO E 156 -25.48 -49.85 56.81
N GLY E 157 -26.24 -49.99 57.90
CA GLY E 157 -25.86 -49.38 59.16
C GLY E 157 -26.17 -47.91 59.30
N ALA E 158 -26.45 -47.20 58.21
CA ALA E 158 -26.84 -45.81 58.32
C ALA E 158 -28.34 -45.62 58.51
N TRP E 159 -29.15 -46.63 58.21
CA TRP E 159 -30.54 -46.68 58.63
C TRP E 159 -30.71 -47.93 59.47
N PRO E 160 -30.31 -47.89 60.72
CA PRO E 160 -30.19 -49.11 61.51
C PRO E 160 -31.46 -49.52 62.24
N TRP E 161 -32.60 -48.96 61.88
CA TRP E 161 -33.86 -49.38 62.46
C TRP E 161 -34.77 -50.05 61.46
N GLN E 162 -34.38 -50.08 60.21
CA GLN E 162 -35.24 -50.55 59.14
C GLN E 162 -35.42 -52.06 59.25
N VAL E 163 -36.67 -52.50 59.40
CA VAL E 163 -36.96 -53.93 59.46
C VAL E 163 -37.72 -54.31 58.21
N SER E 164 -38.10 -55.58 58.10
CA SER E 164 -39.01 -56.02 57.05
C SER E 164 -39.88 -57.11 57.63
N LEU E 165 -41.18 -57.06 57.39
CA LEU E 165 -42.08 -58.02 57.98
C LEU E 165 -42.63 -58.93 56.89
N HIS E 166 -42.85 -60.20 57.26
CA HIS E 166 -43.14 -61.28 56.30
C HIS E 166 -44.22 -62.19 56.83
N VAL E 167 -45.07 -62.65 55.91
CA VAL E 167 -45.93 -63.82 56.14
C VAL E 167 -45.68 -64.78 55.00
N GLN E 168 -45.34 -66.04 55.34
CA GLN E 168 -45.06 -67.13 54.39
C GLN E 168 -43.88 -66.79 53.48
N ASN E 169 -42.95 -65.99 53.99
CA ASN E 169 -41.73 -65.53 53.31
C ASN E 169 -42.03 -64.84 51.99
N VAL E 170 -42.89 -63.84 52.07
CA VAL E 170 -42.97 -62.79 51.06
C VAL E 170 -42.86 -61.47 51.80
N HIS E 171 -42.18 -60.52 51.18
CA HIS E 171 -41.95 -59.22 51.80
C HIS E 171 -43.22 -58.38 51.69
N VAL E 172 -43.74 -57.91 52.82
CA VAL E 172 -44.96 -57.11 52.73
C VAL E 172 -44.80 -55.74 53.38
N CYS E 173 -44.60 -55.69 54.69
CA CYS E 173 -44.66 -54.42 55.40
C CYS E 173 -43.37 -54.18 56.18
N GLY E 174 -43.17 -52.93 56.59
CA GLY E 174 -41.99 -52.53 57.29
C GLY E 174 -42.28 -52.11 58.71
N GLY E 175 -41.35 -51.37 59.29
CA GLY E 175 -41.54 -50.86 60.61
C GLY E 175 -40.26 -50.23 61.14
N SER E 176 -40.23 -50.05 62.46
CA SER E 176 -39.12 -49.35 63.10
C SER E 176 -39.08 -49.76 64.56
N ILE E 177 -37.92 -50.02 65.06
CA ILE E 177 -37.74 -50.59 66.39
C ILE E 177 -37.59 -49.47 67.42
N ILE E 178 -38.21 -49.64 68.59
CA ILE E 178 -37.99 -48.73 69.71
C ILE E 178 -37.48 -49.45 70.96
N THR E 179 -37.68 -50.76 71.10
CA THR E 179 -37.12 -51.64 72.11
C THR E 179 -36.68 -52.91 71.41
N PRO E 180 -35.84 -53.74 72.04
CA PRO E 180 -35.62 -55.08 71.48
C PRO E 180 -36.86 -55.96 71.48
N GLU E 181 -37.85 -55.67 72.32
CA GLU E 181 -39.03 -56.52 72.37
C GLU E 181 -40.24 -55.92 71.67
N TRP E 182 -40.29 -54.61 71.46
CA TRP E 182 -41.40 -53.97 70.76
C TRP E 182 -40.96 -53.53 69.37
N ILE E 183 -41.94 -53.39 68.48
CA ILE E 183 -41.71 -52.98 67.11
C ILE E 183 -43.00 -52.35 66.61
N VAL E 184 -42.88 -51.21 65.93
CA VAL E 184 -44.04 -50.47 65.43
C VAL E 184 -44.24 -50.84 63.97
N THR E 185 -45.47 -50.75 63.51
CA THR E 185 -45.78 -50.87 62.09
C THR E 185 -47.16 -50.29 61.86
N ALA E 186 -47.53 -50.22 60.58
CA ALA E 186 -48.84 -49.68 60.25
C ALA E 186 -49.91 -50.71 60.51
N ALA E 187 -51.03 -50.26 61.06
CA ALA E 187 -52.05 -51.20 61.52
C ALA E 187 -52.76 -51.90 60.37
N HIS E 188 -52.84 -51.30 59.19
CA HIS E 188 -53.61 -51.96 58.15
C HIS E 188 -52.84 -53.06 57.46
N CYS E 189 -51.65 -53.40 57.95
CA CYS E 189 -51.04 -54.67 57.62
C CYS E 189 -51.58 -55.78 58.51
N VAL E 190 -51.84 -55.49 59.77
CA VAL E 190 -52.24 -56.51 60.73
C VAL E 190 -53.76 -56.56 60.89
N GLU E 191 -54.50 -56.08 59.90
CA GLU E 191 -55.96 -56.12 59.92
C GLU E 191 -56.47 -57.54 59.74
N LYS E 192 -57.79 -57.69 59.84
CA LYS E 192 -58.47 -58.94 59.62
C LYS E 192 -58.37 -59.37 58.15
N PRO E 193 -58.36 -60.68 57.86
CA PRO E 193 -58.41 -61.83 58.76
C PRO E 193 -57.04 -62.39 59.08
N LEU E 194 -56.04 -61.51 59.17
CA LEU E 194 -54.70 -61.92 59.54
C LEU E 194 -54.28 -61.31 60.86
N ASN E 195 -55.19 -61.34 61.84
CA ASN E 195 -55.00 -60.65 63.11
C ASN E 195 -54.60 -61.59 64.24
N ASN E 196 -53.87 -62.66 63.96
CA ASN E 196 -53.33 -63.41 65.08
C ASN E 196 -51.82 -63.49 64.97
N PRO E 197 -51.10 -63.41 66.11
CA PRO E 197 -49.66 -63.14 66.06
C PRO E 197 -48.79 -64.24 65.48
N TRP E 198 -49.25 -65.49 65.44
CA TRP E 198 -48.34 -66.60 65.13
C TRP E 198 -47.94 -66.66 63.66
N HIS E 199 -48.57 -65.87 62.79
CA HIS E 199 -48.13 -65.75 61.41
C HIS E 199 -47.51 -64.40 61.10
N TRP E 200 -46.78 -63.79 62.04
CA TRP E 200 -46.17 -62.48 61.81
C TRP E 200 -44.67 -62.52 62.09
N THR E 201 -43.93 -62.87 61.04
CA THR E 201 -42.51 -63.15 61.11
C THR E 201 -41.73 -61.91 60.71
N ALA E 202 -41.03 -61.31 61.66
CA ALA E 202 -40.16 -60.20 61.36
C ALA E 202 -38.87 -60.71 60.75
N PHE E 203 -38.29 -59.95 59.82
CA PHE E 203 -37.00 -60.30 59.23
C PHE E 203 -36.21 -59.04 58.92
N ALA E 204 -35.11 -58.83 59.66
CA ALA E 204 -34.35 -57.59 59.59
C ALA E 204 -33.08 -57.78 58.76
N GLY E 205 -32.25 -56.73 58.75
CA GLY E 205 -30.84 -56.87 58.45
C GLY E 205 -30.31 -56.71 57.03
N ILE E 206 -30.82 -57.48 56.09
CA ILE E 206 -30.21 -57.63 54.78
C ILE E 206 -30.95 -56.73 53.80
N LEU E 207 -30.18 -55.94 53.02
CA LEU E 207 -30.77 -55.03 52.05
C LEU E 207 -31.49 -55.77 50.93
N ARG E 208 -30.98 -56.94 50.54
CA ARG E 208 -31.49 -57.68 49.40
C ARG E 208 -32.73 -58.47 49.79
N GLN E 209 -33.46 -58.91 48.77
CA GLN E 209 -34.72 -59.64 48.94
C GLN E 209 -34.52 -61.10 49.33
N SER E 210 -33.28 -61.57 49.46
CA SER E 210 -33.07 -63.00 49.59
C SER E 210 -32.70 -63.44 51.00
N PHE E 211 -31.65 -62.86 51.59
CA PHE E 211 -30.87 -63.55 52.62
C PHE E 211 -31.56 -63.67 53.97
N MET E 212 -32.77 -63.15 54.14
CA MET E 212 -33.52 -63.40 55.37
C MET E 212 -34.11 -64.81 55.25
N PHE E 213 -33.47 -65.77 55.91
CA PHE E 213 -33.90 -67.17 55.90
C PHE E 213 -34.58 -67.53 57.22
N TYR E 214 -35.05 -68.75 57.29
CA TYR E 214 -35.68 -69.25 58.50
C TYR E 214 -34.62 -69.44 59.58
N GLY E 215 -34.81 -68.78 60.71
CA GLY E 215 -33.80 -68.62 61.72
C GLY E 215 -33.01 -67.34 61.58
N ALA E 216 -32.95 -66.78 60.36
CA ALA E 216 -32.23 -65.54 60.11
C ALA E 216 -33.18 -64.35 60.32
N GLY E 217 -33.52 -64.15 61.58
CA GLY E 217 -34.48 -63.13 61.98
C GLY E 217 -35.37 -63.64 63.08
N TYR E 218 -35.50 -62.87 64.17
CA TYR E 218 -36.29 -63.30 65.30
C TYR E 218 -37.78 -63.19 64.96
N GLN E 219 -38.62 -63.79 65.80
CA GLN E 219 -40.00 -64.03 65.38
C GLN E 219 -40.96 -63.72 66.51
N VAL E 220 -42.19 -64.24 66.34
CA VAL E 220 -43.41 -63.51 66.69
C VAL E 220 -43.61 -63.36 68.20
N GLU E 221 -44.44 -62.39 68.54
CA GLU E 221 -45.23 -62.33 69.77
C GLU E 221 -46.37 -61.35 69.56
N LYS E 222 -46.91 -60.83 70.68
CA LYS E 222 -48.09 -59.97 70.81
C LYS E 222 -48.25 -58.91 69.73
N VAL E 223 -49.48 -58.79 69.24
CA VAL E 223 -49.90 -57.79 68.28
C VAL E 223 -50.87 -56.88 69.02
N ILE E 224 -50.39 -55.78 69.54
CA ILE E 224 -51.35 -54.79 70.01
C ILE E 224 -51.85 -54.06 68.77
N SER E 225 -52.90 -53.27 68.92
CA SER E 225 -53.35 -52.36 67.89
C SER E 225 -53.91 -51.13 68.59
N HIS E 226 -53.84 -49.99 67.94
CA HIS E 226 -54.76 -48.95 68.34
C HIS E 226 -56.12 -49.40 67.88
N PRO E 227 -57.05 -49.67 68.77
CA PRO E 227 -58.30 -50.35 68.40
C PRO E 227 -59.36 -49.39 67.88
N ASN E 228 -58.98 -48.51 66.97
CA ASN E 228 -59.96 -47.63 66.38
C ASN E 228 -59.67 -47.43 64.91
N TYR E 229 -59.06 -48.42 64.27
CA TYR E 229 -58.89 -48.36 62.83
C TYR E 229 -60.26 -48.46 62.16
N ASP E 230 -60.40 -47.79 61.02
CA ASP E 230 -61.67 -47.78 60.32
C ASP E 230 -61.44 -47.99 58.84
N SER E 231 -62.55 -48.17 58.13
CA SER E 231 -62.51 -48.40 56.69
C SER E 231 -62.64 -47.10 55.94
N LYS E 232 -63.48 -46.23 56.48
CA LYS E 232 -63.73 -44.89 55.95
C LYS E 232 -62.64 -43.83 56.11
N THR E 233 -61.95 -43.85 57.25
CA THR E 233 -60.96 -42.83 57.58
C THR E 233 -59.53 -43.34 57.58
N LYS E 234 -59.31 -44.60 57.96
CA LYS E 234 -58.02 -45.13 58.40
C LYS E 234 -57.39 -44.25 59.48
N ASN E 235 -58.22 -43.70 60.34
CA ASN E 235 -57.75 -43.07 61.56
C ASN E 235 -57.22 -44.14 62.50
N ASN E 236 -56.07 -43.86 63.09
CA ASN E 236 -55.30 -44.83 63.84
C ASN E 236 -55.00 -46.05 62.98
N ASP E 237 -54.08 -45.85 62.03
CA ASP E 237 -53.47 -46.92 61.23
C ASP E 237 -52.08 -47.23 61.78
N ILE E 238 -51.93 -47.32 63.10
CA ILE E 238 -50.67 -47.68 63.74
C ILE E 238 -50.91 -48.78 64.77
N ALA E 239 -50.25 -49.91 64.58
CA ALA E 239 -50.35 -51.00 65.52
C ALA E 239 -48.95 -51.41 65.95
N LEU E 240 -48.71 -51.47 67.25
CA LEU E 240 -47.46 -52.01 67.75
C LEU E 240 -47.41 -53.50 67.51
N MET E 241 -46.21 -54.04 67.51
CA MET E 241 -46.06 -55.48 67.59
C MET E 241 -44.98 -55.77 68.62
N LYS E 242 -44.98 -57.01 69.10
CA LYS E 242 -44.05 -57.43 70.13
C LYS E 242 -43.33 -58.69 69.68
N LEU E 243 -42.11 -58.87 70.18
CA LEU E 243 -41.38 -60.11 69.97
C LEU E 243 -41.08 -60.74 71.32
N GLN E 244 -40.90 -62.06 71.33
CA GLN E 244 -40.54 -62.76 72.56
C GLN E 244 -39.04 -62.75 72.79
N LYS E 245 -38.23 -62.80 71.72
CA LYS E 245 -36.80 -62.97 71.85
C LYS E 245 -36.14 -61.62 71.59
N PRO E 246 -35.48 -61.03 72.58
CA PRO E 246 -34.81 -59.75 72.34
C PRO E 246 -33.62 -59.89 71.40
N LEU E 247 -33.60 -59.05 70.37
CA LEU E 247 -32.54 -59.02 69.37
C LEU E 247 -31.35 -58.20 69.90
N THR E 248 -30.42 -57.85 69.03
CA THR E 248 -29.18 -57.21 69.43
C THR E 248 -29.02 -55.86 68.75
N PHE E 249 -28.27 -54.96 69.40
CA PHE E 249 -27.92 -53.68 68.80
C PHE E 249 -26.58 -53.77 68.09
N ASN E 250 -26.41 -54.75 67.21
CA ASN E 250 -25.04 -55.09 66.83
C ASN E 250 -24.50 -54.17 65.74
N ASP E 251 -24.95 -54.33 64.50
CA ASP E 251 -24.59 -53.38 63.46
C ASP E 251 -25.81 -52.92 62.67
N LEU E 252 -26.58 -53.88 62.16
CA LEU E 252 -27.68 -53.59 61.24
C LEU E 252 -28.96 -53.26 61.94
N VAL E 253 -29.01 -53.42 63.25
CA VAL E 253 -30.24 -53.30 64.03
C VAL E 253 -29.96 -52.33 65.17
N LYS E 254 -30.80 -51.29 65.29
CA LYS E 254 -30.68 -50.31 66.36
C LYS E 254 -32.05 -49.67 66.50
N PRO E 255 -32.51 -49.40 67.72
CA PRO E 255 -33.87 -48.89 67.89
C PRO E 255 -33.96 -47.42 67.48
N VAL E 256 -35.00 -47.08 66.71
CA VAL E 256 -35.23 -45.70 66.32
C VAL E 256 -35.77 -44.94 67.52
N CYS E 257 -35.62 -43.62 67.51
CA CYS E 257 -36.10 -42.83 68.65
C CYS E 257 -37.54 -42.44 68.44
N LEU E 258 -38.41 -42.90 69.33
CA LEU E 258 -39.78 -42.43 69.38
C LEU E 258 -39.82 -40.99 69.90
N PRO E 259 -40.68 -40.14 69.35
CA PRO E 259 -40.63 -38.73 69.69
C PRO E 259 -41.14 -38.47 71.09
N ASN E 260 -41.06 -37.24 71.48
CA ASN E 260 -41.52 -36.85 72.80
C ASN E 260 -42.82 -36.07 72.71
N PRO E 261 -43.59 -36.01 73.81
CA PRO E 261 -44.79 -35.15 73.82
C PRO E 261 -44.49 -33.66 73.66
N GLY E 262 -44.87 -33.10 72.51
CA GLY E 262 -44.65 -31.69 72.24
C GLY E 262 -43.21 -31.35 71.90
N MET E 263 -42.74 -31.81 70.75
CA MET E 263 -41.32 -31.67 70.41
C MET E 263 -41.05 -30.63 69.32
N MET E 264 -42.09 -29.92 68.85
CA MET E 264 -41.96 -28.67 68.09
C MET E 264 -41.21 -28.85 66.77
N LEU E 265 -41.88 -29.52 65.84
CA LEU E 265 -41.38 -29.65 64.47
C LEU E 265 -41.36 -28.30 63.75
N GLN E 266 -40.86 -28.32 62.52
CA GLN E 266 -40.88 -27.14 61.65
C GLN E 266 -41.81 -27.35 60.48
N PRO E 267 -42.56 -26.32 60.07
CA PRO E 267 -43.69 -26.53 59.14
C PRO E 267 -43.31 -26.86 57.72
N GLU E 268 -42.04 -26.84 57.37
CA GLU E 268 -41.60 -27.31 56.06
C GLU E 268 -40.38 -28.17 56.20
N GLN E 269 -40.38 -29.04 57.21
CA GLN E 269 -39.17 -29.74 57.60
C GLN E 269 -38.81 -30.83 56.59
N LEU E 270 -37.52 -31.11 56.51
CA LEU E 270 -37.05 -32.22 55.71
C LEU E 270 -37.35 -33.53 56.42
N CYS E 271 -37.66 -34.55 55.64
CA CYS E 271 -37.99 -35.85 56.19
C CYS E 271 -37.40 -36.95 55.34
N TRP E 272 -36.90 -38.00 55.99
CA TRP E 272 -36.18 -39.07 55.33
C TRP E 272 -36.93 -40.38 55.50
N ILE E 273 -37.44 -40.91 54.42
CA ILE E 273 -38.18 -42.15 54.44
C ILE E 273 -37.25 -43.27 53.99
N SER E 274 -37.71 -44.51 54.16
CA SER E 274 -36.95 -45.68 53.72
C SER E 274 -37.92 -46.79 53.34
N GLY E 275 -37.44 -47.74 52.56
CA GLY E 275 -38.22 -48.93 52.27
C GLY E 275 -37.87 -49.53 50.92
N TRP E 276 -38.28 -50.79 50.74
CA TRP E 276 -38.05 -51.55 49.53
C TRP E 276 -39.16 -51.40 48.51
N GLY E 277 -39.99 -50.36 48.64
CA GLY E 277 -41.24 -50.33 47.90
C GLY E 277 -41.07 -50.15 46.41
N ALA E 278 -42.14 -50.48 45.68
CA ALA E 278 -42.12 -50.38 44.23
C ALA E 278 -42.15 -48.91 43.82
N THR E 279 -41.15 -48.50 43.04
CA THR E 279 -40.98 -47.10 42.67
C THR E 279 -42.05 -46.62 41.70
N GLU E 280 -42.65 -47.53 40.95
CA GLU E 280 -43.78 -47.24 40.09
C GLU E 280 -44.87 -48.25 40.40
N GLU E 281 -46.12 -47.82 40.28
CA GLU E 281 -47.23 -48.64 40.72
C GLU E 281 -47.49 -49.78 39.73
N LYS E 282 -48.31 -50.73 40.19
CA LYS E 282 -48.51 -52.04 39.56
C LYS E 282 -47.18 -52.77 39.37
N GLY E 283 -46.29 -52.60 40.33
CA GLY E 283 -45.08 -53.38 40.44
C GLY E 283 -45.19 -54.37 41.59
N LYS E 284 -44.04 -54.95 41.94
CA LYS E 284 -44.02 -56.01 42.93
C LYS E 284 -43.30 -55.60 44.20
N THR E 285 -41.99 -55.33 44.11
CA THR E 285 -41.11 -54.81 45.16
C THR E 285 -39.77 -54.50 44.52
N SER E 286 -39.14 -53.43 44.99
CA SER E 286 -37.77 -53.17 44.59
C SER E 286 -36.86 -54.19 45.27
N GLU E 287 -35.70 -54.42 44.66
CA GLU E 287 -34.82 -55.47 45.15
C GLU E 287 -34.07 -55.03 46.41
N VAL E 288 -33.55 -53.82 46.45
CA VAL E 288 -32.66 -53.38 47.52
C VAL E 288 -33.34 -52.33 48.37
N LEU E 289 -32.65 -51.91 49.43
CA LEU E 289 -33.17 -50.90 50.33
C LEU E 289 -33.00 -49.50 49.74
N ASN E 290 -34.11 -48.75 49.73
CA ASN E 290 -34.17 -47.43 49.09
C ASN E 290 -34.57 -46.40 50.13
N ALA E 291 -33.76 -45.37 50.29
CA ALA E 291 -33.89 -44.52 51.45
C ALA E 291 -33.67 -43.03 51.15
N ALA E 292 -34.30 -42.49 50.12
CA ALA E 292 -34.12 -41.09 49.80
C ALA E 292 -35.10 -40.22 50.59
N LYS E 293 -35.22 -38.94 50.21
CA LYS E 293 -35.79 -37.88 51.05
C LYS E 293 -37.08 -37.32 50.49
N VAL E 294 -37.89 -36.76 51.39
CA VAL E 294 -39.14 -36.07 51.08
C VAL E 294 -39.31 -34.85 51.96
N LEU E 295 -40.46 -34.19 51.85
CA LEU E 295 -40.75 -32.99 52.62
C LEU E 295 -42.11 -33.08 53.27
N LEU E 296 -42.41 -32.09 54.11
CA LEU E 296 -43.66 -32.00 54.84
C LEU E 296 -44.55 -30.98 54.16
N ILE E 297 -45.72 -31.41 53.78
CA ILE E 297 -46.78 -30.48 53.43
C ILE E 297 -47.58 -30.21 54.68
N GLU E 298 -48.16 -29.02 54.79
CA GLU E 298 -48.93 -28.70 55.98
C GLU E 298 -50.36 -29.22 55.83
N THR E 299 -51.24 -28.83 56.76
CA THR E 299 -52.63 -29.25 56.63
C THR E 299 -53.31 -28.48 55.51
N GLN E 300 -53.23 -27.15 55.56
CA GLN E 300 -54.07 -26.29 54.74
C GLN E 300 -53.79 -26.40 53.25
N ARG E 301 -52.70 -27.04 52.86
CA ARG E 301 -52.52 -27.34 51.46
C ARG E 301 -53.16 -28.68 51.10
N CYS E 302 -52.87 -29.71 51.88
CA CYS E 302 -53.46 -31.02 51.65
C CYS E 302 -54.96 -31.00 51.91
N ASN E 303 -55.36 -30.47 53.04
CA ASN E 303 -56.73 -30.48 53.52
C ASN E 303 -57.50 -29.28 52.98
N SER E 304 -57.48 -28.99 51.67
CA SER E 304 -58.06 -27.74 51.23
C SER E 304 -59.30 -27.94 50.38
N ARG E 305 -59.18 -28.15 49.08
CA ARG E 305 -60.32 -28.50 48.25
C ARG E 305 -59.86 -29.25 47.02
N TYR E 306 -58.59 -29.15 46.72
CA TYR E 306 -58.06 -29.63 45.46
C TYR E 306 -57.16 -30.84 45.65
N VAL E 307 -56.42 -30.87 46.73
CA VAL E 307 -55.57 -32.01 47.03
C VAL E 307 -56.41 -33.11 47.65
N TYR E 308 -56.90 -32.86 48.87
CA TYR E 308 -57.69 -33.81 49.64
C TYR E 308 -58.78 -33.02 50.33
N ASP E 309 -60.02 -33.19 49.89
CA ASP E 309 -61.11 -32.29 50.27
C ASP E 309 -61.57 -32.54 51.69
N ASN E 310 -60.78 -32.03 52.64
CA ASN E 310 -61.07 -31.99 54.07
C ASN E 310 -61.21 -33.40 54.66
N LEU E 311 -60.15 -34.18 54.47
CA LEU E 311 -60.06 -35.55 54.99
C LEU E 311 -59.06 -35.70 56.12
N ILE E 312 -58.02 -34.87 56.14
CA ILE E 312 -56.85 -35.17 56.96
C ILE E 312 -57.15 -34.83 58.41
N THR E 313 -57.18 -35.86 59.25
CA THR E 313 -57.56 -35.75 60.65
C THR E 313 -56.40 -35.15 61.45
N PRO E 314 -56.56 -34.96 62.76
CA PRO E 314 -55.37 -34.70 63.57
C PRO E 314 -54.45 -35.90 63.69
N ALA E 315 -54.97 -37.11 63.61
CA ALA E 315 -54.13 -38.31 63.60
C ALA E 315 -53.91 -38.78 62.17
N MET E 316 -53.37 -37.87 61.35
CA MET E 316 -52.93 -38.13 59.98
C MET E 316 -52.06 -36.94 59.58
N ILE E 317 -50.83 -37.19 59.14
CA ILE E 317 -49.91 -36.13 58.76
C ILE E 317 -49.63 -36.26 57.27
N CYS E 318 -49.64 -35.15 56.56
CA CYS E 318 -49.35 -35.17 55.14
C CYS E 318 -47.86 -35.13 54.93
N ALA E 319 -47.40 -35.64 53.79
CA ALA E 319 -45.97 -35.57 53.46
C ALA E 319 -45.77 -35.76 51.98
N GLY E 320 -44.58 -35.36 51.52
CA GLY E 320 -44.23 -35.48 50.12
C GLY E 320 -43.79 -34.15 49.55
N PHE E 321 -44.12 -33.90 48.28
CA PHE E 321 -44.09 -32.55 47.73
C PHE E 321 -45.30 -32.38 46.84
N LEU E 322 -46.09 -31.35 47.09
CA LEU E 322 -47.32 -31.11 46.35
C LEU E 322 -47.00 -30.65 44.95
N GLN E 323 -46.53 -31.54 44.10
CA GLN E 323 -46.00 -31.12 42.81
C GLN E 323 -46.37 -32.16 41.79
N GLY E 324 -45.71 -32.09 40.63
CA GLY E 324 -45.86 -33.08 39.59
C GLY E 324 -45.13 -34.36 39.92
N ASN E 325 -44.57 -34.97 38.89
CA ASN E 325 -43.89 -36.27 39.03
C ASN E 325 -42.46 -36.05 39.54
N VAL E 326 -42.38 -35.53 40.77
CA VAL E 326 -41.09 -35.32 41.42
C VAL E 326 -41.08 -36.12 42.71
N ASP E 327 -42.25 -36.63 43.08
CA ASP E 327 -42.41 -37.31 44.37
C ASP E 327 -41.69 -38.66 44.34
N SER E 328 -41.51 -39.23 45.53
CA SER E 328 -40.83 -40.50 45.70
C SER E 328 -41.80 -41.47 46.36
N CYS E 329 -42.18 -42.52 45.64
CA CYS E 329 -43.28 -43.35 46.12
C CYS E 329 -42.81 -44.38 47.15
N GLN E 330 -42.04 -45.38 46.71
CA GLN E 330 -41.53 -46.55 47.43
C GLN E 330 -42.47 -47.13 48.50
N GLY E 331 -43.68 -47.51 48.08
CA GLY E 331 -44.75 -47.93 48.97
C GLY E 331 -44.48 -49.12 49.88
N ASP E 332 -44.49 -48.87 51.19
CA ASP E 332 -44.13 -49.89 52.15
C ASP E 332 -45.13 -50.07 53.28
N SER E 333 -46.06 -49.13 53.48
CA SER E 333 -47.11 -49.19 54.51
C SER E 333 -46.52 -49.39 55.90
N GLY E 334 -45.64 -48.49 56.28
CA GLY E 334 -44.95 -48.62 57.54
C GLY E 334 -43.50 -48.22 57.42
N GLY E 335 -42.99 -48.20 56.18
CA GLY E 335 -41.68 -47.67 55.89
C GLY E 335 -41.63 -46.22 56.28
N PRO E 336 -40.87 -45.91 57.31
CA PRO E 336 -41.20 -44.81 58.21
C PRO E 336 -40.91 -43.43 57.63
N LEU E 337 -41.14 -42.41 58.46
CA LEU E 337 -40.73 -41.03 58.18
C LEU E 337 -39.82 -40.64 59.32
N VAL E 338 -38.53 -40.50 59.03
CA VAL E 338 -37.52 -40.21 60.03
C VAL E 338 -36.93 -38.84 59.76
N THR E 339 -37.08 -37.93 60.72
CA THR E 339 -36.46 -36.62 60.63
C THR E 339 -35.22 -36.64 61.52
N SER E 340 -34.53 -35.50 61.59
CA SER E 340 -33.21 -35.44 62.21
C SER E 340 -33.05 -34.21 63.09
N LYS E 341 -34.06 -33.86 63.86
CA LYS E 341 -33.95 -32.68 64.71
C LYS E 341 -33.07 -32.99 65.92
N ASN E 342 -32.45 -31.93 66.45
CA ASN E 342 -31.41 -32.01 67.48
C ASN E 342 -30.29 -32.97 67.07
N ASN E 343 -29.91 -32.91 65.79
CA ASN E 343 -28.80 -33.65 65.14
C ASN E 343 -28.84 -35.15 65.38
N ILE E 344 -30.02 -35.66 65.68
CA ILE E 344 -30.25 -37.02 66.13
C ILE E 344 -31.50 -37.47 65.42
N TRP E 345 -31.55 -38.70 64.96
CA TRP E 345 -32.73 -39.13 64.23
C TRP E 345 -33.87 -39.38 65.21
N TRP E 346 -35.05 -38.90 64.84
CA TRP E 346 -36.27 -39.08 65.60
C TRP E 346 -37.33 -39.60 64.65
N LEU E 347 -38.29 -40.33 65.19
CA LEU E 347 -39.42 -40.81 64.40
C LEU E 347 -40.58 -39.86 64.57
N ILE E 348 -41.27 -39.56 63.47
CA ILE E 348 -42.40 -38.64 63.53
C ILE E 348 -43.63 -39.29 62.94
N GLY E 349 -43.49 -39.90 61.80
CA GLY E 349 -44.62 -40.52 61.13
C GLY E 349 -44.32 -41.91 60.64
N ASP E 350 -45.28 -42.81 60.81
CA ASP E 350 -45.22 -44.07 60.08
C ASP E 350 -46.23 -43.99 58.95
N THR E 351 -45.95 -44.72 57.87
CA THR E 351 -46.68 -44.51 56.64
C THR E 351 -48.08 -45.05 56.73
N SER E 352 -48.84 -44.82 55.67
CA SER E 352 -50.25 -45.15 55.60
C SER E 352 -50.61 -45.14 54.12
N TRP E 353 -51.90 -44.96 53.83
CA TRP E 353 -52.47 -44.98 52.48
C TRP E 353 -52.01 -43.83 51.58
N GLY E 354 -52.54 -43.80 50.36
CA GLY E 354 -52.22 -42.70 49.48
C GLY E 354 -53.10 -42.71 48.25
N SER E 355 -52.60 -42.11 47.20
CA SER E 355 -53.23 -42.13 45.90
C SER E 355 -52.21 -42.72 44.94
N GLY E 356 -52.45 -42.56 43.63
CA GLY E 356 -51.58 -43.03 42.58
C GLY E 356 -50.13 -42.66 42.78
N CYS E 357 -49.21 -43.55 42.40
CA CYS E 357 -47.84 -43.51 42.90
C CYS E 357 -47.05 -42.31 42.41
N ALA E 358 -46.90 -41.31 43.30
CA ALA E 358 -45.95 -40.20 43.16
C ALA E 358 -46.20 -39.37 41.90
N LYS E 359 -47.37 -38.74 41.85
CA LYS E 359 -47.79 -38.04 40.65
C LYS E 359 -48.43 -36.73 41.06
N ALA E 360 -49.16 -36.11 40.11
CA ALA E 360 -49.63 -34.73 40.27
C ALA E 360 -50.66 -34.62 41.38
N TYR E 361 -50.48 -33.59 42.21
CA TYR E 361 -51.41 -33.14 43.25
C TYR E 361 -51.60 -34.09 44.42
N ARG E 362 -51.03 -35.28 44.36
CA ARG E 362 -51.44 -36.39 45.23
C ARG E 362 -50.28 -36.83 46.09
N PRO E 363 -50.14 -36.29 47.28
CA PRO E 363 -49.03 -36.67 48.14
C PRO E 363 -49.33 -37.94 48.91
N GLY E 364 -48.46 -38.33 49.84
CA GLY E 364 -48.73 -39.43 50.72
C GLY E 364 -49.16 -38.89 52.07
N VAL E 365 -49.98 -39.66 52.78
CA VAL E 365 -50.56 -39.21 54.03
C VAL E 365 -50.15 -40.19 55.12
N TYR E 366 -49.59 -39.67 56.20
CA TYR E 366 -48.81 -40.50 57.10
C TYR E 366 -49.49 -40.56 58.46
N GLY E 367 -49.29 -41.64 59.18
CA GLY E 367 -49.82 -41.75 60.52
C GLY E 367 -49.04 -40.88 61.48
N ASN E 368 -49.71 -40.42 62.53
CA ASN E 368 -49.26 -39.26 63.29
C ASN E 368 -48.76 -39.68 64.66
N VAL E 369 -47.48 -40.06 64.72
CA VAL E 369 -47.00 -40.83 65.86
C VAL E 369 -46.35 -39.95 66.90
N MET E 370 -46.73 -38.68 66.95
CA MET E 370 -46.51 -37.92 68.17
C MET E 370 -47.81 -37.71 68.94
N VAL E 371 -48.94 -38.04 68.33
CA VAL E 371 -50.24 -37.88 68.98
C VAL E 371 -50.36 -38.84 70.16
N PHE E 372 -50.03 -40.11 69.94
CA PHE E 372 -50.25 -41.18 70.90
C PHE E 372 -48.96 -41.85 71.27
N THR E 373 -47.94 -41.07 71.63
CA THR E 373 -46.73 -41.69 72.12
C THR E 373 -46.88 -42.07 73.59
N ASP E 374 -47.99 -41.69 74.21
CA ASP E 374 -48.22 -42.15 75.56
C ASP E 374 -49.22 -43.29 75.63
N TRP E 375 -50.11 -43.42 74.64
CA TRP E 375 -50.98 -44.60 74.57
C TRP E 375 -50.15 -45.86 74.44
N ILE E 376 -49.12 -45.83 73.61
CA ILE E 376 -48.16 -46.92 73.54
C ILE E 376 -47.48 -47.10 74.89
N TYR E 377 -47.19 -45.99 75.59
CA TYR E 377 -46.53 -46.08 76.88
C TYR E 377 -47.46 -46.49 78.01
N ARG E 378 -48.76 -46.57 77.77
CA ARG E 378 -49.68 -47.29 78.64
C ARG E 378 -50.12 -48.61 78.03
N GLN E 379 -49.60 -48.98 76.87
CA GLN E 379 -49.73 -50.32 76.36
C GLN E 379 -48.38 -51.00 76.29
N MET E 380 -47.33 -50.33 76.74
CA MET E 380 -46.06 -50.98 76.98
C MET E 380 -45.74 -51.12 78.45
N ARG E 381 -46.54 -50.52 79.33
CA ARG E 381 -46.25 -50.62 80.75
C ARG E 381 -46.51 -52.02 81.27
N ALA E 382 -47.63 -52.61 80.89
CA ALA E 382 -48.07 -53.83 81.52
C ALA E 382 -47.91 -55.06 80.63
N ASP E 383 -46.84 -55.16 79.87
CA ASP E 383 -46.47 -56.48 79.35
C ASP E 383 -45.60 -57.25 80.33
N GLY E 384 -45.03 -56.56 81.32
CA GLY E 384 -44.37 -57.20 82.44
C GLY E 384 -44.93 -56.68 83.74
N CYS F 40 -55.43 -88.72 20.13
CA CYS F 40 -54.39 -88.02 19.38
C CYS F 40 -54.80 -86.55 19.29
N VAL F 41 -54.13 -85.72 20.07
CA VAL F 41 -54.48 -84.31 20.19
C VAL F 41 -53.19 -83.52 20.42
N ARG F 42 -53.11 -82.32 19.84
CA ARG F 42 -51.87 -81.56 19.88
C ARG F 42 -52.16 -80.08 19.70
N LEU F 43 -51.27 -79.26 20.27
CA LEU F 43 -51.27 -77.82 20.05
C LEU F 43 -50.61 -77.50 18.72
N TYR F 44 -50.68 -76.23 18.33
CA TYR F 44 -50.23 -75.82 17.00
C TYR F 44 -50.04 -74.32 16.91
N GLY F 45 -48.95 -73.91 16.27
CA GLY F 45 -48.82 -72.58 15.75
C GLY F 45 -48.67 -71.53 16.83
N PRO F 46 -48.99 -70.29 16.50
CA PRO F 46 -48.89 -69.22 17.50
C PRO F 46 -50.10 -69.09 18.39
N ASN F 47 -51.30 -69.37 17.88
CA ASN F 47 -52.52 -69.16 18.64
C ASN F 47 -53.14 -70.47 19.13
N PHE F 48 -52.34 -71.52 19.24
CA PHE F 48 -52.57 -72.64 20.15
C PHE F 48 -53.82 -73.45 19.81
N ILE F 49 -54.12 -73.60 18.52
CA ILE F 49 -55.30 -74.35 18.14
C ILE F 49 -55.06 -75.83 18.38
N LEU F 50 -56.02 -76.49 19.02
CA LEU F 50 -55.98 -77.94 19.12
C LEU F 50 -56.26 -78.56 17.76
N GLN F 51 -55.31 -79.35 17.29
CA GLN F 51 -55.52 -80.20 16.13
C GLN F 51 -55.98 -81.57 16.60
N VAL F 52 -56.82 -82.22 15.80
CA VAL F 52 -57.43 -83.49 16.21
C VAL F 52 -57.27 -84.47 15.07
N TYR F 53 -56.67 -85.63 15.36
CA TYR F 53 -56.41 -86.64 14.36
C TYR F 53 -57.58 -87.61 14.27
N SER F 54 -58.06 -87.84 13.04
CA SER F 54 -59.11 -88.81 12.75
C SER F 54 -58.57 -89.86 11.80
N SER F 55 -58.94 -91.13 12.03
CA SER F 55 -58.37 -92.24 11.29
C SER F 55 -58.87 -92.32 9.86
N GLN F 56 -60.08 -91.86 9.59
CA GLN F 56 -60.59 -91.86 8.22
C GLN F 56 -59.99 -90.73 7.41
N ARG F 57 -60.03 -89.50 7.95
CA ARG F 57 -59.46 -88.36 7.26
C ARG F 57 -57.94 -88.36 7.28
N LYS F 58 -57.31 -89.20 8.11
CA LYS F 58 -55.87 -89.40 8.20
C LYS F 58 -55.12 -88.12 8.57
N SER F 59 -55.79 -87.18 9.22
CA SER F 59 -55.29 -85.82 9.27
C SER F 59 -55.68 -85.17 10.58
N TRP F 60 -54.90 -84.15 10.93
CA TRP F 60 -55.18 -83.34 12.09
C TRP F 60 -56.23 -82.29 11.75
N HIS F 61 -57.11 -82.00 12.69
CA HIS F 61 -58.22 -81.12 12.39
C HIS F 61 -58.57 -80.28 13.60
N PRO F 62 -59.05 -79.05 13.40
CA PRO F 62 -59.40 -78.19 14.53
C PRO F 62 -60.81 -78.44 15.05
N VAL F 63 -61.03 -78.00 16.28
CA VAL F 63 -62.32 -78.11 16.96
C VAL F 63 -62.92 -76.72 17.08
N CYS F 64 -64.18 -76.58 16.68
CA CYS F 64 -64.92 -75.36 16.92
C CYS F 64 -65.39 -75.31 18.37
N GLN F 65 -65.65 -74.08 18.85
CA GLN F 65 -65.91 -73.82 20.26
C GLN F 65 -67.38 -73.96 20.64
N ASP F 66 -68.10 -74.83 19.95
CA ASP F 66 -69.53 -75.06 20.18
C ASP F 66 -69.70 -75.80 21.49
N ASP F 67 -70.00 -75.04 22.56
CA ASP F 67 -70.27 -75.55 23.91
C ASP F 67 -69.08 -76.34 24.48
N TRP F 68 -67.91 -75.72 24.49
CA TRP F 68 -66.82 -76.32 25.21
C TRP F 68 -66.82 -75.85 26.65
N ASN F 69 -66.15 -76.61 27.51
CA ASN F 69 -66.17 -76.34 28.93
C ASN F 69 -64.81 -76.66 29.51
N GLU F 70 -64.53 -76.03 30.66
CA GLU F 70 -63.33 -76.35 31.41
C GLU F 70 -63.37 -77.78 31.93
N ASN F 71 -64.57 -78.31 32.16
CA ASN F 71 -64.70 -79.72 32.47
C ASN F 71 -64.38 -80.61 31.26
N TYR F 72 -64.31 -80.04 30.06
CA TYR F 72 -63.57 -80.67 28.99
C TYR F 72 -62.19 -80.05 28.78
N GLY F 73 -62.04 -78.76 29.04
CA GLY F 73 -60.81 -78.04 28.76
C GLY F 73 -59.72 -78.11 29.82
N ARG F 74 -60.07 -77.86 31.09
CA ARG F 74 -59.10 -78.05 32.16
C ARG F 74 -58.80 -79.52 32.42
N ALA F 75 -59.68 -80.41 31.98
CA ALA F 75 -59.36 -81.82 31.91
C ALA F 75 -58.76 -82.21 30.58
N ALA F 76 -58.32 -81.25 29.77
CA ALA F 76 -57.62 -81.60 28.55
C ALA F 76 -56.12 -81.41 28.65
N CYS F 77 -55.64 -80.71 29.67
CA CYS F 77 -54.20 -80.60 29.80
C CYS F 77 -53.57 -81.86 30.39
N ARG F 78 -54.33 -82.72 31.06
CA ARG F 78 -53.76 -84.00 31.47
C ARG F 78 -53.65 -84.98 30.31
N ASP F 79 -54.29 -84.68 29.19
CA ASP F 79 -54.11 -85.48 28.00
C ASP F 79 -52.70 -85.36 27.47
N MET F 80 -52.13 -84.15 27.52
CA MET F 80 -50.77 -83.91 27.08
C MET F 80 -49.86 -83.59 28.24
N GLY F 81 -50.00 -84.31 29.35
CA GLY F 81 -49.03 -84.26 30.41
C GLY F 81 -49.00 -82.99 31.23
N TYR F 82 -50.16 -82.54 31.71
CA TYR F 82 -50.25 -81.43 32.66
C TYR F 82 -51.39 -81.78 33.61
N LYS F 83 -51.05 -82.28 34.80
CA LYS F 83 -52.09 -82.84 35.68
C LYS F 83 -52.82 -81.75 36.45
N ASN F 84 -52.11 -81.03 37.30
CA ASN F 84 -52.72 -80.08 38.23
C ASN F 84 -52.47 -78.63 37.86
N ASN F 85 -52.33 -78.32 36.58
CA ASN F 85 -52.15 -76.96 36.11
C ASN F 85 -53.13 -76.66 34.99
N PHE F 86 -53.51 -75.38 34.89
CA PHE F 86 -54.22 -74.82 33.76
C PHE F 86 -54.06 -73.31 33.78
N TYR F 87 -54.15 -72.68 32.59
CA TYR F 87 -54.14 -71.23 32.53
C TYR F 87 -55.42 -70.63 31.95
N SER F 88 -55.80 -70.94 30.72
CA SER F 88 -56.83 -70.15 30.06
C SER F 88 -57.34 -70.85 28.81
N SER F 89 -58.47 -70.35 28.32
CA SER F 89 -59.10 -70.81 27.09
C SER F 89 -60.05 -69.73 26.61
N GLN F 90 -60.03 -69.45 25.30
CA GLN F 90 -60.90 -68.42 24.74
C GLN F 90 -61.32 -68.83 23.33
N GLY F 91 -62.18 -68.01 22.74
CA GLY F 91 -62.54 -68.18 21.34
C GLY F 91 -61.71 -67.26 20.46
N ILE F 92 -61.29 -67.78 19.30
CA ILE F 92 -60.45 -67.06 18.36
C ILE F 92 -60.92 -67.35 16.95
N VAL F 93 -60.42 -66.55 16.01
CA VAL F 93 -60.85 -66.63 14.62
C VAL F 93 -60.08 -67.73 13.90
N ASP F 94 -60.74 -68.39 12.95
CA ASP F 94 -60.12 -69.49 12.22
C ASP F 94 -59.18 -68.96 11.16
N ASP F 95 -57.91 -69.38 11.23
CA ASP F 95 -56.96 -69.15 10.17
C ASP F 95 -56.00 -70.32 9.93
N SER F 96 -56.27 -71.49 10.51
CA SER F 96 -55.28 -72.57 10.55
C SER F 96 -55.10 -73.23 9.18
N GLY F 97 -56.20 -73.59 8.52
CA GLY F 97 -56.10 -74.12 7.18
C GLY F 97 -56.61 -75.53 6.94
N SER F 98 -57.63 -75.95 7.67
CA SER F 98 -58.32 -77.20 7.39
C SER F 98 -59.78 -76.92 7.06
N THR F 99 -60.35 -77.75 6.21
CA THR F 99 -61.75 -77.62 5.78
C THR F 99 -62.58 -78.82 6.20
N SER F 100 -62.20 -79.45 7.32
CA SER F 100 -62.94 -80.56 7.91
C SER F 100 -62.83 -80.40 9.42
N PHE F 101 -63.80 -79.71 10.02
CA PHE F 101 -63.69 -79.33 11.42
C PHE F 101 -64.08 -80.49 12.31
N MET F 102 -64.08 -80.26 13.63
CA MET F 102 -64.52 -81.26 14.59
C MET F 102 -65.62 -80.65 15.46
N LYS F 103 -66.69 -81.43 15.69
CA LYS F 103 -67.88 -80.96 16.36
C LYS F 103 -68.18 -81.85 17.56
N LEU F 104 -69.20 -81.46 18.32
CA LEU F 104 -69.54 -82.15 19.55
C LEU F 104 -70.78 -83.01 19.40
N ASN F 105 -70.75 -84.20 20.00
CA ASN F 105 -71.91 -85.08 20.08
C ASN F 105 -72.60 -84.91 21.43
N THR F 106 -73.04 -83.69 21.69
CA THR F 106 -73.73 -83.40 22.95
C THR F 106 -75.16 -83.95 22.95
N SER F 107 -75.68 -84.30 21.78
CA SER F 107 -77.01 -84.92 21.69
C SER F 107 -77.03 -86.29 22.33
N ALA F 108 -75.90 -87.00 22.32
CA ALA F 108 -75.80 -88.25 23.04
C ALA F 108 -75.59 -87.98 24.52
N GLY F 109 -75.71 -89.03 25.33
CA GLY F 109 -75.59 -88.89 26.77
C GLY F 109 -74.16 -88.77 27.27
N ASN F 110 -73.87 -89.37 28.43
CA ASN F 110 -72.56 -89.20 29.07
C ASN F 110 -71.58 -90.18 28.43
N VAL F 111 -70.79 -89.67 27.49
CA VAL F 111 -69.67 -90.41 26.93
C VAL F 111 -68.40 -89.59 27.13
N ASP F 112 -67.29 -90.10 26.63
CA ASP F 112 -66.00 -89.44 26.73
C ASP F 112 -65.94 -88.23 25.79
N ILE F 113 -64.92 -87.40 26.00
CA ILE F 113 -64.56 -86.39 25.00
C ILE F 113 -64.21 -87.06 23.68
N TYR F 114 -63.39 -88.11 23.75
CA TYR F 114 -62.81 -88.76 22.59
C TYR F 114 -63.79 -89.62 21.79
N LYS F 115 -65.02 -89.77 22.27
CA LYS F 115 -66.06 -90.38 21.47
C LYS F 115 -66.92 -89.35 20.76
N LYS F 116 -67.03 -88.14 21.33
CA LYS F 116 -68.03 -87.17 20.91
C LYS F 116 -67.57 -86.25 19.79
N LEU F 117 -66.62 -86.66 18.97
CA LEU F 117 -65.99 -85.77 18.01
C LEU F 117 -66.23 -86.27 16.59
N TYR F 118 -67.25 -85.74 15.92
CA TYR F 118 -67.46 -85.98 14.51
C TYR F 118 -67.10 -84.75 13.70
N HIS F 119 -67.13 -84.91 12.38
CA HIS F 119 -66.69 -83.87 11.48
C HIS F 119 -67.83 -82.93 11.13
N SER F 120 -67.46 -81.70 10.75
CA SER F 120 -68.40 -80.73 10.22
C SER F 120 -67.63 -79.80 9.30
N ASP F 121 -68.36 -79.24 8.33
CA ASP F 121 -67.74 -78.35 7.35
C ASP F 121 -67.69 -76.91 7.84
N ALA F 122 -68.51 -76.54 8.82
CA ALA F 122 -68.58 -75.16 9.29
C ALA F 122 -68.54 -75.14 10.81
N CYS F 123 -67.84 -74.14 11.35
CA CYS F 123 -67.87 -73.86 12.78
C CYS F 123 -69.14 -73.08 13.10
N SER F 124 -69.92 -73.56 14.07
CA SER F 124 -71.24 -73.00 14.32
C SER F 124 -71.19 -71.66 15.05
N SER F 125 -70.08 -71.33 15.69
CA SER F 125 -69.89 -70.00 16.25
C SER F 125 -68.62 -69.33 15.75
N LYS F 126 -67.89 -69.99 14.84
CA LYS F 126 -66.64 -69.51 14.22
C LYS F 126 -65.56 -69.17 15.24
N ALA F 127 -65.61 -69.79 16.41
CA ALA F 127 -64.54 -69.73 17.39
C ALA F 127 -63.93 -71.12 17.51
N VAL F 128 -62.62 -71.17 17.65
CA VAL F 128 -61.91 -72.45 17.69
C VAL F 128 -61.13 -72.54 18.99
N VAL F 129 -60.36 -73.61 19.15
CA VAL F 129 -59.64 -73.85 20.39
C VAL F 129 -58.53 -72.80 20.53
N SER F 130 -58.53 -72.12 21.65
CA SER F 130 -57.39 -71.36 22.11
C SER F 130 -57.01 -71.88 23.49
N LEU F 131 -55.72 -72.03 23.73
CA LEU F 131 -55.30 -72.77 24.91
C LEU F 131 -54.01 -72.18 25.47
N ARG F 132 -53.83 -72.34 26.77
CA ARG F 132 -52.54 -72.21 27.45
C ARG F 132 -52.50 -73.27 28.53
N CYS F 133 -51.61 -74.26 28.39
CA CYS F 133 -51.61 -75.31 29.41
C CYS F 133 -50.85 -74.93 30.66
N ILE F 134 -50.09 -73.84 30.65
CA ILE F 134 -49.32 -73.45 31.82
C ILE F 134 -48.98 -71.97 31.71
N ALA F 135 -48.54 -71.37 32.81
CA ALA F 135 -48.08 -69.98 32.81
C ALA F 135 -46.65 -69.85 32.29
N CYS F 136 -46.44 -70.30 31.05
CA CYS F 136 -45.17 -70.07 30.40
C CYS F 136 -45.23 -68.74 29.66
N GLY F 137 -44.08 -68.30 29.17
CA GLY F 137 -44.05 -67.05 28.46
C GLY F 137 -43.20 -65.95 29.05
N VAL F 138 -43.87 -64.95 29.62
CA VAL F 138 -43.31 -63.62 29.74
C VAL F 138 -42.19 -63.54 30.76
N ASN F 139 -41.35 -62.54 30.60
CA ASN F 139 -40.37 -62.08 31.55
C ASN F 139 -40.47 -60.56 31.66
N LEU F 140 -39.72 -59.99 32.59
CA LEU F 140 -39.62 -58.53 32.68
C LEU F 140 -38.76 -58.03 31.53
N ASN F 141 -39.38 -57.33 30.57
CA ASN F 141 -38.69 -56.93 29.35
C ASN F 141 -37.65 -55.87 29.70
N SER F 142 -36.42 -56.32 29.89
CA SER F 142 -35.33 -55.44 30.29
C SER F 142 -34.43 -55.23 29.07
N SER F 143 -33.33 -54.53 29.28
CA SER F 143 -32.67 -53.85 28.17
C SER F 143 -31.32 -54.43 27.75
N ARG F 144 -30.35 -54.54 28.65
CA ARG F 144 -28.94 -54.65 28.28
C ARG F 144 -28.27 -55.87 28.91
N GLN F 145 -28.91 -57.04 28.78
CA GLN F 145 -28.36 -58.30 29.27
C GLN F 145 -27.53 -58.96 28.17
N SER F 146 -26.20 -58.83 28.27
CA SER F 146 -25.37 -59.26 27.14
C SER F 146 -24.04 -59.92 27.52
N GLN F 147 -23.95 -60.65 28.62
CA GLN F 147 -22.63 -60.97 29.15
C GLN F 147 -21.95 -62.17 28.53
N ILE F 148 -22.39 -62.71 27.39
CA ILE F 148 -21.38 -63.39 26.62
C ILE F 148 -20.47 -62.33 26.01
N VAL F 149 -19.19 -62.70 25.83
CA VAL F 149 -18.00 -61.86 25.99
C VAL F 149 -18.13 -60.45 25.42
N GLY F 150 -17.83 -59.44 26.24
CA GLY F 150 -18.04 -58.05 25.90
C GLY F 150 -19.45 -57.54 26.10
N GLY F 151 -19.94 -57.55 27.34
CA GLY F 151 -21.27 -57.04 27.60
C GLY F 151 -21.57 -56.95 29.08
N GLU F 152 -22.86 -56.75 29.39
CA GLU F 152 -23.35 -56.60 30.75
C GLU F 152 -24.15 -57.84 31.12
N SER F 153 -24.29 -58.06 32.44
CA SER F 153 -24.78 -59.33 32.96
C SER F 153 -26.25 -59.56 32.63
N ALA F 154 -26.63 -60.84 32.70
CA ALA F 154 -28.03 -61.21 32.54
C ALA F 154 -28.83 -60.65 33.71
N LEU F 155 -29.83 -59.88 33.41
CA LEU F 155 -30.59 -59.32 34.50
C LEU F 155 -31.52 -60.38 35.08
N PRO F 156 -31.61 -60.45 36.41
CA PRO F 156 -32.43 -61.49 37.03
C PRO F 156 -33.91 -61.30 36.75
N GLY F 157 -34.62 -62.41 36.61
CA GLY F 157 -36.03 -62.37 36.27
C GLY F 157 -36.35 -62.15 34.81
N ALA F 158 -35.39 -61.70 34.01
CA ALA F 158 -35.64 -61.56 32.58
C ALA F 158 -35.34 -62.82 31.80
N TRP F 159 -34.59 -63.76 32.37
CA TRP F 159 -34.48 -65.11 31.85
C TRP F 159 -34.94 -66.05 32.95
N PRO F 160 -36.25 -66.19 33.13
CA PRO F 160 -36.75 -66.85 34.34
C PRO F 160 -36.91 -68.36 34.22
N TRP F 161 -36.29 -68.98 33.22
CA TRP F 161 -36.31 -70.42 33.11
C TRP F 161 -34.95 -71.03 33.29
N GLN F 162 -33.93 -70.22 33.41
CA GLN F 162 -32.57 -70.69 33.44
C GLN F 162 -32.29 -71.45 34.74
N VAL F 163 -31.91 -72.71 34.63
CA VAL F 163 -31.58 -73.51 35.81
C VAL F 163 -30.09 -73.79 35.78
N SER F 164 -29.59 -74.52 36.77
CA SER F 164 -28.24 -75.04 36.75
C SER F 164 -28.25 -76.40 37.41
N LEU F 165 -27.59 -77.37 36.80
CA LEU F 165 -27.63 -78.72 37.33
C LEU F 165 -26.26 -79.09 37.88
N HIS F 166 -26.26 -79.88 38.96
CA HIS F 166 -25.07 -80.13 39.78
C HIS F 166 -24.98 -81.60 40.18
N VAL F 167 -23.76 -82.11 40.21
CA VAL F 167 -23.45 -83.34 40.92
C VAL F 167 -22.28 -83.04 41.85
N GLN F 168 -22.46 -83.35 43.14
CA GLN F 168 -21.47 -83.12 44.20
C GLN F 168 -21.09 -81.65 44.35
N ASN F 169 -22.05 -80.78 44.03
CA ASN F 169 -21.94 -79.33 44.09
C ASN F 169 -20.77 -78.79 43.27
N VAL F 170 -20.73 -79.19 42.00
CA VAL F 170 -20.01 -78.47 40.98
C VAL F 170 -21.00 -78.20 39.85
N HIS F 171 -20.86 -77.02 39.25
CA HIS F 171 -21.76 -76.61 38.19
C HIS F 171 -21.39 -77.32 36.90
N VAL F 172 -22.35 -78.04 36.30
CA VAL F 172 -22.02 -78.74 35.07
C VAL F 172 -22.94 -78.36 33.91
N CYS F 173 -24.23 -78.69 34.01
CA CYS F 173 -25.11 -78.56 32.87
C CYS F 173 -26.31 -77.70 33.22
N GLY F 174 -27.01 -77.23 32.20
CA GLY F 174 -28.14 -76.36 32.36
C GLY F 174 -29.44 -77.02 31.92
N GLY F 175 -30.42 -76.19 31.65
CA GLY F 175 -31.69 -76.69 31.17
C GLY F 175 -32.74 -75.60 31.16
N SER F 176 -33.99 -76.02 31.06
CA SER F 176 -35.10 -75.10 30.92
C SER F 176 -36.37 -75.79 31.38
N ILE F 177 -37.17 -75.09 32.12
CA ILE F 177 -38.34 -75.68 32.76
C ILE F 177 -39.56 -75.56 31.87
N ILE F 178 -40.38 -76.60 31.81
CA ILE F 178 -41.67 -76.53 31.14
C ILE F 178 -42.85 -76.86 32.05
N THR F 179 -42.65 -77.57 33.17
CA THR F 179 -43.59 -77.81 34.25
C THR F 179 -42.84 -77.62 35.55
N PRO F 180 -43.54 -77.47 36.67
CA PRO F 180 -42.82 -77.55 37.97
C PRO F 180 -42.22 -78.92 38.25
N GLU F 181 -42.71 -79.98 37.61
CA GLU F 181 -42.19 -81.30 37.89
C GLU F 181 -41.24 -81.83 36.82
N TRP F 182 -41.30 -81.31 35.60
CA TRP F 182 -40.40 -81.73 34.53
C TRP F 182 -39.37 -80.65 34.24
N ILE F 183 -38.25 -81.07 33.67
CA ILE F 183 -37.15 -80.18 33.32
C ILE F 183 -36.38 -80.84 32.20
N VAL F 184 -36.04 -80.06 31.18
CA VAL F 184 -35.32 -80.56 30.01
C VAL F 184 -33.85 -80.29 30.19
N THR F 185 -33.02 -81.12 29.58
CA THR F 185 -31.58 -80.86 29.49
C THR F 185 -31.02 -81.71 28.38
N ALA F 186 -29.73 -81.50 28.10
CA ALA F 186 -29.08 -82.27 27.05
C ALA F 186 -28.75 -83.66 27.55
N ALA F 187 -28.96 -84.66 26.71
CA ALA F 187 -28.84 -86.03 27.16
C ALA F 187 -27.40 -86.43 27.45
N HIS F 188 -26.42 -85.82 26.82
CA HIS F 188 -25.06 -86.29 27.05
C HIS F 188 -24.47 -85.77 28.34
N CYS F 189 -25.27 -85.09 29.15
CA CYS F 189 -24.89 -84.91 30.55
C CYS F 189 -25.30 -86.12 31.38
N VAL F 190 -26.44 -86.74 31.06
CA VAL F 190 -26.97 -87.82 31.87
C VAL F 190 -26.59 -89.19 31.29
N GLU F 191 -25.52 -89.24 30.50
CA GLU F 191 -25.04 -90.49 29.94
C GLU F 191 -24.40 -91.37 31.02
N LYS F 192 -24.02 -92.58 30.59
CA LYS F 192 -23.32 -93.53 31.44
C LYS F 192 -21.93 -93.01 31.81
N PRO F 193 -21.40 -93.37 32.99
CA PRO F 193 -21.97 -94.19 34.06
C PRO F 193 -22.62 -93.36 35.13
N LEU F 194 -23.23 -92.24 34.76
CA LEU F 194 -23.93 -91.39 35.71
C LEU F 194 -25.42 -91.35 35.39
N ASN F 195 -26.00 -92.50 35.08
CA ASN F 195 -27.36 -92.60 34.60
C ASN F 195 -28.35 -93.05 35.66
N ASN F 196 -28.13 -92.72 36.93
CA ASN F 196 -29.18 -92.98 37.89
C ASN F 196 -29.60 -91.69 38.59
N PRO F 197 -30.90 -91.51 38.85
CA PRO F 197 -31.40 -90.17 39.21
C PRO F 197 -30.94 -89.62 40.55
N TRP F 198 -30.50 -90.45 41.49
CA TRP F 198 -30.30 -89.95 42.86
C TRP F 198 -29.07 -89.06 43.02
N HIS F 199 -28.23 -88.96 41.99
CA HIS F 199 -27.13 -88.00 42.01
C HIS F 199 -27.33 -86.85 41.02
N TRP F 200 -28.56 -86.39 40.82
CA TRP F 200 -28.83 -85.32 39.87
C TRP F 200 -29.59 -84.18 40.54
N THR F 201 -28.82 -83.26 41.10
CA THR F 201 -29.32 -82.19 41.96
C THR F 201 -29.46 -80.93 41.15
N ALA F 202 -30.69 -80.50 40.93
CA ALA F 202 -30.94 -79.23 40.27
C ALA F 202 -30.73 -78.10 41.24
N PHE F 203 -30.22 -76.96 40.75
CA PHE F 203 -30.05 -75.77 41.57
C PHE F 203 -30.30 -74.52 40.74
N ALA F 204 -31.39 -73.81 41.04
CA ALA F 204 -31.84 -72.69 40.23
C ALA F 204 -31.48 -71.36 40.87
N GLY F 205 -31.97 -70.27 40.27
CA GLY F 205 -32.15 -69.01 40.97
C GLY F 205 -31.07 -67.95 40.98
N ILE F 206 -29.87 -68.29 41.43
CA ILE F 206 -28.83 -67.31 41.76
C ILE F 206 -27.87 -67.21 40.59
N LEU F 207 -27.59 -65.98 40.15
CA LEU F 207 -26.67 -65.75 39.03
C LEU F 207 -25.25 -66.18 39.37
N ARG F 208 -24.83 -66.02 40.62
CA ARG F 208 -23.46 -66.28 41.02
C ARG F 208 -23.23 -67.76 41.25
N GLN F 209 -21.96 -68.14 41.29
CA GLN F 209 -21.52 -69.52 41.45
C GLN F 209 -21.66 -70.05 42.88
N SER F 210 -22.12 -69.24 43.82
CA SER F 210 -22.01 -69.62 45.21
C SER F 210 -23.35 -70.03 45.83
N PHE F 211 -24.36 -69.17 45.76
CA PHE F 211 -25.43 -69.16 46.76
C PHE F 211 -26.41 -70.34 46.65
N MET F 212 -26.26 -71.23 45.69
CA MET F 212 -27.07 -72.44 45.66
C MET F 212 -26.48 -73.41 46.68
N PHE F 213 -27.11 -73.47 47.86
CA PHE F 213 -26.67 -74.35 48.94
C PHE F 213 -27.57 -75.57 49.04
N TYR F 214 -27.22 -76.44 49.97
CA TYR F 214 -28.01 -77.64 50.23
C TYR F 214 -29.33 -77.23 50.88
N GLY F 215 -30.44 -77.60 50.25
CA GLY F 215 -31.75 -77.09 50.57
C GLY F 215 -32.15 -75.90 49.73
N ALA F 216 -31.17 -75.17 49.19
CA ALA F 216 -31.44 -74.01 48.34
C ALA F 216 -31.54 -74.46 46.88
N GLY F 217 -32.63 -75.17 46.62
CA GLY F 217 -32.86 -75.76 45.32
C GLY F 217 -33.47 -77.14 45.46
N TYR F 218 -34.57 -77.39 44.76
CA TYR F 218 -35.26 -78.67 44.88
C TYR F 218 -34.46 -79.75 44.15
N GLN F 219 -34.82 -81.01 44.37
CA GLN F 219 -33.91 -82.08 43.99
C GLN F 219 -34.69 -83.24 43.37
N VAL F 220 -34.00 -84.39 43.32
CA VAL F 220 -34.04 -85.29 42.18
C VAL F 220 -35.39 -86.00 42.02
N GLU F 221 -35.62 -86.48 40.80
CA GLU F 221 -36.49 -87.62 40.49
C GLU F 221 -36.11 -88.13 39.11
N LYS F 222 -37.05 -88.84 38.48
CA LYS F 222 -36.94 -89.57 37.21
C LYS F 222 -36.11 -88.89 36.12
N VAL F 223 -35.28 -89.69 35.48
CA VAL F 223 -34.44 -89.30 34.36
C VAL F 223 -34.97 -90.08 33.16
N ILE F 224 -35.85 -89.49 32.37
CA ILE F 224 -36.14 -90.12 31.10
C ILE F 224 -34.98 -89.78 30.17
N SER F 225 -34.93 -90.44 29.03
CA SER F 225 -34.01 -90.08 27.97
C SER F 225 -34.70 -90.38 26.65
N HIS F 226 -34.36 -89.64 25.62
CA HIS F 226 -34.63 -90.19 24.31
C HIS F 226 -33.65 -91.32 24.12
N PRO F 227 -34.09 -92.56 24.04
CA PRO F 227 -33.17 -93.71 24.11
C PRO F 227 -32.54 -94.05 22.78
N ASN F 228 -32.02 -93.06 22.09
CA ASN F 228 -31.31 -93.32 20.85
C ASN F 228 -30.10 -92.43 20.73
N TYR F 229 -29.53 -92.02 21.84
CA TYR F 229 -28.27 -91.29 21.80
C TYR F 229 -27.17 -92.21 21.29
N ASP F 230 -26.21 -91.63 20.57
CA ASP F 230 -25.14 -92.41 20.00
C ASP F 230 -23.81 -91.72 20.24
N SER F 231 -22.75 -92.44 19.90
CA SER F 231 -21.39 -91.92 20.06
C SER F 231 -20.93 -91.26 18.78
N LYS F 232 -21.31 -91.86 17.67
CA LYS F 232 -21.01 -91.38 16.31
C LYS F 232 -21.75 -90.12 15.83
N THR F 233 -23.03 -90.00 16.17
CA THR F 233 -23.88 -88.93 15.68
C THR F 233 -24.25 -87.90 16.73
N LYS F 234 -24.43 -88.34 17.98
CA LYS F 234 -25.16 -87.62 19.02
C LYS F 234 -26.54 -87.19 18.54
N ASN F 235 -27.17 -88.03 17.73
CA ASN F 235 -28.57 -87.89 17.41
C ASN F 235 -29.40 -88.21 18.64
N ASN F 236 -30.40 -87.37 18.89
CA ASN F 236 -31.16 -87.37 20.14
C ASN F 236 -30.22 -87.21 21.32
N ASP F 237 -29.70 -86.00 21.48
CA ASP F 237 -28.97 -85.56 22.67
C ASP F 237 -29.87 -84.72 23.56
N ILE F 238 -31.12 -85.15 23.76
CA ILE F 238 -32.07 -84.46 24.63
C ILE F 238 -32.69 -85.48 25.58
N ALA F 239 -32.52 -85.26 26.88
CA ALA F 239 -33.14 -86.11 27.88
C ALA F 239 -33.92 -85.24 28.84
N LEU F 240 -35.19 -85.59 29.06
CA LEU F 240 -35.97 -84.93 30.10
C LEU F 240 -35.46 -85.33 31.46
N MET F 241 -35.76 -84.53 32.45
CA MET F 241 -35.59 -84.96 33.82
C MET F 241 -36.85 -84.57 34.58
N LYS F 242 -37.04 -85.20 35.73
CA LYS F 242 -38.22 -84.98 36.53
C LYS F 242 -37.79 -84.65 37.96
N LEU F 243 -38.64 -83.90 38.66
CA LEU F 243 -38.44 -83.65 40.07
C LEU F 243 -39.66 -84.15 40.83
N GLN F 244 -39.45 -84.48 42.11
CA GLN F 244 -40.56 -84.93 42.95
C GLN F 244 -41.30 -83.74 43.57
N LYS F 245 -40.58 -82.66 43.91
CA LYS F 245 -41.15 -81.56 44.66
C LYS F 245 -41.41 -80.42 43.70
N PRO F 246 -42.67 -80.04 43.48
CA PRO F 246 -42.95 -78.91 42.59
C PRO F 246 -42.46 -77.59 43.17
N LEU F 247 -41.69 -76.86 42.36
CA LEU F 247 -41.15 -75.56 42.73
C LEU F 247 -42.21 -74.47 42.49
N THR F 248 -41.80 -73.21 42.53
CA THR F 248 -42.72 -72.09 42.48
C THR F 248 -42.42 -71.19 41.29
N PHE F 249 -43.46 -70.50 40.81
CA PHE F 249 -43.29 -69.49 39.76
C PHE F 249 -43.08 -68.12 40.36
N ASN F 250 -42.13 -67.97 41.30
CA ASN F 250 -42.18 -66.80 42.16
C ASN F 250 -41.56 -65.57 41.49
N ASP F 251 -40.23 -65.53 41.40
CA ASP F 251 -39.60 -64.46 40.63
C ASP F 251 -38.54 -65.00 39.67
N LEU F 252 -37.63 -65.81 40.19
CA LEU F 252 -36.46 -66.25 39.44
C LEU F 252 -36.73 -67.50 38.63
N VAL F 253 -37.88 -68.11 38.82
CA VAL F 253 -38.19 -69.42 38.24
C VAL F 253 -39.53 -69.29 37.52
N LYS F 254 -39.57 -69.65 36.24
CA LYS F 254 -40.80 -69.62 35.45
C LYS F 254 -40.59 -70.60 34.32
N PRO F 255 -41.60 -71.38 33.93
CA PRO F 255 -41.39 -72.39 32.89
C PRO F 255 -41.29 -71.78 31.51
N VAL F 256 -40.28 -72.23 30.74
CA VAL F 256 -40.12 -71.76 29.37
C VAL F 256 -41.21 -72.41 28.51
N CYS F 257 -41.51 -71.80 27.36
CA CYS F 257 -42.55 -72.36 26.51
C CYS F 257 -41.94 -73.36 25.55
N LEU F 258 -42.37 -74.60 25.65
CA LEU F 258 -42.04 -75.61 24.64
C LEU F 258 -42.80 -75.32 23.35
N PRO F 259 -42.17 -75.52 22.20
CA PRO F 259 -42.78 -75.09 20.95
C PRO F 259 -43.94 -75.99 20.57
N ASN F 260 -44.58 -75.63 19.50
CA ASN F 260 -45.72 -76.39 19.01
C ASN F 260 -45.35 -77.17 17.76
N PRO F 261 -46.10 -78.23 17.44
CA PRO F 261 -45.87 -78.92 16.16
C PRO F 261 -46.13 -78.08 14.92
N GLY F 262 -45.07 -77.73 14.20
CA GLY F 262 -45.18 -76.93 13.00
C GLY F 262 -45.43 -75.46 13.27
N MET F 263 -44.45 -74.76 13.84
CA MET F 263 -44.64 -73.39 14.28
C MET F 263 -43.96 -72.36 13.40
N MET F 264 -43.31 -72.77 12.30
CA MET F 264 -42.91 -71.91 11.18
C MET F 264 -41.92 -70.83 11.60
N LEU F 265 -40.69 -71.27 11.88
CA LEU F 265 -39.59 -70.35 12.14
C LEU F 265 -39.22 -69.55 10.89
N GLN F 266 -38.24 -68.65 11.06
CA GLN F 266 -37.69 -67.89 9.94
C GLN F 266 -36.24 -68.29 9.69
N PRO F 267 -35.82 -68.38 8.43
CA PRO F 267 -34.54 -69.05 8.10
C PRO F 267 -33.30 -68.28 8.51
N GLU F 268 -33.41 -67.07 9.00
CA GLU F 268 -32.27 -66.36 9.54
C GLU F 268 -32.64 -65.70 10.84
N GLN F 269 -33.40 -66.41 11.67
CA GLN F 269 -34.02 -65.81 12.83
C GLN F 269 -33.00 -65.49 13.92
N LEU F 270 -33.31 -64.47 14.71
CA LEU F 270 -32.52 -64.16 15.88
C LEU F 270 -32.80 -65.19 16.97
N CYS F 271 -31.76 -65.51 17.73
CA CYS F 271 -31.89 -66.48 18.80
C CYS F 271 -31.09 -66.04 20.01
N TRP F 272 -31.65 -66.26 21.19
CA TRP F 272 -31.07 -65.79 22.44
C TRP F 272 -30.71 -66.96 23.33
N ILE F 273 -29.44 -67.16 23.55
CA ILE F 273 -28.95 -68.24 24.37
C ILE F 273 -28.62 -67.70 25.75
N SER F 274 -28.37 -68.60 26.70
CA SER F 274 -27.99 -68.21 28.05
C SER F 274 -27.08 -69.28 28.64
N GLY F 275 -26.34 -68.91 29.67
CA GLY F 275 -25.56 -69.88 30.42
C GLY F 275 -24.32 -69.29 31.05
N TRP F 276 -23.76 -70.02 32.01
CA TRP F 276 -22.57 -69.62 32.74
C TRP F 276 -21.28 -70.10 32.09
N GLY F 277 -21.33 -70.47 30.81
CA GLY F 277 -20.24 -71.22 30.22
C GLY F 277 -18.96 -70.42 30.07
N ALA F 278 -17.86 -71.15 29.89
CA ALA F 278 -16.56 -70.52 29.74
C ALA F 278 -16.47 -69.85 28.38
N THR F 279 -16.18 -68.55 28.39
CA THR F 279 -16.18 -67.75 27.16
C THR F 279 -15.02 -68.09 26.24
N GLU F 280 -13.95 -68.64 26.79
CA GLU F 280 -12.82 -69.14 26.01
C GLU F 280 -12.52 -70.55 26.49
N GLU F 281 -12.08 -71.39 25.56
CA GLU F 281 -11.94 -72.81 25.88
C GLU F 281 -10.71 -73.05 26.75
N LYS F 282 -10.66 -74.27 27.30
CA LYS F 282 -9.74 -74.67 28.38
C LYS F 282 -9.88 -73.73 29.59
N GLY F 283 -11.11 -73.30 29.84
CA GLY F 283 -11.47 -72.62 31.07
C GLY F 283 -12.27 -73.52 31.97
N LYS F 284 -12.87 -72.91 32.98
CA LYS F 284 -13.57 -73.66 34.01
C LYS F 284 -15.07 -73.42 34.00
N THR F 285 -15.49 -72.18 34.28
CA THR F 285 -16.85 -71.65 34.23
C THR F 285 -16.80 -70.17 34.47
N SER F 286 -17.65 -69.43 33.78
CA SER F 286 -17.82 -68.02 34.10
C SER F 286 -18.55 -67.89 35.43
N GLU F 287 -18.33 -66.75 36.10
CA GLU F 287 -18.88 -66.59 37.44
C GLU F 287 -20.38 -66.31 37.42
N VAL F 288 -20.83 -65.44 36.52
CA VAL F 288 -22.21 -64.95 36.55
C VAL F 288 -22.97 -65.48 35.34
N LEU F 289 -24.26 -65.16 35.31
CA LEU F 289 -25.12 -65.59 34.21
C LEU F 289 -24.91 -64.71 32.99
N ASN F 290 -24.69 -65.35 31.84
CA ASN F 290 -24.34 -64.68 30.59
C ASN F 290 -25.37 -65.06 29.54
N ALA F 291 -26.00 -64.05 28.93
CA ALA F 291 -27.20 -64.31 28.16
C ALA F 291 -27.30 -63.46 26.89
N ALA F 292 -26.24 -63.38 26.10
CA ALA F 292 -26.30 -62.59 24.87
C ALA F 292 -26.86 -63.41 23.71
N LYS F 293 -26.73 -62.90 22.48
CA LYS F 293 -27.52 -63.32 21.33
C LYS F 293 -26.68 -63.99 20.24
N VAL F 294 -27.35 -64.82 19.44
CA VAL F 294 -26.76 -65.51 18.29
C VAL F 294 -27.76 -65.55 17.15
N LEU F 295 -27.41 -66.23 16.07
CA LEU F 295 -28.26 -66.33 14.90
C LEU F 295 -28.37 -67.78 14.44
N LEU F 296 -29.24 -68.00 13.46
CA LEU F 296 -29.50 -69.32 12.90
C LEU F 296 -28.77 -69.43 11.57
N ILE F 297 -27.94 -70.42 11.45
CA ILE F 297 -27.44 -70.82 10.15
C ILE F 297 -28.36 -71.91 9.63
N GLU F 298 -28.52 -72.00 8.32
CA GLU F 298 -29.41 -73.01 7.76
C GLU F 298 -28.67 -74.34 7.63
N THR F 299 -29.29 -75.30 6.95
CA THR F 299 -28.62 -76.58 6.75
C THR F 299 -27.51 -76.43 5.72
N GLN F 300 -27.85 -75.90 4.55
CA GLN F 300 -26.99 -75.96 3.37
C GLN F 300 -25.70 -75.18 3.52
N ARG F 301 -25.59 -74.34 4.54
CA ARG F 301 -24.30 -73.74 4.82
C ARG F 301 -23.48 -74.62 5.76
N CYS F 302 -24.09 -75.07 6.85
CA CYS F 302 -23.40 -75.95 7.79
C CYS F 302 -23.13 -77.30 7.15
N ASN F 303 -24.15 -77.90 6.56
CA ASN F 303 -24.10 -79.24 6.02
C ASN F 303 -23.59 -79.25 4.58
N SER F 304 -22.45 -78.62 4.28
CA SER F 304 -22.11 -78.46 2.88
C SER F 304 -20.86 -79.25 2.51
N ARG F 305 -19.67 -78.70 2.69
CA ARG F 305 -18.45 -79.47 2.50
C ARG F 305 -17.32 -78.87 3.31
N TYR F 306 -17.50 -77.64 3.74
CA TYR F 306 -16.43 -76.87 4.33
C TYR F 306 -16.66 -76.63 5.79
N VAL F 307 -17.91 -76.45 6.19
CA VAL F 307 -18.25 -76.26 7.59
C VAL F 307 -18.30 -77.61 8.27
N TYR F 308 -19.31 -78.42 7.90
CA TYR F 308 -19.54 -79.73 8.48
C TYR F 308 -19.97 -80.64 7.34
N ASP F 309 -19.10 -81.57 6.96
CA ASP F 309 -19.25 -82.31 5.69
C ASP F 309 -20.36 -83.36 5.81
N ASN F 310 -21.60 -82.88 5.71
CA ASN F 310 -22.82 -83.68 5.62
C ASN F 310 -23.03 -84.55 6.87
N LEU F 311 -23.06 -83.86 8.01
CA LEU F 311 -23.29 -84.48 9.31
C LEU F 311 -24.63 -84.14 9.92
N ILE F 312 -25.19 -82.99 9.60
CA ILE F 312 -26.27 -82.42 10.39
C ILE F 312 -27.56 -83.13 10.03
N THR F 313 -28.12 -83.87 10.99
CA THR F 313 -29.30 -84.70 10.79
C THR F 313 -30.54 -83.82 10.77
N PRO F 314 -31.74 -84.40 10.59
CA PRO F 314 -32.94 -83.62 10.89
C PRO F 314 -33.12 -83.34 12.37
N ALA F 315 -32.62 -84.19 13.24
CA ALA F 315 -32.65 -83.90 14.67
C ALA F 315 -31.32 -83.33 15.14
N MET F 316 -30.94 -82.23 14.49
CA MET F 316 -29.78 -81.40 14.85
C MET F 316 -29.96 -80.08 14.11
N ILE F 317 -29.92 -78.95 14.82
CA ILE F 317 -30.11 -77.64 14.22
C ILE F 317 -28.82 -76.86 14.39
N CYS F 318 -28.38 -76.18 13.35
CA CYS F 318 -27.16 -75.39 13.42
C CYS F 318 -27.51 -74.02 14.00
N ALA F 319 -26.51 -73.38 14.60
CA ALA F 319 -26.71 -72.02 15.12
C ALA F 319 -25.39 -71.33 15.30
N GLY F 320 -25.44 -70.01 15.41
CA GLY F 320 -24.27 -69.19 15.60
C GLY F 320 -24.15 -68.12 14.55
N PHE F 321 -22.94 -67.79 14.13
CA PHE F 321 -22.71 -67.07 12.89
C PHE F 321 -21.51 -67.67 12.19
N LEU F 322 -21.69 -68.06 10.93
CA LEU F 322 -20.63 -68.71 10.17
C LEU F 322 -19.55 -67.72 9.82
N GLN F 323 -18.75 -67.31 10.79
CA GLN F 323 -17.85 -66.20 10.57
C GLN F 323 -16.56 -66.48 11.30
N GLY F 324 -15.75 -65.45 11.47
CA GLY F 324 -14.53 -65.53 12.26
C GLY F 324 -14.82 -65.51 13.73
N ASN F 325 -13.95 -64.85 14.49
CA ASN F 325 -14.05 -64.80 15.94
C ASN F 325 -15.05 -63.73 16.36
N VAL F 326 -16.30 -63.95 15.98
CA VAL F 326 -17.39 -63.05 16.36
C VAL F 326 -18.42 -63.85 17.14
N ASP F 327 -18.26 -65.16 17.14
CA ASP F 327 -19.24 -66.04 17.75
C ASP F 327 -19.18 -65.93 19.28
N SER F 328 -20.23 -66.45 19.93
CA SER F 328 -20.36 -66.41 21.38
C SER F 328 -20.43 -67.85 21.87
N CYS F 329 -19.42 -68.27 22.64
CA CYS F 329 -19.32 -69.69 22.96
C CYS F 329 -20.22 -70.08 24.14
N GLN F 330 -19.87 -69.60 25.35
CA GLN F 330 -20.48 -69.89 26.66
C GLN F 330 -21.01 -71.32 26.84
N GLY F 331 -20.13 -72.32 26.66
CA GLY F 331 -20.49 -73.73 26.64
C GLY F 331 -21.19 -74.28 27.87
N ASP F 332 -22.43 -74.72 27.70
CA ASP F 332 -23.23 -75.18 28.83
C ASP F 332 -23.88 -76.53 28.63
N SER F 333 -23.95 -77.05 27.41
CA SER F 333 -24.52 -78.37 27.07
C SER F 333 -25.96 -78.49 27.56
N GLY F 334 -26.78 -77.56 27.12
CA GLY F 334 -28.14 -77.53 27.58
C GLY F 334 -28.62 -76.12 27.80
N GLY F 335 -27.66 -75.19 27.97
CA GLY F 335 -27.95 -73.77 28.01
C GLY F 335 -28.62 -73.37 26.72
N PRO F 336 -29.88 -73.01 26.80
CA PRO F 336 -30.83 -73.25 25.71
C PRO F 336 -30.67 -72.27 24.54
N LEU F 337 -31.57 -72.42 23.56
CA LEU F 337 -31.73 -71.47 22.48
C LEU F 337 -33.17 -71.00 22.54
N VAL F 338 -33.37 -69.76 22.94
CA VAL F 338 -34.70 -69.19 23.14
C VAL F 338 -34.93 -68.09 22.12
N THR F 339 -35.93 -68.26 21.28
CA THR F 339 -36.33 -67.23 20.35
C THR F 339 -37.57 -66.54 20.92
N SER F 340 -38.11 -65.57 20.17
CA SER F 340 -39.14 -64.69 20.69
C SER F 340 -40.25 -64.44 19.68
N LYS F 341 -40.68 -65.48 18.98
CA LYS F 341 -41.73 -65.29 18.00
C LYS F 341 -43.08 -65.13 18.69
N ASN F 342 -44.00 -64.44 18.02
CA ASN F 342 -45.29 -64.00 18.57
C ASN F 342 -45.10 -63.25 19.89
N ASN F 343 -44.07 -62.40 19.93
CA ASN F 343 -43.71 -61.46 21.03
C ASN F 343 -43.60 -62.15 22.39
N ILE F 344 -43.38 -63.45 22.38
CA ILE F 344 -43.44 -64.31 23.54
C ILE F 344 -42.25 -65.25 23.38
N TRP F 345 -41.56 -65.56 24.47
CA TRP F 345 -40.42 -66.43 24.34
C TRP F 345 -40.86 -67.86 24.14
N TRP F 346 -40.21 -68.53 23.19
CA TRP F 346 -40.46 -69.93 22.89
C TRP F 346 -39.12 -70.64 22.88
N LEU F 347 -39.14 -71.93 23.16
CA LEU F 347 -37.93 -72.74 23.10
C LEU F 347 -37.87 -73.44 21.76
N ILE F 348 -36.70 -73.47 21.15
CA ILE F 348 -36.56 -74.12 19.85
C ILE F 348 -35.46 -75.16 19.90
N GLY F 349 -34.32 -74.81 20.47
CA GLY F 349 -33.20 -75.73 20.52
C GLY F 349 -32.57 -75.79 21.90
N ASP F 350 -32.21 -76.99 22.32
CA ASP F 350 -31.31 -77.11 23.45
C ASP F 350 -29.94 -77.48 22.91
N THR F 351 -28.91 -77.09 23.65
CA THR F 351 -27.57 -77.13 23.09
C THR F 351 -27.07 -78.56 23.00
N SER F 352 -25.87 -78.68 22.42
CA SER F 352 -25.25 -79.97 22.14
C SER F 352 -23.78 -79.69 21.91
N TRP F 353 -23.10 -80.59 21.20
CA TRP F 353 -21.67 -80.53 20.92
C TRP F 353 -21.23 -79.39 20.03
N GLY F 354 -19.95 -79.33 19.72
CA GLY F 354 -19.46 -78.31 18.80
C GLY F 354 -18.03 -78.57 18.40
N SER F 355 -17.36 -77.51 18.02
CA SER F 355 -15.96 -77.53 17.70
C SER F 355 -15.30 -76.52 18.63
N GLY F 356 -14.05 -76.15 18.32
CA GLY F 356 -13.29 -75.16 19.07
C GLY F 356 -14.05 -73.87 19.34
N CYS F 357 -13.83 -73.28 20.51
CA CYS F 357 -14.77 -72.31 21.06
C CYS F 357 -14.84 -71.00 20.28
N ALA F 358 -15.91 -70.87 19.48
CA ALA F 358 -16.33 -69.61 18.85
C ALA F 358 -15.26 -69.03 17.94
N LYS F 359 -14.95 -69.76 16.87
CA LYS F 359 -13.83 -69.39 16.01
C LYS F 359 -14.26 -69.61 14.56
N ALA F 360 -13.27 -69.62 13.66
CA ALA F 360 -13.53 -69.57 12.23
C ALA F 360 -14.22 -70.84 11.75
N TYR F 361 -15.24 -70.65 10.92
CA TYR F 361 -15.97 -71.66 10.17
C TYR F 361 -16.78 -72.64 11.01
N ARG F 362 -16.69 -72.57 12.33
CA ARG F 362 -17.12 -73.67 13.21
C ARG F 362 -18.23 -73.20 14.14
N PRO F 363 -19.47 -73.35 13.75
CA PRO F 363 -20.56 -72.89 14.60
C PRO F 363 -20.90 -73.91 15.66
N GLY F 364 -21.97 -73.69 16.42
CA GLY F 364 -22.47 -74.67 17.35
C GLY F 364 -23.67 -75.37 16.73
N VAL F 365 -23.88 -76.62 17.13
CA VAL F 365 -24.93 -77.45 16.54
C VAL F 365 -25.86 -77.89 17.65
N TYR F 366 -27.15 -77.65 17.46
CA TYR F 366 -28.08 -77.65 18.58
C TYR F 366 -29.07 -78.78 18.40
N GLY F 367 -29.58 -79.30 19.52
CA GLY F 367 -30.61 -80.31 19.45
C GLY F 367 -31.94 -79.72 19.04
N ASN F 368 -32.76 -80.54 18.39
CA ASN F 368 -33.84 -80.03 17.55
C ASN F 368 -35.19 -80.30 18.21
N VAL F 369 -35.60 -79.39 19.08
CA VAL F 369 -36.66 -79.72 20.03
C VAL F 369 -38.02 -79.26 19.54
N MET F 370 -38.19 -79.13 18.24
CA MET F 370 -39.54 -79.16 17.70
C MET F 370 -39.85 -80.47 17.01
N VAL F 371 -38.82 -81.32 16.81
CA VAL F 371 -39.02 -82.61 16.15
C VAL F 371 -39.86 -83.53 17.03
N PHE F 372 -39.51 -83.63 18.30
CA PHE F 372 -40.09 -84.58 19.24
C PHE F 372 -40.75 -83.88 20.40
N THR F 373 -41.58 -82.88 20.13
CA THR F 373 -42.33 -82.28 21.22
C THR F 373 -43.53 -83.12 21.56
N ASP F 374 -43.81 -84.17 20.80
CA ASP F 374 -44.87 -85.06 21.17
C ASP F 374 -44.36 -86.35 21.80
N TRP F 375 -43.12 -86.76 21.50
CA TRP F 375 -42.53 -87.89 22.21
C TRP F 375 -42.43 -87.61 23.69
N ILE F 376 -42.02 -86.39 24.05
CA ILE F 376 -42.07 -85.96 25.44
C ILE F 376 -43.51 -85.98 25.94
N TYR F 377 -44.47 -85.60 25.10
CA TYR F 377 -45.87 -85.59 25.50
C TYR F 377 -46.50 -86.98 25.54
N ARG F 378 -45.81 -88.00 25.06
CA ARG F 378 -46.16 -89.38 25.39
C ARG F 378 -45.17 -90.01 26.37
N GLN F 379 -44.21 -89.23 26.87
CA GLN F 379 -43.43 -89.64 28.02
C GLN F 379 -43.69 -88.71 29.18
N MET F 380 -44.60 -87.76 29.02
CA MET F 380 -45.12 -87.02 30.16
C MET F 380 -46.56 -87.39 30.50
N ARG F 381 -47.20 -88.19 29.65
CA ARG F 381 -48.59 -88.55 29.93
C ARG F 381 -48.69 -89.48 31.11
N ALA F 382 -47.83 -90.50 31.17
CA ALA F 382 -48.02 -91.56 32.12
C ALA F 382 -47.00 -91.53 33.27
N ASP F 383 -46.65 -90.35 33.77
CA ASP F 383 -46.04 -90.32 35.09
C ASP F 383 -47.07 -90.25 36.19
N GLY F 384 -48.32 -89.92 35.85
CA GLY F 384 -49.43 -90.04 36.77
C GLY F 384 -50.54 -90.84 36.11
C1 NAG G . 13.95 -29.50 -5.59
C2 NAG G . 13.57 -30.99 -5.58
C3 NAG G . 13.57 -31.53 -4.16
C4 NAG G . 14.88 -31.22 -3.45
C5 NAG G . 15.23 -29.73 -3.58
C6 NAG G . 16.62 -29.40 -3.07
C7 NAG G . 12.10 -31.88 -7.34
C8 NAG G . 10.69 -31.98 -7.83
N2 NAG G . 12.27 -31.19 -6.21
O3 NAG G . 13.36 -32.94 -4.20
O4 NAG G . 14.75 -31.56 -2.07
O5 NAG G . 15.20 -29.33 -4.95
O6 NAG G . 16.68 -28.08 -2.57
O7 NAG G . 13.04 -32.39 -7.93
C1 NAG G . 15.65 -32.63 -1.70
C2 NAG G . 15.94 -32.50 -0.21
C3 NAG G . 16.93 -33.59 0.22
C4 NAG G . 16.41 -34.97 -0.17
C5 NAG G . 15.97 -35.02 -1.64
C6 NAG G . 15.24 -36.29 -2.00
C7 NAG G . 15.77 -30.25 0.74
C8 NAG G . 16.47 -28.95 1.00
N2 NAG G . 16.48 -31.18 0.11
O3 NAG G . 17.11 -33.50 1.62
O4 NAG G . 17.46 -35.91 -0.02
O5 NAG G . 15.08 -33.93 -1.95
O6 NAG G . 15.66 -36.79 -3.26
O7 NAG G . 14.61 -30.43 1.08
C1 MAN G . 17.34 -36.76 1.14
C2 MAN G . 17.64 -38.21 0.66
C3 MAN G . 17.43 -39.29 1.76
C4 MAN G . 16.68 -38.75 3.02
C5 MAN G . 15.54 -37.79 2.60
C6 MAN G . 14.82 -37.20 3.79
O2 MAN G . 19.01 -38.34 0.27
O3 MAN G . 18.65 -39.90 2.13
O4 MAN G . 16.14 -39.84 3.76
O5 MAN G . 16.06 -36.66 1.80
O6 MAN G . 15.80 -36.96 4.79
C1 MAN G . 15.16 -36.73 6.07
C2 MAN G . 16.22 -36.12 7.02
C3 MAN G . 17.25 -37.19 7.43
C4 MAN G . 16.55 -38.44 8.01
C5 MAN G . 15.57 -38.99 6.96
C6 MAN G . 14.79 -40.19 7.45
O2 MAN G . 15.63 -35.66 8.24
O3 MAN G . 18.19 -36.68 8.36
O4 MAN G . 17.52 -39.43 8.32
O5 MAN G . 14.61 -37.95 6.60
O6 MAN G . 15.61 -41.35 7.28
C1 MAN G . 19.50 -36.77 7.78
C2 MAN G . 20.47 -37.25 8.87
C3 MAN G . 20.67 -36.15 9.93
C4 MAN G . 21.04 -34.79 9.29
C5 MAN G . 20.00 -34.42 8.21
C6 MAN G . 20.37 -33.16 7.45
O2 MAN G . 21.77 -37.51 8.34
O3 MAN G . 21.66 -36.51 10.89
O4 MAN G . 21.08 -33.78 10.28
O5 MAN G . 19.89 -35.50 7.25
O6 MAN G . 19.34 -32.90 6.50
C1 MAN G . 18.55 -41.33 2.01
C2 MAN G . 19.74 -41.96 2.78
C3 MAN G . 21.04 -41.71 2.02
C4 MAN G . 20.94 -42.26 0.59
C5 MAN G . 19.76 -41.56 -0.13
C6 MAN G . 19.50 -42.11 -1.51
O2 MAN G . 19.61 -43.38 2.88
O3 MAN G . 22.16 -42.29 2.69
O4 MAN G . 22.14 -42.00 -0.11
O5 MAN G . 18.54 -41.75 0.64
O6 MAN G . 18.77 -43.32 -1.37
C1 NAG H . 16.30 -30.02 -32.08
C2 NAG H . 15.05 -30.67 -32.62
C3 NAG H . 15.08 -32.17 -32.35
C4 NAG H . 16.36 -32.79 -32.89
C5 NAG H . 17.58 -32.04 -32.40
C6 NAG H . 18.87 -32.49 -33.06
C7 NAG H . 13.07 -29.20 -32.73
C8 NAG H . 11.87 -28.70 -31.99
N2 NAG H . 13.85 -30.07 -32.06
O3 NAG H . 13.93 -32.76 -32.97
O4 NAG H . 16.45 -34.15 -32.46
O5 NAG H . 17.45 -30.64 -32.67
O6 NAG H . 19.80 -31.42 -33.16
O7 NAG H . 13.34 -28.85 -33.87
C1 NAG H . 16.21 -35.05 -33.56
C2 NAG H . 16.95 -36.36 -33.31
C3 NAG H . 16.67 -37.36 -34.44
C4 NAG H . 15.17 -37.53 -34.65
C5 NAG H . 14.48 -36.18 -34.83
C6 NAG H . 12.98 -36.27 -34.89
C7 NAG H . 19.00 -36.13 -31.99
C8 NAG H . 20.48 -35.87 -32.04
N2 NAG H . 18.37 -36.14 -33.17
O3 NAG H . 17.27 -38.61 -34.14
O4 NAG H . 14.92 -38.33 -35.80
O5 NAG H . 14.80 -35.31 -33.73
O6 NAG H . 12.39 -35.84 -33.67
O7 NAG H . 18.41 -36.31 -30.94
C1 NAG I . 31.35 -3.46 42.59
C2 NAG I . 31.43 -1.96 42.39
C3 NAG I . 30.97 -1.26 43.66
C4 NAG I . 29.59 -1.75 44.09
C5 NAG I . 29.51 -3.28 44.09
C6 NAG I . 28.09 -3.79 44.22
C7 NAG I . 32.95 -0.56 41.08
C8 NAG I . 34.38 -0.22 40.79
N2 NAG I . 32.75 -1.53 42.00
O3 NAG I . 30.99 0.14 43.43
O4 NAG I . 29.34 -1.37 45.43
O5 NAG I . 30.02 -3.83 42.86
O6 NAG I . 28.05 -4.94 45.06
O7 NAG I . 32.02 0.00 40.53
C1 NAG I . 28.70 -0.11 45.69
C2 NAG I . 27.51 -0.31 46.64
C3 NAG I . 26.92 1.04 47.05
C4 NAG I . 28.00 1.95 47.62
C5 NAG I . 29.10 2.11 46.59
C6 NAG I . 30.26 2.95 47.09
C7 NAG I . 25.92 -2.18 46.63
C8 NAG I . 24.88 -2.91 45.84
N2 NAG I . 26.48 -1.14 46.03
O3 NAG I . 25.91 0.83 48.02
O4 NAG I . 27.46 3.23 47.95
O5 NAG I . 29.64 0.82 46.26
O6 NAG I . 29.89 4.31 47.28
O7 NAG I . 26.24 -2.53 47.76
C1 NAG J . 35.57 -0.02 21.47
C2 NAG J . 36.29 1.04 20.63
C3 NAG J . 36.94 2.09 21.53
C4 NAG J . 35.96 2.60 22.57
C5 NAG J . 35.27 1.45 23.29
C6 NAG J . 34.23 1.96 24.29
C7 NAG J . 36.95 -0.21 18.66
C8 NAG J . 38.05 -0.96 17.99
N2 NAG J . 37.29 0.42 19.79
O3 NAG J . 37.39 3.18 20.73
O4 NAG J . 36.66 3.41 23.53
O5 NAG J . 34.63 0.61 22.34
O6 NAG J . 34.84 2.15 25.56
O7 NAG J . 35.82 -0.16 18.21
C1 NAG J . 36.14 4.70 23.83
C2 NAG J . 36.59 5.12 25.23
C3 NAG J . 35.88 6.41 25.65
C4 NAG J . 36.11 7.49 24.60
C5 NAG J . 35.79 7.01 23.18
C6 NAG J . 36.23 8.00 22.13
C7 NAG J . 37.14 3.87 27.29
C8 NAG J . 36.77 2.74 28.19
N2 NAG J . 36.36 4.06 26.22
O3 NAG J . 36.33 6.85 26.92
O4 NAG J . 35.29 8.61 24.90
O5 NAG J . 36.46 5.78 22.89
O6 NAG J . 37.29 8.82 22.60
O7 NAG J . 38.11 4.58 27.52
C1 NAG K . 38.98 18.74 23.48
C2 NAG K . 39.60 17.74 24.46
C3 NAG K . 38.58 17.40 25.56
C4 NAG K . 38.06 18.67 26.24
C5 NAG K . 37.53 19.64 25.18
C6 NAG K . 37.14 20.98 25.77
C7 NAG K . 41.33 16.30 23.51
C8 NAG K . 41.62 15.02 22.81
N2 NAG K . 40.04 16.54 23.78
O3 NAG K . 39.21 16.54 26.51
O4 NAG K . 37.01 18.33 27.12
O5 NAG K . 38.54 19.90 24.19
O6 NAG K . 35.99 21.52 25.11
O7 NAG K . 42.22 17.10 23.80
C1 NAG K . 37.42 18.48 28.50
C2 NAG K . 36.20 18.86 29.34
C3 NAG K . 36.60 18.96 30.81
C4 NAG K . 37.28 17.69 31.28
C5 NAG K . 38.46 17.36 30.36
C6 NAG K . 39.10 16.03 30.69
C7 NAG K . 34.38 20.18 28.36
C8 NAG K . 33.93 21.55 27.95
N2 NAG K . 35.61 20.11 28.88
O3 NAG K . 35.43 19.21 31.60
O4 NAG K . 37.74 17.84 32.62
O5 NAG K . 38.01 17.28 29.00
O6 NAG K . 38.76 15.05 29.73
O7 NAG K . 33.67 19.19 28.23
C1 NAG L . 2.01 0.11 29.48
C2 NAG L . 2.33 -0.86 30.61
C3 NAG L . 1.09 -1.65 31.02
C4 NAG L . -0.09 -0.73 31.31
C5 NAG L . -0.30 0.26 30.16
C6 NAG L . -1.32 1.34 30.48
C7 NAG L . 4.60 -1.76 30.82
C8 NAG L . 5.60 -2.75 30.30
N2 NAG L . 3.41 -1.75 30.23
O3 NAG L . 1.39 -2.43 32.16
O4 NAG L . -1.26 -1.52 31.46
O5 NAG L . 0.93 0.95 29.86
O6 NAG L . -1.98 1.77 29.30
O7 NAG L . 4.87 -0.99 31.75
C1 NAG L . -1.79 -1.43 32.81
C2 NAG L . -3.29 -1.70 32.75
C3 NAG L . -3.90 -1.56 34.14
C4 NAG L . -3.16 -2.44 35.14
C5 NAG L . -1.65 -2.24 35.06
C6 NAG L . -0.88 -3.26 35.88
C7 NAG L . -4.40 -1.21 30.61
C8 NAG L . -5.06 -0.17 29.77
N2 NAG L . -3.95 -0.81 31.81
O3 NAG L . -5.27 -1.91 34.07
O4 NAG L . -3.57 -2.07 36.45
O5 NAG L . -1.18 -2.35 33.71
O6 NAG L . 0.19 -2.65 36.58
O7 NAG L . -4.26 -2.36 30.22
C1 MAN L . -4.48 -3.00 37.09
C2 MAN L . -3.94 -3.21 38.54
C3 MAN L . -4.75 -4.29 39.32
C4 MAN L . -5.70 -5.15 38.44
C5 MAN L . -5.03 -5.47 37.08
C6 MAN L . -5.93 -6.26 36.16
O2 MAN L . -4.08 -2.01 39.30
O3 MAN L . -5.46 -3.71 40.42
O4 MAN L . -6.03 -6.35 39.10
O5 MAN L . -4.62 -4.24 36.36
O6 MAN L . -7.25 -5.74 36.34
C1 MAN L . -8.21 -6.66 35.77
C2 MAN L . -9.56 -5.89 35.66
C3 MAN L . -10.18 -5.71 37.05
C4 MAN L . -10.29 -7.04 37.81
C5 MAN L . -8.88 -7.68 37.91
C6 MAN L . -8.88 -9.03 38.59
O2 MAN L . -10.52 -6.64 34.91
O3 MAN L . -11.45 -5.09 37.00
O4 MAN L . -10.79 -6.83 39.12
O5 MAN L . -8.34 -7.84 36.57
O6 MAN L . -8.87 -8.82 40.00
C1 MAN L . -11.38 -3.83 37.70
C2 MAN L . -12.69 -3.68 38.52
C3 MAN L . -13.88 -3.45 37.59
C4 MAN L . -13.60 -2.29 36.58
C5 MAN L . -12.27 -2.55 35.83
C6 MAN L . -11.88 -1.39 34.94
O2 MAN L . -12.64 -2.55 39.39
O3 MAN L . -15.08 -3.19 38.29
O4 MAN L . -14.67 -2.20 35.65
O5 MAN L . -11.21 -2.75 36.80
O6 MAN L . -10.67 -1.75 34.27
C1 MAN L . -5.11 -4.40 41.64
C2 MAN L . -6.18 -4.01 42.70
C3 MAN L . -6.00 -2.56 43.13
C4 MAN L . -4.56 -2.32 43.64
C5 MAN L . -3.57 -2.68 42.52
C6 MAN L . -2.13 -2.60 42.97
O2 MAN L . -6.03 -4.79 43.89
O3 MAN L . -6.95 -2.17 44.12
O4 MAN L . -4.40 -0.97 44.00
O5 MAN L . -3.79 -4.05 42.07
O6 MAN L . -1.83 -3.79 43.70
C1 NAG M . 22.51 12.71 34.78
C2 NAG M . 22.90 11.26 34.77
C3 NAG M . 22.25 10.53 35.95
C4 NAG M . 22.46 11.29 37.26
C5 NAG M . 22.16 12.78 37.10
C6 NAG M . 22.58 13.61 38.29
C7 NAG M . 23.25 10.71 32.41
C8 NAG M . 22.68 10.03 31.20
N2 NAG M . 22.50 10.64 33.52
O3 NAG M . 22.82 9.23 36.05
O4 NAG M . 21.55 10.79 38.24
O5 NAG M . 22.89 13.30 35.98
O6 NAG M . 23.94 14.00 38.17
O7 NAG M . 24.33 11.27 32.40
C1 NAG M . 22.21 10.00 39.24
C2 NAG M . 21.33 9.97 40.49
C3 NAG M . 21.93 9.02 41.53
C4 NAG M . 22.20 7.65 40.93
C5 NAG M . 23.06 7.78 39.68
C6 NAG M . 23.22 6.47 38.95
C7 NAG M . 20.00 11.96 40.98
C8 NAG M . 19.98 13.32 41.61
N2 NAG M . 21.15 11.29 41.04
O3 NAG M . 21.02 8.92 42.63
O4 NAG M . 22.85 6.81 41.88
O5 NAG M . 22.42 8.68 38.76
O6 NAG M . 22.45 6.45 37.76
O7 NAG M . 19.00 11.49 40.42
C1 NAG N . -51.44 8.02 14.01
C2 NAG N . -51.55 8.73 12.68
C3 NAG N . -52.66 8.09 11.85
C4 NAG N . -52.44 6.59 11.71
C5 NAG N . -52.13 5.94 13.07
C6 NAG N . -51.63 4.53 12.95
C7 NAG N . -51.20 11.06 12.03
C8 NAG N . -51.54 12.50 12.32
N2 NAG N . -51.78 10.15 12.82
O3 NAG N . -52.70 8.72 10.58
O4 NAG N . -53.64 5.96 11.28
O5 NAG N . -51.12 6.67 13.79
O6 NAG N . -52.17 3.71 13.98
O7 NAG N . -50.44 10.74 11.13
C1 NAG N . -53.83 5.79 9.86
C2 NAG N . -54.22 4.34 9.55
C3 NAG N . -54.61 4.19 8.07
C4 NAG N . -55.70 5.19 7.71
C5 NAG N . -55.21 6.59 8.01
C6 NAG N . -56.25 7.65 7.74
C7 NAG N . -53.27 2.33 10.60
C8 NAG N . -52.04 1.51 10.82
N2 NAG N . -53.12 3.44 9.88
O3 NAG N . -55.06 2.86 7.85
O4 NAG N . -56.01 5.07 6.32
O5 NAG N . -54.88 6.68 9.40
O6 NAG N . -56.51 7.77 6.34
O7 NAG N . -54.36 1.98 11.05
C1 NAG O . -34.27 21.72 12.54
C2 NAG O . -33.80 23.07 12.02
C3 NAG O . -34.97 23.83 11.34
C4 NAG O . -35.78 22.95 10.38
C5 NAG O . -36.13 21.63 11.09
C6 NAG O . -36.81 20.59 10.24
C7 NAG O . -32.07 23.67 13.65
C8 NAG O . -31.69 24.61 14.76
N2 NAG O . -33.26 23.87 13.10
O3 NAG O . -34.44 24.95 10.64
O4 NAG O . -36.94 23.67 9.98
O5 NAG O . -34.91 21.04 11.52
O6 NAG O . -38.20 20.84 10.12
O7 NAG O . -31.32 22.78 13.30
C1 NAG O . -37.19 23.63 8.53
C2 NAG O . -38.70 23.73 8.29
C3 NAG O . -39.00 23.56 6.81
C4 NAG O . -38.21 24.56 5.98
C5 NAG O . -36.72 24.54 6.34
C6 NAG O . -35.95 25.68 5.70
C7 NAG O . -40.68 22.99 9.56
C8 NAG O . -41.30 21.89 10.35
N2 NAG O . -39.44 22.77 9.09
O3 NAG O . -40.40 23.72 6.55
O4 NAG O . -38.36 24.27 4.60
O5 NAG O . -36.52 24.67 7.76
O6 NAG O . -36.82 26.78 5.41
O7 NAG O . -41.27 24.04 9.33
C1 NAG P . -40.21 30.97 -3.44
C2 NAG P . -41.21 30.74 -2.32
C3 NAG P . -41.81 29.34 -2.44
C4 NAG P . -42.40 29.12 -3.83
C5 NAG P . -41.35 29.44 -4.90
C6 NAG P . -41.91 29.40 -6.31
C7 NAG P . -40.79 32.02 -0.27
C8 NAG P . -40.10 32.05 1.05
N2 NAG P . -40.61 30.92 -1.01
O3 NAG P . -42.82 29.17 -1.45
O4 NAG P . -42.79 27.76 -3.98
O5 NAG P . -40.84 30.76 -4.71
O6 NAG P . -40.95 28.89 -7.23
O7 NAG P . -41.49 32.96 -0.67
C1 NAG P . -44.22 27.64 -4.01
C2 NAG P . -44.61 26.42 -4.87
C3 NAG P . -46.13 26.24 -4.86
C4 NAG P . -46.65 26.15 -3.43
C5 NAG P . -46.20 27.37 -2.64
C6 NAG P . -46.57 27.28 -1.17
C7 NAG P . -43.20 25.77 -6.76
C8 NAG P . -42.81 26.07 -8.19
N2 NAG P . -44.12 26.58 -6.23
O3 NAG P . -46.45 25.05 -5.58
O4 NAG P . -48.07 26.09 -3.44
O5 NAG P . -44.76 27.48 -2.69
O6 NAG P . -45.44 26.99 -0.36
O7 NAG P . -42.70 24.85 -6.14
C1 NAG Q . -29.96 -9.75 -0.92
C2 NAG Q . -30.99 -10.29 0.06
C3 NAG Q . -30.82 -11.80 0.24
C4 NAG Q . -30.79 -12.53 -1.10
C5 NAG Q . -29.78 -11.87 -2.05
C6 NAG Q . -29.85 -12.41 -3.46
C7 NAG Q . -31.88 -8.85 1.82
C8 NAG Q . -31.62 -8.22 3.16
N2 NAG Q . -30.90 -9.61 1.34
O3 NAG Q . -31.88 -12.30 1.04
O4 NAG Q . -30.41 -13.88 -0.88
O5 NAG Q . -30.04 -10.46 -2.15
O6 NAG Q . -28.59 -12.34 -4.11
O7 NAG Q . -32.93 -8.67 1.22
C1 NAG Q . -31.48 -14.80 -1.23
C2 NAG Q . -30.85 -16.13 -1.61
C3 NAG Q . -31.93 -17.12 -2.04
C4 NAG Q . -33.01 -17.24 -0.97
C5 NAG Q . -33.50 -15.87 -0.50
C6 NAG Q . -34.39 -15.94 0.71
C7 NAG Q . -28.54 -16.05 -2.46
C8 NAG Q . -27.67 -15.87 -3.66
N2 NAG Q . -29.86 -15.97 -2.67
O3 NAG Q . -31.34 -18.38 -2.30
O4 NAG Q . -34.13 -17.93 -1.51
O5 NAG Q . -32.41 -15.00 -0.16
O6 NAG Q . -35.51 -15.07 0.59
O7 NAG Q . -28.08 -16.25 -1.34
C1 MAN Q . -34.26 -19.30 -1.08
C2 MAN Q . -35.77 -19.49 -0.71
C3 MAN Q . -36.06 -20.89 -0.08
C4 MAN Q . -34.79 -21.69 0.31
C5 MAN Q . -33.73 -20.74 0.93
C6 MAN Q . -32.46 -21.45 1.29
O2 MAN Q . -36.58 -19.41 -1.87
O3 MAN Q . -36.89 -21.66 -0.95
O4 MAN Q . -35.11 -22.70 1.24
O5 MAN Q . -33.37 -19.64 0.01
O6 MAN Q . -32.21 -22.42 0.27
C1 MAN Q . -31.22 -23.38 0.71
C2 MAN Q . -30.74 -24.15 -0.54
C3 MAN Q . -31.83 -25.12 -1.02
C4 MAN Q . -32.32 -26.04 0.13
C5 MAN Q . -32.82 -25.16 1.29
C6 MAN Q . -33.27 -25.96 2.49
O2 MAN Q . -29.61 -24.97 -0.25
O3 MAN Q . -31.40 -25.91 -2.12
O4 MAN Q . -33.36 -26.86 -0.32
O5 MAN Q . -31.75 -24.26 1.72
O6 MAN Q . -34.60 -26.39 2.25
C1 MAN Q . -32.25 -25.62 -3.25
C2 MAN Q . -32.57 -26.96 -3.95
C3 MAN Q . -31.30 -27.50 -4.64
C4 MAN Q . -30.63 -26.43 -5.54
C5 MAN Q . -30.37 -25.14 -4.72
C6 MAN Q . -29.85 -24.01 -5.58
O2 MAN Q . -33.53 -26.79 -5.00
O3 MAN Q . -31.57 -28.67 -5.40
O4 MAN Q . -29.40 -26.92 -6.04
O5 MAN Q . -31.62 -24.69 -4.12
O6 MAN Q . -29.62 -22.88 -4.72
C1 MAN Q . -38.06 -22.11 -0.23
C2 MAN Q . -38.70 -23.25 -1.05
C3 MAN Q . -39.36 -22.68 -2.30
C4 MAN Q . -40.38 -21.59 -1.93
C5 MAN Q . -39.65 -20.47 -1.14
C6 MAN Q . -40.60 -19.41 -0.63
O2 MAN Q . -39.76 -23.89 -0.32
O3 MAN Q . -39.99 -23.69 -3.09
O4 MAN Q . -40.95 -21.04 -3.10
O5 MAN Q . -38.98 -21.04 0.01
O6 MAN Q . -41.21 -19.91 0.54
C1 NAG R . -44.04 11.04 -4.60
C2 NAG R . -43.92 10.73 -3.11
C3 NAG R . -44.52 9.35 -2.79
C4 NAG R . -45.91 9.20 -3.39
C5 NAG R . -45.90 9.57 -4.87
C6 NAG R . -47.27 9.57 -5.50
C7 NAG R . -41.91 11.93 -2.38
C8 NAG R . -40.48 11.81 -1.97
N2 NAG R . -42.53 10.79 -2.69
O3 NAG R . -44.58 9.20 -1.38
O4 NAG R . -46.33 7.84 -3.26
O5 NAG R . -45.40 10.90 -5.01
O6 NAG R . -47.20 9.84 -6.89
O7 NAG R . -42.47 13.02 -2.46
C1 NAG R . -47.42 7.73 -2.32
C2 NAG R . -48.22 6.48 -2.68
C3 NAG R . -49.37 6.29 -1.69
C4 NAG R . -48.85 6.26 -0.27
C5 NAG R . -47.99 7.49 0.03
C6 NAG R . -47.30 7.42 1.36
C7 NAG R . -48.22 5.81 -5.04
C8 NAG R . -48.84 6.02 -6.38
N2 NAG R . -48.72 6.55 -4.05
O3 NAG R . -50.06 5.08 -1.99
O4 NAG R . -49.95 6.22 0.64
O5 NAG R . -46.96 7.62 -0.96
O6 NAG R . -46.07 6.72 1.27
O7 NAG R . -47.31 5.02 -4.86
C1 NAG S . 2.49 -45.10 -28.58
C2 NAG S . 3.61 -44.41 -29.33
C3 NAG S . 4.88 -45.25 -29.25
C4 NAG S . 5.23 -45.56 -27.79
C5 NAG S . 4.01 -46.07 -27.03
C6 NAG S . 4.24 -46.13 -25.53
C7 NAG S . 3.60 -43.01 -31.34
C8 NAG S . 3.16 -42.88 -32.78
N2 NAG S . 3.26 -44.14 -30.71
O3 NAG S . 5.93 -44.55 -29.90
O4 NAG S . 6.17 -46.62 -27.74
O5 NAG S . 2.86 -45.24 -27.23
O6 NAG S . 3.65 -47.28 -24.96
O7 NAG S . 4.24 -42.12 -30.77
C1 NAG S . 7.57 -46.30 -27.74
C2 NAG S . 8.28 -47.02 -26.60
C3 NAG S . 9.79 -46.82 -26.69
C4 NAG S . 10.31 -47.23 -28.06
C5 NAG S . 9.58 -46.42 -29.13
C6 NAG S . 9.97 -46.81 -30.54
C7 NAG S . 7.41 -47.38 -24.33
C8 NAG S . 6.94 -46.71 -23.06
N2 NAG S . 7.78 -46.56 -25.31
O3 NAG S . 10.43 -47.60 -25.68
O4 NAG S . 11.71 -46.98 -28.16
O5 NAG S . 8.16 -46.67 -29.00
O6 NAG S . 11.31 -46.43 -30.82
O7 NAG S . 7.44 -48.60 -24.45
C1 NAG T . -4.85 -25.08 -33.92
C2 NAG T . -4.81 -23.98 -34.99
C3 NAG T . -3.95 -24.42 -36.18
C4 NAG T . -2.61 -25.05 -35.77
C5 NAG T . -2.87 -26.10 -34.69
C6 NAG T . -1.64 -26.72 -34.06
C7 NAG T . -7.03 -22.95 -34.73
C8 NAG T . -8.37 -22.73 -35.39
N2 NAG T . -6.16 -23.66 -35.44
O3 NAG T . -3.71 -23.29 -37.02
O4 NAG T . -1.98 -25.60 -36.92
O5 NAG T . -3.56 -25.47 -33.62
O6 NAG T . -1.11 -27.76 -34.87
O7 NAG T . -6.77 -22.51 -33.62
C1 NAG T . -0.56 -25.25 -37.06
C2 NAG T . 0.15 -26.40 -37.79
C3 NAG T . 1.65 -26.13 -37.82
C4 NAG T . 1.93 -24.77 -38.45
C5 NAG T . 1.10 -23.65 -37.80
C6 NAG T . 1.19 -22.35 -38.55
C7 NAG T . -0.18 -28.84 -37.88
C8 NAG T . -0.48 -30.08 -37.10
N2 NAG T . -0.13 -27.70 -37.18
O3 NAG T . 2.33 -27.14 -38.56
O4 NAG T . 3.32 -24.46 -38.30
O5 NAG T . -0.30 -24.01 -37.76
O6 NAG T . 1.53 -22.56 -39.91
O7 NAG T . 0.01 -28.86 -39.09
C1 NAG U . 11.37 -19.84 -46.00
C2 NAG U . 10.71 -21.19 -46.28
C3 NAG U . 11.25 -22.24 -45.30
C4 NAG U . 12.76 -22.29 -45.34
C5 NAG U . 13.36 -20.90 -45.13
C6 NAG U . 14.86 -20.84 -45.31
C7 NAG U . 8.48 -21.05 -47.27
C8 NAG U . 7.01 -20.97 -47.01
N2 NAG U . 9.27 -21.10 -46.19
O3 NAG U . 10.69 -23.50 -45.64
O4 NAG U . 13.24 -23.15 -44.31
O5 NAG U . 12.79 -19.98 -46.08
O6 NAG U . 15.45 -19.94 -44.40
O7 NAG U . 8.93 -21.08 -48.41
C1 NAG U . 13.78 -24.37 -44.86
C2 NAG U . 14.89 -24.88 -43.94
C3 NAG U . 15.44 -26.21 -44.46
C4 NAG U . 14.30 -27.21 -44.66
C5 NAG U . 13.22 -26.61 -45.55
C6 NAG U . 12.01 -27.50 -45.68
C7 NAG U . 16.27 -23.30 -42.68
C8 NAG U . 17.41 -22.32 -42.73
N2 NAG U . 15.97 -23.91 -43.82
O3 NAG U . 16.40 -26.72 -43.53
O4 NAG U . 14.81 -28.41 -45.25
O5 NAG U . 12.77 -25.37 -45.00
O6 NAG U . 10.92 -27.00 -44.92
O7 NAG U . 15.65 -23.52 -41.64
C1 NAG V . 27.00 -34.63 0.51
C2 NAG V . 28.24 -33.85 0.95
C3 NAG V . 28.85 -34.51 2.19
C4 NAG V . 27.81 -34.67 3.29
C5 NAG V . 26.58 -35.39 2.76
C6 NAG V . 25.45 -35.45 3.77
C7 NAG V . 29.60 -32.57 -0.63
C8 NAG V . 30.61 -32.65 -1.74
N2 NAG V . 29.20 -33.74 -0.12
O3 NAG V . 29.94 -33.73 2.66
O4 NAG V . 28.36 -35.40 4.37
O5 NAG V . 26.07 -34.73 1.60
O6 NAG V . 24.20 -35.11 3.18
O7 NAG V . 29.17 -31.50 -0.23
C1 NAG W . 49.43 -27.82 -7.57
C2 NAG W . 49.64 -27.57 -9.07
C3 NAG W . 51.06 -27.05 -9.33
C4 NAG W . 51.33 -25.81 -8.48
C5 NAG W . 51.08 -26.13 -7.00
C6 NAG W . 51.23 -24.92 -6.10
C7 NAG W . 48.32 -28.96 -10.60
C8 NAG W . 48.23 -30.27 -11.32
N2 NAG W . 49.40 -28.78 -9.83
O3 NAG W . 51.21 -26.74 -10.71
O4 NAG W . 52.69 -25.40 -8.64
O5 NAG W . 49.74 -26.61 -6.83
O6 NAG W . 50.42 -25.05 -4.94
O7 NAG W . 47.46 -28.09 -10.72
C1 NAG X . 25.02 4.69 -48.93
C2 NAG X . 24.80 4.41 -50.41
C3 NAG X . 25.70 5.35 -51.22
C4 NAG X . 25.41 6.80 -50.86
C5 NAG X . 25.52 7.02 -49.36
C6 NAG X . 25.03 8.39 -48.94
C7 NAG X . 24.35 2.36 -51.66
C8 NAG X . 24.74 0.93 -51.87
N2 NAG X . 25.06 3.03 -50.75
O3 NAG X . 25.50 5.14 -52.61
O4 NAG X . 26.32 7.65 -51.55
O5 NAG X . 24.73 6.06 -48.63
O6 NAG X . 24.10 8.91 -49.86
O7 NAG X . 23.43 2.88 -52.28
C1 NAG Y . 40.38 -47.46 -34.15
C2 NAG Y . 38.98 -47.78 -33.64
C3 NAG Y . 39.04 -48.90 -32.60
C4 NAG Y . 39.78 -50.12 -33.16
C5 NAG Y . 41.17 -49.70 -33.65
C6 NAG Y . 41.93 -50.83 -34.31
C7 NAG Y . 37.49 -45.83 -33.80
C8 NAG Y . 36.91 -44.66 -33.06
N2 NAG Y . 38.32 -46.61 -33.10
O3 NAG Y . 37.71 -49.28 -32.24
O4 NAG Y . 39.94 -51.10 -32.13
O5 NAG Y . 41.03 -48.66 -34.63
O6 NAG Y . 41.04 -51.79 -34.88
O7 NAG Y . 37.22 -46.07 -34.97
C1 NAG Z . 31.37 -45.45 -14.27
C2 NAG Z . 32.18 -45.96 -13.06
C3 NAG Z . 32.73 -47.37 -13.36
C4 NAG Z . 31.61 -48.31 -13.83
C5 NAG Z . 30.86 -47.68 -14.99
C6 NAG Z . 29.68 -48.51 -15.45
C7 NAG Z . 33.74 -44.89 -11.49
C8 NAG Z . 34.86 -43.91 -11.34
N2 NAG Z . 33.27 -45.06 -12.73
O3 NAG Z . 33.34 -47.91 -12.19
O4 NAG Z . 32.18 -49.55 -14.24
O5 NAG Z . 30.33 -46.40 -14.59
O6 NAG Z . 28.45 -47.99 -14.96
O7 NAG Z . 33.30 -45.52 -10.54
C1 NAG AA . 33.22 -24.10 -41.60
C2 NAG AA . 34.74 -23.95 -41.74
C3 NAG AA . 35.12 -23.55 -43.17
C4 NAG AA . 34.48 -24.49 -44.18
C5 NAG AA . 32.98 -24.58 -43.93
C6 NAG AA . 32.29 -25.57 -44.84
C7 NAG AA . 35.76 -23.31 -39.59
C8 NAG AA . 36.27 -22.17 -38.75
N2 NAG AA . 35.27 -22.97 -40.79
O3 NAG AA . 36.54 -23.58 -43.30
O4 NAG AA . 34.72 -24.01 -45.50
O5 NAG AA . 32.73 -25.01 -42.58
O6 NAG AA . 33.10 -26.71 -45.09
O7 NAG AA . 35.77 -24.46 -39.19
C1 NAG BA . 54.26 -32.50 -27.91
C2 NAG BA . 54.95 -32.44 -29.28
C3 NAG BA . 56.03 -33.52 -29.36
C4 NAG BA . 57.00 -33.41 -28.19
C5 NAG BA . 56.25 -33.38 -26.85
C6 NAG BA . 57.15 -33.08 -25.68
C7 NAG BA . 53.80 -31.65 -31.28
C8 NAG BA . 52.77 -31.95 -32.34
N2 NAG BA . 53.99 -32.59 -30.36
O3 NAG BA . 56.74 -33.38 -30.59
O4 NAG BA . 57.90 -34.51 -28.18
O5 NAG BA . 55.25 -32.35 -26.87
O6 NAG BA . 56.90 -33.96 -24.60
O7 NAG BA . 54.44 -30.59 -31.28
C1 NAG CA . 45.11 -2.74 44.94
C2 NAG CA . 45.31 -2.11 43.53
C3 NAG CA . 46.19 -0.86 43.61
C4 NAG CA . 45.69 0.11 44.67
C5 NAG CA . 45.57 -0.60 46.01
C6 NAG CA . 45.00 0.28 47.10
C7 NAG CA . 45.79 -3.02 41.30
C8 NAG CA . 46.47 -4.11 40.53
N2 NAG CA . 45.90 -3.09 42.62
O3 NAG CA . 46.22 -0.20 42.35
O4 NAG CA . 46.57 1.22 44.80
O5 NAG CA . 44.69 -1.72 45.87
O6 NAG CA . 43.71 -0.18 47.51
O7 NAG CA . 45.19 -2.11 40.74
C1 NAG DA . 36.66 -21.93 61.48
C2 NAG DA . 37.82 -22.71 62.09
C3 NAG DA . 37.41 -23.31 63.43
C4 NAG DA . 36.86 -22.23 64.36
C5 NAG DA . 35.76 -21.43 63.67
C6 NAG DA . 35.39 -20.19 64.45
C7 NAG DA . 39.57 -24.16 61.17
C8 NAG DA . 39.90 -25.22 60.17
N2 NAG DA . 38.31 -23.73 61.18
O3 NAG DA . 38.53 -23.93 64.05
O4 NAG DA . 36.34 -22.82 65.53
O5 NAG DA . 36.20 -20.96 62.40
O6 NAG DA . 36.18 -19.10 64.02
O7 NAG DA . 40.41 -23.72 61.96
C1 NAG EA . 40.73 13.44 -46.08
C2 NAG EA . 40.78 12.01 -46.66
C3 NAG EA . 39.74 11.84 -47.77
C4 NAG EA . 38.36 12.28 -47.29
C5 NAG EA . 38.42 13.71 -46.75
C6 NAG EA . 37.10 14.21 -46.20
C7 NAG EA . 42.81 10.64 -46.76
C8 NAG EA . 44.16 10.48 -47.39
N2 NAG EA . 42.10 11.70 -47.16
O3 NAG EA . 39.70 10.49 -48.20
O4 NAG EA . 37.43 12.23 -48.37
O5 NAG EA . 39.37 13.76 -45.68
O6 NAG EA . 36.42 15.00 -47.16
O7 NAG EA . 42.39 9.86 -45.91
C1 NAG FA . 48.57 15.47 -6.69
C2 NAG FA . 47.79 15.15 -5.40
C3 NAG FA . 48.70 15.27 -4.17
C4 NAG FA . 50.01 14.51 -4.35
C5 NAG FA . 50.67 14.92 -5.66
C6 NAG FA . 51.92 14.12 -5.96
C7 NAG FA . 45.39 15.60 -5.41
C8 NAG FA . 44.32 16.64 -5.24
N2 NAG FA . 46.65 16.02 -5.27
O3 NAG FA . 48.00 14.76 -3.03
O4 NAG FA . 50.90 14.80 -3.28
O5 NAG FA . 49.76 14.67 -6.74
O6 NAG FA . 51.91 13.63 -7.30
O7 NAG FA . 45.11 14.42 -5.63
C1 NAG GA . 57.09 29.91 -26.21
C2 NAG GA . 57.75 30.03 -24.86
C3 NAG GA . 57.91 31.50 -24.49
C4 NAG GA . 58.71 32.23 -25.57
C5 NAG GA . 58.05 32.02 -26.93
C6 NAG GA . 58.89 32.55 -28.07
C7 NAG GA . 57.34 28.09 -23.43
C8 NAG GA . 56.48 27.50 -22.36
N2 NAG GA . 57.01 29.32 -23.83
O3 NAG GA . 58.58 31.62 -23.24
O4 NAG GA . 58.78 33.62 -25.27
O5 NAG GA . 57.85 30.62 -27.19
O6 NAG GA . 59.10 31.55 -29.06
O7 NAG GA . 58.29 27.49 -23.91
C1 NAG HA . 48.77 41.96 -42.47
C2 NAG HA . 49.73 41.00 -43.19
C3 NAG HA . 49.14 40.52 -44.52
C4 NAG HA . 47.70 40.03 -44.34
C5 NAG HA . 46.88 41.07 -43.59
C6 NAG HA . 45.45 40.65 -43.35
C7 NAG HA . 52.05 41.55 -42.58
C8 NAG HA . 53.28 42.31 -42.96
N2 NAG HA . 51.01 41.65 -43.41
O3 NAG HA . 49.94 39.46 -45.04
O4 NAG HA . 47.11 39.78 -45.61
O5 NAG HA . 47.49 41.32 -42.32
O6 NAG HA . 44.77 40.46 -44.58
O7 NAG HA . 51.99 40.88 -41.56
C1 NAG IA . 62.60 53.06 -47.36
C2 NAG IA . 63.43 54.34 -47.25
C3 NAG IA . 64.91 53.99 -47.07
C4 NAG IA . 65.11 53.02 -45.92
C5 NAG IA . 64.21 51.80 -46.09
C6 NAG IA . 64.26 50.85 -44.92
C7 NAG IA . 62.81 56.44 -48.36
C8 NAG IA . 62.65 57.15 -49.67
N2 NAG IA . 63.23 55.18 -48.42
O3 NAG IA . 65.64 55.19 -46.84
O4 NAG IA . 66.47 52.61 -45.85
O5 NAG IA . 62.84 52.21 -46.22
O6 NAG IA . 63.00 50.24 -44.70
O7 NAG IA . 62.56 57.00 -47.29
C1 NAG JA . 47.44 51.32 -66.25
C2 NAG JA . 47.98 52.04 -67.49
C3 NAG JA . 47.54 51.33 -68.76
C4 NAG JA . 47.98 49.87 -68.72
C5 NAG JA . 47.42 49.19 -67.46
C6 NAG JA . 47.89 47.78 -67.29
C7 NAG JA . 48.38 54.44 -67.79
C8 NAG JA . 47.78 55.81 -67.80
N2 NAG JA . 47.56 53.43 -67.52
O3 NAG JA . 48.08 51.99 -69.89
O4 NAG JA . 47.49 49.20 -69.88
O5 NAG JA . 47.84 49.92 -66.30
O6 NAG JA . 49.01 47.71 -66.42
O7 NAG JA . 49.58 54.25 -68.01
C1 NAG KA . 9.55 13.78 -56.99
C2 NAG KA . 11.04 14.12 -57.12
C3 NAG KA . 11.44 14.19 -58.58
C4 NAG KA . 11.06 12.91 -59.31
C5 NAG KA . 9.58 12.61 -59.11
C6 NAG KA . 9.18 11.28 -59.70
C7 NAG KA . 12.09 15.44 -55.33
C8 NAG KA . 12.30 16.81 -54.76
N2 NAG KA . 11.33 15.38 -56.44
O3 NAG KA . 12.86 14.38 -58.65
O4 NAG KA . 11.33 13.05 -60.71
O5 NAG KA . 9.28 12.55 -57.71
O6 NAG KA . 10.14 10.28 -59.41
O7 NAG KA . 12.57 14.44 -54.82
C1 NAG LA . 53.43 75.40 -37.86
C2 NAG LA . 52.96 74.75 -36.56
C3 NAG LA . 54.11 74.69 -35.54
C4 NAG LA . 55.36 74.08 -36.14
C5 NAG LA . 55.71 74.74 -37.48
C6 NAG LA . 56.84 74.04 -38.21
C7 NAG LA . 50.55 75.25 -36.34
C8 NAG LA . 49.53 76.09 -35.65
N2 NAG LA . 51.83 75.48 -35.99
O3 NAG LA . 53.68 73.94 -34.41
O4 NAG LA . 56.46 74.27 -35.27
O5 NAG LA . 54.56 74.69 -38.36
O6 NAG LA . 56.41 72.83 -38.81
O7 NAG LA . 50.25 74.42 -37.18
C1 NAG MA . -4.06 3.89 42.17
C2 NAG MA . -5.29 3.19 42.72
C3 NAG MA . -4.93 2.47 44.02
C4 NAG MA . -3.79 1.49 43.75
C5 NAG MA . -2.60 2.25 43.16
C6 NAG MA . -1.48 1.28 42.83
C7 NAG MA . -7.16 4.58 41.99
C8 NAG MA . -8.24 5.59 42.25
N2 NAG MA . -6.34 4.18 42.98
O3 NAG MA . -6.07 1.75 44.51
O4 NAG MA . -3.39 0.87 44.97
O5 NAG MA . -3.01 2.92 41.96
O6 NAG MA . -0.33 2.00 42.38
O7 NAG MA . -7.04 4.10 40.88
C1 NAG NA . -9.16 29.58 44.12
C2 NAG NA . -8.11 30.70 43.95
C3 NAG NA . -8.72 32.04 44.41
C4 NAG NA . -10.07 32.31 43.75
C5 NAG NA . -11.00 31.10 43.87
C6 NAG NA . -12.26 31.25 43.05
C7 NAG NA . -5.70 30.89 44.40
C8 NAG NA . -4.58 30.48 45.29
N2 NAG NA . -6.91 30.40 44.71
O3 NAG NA . -7.82 33.10 44.09
O4 NAG NA . -10.69 33.41 44.37
O5 NAG NA . -10.35 29.92 43.38
O6 NAG NA . -12.02 31.07 41.67
O7 NAG NA . -5.53 31.61 43.42
C1 NAG OA . 33.35 41.84 7.29
C2 NAG OA . 34.59 41.14 6.69
C3 NAG OA . 35.03 41.85 5.40
C4 NAG OA . 33.85 42.06 4.45
C5 NAG OA . 32.67 42.70 5.17
C6 NAG OA . 31.44 42.83 4.31
C7 NAG OA . 36.67 40.23 7.65
C8 NAG OA . 37.69 40.37 8.74
N2 NAG OA . 35.68 41.14 7.66
O3 NAG OA . 36.04 41.08 4.75
O4 NAG OA . 34.25 42.89 3.37
O5 NAG OA . 32.32 41.89 6.30
O6 NAG OA . 30.90 44.14 4.37
O7 NAG OA . 36.75 39.36 6.79
C1 NAG PA . 21.45 23.86 58.49
C2 NAG PA . 21.73 22.43 58.04
C3 NAG PA . 20.83 21.45 58.79
C4 NAG PA . 20.96 21.65 60.29
C5 NAG PA . 20.73 23.13 60.67
C6 NAG PA . 20.99 23.41 62.12
C7 NAG PA . 22.57 22.33 55.73
C8 NAG PA . 22.20 22.18 54.28
N2 NAG PA . 21.55 22.30 56.59
O3 NAG PA . 21.19 20.12 58.44
O4 NAG PA . 20.01 20.84 60.96
O5 NAG PA . 21.62 23.96 59.91
O6 NAG PA . 22.18 22.79 62.56
O7 NAG PA . 23.73 22.48 56.09
C1 NAG QA . 6.51 9.19 50.87
C2 NAG QA . 5.11 9.12 51.50
C3 NAG QA . 5.23 8.70 52.96
C4 NAG QA . 6.01 7.39 53.09
C5 NAG QA . 7.35 7.49 52.37
C6 NAG QA . 8.07 6.17 52.30
C7 NAG QA . 3.13 10.48 51.10
C8 NAG QA . 2.56 11.87 51.03
N2 NAG QA . 4.42 10.40 51.39
O3 NAG QA . 3.93 8.55 53.51
O4 NAG QA . 6.24 7.11 54.47
O5 NAG QA . 7.16 7.92 51.01
O6 NAG QA . 7.26 5.19 51.66
O7 NAG QA . 2.43 9.48 50.90
C1 NAG RA . 27.76 32.28 35.25
C2 NAG RA . 27.78 33.20 36.49
C3 NAG RA . 29.15 33.82 36.68
C4 NAG RA . 30.25 32.77 36.69
C5 NAG RA . 30.16 31.91 35.43
C6 NAG RA . 31.13 30.76 35.41
C7 NAG RA . 25.50 34.07 36.79
C8 NAG RA . 24.60 35.25 36.62
N2 NAG RA . 26.77 34.24 36.38
O3 NAG RA . 29.16 34.53 37.91
O4 NAG RA . 31.53 33.38 36.75
O5 NAG RA . 28.85 31.33 35.35
O6 NAG RA . 30.82 29.81 36.43
O7 NAG RA . 25.11 33.01 37.26
C1 NAG SA . 9.02 39.72 51.76
C2 NAG SA . 9.89 40.98 51.87
C3 NAG SA . 9.66 41.69 53.20
C4 NAG SA . 8.17 41.95 53.44
C5 NAG SA . 7.38 40.65 53.29
C6 NAG SA . 5.88 40.85 53.39
C7 NAG SA . 12.01 40.96 50.63
C8 NAG SA . 13.45 40.53 50.63
N2 NAG SA . 11.30 40.65 51.71
O3 NAG SA . 10.36 42.92 53.21
O4 NAG SA . 7.96 42.47 54.74
O5 NAG SA . 7.63 40.08 52.00
O6 NAG SA . 5.52 42.21 53.25
O7 NAG SA . 11.52 41.57 49.69
C1 NAG TA . -58.92 18.69 19.07
C2 NAG TA . -57.84 19.67 18.58
C3 NAG TA . -58.47 20.84 17.81
C4 NAG TA . -59.40 20.35 16.72
C5 NAG TA . -60.46 19.43 17.32
C6 NAG TA . -61.39 18.82 16.30
C7 NAG TA . -55.83 20.66 19.60
C8 NAG TA . -55.20 21.14 20.88
N2 NAG TA . -57.07 20.17 19.71
O3 NAG TA . -57.45 21.64 17.21
O4 NAG TA . -60.05 21.43 16.08
O5 NAG TA . -59.80 18.33 17.97
O6 NAG TA . -61.19 17.42 16.18
O7 NAG TA . -55.25 20.73 18.52
C1 NAG UA . -67.66 -2.27 33.10
C2 NAG UA . -68.52 -1.86 34.29
C3 NAG UA . -69.48 -2.98 34.67
C4 NAG UA . -70.31 -3.42 33.47
C5 NAG UA . -69.41 -3.75 32.27
C6 NAG UA . -70.18 -3.91 30.99
C7 NAG UA . -68.11 -0.58 36.34
C8 NAG UA . -67.13 -0.28 37.43
N2 NAG UA . -67.71 -1.46 35.42
O3 NAG UA . -70.36 -2.54 35.70
O4 NAG UA . -71.07 -4.57 33.79
O5 NAG UA . -68.50 -2.66 32.02
O6 NAG UA . -70.30 -2.67 30.32
O7 NAG UA . -69.21 -0.05 36.29
C1 NAG VA . 24.13 57.13 6.24
C2 NAG VA . 24.69 57.00 7.67
C3 NAG VA . 26.14 56.51 7.62
C4 NAG VA . 26.26 55.24 6.80
C5 NAG VA . 25.67 55.47 5.40
C6 NAG VA . 25.67 54.23 4.54
C7 NAG VA . 23.90 58.41 9.52
C8 NAG VA . 23.91 59.79 10.12
N2 NAG VA . 24.60 58.26 8.38
O3 NAG VA . 26.60 56.27 8.95
O4 NAG VA . 27.63 54.86 6.68
O5 NAG VA . 24.30 55.88 5.53
O6 NAG VA . 26.59 54.36 3.46
O7 NAG VA . 23.32 57.48 10.04
C1 NAG WA . -14.91 49.60 5.62
C2 NAG WA . -15.97 48.59 5.14
C3 NAG WA . -17.38 49.14 5.40
C4 NAG WA . -17.54 49.61 6.84
C5 NAG WA . -16.42 50.56 7.23
C6 NAG WA . -16.44 50.92 8.69
C7 NAG WA . -15.40 47.10 3.28
C8 NAG WA . -15.29 46.97 1.79
N2 NAG WA . -15.80 48.29 3.73
O3 NAG WA . -18.32 48.11 5.12
O4 NAG WA . -18.78 50.30 6.98
O5 NAG WA . -15.15 49.93 6.98
O6 NAG WA . -15.23 51.54 9.11
O7 NAG WA . -15.13 46.17 4.04
C1 NAG XA . -2.35 69.23 -3.34
C2 NAG XA . -3.87 69.39 -3.17
C3 NAG XA . -4.48 70.07 -4.39
C4 NAG XA . -3.79 71.41 -4.65
C5 NAG XA . -2.29 71.15 -4.86
C6 NAG XA . -1.51 72.43 -5.05
C7 NAG XA . -4.65 67.56 -1.73
C8 NAG XA . -5.35 66.23 -1.67
N2 NAG XA . -4.51 68.10 -2.93
O3 NAG XA . -5.87 70.28 -4.19
O4 NAG XA . -4.35 72.02 -5.80
O5 NAG XA . -1.77 70.50 -3.69
O6 NAG XA . -0.77 72.78 -3.89
O7 NAG XA . -4.22 68.10 -0.71
C1 NAG YA . 14.56 74.14 -16.88
C2 NAG YA . 15.01 74.92 -15.62
C3 NAG YA . 16.46 74.59 -15.26
C4 NAG YA . 16.70 73.09 -15.22
C5 NAG YA . 16.25 72.47 -16.53
C6 NAG YA . 16.42 70.98 -16.59
C7 NAG YA . 13.72 77.02 -15.57
C8 NAG YA . 13.75 78.50 -15.84
N2 NAG YA . 14.85 76.36 -15.83
O3 NAG YA . 16.76 75.17 -13.99
O4 NAG YA . 18.08 72.81 -15.01
O5 NAG YA . 14.86 72.75 -16.71
O6 NAG YA . 16.49 70.51 -17.93
O7 NAG YA . 12.72 76.46 -15.15
C1 NAG ZA . 13.51 90.88 -20.46
C2 NAG ZA . 13.15 92.28 -20.93
C3 NAG ZA . 12.56 93.10 -19.78
C4 NAG ZA . 11.40 92.36 -19.13
C5 NAG ZA . 11.82 90.95 -18.72
C6 NAG ZA . 10.68 90.11 -18.19
C7 NAG ZA . 14.53 93.09 -22.80
C8 NAG ZA . 15.77 93.81 -23.19
N2 NAG ZA . 14.31 92.96 -21.49
O3 NAG ZA . 12.13 94.36 -20.27
O4 NAG ZA . 10.96 93.07 -17.97
O5 NAG ZA . 12.35 90.26 -19.85
O6 NAG ZA . 10.96 89.61 -16.90
O7 NAG ZA . 13.73 92.64 -23.62
C1 NAG AB . 35.98 85.15 -24.85
C2 NAG AB . 36.61 86.54 -24.94
C3 NAG AB . 38.05 86.49 -24.45
C4 NAG AB . 38.13 85.89 -23.06
C5 NAG AB . 37.41 84.54 -23.01
C6 NAG AB . 37.28 84.00 -21.60
C7 NAG AB . 36.00 88.22 -26.62
C8 NAG AB . 36.01 88.57 -28.07
N2 NAG AB . 36.54 87.04 -26.31
O3 NAG AB . 38.56 87.82 -24.42
O4 NAG AB . 39.50 85.69 -22.69
O5 NAG AB . 36.07 84.68 -23.51
O6 NAG AB . 36.12 84.50 -20.97
O7 NAG AB . 35.55 88.97 -25.77
C1 NAG BB . 45.95 34.44 -6.87
C2 NAG BB . 45.50 35.86 -6.52
C3 NAG BB . 46.69 36.72 -6.12
C4 NAG BB . 47.48 36.06 -5.01
C5 NAG BB . 47.91 34.67 -5.45
C6 NAG BB . 48.65 33.90 -4.38
C7 NAG BB . 43.46 36.47 -7.75
C8 NAG BB . 42.89 37.15 -8.96
N2 NAG BB . 44.79 36.47 -7.64
O3 NAG BB . 46.23 38.00 -5.69
O4 NAG BB . 48.64 36.82 -4.69
O5 NAG BB . 46.75 33.90 -5.79
O6 NAG BB . 48.20 32.56 -4.29
O7 NAG BB . 42.74 35.95 -6.90
C1 NAG CB . 4.21 89.28 -45.64
C2 NAG CB . 3.31 88.05 -45.47
C3 NAG CB . 2.00 88.42 -44.77
C4 NAG CB . 2.27 89.17 -43.48
C5 NAG CB . 3.15 90.38 -43.76
C6 NAG CB . 3.54 91.13 -42.52
C7 NAG CB . 3.80 86.48 -47.30
C8 NAG CB . 3.37 85.98 -48.64
N2 NAG CB . 3.04 87.43 -46.76
O3 NAG CB . 1.27 87.22 -44.50
O4 NAG CB . 1.04 89.61 -42.90
O5 NAG CB . 4.37 89.93 -44.37
O6 NAG CB . 4.94 91.01 -42.24
O7 NAG CB . 4.81 86.06 -46.74
C1 NAG DB . -38.19 -19.48 -8.00
C2 NAG DB . -37.86 -20.91 -8.42
C3 NAG DB . -39.15 -21.69 -8.65
C4 NAG DB . -40.01 -21.67 -7.40
C5 NAG DB . -40.27 -20.22 -6.96
C6 NAG DB . -40.98 -20.13 -5.63
C7 NAG DB . -35.71 -21.16 -9.57
C8 NAG DB . -34.99 -21.15 -10.88
N2 NAG DB . -37.02 -20.93 -9.61
O3 NAG DB . -38.83 -23.04 -9.00
O4 NAG DB . -41.24 -22.33 -7.63
O5 NAG DB . -39.03 -19.51 -6.82
O6 NAG DB . -40.39 -19.13 -4.81
O7 NAG DB . -35.12 -21.35 -8.51
C1 NAG EB . -43.15 -12.73 -33.06
C2 NAG EB . -43.89 -11.44 -33.41
C3 NAG EB . -43.99 -11.28 -34.94
C4 NAG EB . -42.62 -11.42 -35.59
C5 NAG EB . -41.94 -12.72 -35.15
C6 NAG EB . -40.52 -12.83 -35.64
C7 NAG EB . -45.90 -10.32 -32.51
C8 NAG EB . -47.26 -10.52 -31.91
N2 NAG EB . -45.22 -11.44 -32.82
O3 NAG EB . -44.53 -10.01 -35.27
O4 NAG EB . -42.77 -11.44 -37.01
O5 NAG EB . -41.88 -12.76 -33.72
O6 NAG EB . -39.60 -12.72 -34.56
O7 NAG EB . -45.43 -9.21 -32.71
C1 NAG FB . -26.43 41.66 -25.52
C2 NAG FB . -26.72 42.75 -24.48
C3 NAG FB . -25.91 44.01 -24.80
C4 NAG FB . -24.43 43.67 -24.97
C5 NAG FB . -24.24 42.54 -25.97
C6 NAG FB . -22.81 42.07 -26.08
C7 NAG FB . -28.76 43.46 -23.30
C8 NAG FB . -30.23 43.72 -23.43
N2 NAG FB . -28.13 43.05 -24.42
O3 NAG FB . -26.06 44.97 -23.76
O4 NAG FB . -23.74 44.82 -25.44
O5 NAG FB . -25.02 41.40 -25.56
O6 NAG FB . -21.91 43.02 -25.54
O7 NAG FB . -28.15 43.61 -22.25
C1 NAG GB . -66.80 5.91 -14.95
C2 NAG GB . -66.00 5.54 -13.71
C3 NAG GB . -66.33 4.11 -13.28
C4 NAG GB . -67.84 3.96 -13.07
C5 NAG GB . -68.60 4.43 -14.31
C6 NAG GB . -70.10 4.46 -14.12
C7 NAG GB . -63.81 6.49 -13.19
C8 NAG GB . -62.35 6.54 -13.56
N2 NAG GB . -64.57 5.69 -13.93
O3 NAG GB . -65.63 3.78 -12.09
O4 NAG GB . -68.16 2.60 -12.79
O5 NAG GB . -68.21 5.76 -14.67
O6 NAG GB . -70.61 5.77 -14.31
O7 NAG GB . -64.26 7.15 -12.27
C1 NAG HB . -52.00 -10.36 -8.46
C2 NAG HB . -52.20 -11.86 -8.62
C3 NAG HB . -53.64 -12.23 -8.24
C4 NAG HB . -53.96 -11.73 -6.84
C5 NAG HB . -53.66 -10.24 -6.71
C6 NAG HB . -53.81 -9.73 -5.29
C7 NAG HB . -50.81 -12.99 -10.30
C8 NAG HB . -50.67 -13.35 -11.74
N2 NAG HB . -51.90 -12.29 -9.98
O3 NAG HB . -53.79 -13.65 -8.31
O4 NAG HB . -55.34 -11.96 -6.55
O5 NAG HB . -52.30 -9.97 -7.10
O6 NAG HB . -52.70 -8.93 -4.91
O7 NAG HB . -49.99 -13.33 -9.46
C1 NAG IB . -48.76 22.22 -20.22
C2 NAG IB . -49.79 22.09 -21.35
C3 NAG IB . -50.50 23.42 -21.56
C4 NAG IB . -51.10 23.93 -20.26
C5 NAG IB . -50.06 23.95 -19.15
C6 NAG IB . -50.66 24.27 -17.80
C7 NAG IB . -49.76 20.88 -23.49
C8 NAG IB . -48.95 20.51 -24.69
N2 NAG IB . -49.14 21.64 -22.57
O3 NAG IB . -51.51 23.26 -22.56
O4 NAG IB . -51.61 25.24 -20.45
O5 NAG IB . -49.42 22.67 -19.03
O6 NAG IB . -50.43 23.22 -16.87
O7 NAG IB . -50.93 20.53 -23.35
C1 NAG JB . -57.89 4.25 -35.04
C2 NAG JB . -58.70 5.32 -35.79
C3 NAG JB . -59.91 4.68 -36.47
C4 NAG JB . -59.48 3.50 -37.34
C5 NAG JB . -58.63 2.51 -36.54
C6 NAG JB . -58.06 1.42 -37.41
C7 NAG JB . -59.17 7.68 -35.27
C8 NAG JB . -59.63 8.64 -34.22
N2 NAG JB . -59.12 6.39 -34.89
O3 NAG JB . -60.57 5.65 -37.26
O4 NAG JB . -60.63 2.84 -37.84
O5 NAG JB . -57.51 3.20 -35.96
O6 NAG JB . -57.47 1.94 -38.60
O7 NAG JB . -58.86 8.04 -36.40
C1 NAG KB . -1.75 -49.52 -41.14
C2 NAG KB . -1.88 -48.05 -41.62
C3 NAG KB . -1.19 -47.85 -42.97
C4 NAG KB . 0.23 -48.39 -42.96
C5 NAG KB . 0.22 -49.85 -42.54
C6 NAG KB . 1.61 -50.44 -42.42
C7 NAG KB . -3.70 -46.40 -41.63
C8 NAG KB . -5.18 -46.19 -41.75
N2 NAG KB . -3.28 -47.67 -41.69
O3 NAG KB . -1.16 -46.47 -43.30
O4 NAG KB . 0.82 -48.28 -44.26
O5 NAG KB . -0.37 -49.95 -41.23
O6 NAG KB . 1.94 -50.75 -41.07
O7 NAG KB . -2.93 -45.46 -41.51
C1 NAG LB . -7.36 -69.93 -24.77
C2 NAG LB . -8.24 -70.97 -25.46
C3 NAG LB . -8.04 -72.34 -24.81
C4 NAG LB . -6.56 -72.71 -24.81
C5 NAG LB . -5.71 -71.60 -24.20
C6 NAG LB . -4.24 -71.82 -24.42
C7 NAG LB . -10.53 -70.96 -26.35
C8 NAG LB . -11.93 -70.47 -26.17
N2 NAG LB . -9.64 -70.58 -25.42
O3 NAG LB . -8.76 -73.33 -25.53
O4 NAG LB . -6.37 -73.91 -24.07
O5 NAG LB . -6.02 -70.35 -24.81
O6 NAG LB . -3.84 -71.19 -25.64
O7 NAG LB . -10.21 -71.68 -27.29
C1 NAG MB . -23.19 40.67 -43.66
C2 NAG MB . -24.55 40.36 -43.03
C3 NAG MB . -25.00 41.50 -42.11
C4 NAG MB . -23.90 41.83 -41.10
C5 NAG MB . -22.57 42.08 -41.81
C6 NAG MB . -21.41 42.27 -40.86
C7 NAG MB . -26.47 39.14 -43.96
C8 NAG MB . -27.42 39.02 -45.12
N2 NAG MB . -25.56 40.10 -44.06
O3 NAG MB . -26.17 41.09 -41.42
O4 NAG MB . -24.27 42.99 -40.35
O5 NAG MB . -22.23 40.95 -42.63
O6 NAG MB . -21.09 43.65 -40.70
O7 NAG MB . -26.53 38.40 -42.99
C1 NAG NB . -7.40 4.88 -51.93
C2 NAG NB . -6.31 3.95 -51.44
C3 NAG NB . -6.14 2.78 -52.40
C4 NAG NB . -7.47 2.06 -52.64
C5 NAG NB . -8.53 3.07 -53.07
C6 NAG NB . -9.91 2.45 -53.18
C7 NAG NB . -4.40 4.69 -50.09
C8 NAG NB . -3.10 5.46 -50.09
N2 NAG NB . -5.05 4.65 -51.26
O3 NAG NB . -5.17 1.86 -51.89
O4 NAG NB . -7.32 1.07 -53.64
O5 NAG NB . -8.63 4.14 -52.12
O6 NAG NB . -10.39 2.48 -54.53
O7 NAG NB . -4.82 4.13 -49.09
C1 NAG OB . -6.27 26.85 -64.62
C2 NAG OB . -5.88 25.56 -65.34
C3 NAG OB . -4.55 25.75 -66.07
C4 NAG OB . -4.61 26.95 -67.00
C5 NAG OB . -5.05 28.19 -66.23
C6 NAG OB . -5.30 29.38 -67.13
C7 NAG OB . -6.83 23.60 -64.21
C8 NAG OB . -6.58 22.50 -63.23
N2 NAG OB . -5.81 24.45 -64.42
O3 NAG OB . -4.25 24.58 -66.82
O4 NAG OB . -3.33 27.19 -67.58
O5 NAG OB . -6.30 27.93 -65.56
O6 NAG OB . -6.64 29.84 -67.05
O7 NAG OB . -7.89 23.72 -64.79
C1 NAG PB . -0.77 47.98 -61.29
C2 NAG PB . -2.15 47.82 -61.93
C3 NAG PB . -3.06 48.98 -61.52
C4 NAG PB . -3.11 49.11 -60.01
C5 NAG PB . -1.70 49.27 -59.45
C6 NAG PB . -1.65 49.30 -57.95
C7 NAG PB . -2.14 46.57 -64.04
C8 NAG PB . -2.02 46.66 -65.53
N2 NAG PB . -2.05 47.73 -63.37
O3 NAG PB . -4.37 48.73 -62.04
O4 NAG PB . -3.90 50.25 -59.65
O5 NAG PB . -0.90 48.15 -59.87
O6 NAG PB . -2.86 49.79 -57.39
O7 NAG PB . -2.32 45.51 -63.46
C1 NAG QB . 1.36 54.73 -77.41
C2 NAG QB . 1.57 55.48 -78.73
C3 NAG QB . 0.86 54.75 -79.86
C4 NAG QB . 1.28 53.29 -79.93
C5 NAG QB . 1.04 52.62 -78.58
C6 NAG QB . 1.55 51.21 -78.53
C7 NAG QB . 1.87 57.89 -78.29
C8 NAG QB . 1.19 59.22 -78.23
N2 NAG QB . 1.09 56.85 -78.62
O3 NAG QB . 1.18 55.39 -81.10
O4 NAG QB . 0.52 52.60 -80.91
O5 NAG QB . 1.75 53.35 -77.56
O6 NAG QB . 1.61 50.71 -77.20
O7 NAG QB . 3.06 57.75 -78.04
C1 NAG RB . -2.31 73.69 -62.45
C2 NAG RB . -2.83 74.57 -63.59
C3 NAG RB . -3.86 75.56 -63.06
C4 NAG RB . -4.96 74.85 -62.29
C5 NAG RB . -4.34 74.01 -61.18
C6 NAG RB . -5.35 73.20 -60.40
C7 NAG RB . -1.24 74.85 -65.44
C8 NAG RB . -0.12 75.68 -65.99
N2 NAG RB . -1.74 75.25 -64.26
O3 NAG RB . -4.42 76.28 -64.16
O4 NAG RB . -5.85 75.80 -61.71
O5 NAG RB . -3.41 73.07 -61.76
O6 NAG RB . -5.34 71.83 -60.77
O7 NAG RB . -1.68 73.88 -66.03
C1 NAG SB . -15.83 54.68 -13.41
C2 NAG SB . -16.15 54.72 -14.91
C3 NAG SB . -16.94 55.98 -15.24
C4 NAG SB . -18.17 56.12 -14.35
C5 NAG SB . -17.74 56.08 -12.89
C6 NAG SB . -18.90 56.11 -11.93
C7 NAG SB . -14.52 53.52 -16.29
C8 NAG SB . -13.25 53.63 -17.09
N2 NAG SB . -14.94 54.66 -15.71
O3 NAG SB . -17.34 55.93 -16.61
O4 NAG SB . -18.84 57.34 -14.63
O5 NAG SB . -17.02 54.86 -12.64
O6 NAG SB . -19.77 54.99 -12.14
O7 NAG SB . -15.13 52.47 -16.18
C1 NAG TB . 26.93 57.08 -78.96
C2 NAG TB . 27.44 55.76 -78.41
C3 NAG TB . 27.55 54.73 -79.52
C4 NAG TB . 26.24 54.60 -80.27
C5 NAG TB . 25.71 55.96 -80.71
C6 NAG TB . 24.32 55.90 -81.30
C7 NAG TB . 28.90 55.67 -76.44
C8 NAG TB . 30.28 55.88 -75.90
N2 NAG TB . 28.71 55.93 -77.73
O3 NAG TB . 27.93 53.48 -78.97
O4 NAG TB . 26.43 53.78 -81.42
O5 NAG TB . 25.65 56.87 -79.61
O6 NAG TB . 23.48 55.01 -80.56
O7 NAG TB . 27.97 55.29 -75.72
#